data_6D00
#
_entry.id   6D00
#
loop_
_entity.id
_entity.type
_entity.pdbx_description
1 polymer 'Calcarisporiella thermophila Hsp104'
2 non-polymer "ADENOSINE-5'-DIPHOSPHATE"
#
_entity_poly.entity_id   1
_entity_poly.type   'polypeptide(L)'
_entity_poly.pdbx_seq_one_letter_code
;AMSSMQFTDKATETLNAAAKYAAENSHVQLHPSHVAVVMLDEENSLFRSILEKAGGDVVSIERGFKKIMVRQPSQDPPPT
EMGHSPELAKLLHYAHEHMKKQRDLYIAQDHLILALADLPSMAQVLKEGGVTKKSLENAVTHVRGNRRVESKSAEEAYEA
LSKYCIDLTELAASGKLDPVIGRDEIISRVIRVLSRRTKNNPCLVGEPGVGKTAIAEGLANRIVKGDIPSSLQKKVYSLD
IGSLLAGAKYRGEFEERLKAVLKELKEAQAIVFIDEIHTVLGAGKSEGAIDAANLLKPMLARGELRCIGATTLTEYRQYV
EKDPAFERRFQLVMVEEPSVTDTISILRGLKERYETHHGVRIADAAIVAAAQLAARYITQRFMPDKAIDLIDEACANTRV
QLDSQPEAIDKLERRHLQLEVEATALEKEKDAASKQRLQEVRAEMARIQEELRPLKMKYESEKGRLDEIRNLSQRLDELK
AKAEDAERRYDLARAADIRYYAIPDLEKRLAQLQAEKSQADAERADGLLAEVVGPDQIMEVVSRWTGIPVSNLQRSEKEK
LLHMEEYMKQHVVGQDEAIKAICDAIRLSRTGLQNRNRPLASFLFLGPTGCGKTLCVKELAAFLFNDPGAIVRIDMSEYM
EKHAVSRLVGAPPGYIGHDEGGQLTEAVRRRPYTVVLFDEMEKAHKDVSNLLLQILDDGHCTDSKGRRVDFKNTIIVMTS
NLGADLFELDEGDKVSQATKNAVLATARRHFANEFINRIDELIVFNRLTPSNIRKIVDVRLKEVQERLDEKQITLDVDDK
AKDLLAQQGFDPVYGARPLNRLIQHALLTQLSRLLLDGGVRPGEIAKVTVDQEGEIIVIRNHGIESPAPWADEDMVEDED
MEI
;
_entity_poly.pdbx_strand_id   1,2,3,4,5,6
#
loop_
_chem_comp.id
_chem_comp.type
_chem_comp.name
_chem_comp.formula
ADP non-polymer ADENOSINE-5'-DIPHOSPHATE 'C10 H15 N5 O10 P2'
#
# COMPACT_ATOMS: atom_id res chain seq x y z
N SER A 3 -49.67 23.06 -27.74
CA SER A 3 -49.78 21.87 -26.89
C SER A 3 -51.12 21.86 -26.14
N SER A 4 -51.63 20.66 -25.87
CA SER A 4 -52.89 20.53 -25.17
C SER A 4 -52.72 20.84 -23.68
N MET A 5 -53.84 21.01 -23.00
CA MET A 5 -53.82 21.32 -21.57
C MET A 5 -53.49 20.07 -20.77
N GLN A 6 -52.67 20.24 -19.73
CA GLN A 6 -52.26 19.15 -18.86
C GLN A 6 -52.58 19.54 -17.41
N PHE A 7 -53.55 18.87 -16.82
CA PHE A 7 -53.96 19.12 -15.45
C PHE A 7 -53.35 18.09 -14.51
N THR A 8 -53.27 18.46 -13.23
CA THR A 8 -52.71 17.59 -12.22
C THR A 8 -53.82 16.78 -11.54
N ASP A 9 -53.46 16.04 -10.49
CA ASP A 9 -54.44 15.24 -9.76
C ASP A 9 -55.33 16.10 -8.88
N LYS A 10 -54.79 17.17 -8.29
CA LYS A 10 -55.60 18.04 -7.43
C LYS A 10 -56.55 18.90 -8.25
N ALA A 11 -56.16 19.30 -9.46
CA ALA A 11 -57.04 20.11 -10.30
C ALA A 11 -58.26 19.34 -10.75
N THR A 12 -58.12 18.01 -10.93
CA THR A 12 -59.28 17.21 -11.33
C THR A 12 -60.24 17.02 -10.17
N GLU A 13 -59.72 16.77 -8.98
CA GLU A 13 -60.58 16.59 -7.81
C GLU A 13 -61.27 17.90 -7.41
N THR A 14 -60.61 19.04 -7.64
CA THR A 14 -61.21 20.32 -7.31
C THR A 14 -62.42 20.61 -8.20
N LEU A 15 -62.29 20.35 -9.51
CA LEU A 15 -63.41 20.57 -10.41
C LEU A 15 -64.51 19.53 -10.22
N ASN A 16 -64.15 18.33 -9.78
CA ASN A 16 -65.13 17.28 -9.55
C ASN A 16 -65.89 17.47 -8.25
N ALA A 17 -65.32 18.20 -7.28
CA ALA A 17 -66.00 18.43 -6.02
C ALA A 17 -67.16 19.39 -6.18
N ALA A 18 -67.04 20.38 -7.06
CA ALA A 18 -68.10 21.34 -7.31
C ALA A 18 -69.11 20.87 -8.35
N ALA A 19 -68.81 19.76 -9.05
CA ALA A 19 -69.74 19.27 -10.06
C ALA A 19 -70.95 18.61 -9.40
N LYS A 20 -70.73 17.75 -8.42
CA LYS A 20 -71.83 17.09 -7.71
C LYS A 20 -72.54 18.01 -6.74
N TYR A 21 -71.91 19.14 -6.36
CA TYR A 21 -72.57 20.07 -5.45
C TYR A 21 -73.68 20.85 -6.14
N ALA A 22 -73.52 21.12 -7.44
CA ALA A 22 -74.56 21.85 -8.18
C ALA A 22 -75.76 20.96 -8.47
N ALA A 23 -75.57 19.64 -8.55
CA ALA A 23 -76.68 18.75 -8.82
C ALA A 23 -77.63 18.65 -7.63
N GLU A 24 -77.12 18.90 -6.41
CA GLU A 24 -77.96 18.85 -5.22
C GLU A 24 -78.72 20.14 -4.97
N ASN A 25 -78.43 21.20 -5.73
CA ASN A 25 -79.11 22.49 -5.59
C ASN A 25 -79.86 22.87 -6.86
N SER A 26 -80.23 21.88 -7.67
CA SER A 26 -80.97 22.08 -8.91
C SER A 26 -80.22 23.02 -9.86
N HIS A 27 -79.29 22.48 -10.63
CA HIS A 27 -78.52 23.24 -11.59
C HIS A 27 -78.26 22.38 -12.82
N VAL A 28 -78.43 22.98 -14.00
CA VAL A 28 -78.24 22.27 -15.26
C VAL A 28 -76.86 22.50 -15.86
N GLN A 29 -76.01 23.26 -15.18
CA GLN A 29 -74.68 23.55 -15.70
C GLN A 29 -73.75 23.87 -14.54
N LEU A 30 -72.45 23.76 -14.79
CA LEU A 30 -71.42 24.04 -13.79
C LEU A 30 -70.99 25.48 -13.96
N HIS A 31 -71.58 26.37 -13.16
CA HIS A 31 -71.25 27.78 -13.24
C HIS A 31 -69.95 28.06 -12.49
N PRO A 32 -69.11 28.95 -13.00
CA PRO A 32 -67.83 29.24 -12.32
C PRO A 32 -67.99 29.81 -10.92
N SER A 33 -69.13 30.46 -10.63
CA SER A 33 -69.34 31.01 -9.30
C SER A 33 -69.59 29.93 -8.26
N HIS A 34 -69.97 28.72 -8.68
CA HIS A 34 -70.19 27.64 -7.74
C HIS A 34 -68.90 27.05 -7.20
N VAL A 35 -67.77 27.33 -7.86
CA VAL A 35 -66.49 26.79 -7.39
C VAL A 35 -66.03 27.53 -6.14
N ALA A 36 -66.25 28.85 -6.10
CA ALA A 36 -65.83 29.63 -4.94
C ALA A 36 -66.65 29.28 -3.69
N VAL A 37 -67.88 28.78 -3.87
CA VAL A 37 -68.69 28.41 -2.72
C VAL A 37 -68.18 27.11 -2.10
N VAL A 38 -67.75 26.17 -2.94
CA VAL A 38 -67.26 24.89 -2.43
C VAL A 38 -65.92 25.07 -1.73
N MET A 39 -65.06 25.94 -2.27
CA MET A 39 -63.74 26.15 -1.67
C MET A 39 -63.85 26.81 -0.30
N LEU A 40 -64.85 27.66 -0.09
CA LEU A 40 -65.05 28.33 1.19
C LEU A 40 -65.77 27.45 2.21
N ASP A 41 -66.24 26.28 1.80
CA ASP A 41 -66.92 25.35 2.70
C ASP A 41 -66.24 23.98 2.66
N GLU A 42 -64.92 23.96 2.79
CA GLU A 42 -64.14 22.73 2.74
C GLU A 42 -63.08 22.76 3.84
N GLU A 43 -62.80 21.59 4.39
CA GLU A 43 -61.79 21.48 5.44
C GLU A 43 -60.42 21.84 4.90
N ASN A 44 -59.68 22.63 5.68
CA ASN A 44 -58.35 23.12 5.31
C ASN A 44 -58.40 23.88 3.98
N SER A 45 -59.16 24.98 4.00
CA SER A 45 -59.34 25.78 2.81
C SER A 45 -58.17 26.75 2.63
N LEU A 46 -57.87 27.05 1.36
CA LEU A 46 -56.80 27.97 1.02
C LEU A 46 -57.32 29.31 0.49
N PHE A 47 -58.48 29.32 -0.16
CA PHE A 47 -59.03 30.56 -0.68
C PHE A 47 -59.49 31.51 0.42
N ARG A 48 -59.84 30.98 1.59
CA ARG A 48 -60.27 31.85 2.68
C ARG A 48 -59.11 32.63 3.27
N SER A 49 -57.92 32.00 3.35
CA SER A 49 -56.76 32.69 3.91
C SER A 49 -56.26 33.81 3.01
N ILE A 50 -56.53 33.74 1.71
CA ILE A 50 -56.09 34.80 0.80
C ILE A 50 -56.93 36.06 1.00
N LEU A 51 -58.23 35.89 1.20
CA LEU A 51 -59.11 37.04 1.40
C LEU A 51 -58.82 37.75 2.71
N GLU A 52 -58.34 37.02 3.72
CA GLU A 52 -58.04 37.64 5.00
C GLU A 52 -56.75 38.45 4.96
N LYS A 53 -55.77 38.03 4.16
CA LYS A 53 -54.51 38.76 4.05
C LYS A 53 -54.63 40.01 3.21
N ALA A 54 -55.62 40.08 2.32
CA ALA A 54 -55.80 41.25 1.47
C ALA A 54 -56.60 42.36 2.14
N GLY A 55 -57.19 42.11 3.30
CA GLY A 55 -57.96 43.11 4.00
C GLY A 55 -59.41 43.17 3.55
N GLY A 56 -60.06 42.03 3.49
CA GLY A 56 -61.46 41.97 3.08
C GLY A 56 -62.28 41.14 4.04
N ASP A 57 -63.56 41.49 4.14
CA ASP A 57 -64.47 40.77 5.03
C ASP A 57 -64.92 39.46 4.39
N VAL A 58 -65.03 38.43 5.22
CA VAL A 58 -65.44 37.11 4.74
C VAL A 58 -66.96 37.02 4.59
N VAL A 59 -67.71 37.64 5.50
CA VAL A 59 -69.16 37.56 5.45
C VAL A 59 -69.70 38.34 4.25
N SER A 60 -69.07 39.48 3.94
CA SER A 60 -69.54 40.29 2.82
C SER A 60 -69.32 39.59 1.48
N ILE A 61 -68.24 38.82 1.36
CA ILE A 61 -67.97 38.10 0.12
C ILE A 61 -68.85 36.86 0.02
N GLU A 62 -69.10 36.19 1.15
CA GLU A 62 -69.94 35.00 1.13
C GLU A 62 -71.37 35.34 0.73
N ARG A 63 -71.89 36.49 1.18
CA ARG A 63 -73.23 36.90 0.80
C ARG A 63 -73.31 37.41 -0.63
N GLY A 64 -72.18 37.83 -1.21
CA GLY A 64 -72.19 38.32 -2.58
C GLY A 64 -72.20 37.22 -3.62
N PHE A 65 -71.52 36.11 -3.35
CA PHE A 65 -71.49 35.00 -4.30
C PHE A 65 -72.80 34.25 -4.35
N LYS A 66 -73.63 34.36 -3.32
CA LYS A 66 -74.92 33.66 -3.30
C LYS A 66 -75.97 34.34 -4.15
N LYS A 67 -75.77 35.61 -4.53
CA LYS A 67 -76.76 36.31 -5.35
C LYS A 67 -76.77 35.76 -6.77
N ILE A 68 -75.60 35.41 -7.30
CA ILE A 68 -75.53 34.86 -8.65
C ILE A 68 -76.09 33.44 -8.68
N MET A 69 -75.91 32.68 -7.59
CA MET A 69 -76.39 31.30 -7.56
C MET A 69 -77.91 31.23 -7.60
N VAL A 70 -78.59 32.24 -7.06
CA VAL A 70 -80.06 32.23 -7.08
C VAL A 70 -80.58 32.43 -8.50
N ARG A 71 -79.92 33.31 -9.27
CA ARG A 71 -80.36 33.58 -10.63
C ARG A 71 -80.04 32.45 -11.60
N GLN A 72 -79.38 31.39 -11.14
CA GLN A 72 -79.06 30.28 -12.02
C GLN A 72 -80.33 29.47 -12.33
N PRO A 73 -80.43 28.91 -13.53
CA PRO A 73 -81.62 28.12 -13.87
C PRO A 73 -81.64 26.80 -13.10
N HIS A 84 -71.27 22.05 -19.60
CA HIS A 84 -70.47 23.28 -19.63
C HIS A 84 -71.38 24.48 -19.41
N SER A 85 -70.77 25.66 -19.38
CA SER A 85 -71.47 26.91 -19.16
C SER A 85 -70.92 27.97 -20.10
N PRO A 86 -71.71 28.98 -20.44
CA PRO A 86 -71.20 30.06 -21.30
C PRO A 86 -70.02 30.81 -20.68
N GLU A 87 -70.00 30.93 -19.36
CA GLU A 87 -68.88 31.58 -18.68
C GLU A 87 -67.76 30.60 -18.32
N LEU A 88 -68.07 29.31 -18.22
CA LEU A 88 -67.04 28.33 -17.91
C LEU A 88 -66.13 28.08 -19.12
N ALA A 89 -66.67 28.18 -20.33
CA ALA A 89 -65.86 27.99 -21.52
C ALA A 89 -64.82 29.09 -21.66
N LYS A 90 -65.15 30.32 -21.24
CA LYS A 90 -64.17 31.39 -21.27
C LYS A 90 -63.12 31.22 -20.18
N LEU A 91 -63.49 30.64 -19.04
CA LEU A 91 -62.51 30.40 -17.98
C LEU A 91 -61.52 29.32 -18.39
N LEU A 92 -61.99 28.30 -19.12
CA LEU A 92 -61.09 27.25 -19.59
C LEU A 92 -60.15 27.76 -20.67
N HIS A 93 -60.54 28.81 -21.39
CA HIS A 93 -59.66 29.37 -22.41
C HIS A 93 -58.47 30.09 -21.80
N TYR A 94 -58.62 30.63 -20.59
CA TYR A 94 -57.51 31.30 -19.93
C TYR A 94 -56.48 30.29 -19.43
N ALA A 95 -56.92 29.12 -18.97
CA ALA A 95 -55.99 28.10 -18.50
C ALA A 95 -55.16 27.50 -19.62
N HIS A 96 -55.65 27.58 -20.87
CA HIS A 96 -54.88 27.04 -21.99
C HIS A 96 -53.64 27.90 -22.28
N GLU A 97 -53.73 29.20 -22.01
CA GLU A 97 -52.60 30.11 -22.24
C GLU A 97 -51.74 30.31 -21.00
N HIS A 98 -52.30 30.15 -19.80
CA HIS A 98 -51.54 30.35 -18.58
C HIS A 98 -50.55 29.23 -18.31
N MET A 99 -50.59 28.14 -19.08
CA MET A 99 -49.66 27.04 -18.87
C MET A 99 -48.24 27.40 -19.33
N LYS A 100 -48.08 28.41 -20.18
CA LYS A 100 -46.79 28.86 -20.66
C LYS A 100 -46.71 30.37 -20.47
N LYS A 101 -46.26 30.80 -19.28
CA LYS A 101 -46.14 32.22 -18.98
C LYS A 101 -44.79 32.54 -18.34
N GLN A 102 -44.75 32.60 -17.02
CA GLN A 102 -43.52 32.98 -16.32
C GLN A 102 -43.35 32.20 -15.02
N ARG A 103 -44.03 32.63 -13.96
CA ARG A 103 -43.84 32.08 -12.63
C ARG A 103 -45.17 32.06 -11.89
N ASP A 104 -45.39 31.01 -11.11
CA ASP A 104 -46.56 30.91 -10.25
C ASP A 104 -46.38 29.80 -9.22
N LEU A 105 -47.24 28.80 -9.25
CA LEU A 105 -47.15 27.67 -8.34
C LEU A 105 -47.47 26.37 -9.07
N TYR A 106 -48.50 25.66 -8.63
CA TYR A 106 -48.94 24.42 -9.25
C TYR A 106 -50.37 24.57 -9.74
N ILE A 107 -50.63 24.05 -10.94
CA ILE A 107 -51.96 24.12 -11.52
C ILE A 107 -52.89 23.19 -10.76
N ALA A 108 -53.69 23.75 -9.86
CA ALA A 108 -54.61 22.95 -9.04
C ALA A 108 -55.74 23.81 -8.51
N GLN A 109 -55.96 23.78 -7.19
CA GLN A 109 -57.03 24.57 -6.59
C GLN A 109 -56.66 26.05 -6.56
N ASP A 110 -55.40 26.36 -6.27
CA ASP A 110 -54.95 27.75 -6.21
C ASP A 110 -54.75 28.38 -7.58
N HIS A 111 -54.78 27.58 -8.65
CA HIS A 111 -54.60 28.13 -9.99
C HIS A 111 -55.83 28.90 -10.47
N LEU A 112 -57.02 28.43 -10.10
CA LEU A 112 -58.26 29.10 -10.50
C LEU A 112 -58.61 30.29 -9.63
N ILE A 113 -57.81 30.56 -8.59
CA ILE A 113 -58.09 31.71 -7.73
C ILE A 113 -57.77 33.02 -8.45
N LEU A 114 -56.61 33.07 -9.10
CA LEU A 114 -56.18 34.26 -9.83
C LEU A 114 -56.73 34.33 -11.24
N ALA A 115 -57.73 33.52 -11.57
CA ALA A 115 -58.33 33.52 -12.90
C ALA A 115 -59.74 34.09 -12.96
N LEU A 116 -60.48 34.04 -11.85
CA LEU A 116 -61.83 34.57 -11.80
C LEU A 116 -61.87 36.08 -11.70
N ALA A 117 -60.74 36.73 -11.39
CA ALA A 117 -60.70 38.18 -11.28
C ALA A 117 -60.76 38.89 -12.63
N ASP A 118 -60.45 38.18 -13.72
CA ASP A 118 -60.49 38.79 -15.04
C ASP A 118 -61.90 38.91 -15.60
N LEU A 119 -62.85 38.15 -15.08
CA LEU A 119 -64.22 38.22 -15.56
C LEU A 119 -64.93 39.43 -14.97
N PRO A 120 -65.68 40.20 -15.77
CA PRO A 120 -66.38 41.37 -15.23
C PRO A 120 -67.55 41.02 -14.34
N SER A 121 -68.15 39.84 -14.50
CA SER A 121 -69.29 39.45 -13.67
C SER A 121 -68.87 38.84 -12.33
N MET A 122 -67.58 38.59 -12.12
CA MET A 122 -67.10 38.01 -10.88
C MET A 122 -66.22 38.95 -10.07
N ALA A 123 -65.67 40.00 -10.69
CA ALA A 123 -64.82 40.93 -9.97
C ALA A 123 -65.61 42.03 -9.26
N GLN A 124 -66.92 42.14 -9.51
CA GLN A 124 -67.71 43.17 -8.86
C GLN A 124 -67.92 42.86 -7.38
N VAL A 125 -68.02 41.59 -7.02
CA VAL A 125 -68.22 41.22 -5.62
C VAL A 125 -66.97 41.51 -4.81
N LEU A 126 -65.79 41.32 -5.41
CA LEU A 126 -64.55 41.57 -4.69
C LEU A 126 -64.32 43.06 -4.45
N LYS A 127 -64.89 43.92 -5.31
CA LYS A 127 -64.71 45.35 -5.13
C LYS A 127 -65.52 45.88 -3.96
N GLU A 128 -66.77 45.43 -3.83
CA GLU A 128 -67.63 45.87 -2.73
C GLU A 128 -67.28 45.23 -1.41
N GLY A 129 -66.50 44.14 -1.41
CA GLY A 129 -66.13 43.46 -0.19
C GLY A 129 -64.80 43.87 0.40
N GLY A 130 -64.00 44.63 -0.33
CA GLY A 130 -62.71 45.08 0.14
C GLY A 130 -61.52 44.35 -0.41
N VAL A 131 -61.62 43.80 -1.62
CA VAL A 131 -60.53 43.08 -2.25
C VAL A 131 -60.13 43.83 -3.51
N THR A 132 -58.98 44.48 -3.47
CA THR A 132 -58.49 45.23 -4.62
C THR A 132 -57.85 44.29 -5.64
N LYS A 133 -58.10 44.55 -6.92
CA LYS A 133 -57.52 43.71 -7.97
C LYS A 133 -56.00 43.77 -7.95
N LYS A 134 -55.44 44.94 -7.65
CA LYS A 134 -53.99 45.06 -7.56
C LYS A 134 -53.44 44.43 -6.28
N SER A 135 -54.28 44.29 -5.25
CA SER A 135 -53.86 43.68 -3.99
C SER A 135 -54.07 42.18 -3.97
N LEU A 136 -54.79 41.62 -4.95
CA LEU A 136 -55.00 40.18 -4.98
C LEU A 136 -53.71 39.43 -5.31
N GLU A 137 -52.85 40.03 -6.14
CA GLU A 137 -51.56 39.42 -6.47
C GLU A 137 -50.55 39.56 -5.35
N ASN A 138 -50.84 40.34 -4.32
CA ASN A 138 -49.94 40.50 -3.19
C ASN A 138 -50.16 39.44 -2.11
N ALA A 139 -51.42 39.04 -1.89
CA ALA A 139 -51.70 38.01 -0.89
C ALA A 139 -51.17 36.65 -1.32
N VAL A 140 -51.16 36.36 -2.62
CA VAL A 140 -50.62 35.10 -3.11
C VAL A 140 -49.11 35.06 -3.11
N THR A 141 -48.45 36.19 -2.87
CA THR A 141 -46.99 36.22 -2.81
C THR A 141 -46.48 35.82 -1.43
N HIS A 142 -47.24 36.14 -0.37
CA HIS A 142 -46.82 35.78 0.98
C HIS A 142 -46.80 34.27 1.19
N VAL A 143 -47.62 33.52 0.43
CA VAL A 143 -47.64 32.07 0.56
C VAL A 143 -46.56 31.40 -0.29
N ARG A 144 -45.90 32.14 -1.18
CA ARG A 144 -44.85 31.58 -2.02
C ARG A 144 -43.64 31.18 -1.18
N GLY A 145 -42.80 32.14 -0.85
CA GLY A 145 -41.61 31.87 -0.06
C GLY A 145 -40.41 32.69 -0.50
N ALA A 157 -48.87 32.43 13.13
CA ALA A 157 -49.51 33.73 13.27
C ALA A 157 -49.89 34.31 11.91
N TYR A 158 -49.30 33.74 10.85
CA TYR A 158 -49.59 34.20 9.49
C TYR A 158 -50.51 33.21 8.78
N GLU A 159 -49.93 32.33 7.95
CA GLU A 159 -50.71 31.35 7.21
C GLU A 159 -50.01 30.00 7.22
N ALA A 160 -48.71 29.98 6.93
CA ALA A 160 -47.97 28.73 6.91
C ALA A 160 -47.68 28.23 8.32
N LEU A 161 -47.60 29.13 9.30
CA LEU A 161 -47.33 28.73 10.67
C LEU A 161 -48.57 28.19 11.38
N SER A 162 -49.76 28.40 10.82
CA SER A 162 -51.00 27.92 11.41
C SER A 162 -51.51 26.65 10.78
N LYS A 163 -51.03 26.29 9.59
CA LYS A 163 -51.47 25.07 8.90
C LYS A 163 -50.39 24.02 8.80
N TYR A 164 -49.11 24.41 8.74
CA TYR A 164 -48.01 23.46 8.66
C TYR A 164 -47.13 23.44 9.90
N CYS A 165 -47.37 24.32 10.87
CA CYS A 165 -46.59 24.37 12.09
C CYS A 165 -47.54 24.46 13.29
N ILE A 166 -46.97 24.26 14.48
CA ILE A 166 -47.72 24.32 15.72
C ILE A 166 -47.18 25.48 16.54
N ASP A 167 -48.05 26.45 16.84
CA ASP A 167 -47.66 27.62 17.62
C ASP A 167 -47.75 27.27 19.10
N LEU A 168 -46.59 27.20 19.76
CA LEU A 168 -46.54 26.87 21.18
C LEU A 168 -46.90 28.05 22.07
N THR A 169 -46.87 29.27 21.54
CA THR A 169 -47.21 30.44 22.35
C THR A 169 -48.72 30.55 22.60
N GLU A 170 -49.54 30.10 21.64
CA GLU A 170 -50.98 30.16 21.82
C GLU A 170 -51.50 29.02 22.70
N LEU A 171 -50.80 27.89 22.72
CA LEU A 171 -51.24 26.76 23.54
C LEU A 171 -50.93 26.98 25.02
N ALA A 172 -49.93 27.80 25.33
CA ALA A 172 -49.59 28.06 26.73
C ALA A 172 -50.54 29.06 27.37
N ALA A 173 -51.06 30.01 26.61
CA ALA A 173 -51.99 31.01 27.15
C ALA A 173 -53.39 30.45 27.36
N SER A 174 -53.75 29.36 26.69
CA SER A 174 -55.07 28.76 26.82
C SER A 174 -55.14 27.72 27.93
N GLY A 175 -54.00 27.29 28.46
CA GLY A 175 -53.98 26.30 29.52
C GLY A 175 -53.69 24.88 29.08
N LYS A 176 -52.90 24.69 28.04
CA LYS A 176 -52.57 23.35 27.55
C LYS A 176 -51.11 22.97 27.76
N LEU A 177 -50.26 23.91 28.17
CA LEU A 177 -48.84 23.64 28.40
C LEU A 177 -48.49 24.02 29.84
N ASP A 178 -47.91 23.08 30.57
CA ASP A 178 -47.53 23.32 31.94
C ASP A 178 -46.04 23.64 32.05
N PRO A 179 -45.67 24.57 32.93
CA PRO A 179 -44.25 24.89 33.10
C PRO A 179 -43.47 23.71 33.64
N VAL A 180 -42.27 23.51 33.10
CA VAL A 180 -41.41 22.41 33.52
C VAL A 180 -40.73 22.78 34.83
N ILE A 181 -40.93 21.97 35.85
CA ILE A 181 -40.36 22.18 37.17
C ILE A 181 -39.14 21.28 37.31
N GLY A 182 -37.97 21.90 37.52
CA GLY A 182 -36.72 21.17 37.68
C GLY A 182 -35.71 21.43 36.57
N ARG A 183 -36.12 22.07 35.48
CA ARG A 183 -35.24 22.38 34.36
C ARG A 183 -35.19 23.88 34.11
N ASP A 184 -35.17 24.67 35.19
CA ASP A 184 -35.14 26.12 35.03
C ASP A 184 -33.74 26.62 34.66
N GLU A 185 -32.70 25.88 35.04
CA GLU A 185 -31.34 26.30 34.72
C GLU A 185 -31.04 26.11 33.24
N ILE A 186 -31.68 25.15 32.59
CA ILE A 186 -31.44 24.92 31.16
C ILE A 186 -32.19 25.94 30.32
N ILE A 187 -33.43 26.25 30.69
CA ILE A 187 -34.22 27.21 29.93
C ILE A 187 -33.62 28.61 30.04
N SER A 188 -33.11 28.96 31.23
CA SER A 188 -32.52 30.28 31.41
C SER A 188 -31.24 30.45 30.61
N ARG A 189 -30.55 29.35 30.29
CA ARG A 189 -29.34 29.45 29.50
C ARG A 189 -29.64 29.71 28.02
N VAL A 190 -30.77 29.20 27.53
CA VAL A 190 -31.13 29.41 26.13
C VAL A 190 -31.47 30.86 25.87
N ILE A 191 -32.04 31.56 26.85
CA ILE A 191 -32.41 32.96 26.66
C ILE A 191 -31.17 33.82 26.48
N ARG A 192 -30.10 33.52 27.23
CA ARG A 192 -28.87 34.29 27.10
C ARG A 192 -28.17 34.07 25.76
N VAL A 193 -28.47 32.95 25.09
CA VAL A 193 -27.84 32.68 23.80
C VAL A 193 -28.59 33.37 22.67
N LEU A 194 -29.92 33.40 22.75
CA LEU A 194 -30.72 34.03 21.70
C LEU A 194 -30.51 35.53 21.63
N SER A 195 -30.05 36.16 22.71
CA SER A 195 -29.80 37.59 22.75
C SER A 195 -28.39 37.96 22.35
N ARG A 196 -27.75 37.18 21.46
CA ARG A 196 -26.40 37.43 21.02
C ARG A 196 -26.36 37.58 19.50
N ARG A 197 -25.16 37.83 18.98
CA ARG A 197 -24.93 37.93 17.55
C ARG A 197 -24.09 36.78 17.00
N THR A 198 -22.99 36.44 17.67
CA THR A 198 -22.16 35.30 17.29
C THR A 198 -22.51 34.11 18.15
N LYS A 199 -22.70 32.95 17.52
CA LYS A 199 -23.12 31.72 18.20
C LYS A 199 -24.42 31.93 18.95
N ASN A 200 -25.40 32.54 18.29
CA ASN A 200 -26.68 32.86 18.88
C ASN A 200 -27.74 31.78 18.66
N ASN A 201 -27.40 30.69 17.97
CA ASN A 201 -28.35 29.62 17.71
C ASN A 201 -28.01 28.44 18.59
N PRO A 202 -28.72 28.21 19.69
CA PRO A 202 -28.40 27.07 20.56
C PRO A 202 -28.79 25.75 19.92
N CYS A 203 -28.11 24.69 20.35
CA CYS A 203 -28.34 23.34 19.86
C CYS A 203 -28.50 22.41 21.06
N LEU A 204 -29.70 21.87 21.23
CA LEU A 204 -29.99 20.97 22.34
C LEU A 204 -29.34 19.61 22.06
N VAL A 205 -28.13 19.43 22.56
CA VAL A 205 -27.37 18.20 22.37
C VAL A 205 -27.75 17.23 23.48
N GLY A 206 -28.22 16.05 23.10
CA GLY A 206 -28.59 15.04 24.08
C GLY A 206 -29.24 13.86 23.39
N GLU A 207 -29.21 12.72 24.10
CA GLU A 207 -29.79 11.51 23.58
C GLU A 207 -31.31 11.62 23.53
N PRO A 208 -31.95 10.97 22.56
CA PRO A 208 -33.43 11.04 22.47
C PRO A 208 -34.11 10.35 23.64
N GLY A 209 -34.22 11.05 24.76
CA GLY A 209 -34.85 10.48 25.95
C GLY A 209 -34.49 11.24 27.21
N VAL A 210 -33.63 12.25 27.10
CA VAL A 210 -33.23 13.03 28.26
C VAL A 210 -34.16 14.22 28.51
N GLY A 211 -34.94 14.65 27.53
CA GLY A 211 -35.85 15.75 27.71
C GLY A 211 -35.49 16.98 26.91
N LYS A 212 -35.78 16.94 25.60
CA LYS A 212 -35.53 18.09 24.72
C LYS A 212 -36.78 18.77 24.23
N THR A 213 -37.91 18.06 24.17
CA THR A 213 -39.16 18.68 23.74
C THR A 213 -39.72 19.59 24.83
N ALA A 214 -39.58 19.20 26.10
CA ALA A 214 -40.07 20.02 27.19
C ALA A 214 -39.30 21.32 27.34
N ILE A 215 -38.09 21.40 26.78
CA ILE A 215 -37.32 22.64 26.85
C ILE A 215 -37.98 23.73 26.01
N ALA A 216 -38.40 23.39 24.79
CA ALA A 216 -39.08 24.37 23.95
C ALA A 216 -40.49 24.64 24.46
N GLU A 217 -41.11 23.67 25.13
CA GLU A 217 -42.45 23.87 25.67
C GLU A 217 -42.42 24.75 26.92
N GLY A 218 -41.40 24.57 27.77
CA GLY A 218 -41.29 25.39 28.96
C GLY A 218 -40.89 26.82 28.65
N LEU A 219 -40.21 27.04 27.52
CA LEU A 219 -39.81 28.39 27.15
C LEU A 219 -41.01 29.22 26.70
N ALA A 220 -42.02 28.58 26.10
CA ALA A 220 -43.21 29.32 25.69
C ALA A 220 -44.03 29.79 26.88
N ASN A 221 -43.90 29.12 28.02
CA ASN A 221 -44.63 29.56 29.21
C ASN A 221 -44.06 30.85 29.77
N ARG A 222 -42.76 31.09 29.58
CA ARG A 222 -42.13 32.32 30.06
C ARG A 222 -42.29 33.47 29.08
N ILE A 223 -42.62 33.19 27.82
CA ILE A 223 -42.82 34.25 26.83
C ILE A 223 -44.14 34.96 27.08
N VAL A 224 -45.23 34.19 27.24
CA VAL A 224 -46.53 34.80 27.47
C VAL A 224 -46.60 35.43 28.85
N LYS A 225 -45.89 34.87 29.83
CA LYS A 225 -45.90 35.42 31.17
C LYS A 225 -45.23 36.79 31.21
N GLY A 226 -43.96 36.85 30.79
CA GLY A 226 -43.23 38.10 30.79
C GLY A 226 -41.83 37.98 31.32
N ASP A 227 -41.33 36.74 31.44
CA ASP A 227 -39.99 36.51 31.95
C ASP A 227 -38.90 36.81 30.92
N ILE A 228 -39.27 37.01 29.66
CA ILE A 228 -38.30 37.32 28.61
C ILE A 228 -38.18 38.84 28.51
N PRO A 229 -37.05 39.37 28.01
CA PRO A 229 -36.93 40.82 27.84
C PRO A 229 -37.95 41.35 26.85
N SER A 230 -38.64 42.42 27.24
CA SER A 230 -39.67 43.01 26.40
C SER A 230 -39.08 43.71 25.17
N SER A 231 -37.79 44.05 25.21
CA SER A 231 -37.16 44.72 24.07
C SER A 231 -36.93 43.78 22.88
N LEU A 232 -37.04 42.46 23.09
CA LEU A 232 -36.83 41.50 22.01
C LEU A 232 -37.74 40.29 22.31
N GLN A 233 -38.95 40.33 21.78
CA GLN A 233 -39.92 39.26 21.99
C GLN A 233 -39.81 38.21 20.89
N LYS A 234 -39.81 36.95 21.30
CA LYS A 234 -39.72 35.81 20.39
C LYS A 234 -40.95 34.95 20.52
N LYS A 235 -41.14 34.07 19.53
CA LYS A 235 -42.27 33.15 19.51
C LYS A 235 -41.77 31.76 19.17
N VAL A 236 -42.24 30.75 19.90
CA VAL A 236 -41.80 29.38 19.72
C VAL A 236 -42.71 28.70 18.69
N TYR A 237 -42.12 28.12 17.67
CA TYR A 237 -42.85 27.40 16.63
C TYR A 237 -42.24 26.02 16.45
N SER A 238 -43.10 25.05 16.13
CA SER A 238 -42.69 23.66 15.91
C SER A 238 -42.80 23.35 14.43
N LEU A 239 -41.66 23.15 13.78
CA LEU A 239 -41.62 22.82 12.36
C LEU A 239 -41.72 21.31 12.20
N ASP A 240 -42.93 20.82 11.97
CA ASP A 240 -43.15 19.39 11.80
C ASP A 240 -42.80 18.96 10.39
N ILE A 241 -41.94 17.94 10.28
CA ILE A 241 -41.51 17.45 8.97
C ILE A 241 -42.53 16.51 8.35
N GLY A 242 -43.53 16.06 9.10
CA GLY A 242 -44.52 15.17 8.54
C GLY A 242 -45.58 15.85 7.72
N SER A 243 -45.99 17.06 8.12
CA SER A 243 -47.00 17.80 7.37
C SER A 243 -46.47 18.40 6.08
N LEU A 244 -45.14 18.60 5.98
CA LEU A 244 -44.56 19.16 4.77
C LEU A 244 -44.45 18.14 3.64
N LEU A 245 -44.42 16.84 3.96
CA LEU A 245 -44.31 15.79 2.96
C LEU A 245 -45.67 15.19 2.61
N ALA A 246 -46.76 15.88 2.93
CA ALA A 246 -48.09 15.36 2.62
C ALA A 246 -48.44 15.50 1.15
N GLY A 247 -47.81 16.42 0.43
CA GLY A 247 -48.09 16.62 -0.98
C GLY A 247 -47.27 15.72 -1.87
N ALA A 248 -46.05 16.15 -2.18
CA ALA A 248 -45.16 15.37 -3.04
C ALA A 248 -43.72 15.46 -2.56
N GLY A 252 -41.57 19.83 -7.06
CA GLY A 252 -40.95 20.11 -5.78
C GLY A 252 -41.92 20.71 -4.78
N GLU A 253 -42.75 19.85 -4.16
CA GLU A 253 -43.70 20.33 -3.18
C GLU A 253 -43.01 20.68 -1.86
N PHE A 254 -41.98 19.92 -1.50
CA PHE A 254 -41.27 20.20 -0.26
C PHE A 254 -40.45 21.48 -0.34
N GLU A 255 -39.98 21.84 -1.53
CA GLU A 255 -39.20 23.06 -1.70
C GLU A 255 -40.06 24.31 -1.66
N GLU A 256 -41.36 24.20 -1.92
CA GLU A 256 -42.24 25.35 -1.89
C GLU A 256 -42.90 25.55 -0.54
N ARG A 257 -43.17 24.47 0.20
CA ARG A 257 -43.80 24.60 1.51
C ARG A 257 -42.79 25.02 2.57
N LEU A 258 -41.58 24.48 2.50
CA LEU A 258 -40.55 24.82 3.50
C LEU A 258 -40.06 26.25 3.31
N LYS A 259 -40.00 26.74 2.06
CA LYS A 259 -39.52 28.08 1.82
C LYS A 259 -40.50 29.13 2.33
N ALA A 260 -41.80 28.84 2.33
CA ALA A 260 -42.79 29.79 2.81
C ALA A 260 -42.76 29.90 4.33
N VAL A 261 -42.35 28.84 5.03
CA VAL A 261 -42.32 28.87 6.48
C VAL A 261 -41.13 29.69 6.98
N LEU A 262 -39.97 29.54 6.32
CA LEU A 262 -38.79 30.27 6.75
C LEU A 262 -38.89 31.76 6.45
N LYS A 263 -39.70 32.14 5.45
CA LYS A 263 -39.87 33.55 5.13
C LYS A 263 -40.72 34.25 6.19
N GLU A 264 -41.72 33.55 6.74
CA GLU A 264 -42.57 34.15 7.76
C GLU A 264 -41.85 34.34 9.09
N LEU A 265 -40.74 33.63 9.31
CA LEU A 265 -40.00 33.76 10.56
C LEU A 265 -38.97 34.88 10.52
N LYS A 266 -38.49 35.26 9.33
CA LYS A 266 -37.50 36.32 9.22
C LYS A 266 -38.13 37.71 9.36
N GLU A 267 -39.36 37.88 8.87
CA GLU A 267 -40.05 39.16 8.95
C GLU A 267 -40.83 39.34 10.25
N ALA A 268 -40.82 38.33 11.13
CA ALA A 268 -41.54 38.41 12.40
C ALA A 268 -40.64 38.32 13.62
N GLN A 269 -39.35 37.99 13.44
CA GLN A 269 -38.39 37.87 14.53
C GLN A 269 -38.87 36.87 15.58
N ALA A 270 -38.66 35.58 15.31
CA ALA A 270 -39.08 34.53 16.22
C ALA A 270 -38.19 33.31 15.99
N ILE A 271 -38.16 32.44 17.00
CA ILE A 271 -37.37 31.21 16.94
C ILE A 271 -38.23 30.10 16.38
N VAL A 272 -37.64 28.90 16.24
CA VAL A 272 -38.36 27.74 15.72
C VAL A 272 -37.69 26.50 16.29
N PHE A 273 -38.50 25.46 16.50
CA PHE A 273 -38.02 24.19 17.03
C PHE A 273 -38.06 23.16 15.91
N ILE A 274 -36.88 22.81 15.40
CA ILE A 274 -36.73 21.83 14.32
C ILE A 274 -36.24 20.53 14.92
N ASP A 275 -37.03 19.47 14.78
CA ASP A 275 -36.65 18.16 15.30
C ASP A 275 -35.66 17.49 14.37
N GLU A 276 -34.57 16.97 14.94
CA GLU A 276 -33.51 16.31 14.19
C GLU A 276 -32.94 17.22 13.11
N ILE A 277 -31.96 18.06 13.48
CA ILE A 277 -31.40 19.01 12.55
C ILE A 277 -30.50 18.35 11.51
N HIS A 278 -30.09 17.09 11.74
CA HIS A 278 -29.22 16.42 10.79
C HIS A 278 -29.92 16.08 9.48
N THR A 279 -31.25 15.98 9.50
CA THR A 279 -31.99 15.66 8.27
C THR A 279 -32.09 16.86 7.34
N VAL A 280 -32.39 18.04 7.88
CA VAL A 280 -32.52 19.22 7.05
C VAL A 280 -31.14 19.75 6.63
N LEU A 281 -30.12 19.53 7.46
CA LEU A 281 -28.76 19.95 7.13
C LEU A 281 -27.99 18.82 6.44
N GLY A 282 -28.49 18.39 5.28
CA GLY A 282 -27.85 17.33 4.53
C GLY A 282 -28.75 16.74 3.46
N ALA A 283 -28.83 15.41 3.42
CA ALA A 283 -29.66 14.73 2.44
C ALA A 283 -31.03 14.40 3.01
N ALA A 289 -36.29 12.10 2.14
CA ALA A 289 -36.70 13.05 1.10
C ALA A 289 -35.48 13.55 0.33
N ILE A 290 -35.63 14.74 -0.27
CA ILE A 290 -34.54 15.35 -1.04
C ILE A 290 -33.66 16.16 -0.11
N ASP A 291 -32.64 16.81 -0.67
CA ASP A 291 -31.73 17.60 0.12
C ASP A 291 -32.37 18.93 0.51
N ALA A 292 -31.80 19.56 1.56
CA ALA A 292 -32.34 20.83 2.02
C ALA A 292 -31.29 21.70 2.70
N ALA A 293 -29.99 21.38 2.59
CA ALA A 293 -28.94 22.17 3.22
C ALA A 293 -28.50 23.35 2.37
N ASN A 294 -29.10 23.55 1.20
CA ASN A 294 -28.75 24.65 0.32
C ASN A 294 -29.66 25.86 0.48
N LEU A 295 -30.48 25.87 1.52
CA LEU A 295 -31.40 26.98 1.77
C LEU A 295 -31.38 27.44 3.22
N LEU A 296 -31.38 26.52 4.18
CA LEU A 296 -31.34 26.91 5.59
C LEU A 296 -29.96 27.34 6.03
N LYS A 297 -28.91 26.84 5.38
CA LYS A 297 -27.55 27.22 5.77
C LYS A 297 -27.24 28.68 5.45
N PRO A 298 -27.52 29.20 4.25
CA PRO A 298 -27.23 30.63 4.02
C PRO A 298 -28.06 31.57 4.87
N MET A 299 -29.25 31.15 5.31
CA MET A 299 -30.09 32.00 6.15
C MET A 299 -29.57 32.12 7.57
N LEU A 300 -28.79 31.16 8.04
CA LEU A 300 -28.24 31.20 9.39
C LEU A 300 -26.88 31.88 9.48
N ALA A 301 -26.14 31.92 8.38
CA ALA A 301 -24.82 32.55 8.37
C ALA A 301 -24.87 34.06 8.18
N ARG A 302 -26.04 34.62 7.87
CA ARG A 302 -26.16 36.06 7.67
C ARG A 302 -26.59 36.81 8.92
N GLY A 303 -26.97 36.10 9.99
CA GLY A 303 -27.36 36.76 11.22
C GLY A 303 -28.70 37.43 11.17
N GLU A 304 -29.71 36.76 10.61
CA GLU A 304 -31.06 37.32 10.53
C GLU A 304 -32.14 36.27 10.75
N LEU A 305 -31.77 35.04 11.10
CA LEU A 305 -32.71 33.96 11.34
C LEU A 305 -32.46 33.35 12.71
N ARG A 306 -33.54 33.11 13.45
CA ARG A 306 -33.48 32.53 14.78
C ARG A 306 -33.93 31.08 14.71
N CYS A 307 -33.10 30.17 15.21
CA CYS A 307 -33.42 28.75 15.20
C CYS A 307 -32.71 28.07 16.37
N ILE A 308 -33.32 27.00 16.86
CA ILE A 308 -32.78 26.21 17.96
C ILE A 308 -32.60 24.78 17.48
N GLY A 309 -31.36 24.29 17.52
CA GLY A 309 -31.09 22.93 17.09
C GLY A 309 -31.48 21.90 18.13
N ALA A 310 -31.79 20.69 17.66
CA ALA A 310 -32.20 19.59 18.53
C ALA A 310 -31.77 18.28 17.85
N THR A 311 -30.51 17.92 18.05
CA THR A 311 -29.92 16.71 17.49
C THR A 311 -29.57 15.74 18.62
N THR A 312 -28.96 14.61 18.23
CA THR A 312 -28.56 13.59 19.18
C THR A 312 -27.16 13.89 19.71
N LEU A 313 -26.50 12.88 20.26
CA LEU A 313 -25.16 13.05 20.81
C LEU A 313 -24.07 12.56 19.85
N THR A 314 -24.29 11.41 19.21
CA THR A 314 -23.29 10.89 18.29
C THR A 314 -23.29 11.65 16.97
N GLU A 315 -24.47 12.01 16.46
CA GLU A 315 -24.56 12.72 15.19
C GLU A 315 -24.09 14.16 15.31
N TYR A 316 -24.01 14.70 16.53
CA TYR A 316 -23.55 16.08 16.69
C TYR A 316 -22.07 16.22 16.41
N ARG A 317 -21.29 15.17 16.65
CA ARG A 317 -19.85 15.21 16.41
C ARG A 317 -19.47 14.88 14.97
N GLN A 318 -20.46 14.72 14.09
CA GLN A 318 -20.20 14.41 12.69
C GLN A 318 -20.81 15.41 11.71
N TYR A 319 -21.75 16.25 12.16
CA TYR A 319 -22.38 17.22 11.28
C TYR A 319 -22.18 18.67 11.73
N VAL A 320 -21.73 18.89 12.96
CA VAL A 320 -21.51 20.24 13.49
C VAL A 320 -20.04 20.45 13.84
N GLU A 321 -19.46 19.56 14.64
CA GLU A 321 -18.07 19.67 15.05
C GLU A 321 -17.17 19.05 13.98
N LYS A 322 -17.15 19.71 12.82
CA LYS A 322 -16.34 19.26 11.70
C LYS A 322 -16.06 20.43 10.76
N ASP A 323 -17.06 21.27 10.54
CA ASP A 323 -16.94 22.44 9.68
C ASP A 323 -16.95 23.70 10.53
N PRO A 324 -15.90 24.52 10.50
CA PRO A 324 -15.90 25.74 11.32
C PRO A 324 -16.99 26.74 10.93
N ALA A 325 -17.60 26.58 9.76
CA ALA A 325 -18.67 27.49 9.35
C ALA A 325 -19.94 27.30 10.17
N PHE A 326 -20.15 26.11 10.74
CA PHE A 326 -21.33 25.85 11.55
C PHE A 326 -21.13 26.21 13.02
N GLU A 327 -19.91 26.07 13.54
CA GLU A 327 -19.65 26.41 14.94
C GLU A 327 -19.68 27.91 15.18
N ARG A 328 -19.63 28.72 14.13
CA ARG A 328 -19.68 30.17 14.30
C ARG A 328 -21.07 30.64 14.71
N ARG A 329 -22.10 29.88 14.36
CA ARG A 329 -23.48 30.24 14.70
C ARG A 329 -24.11 29.34 15.75
N PHE A 330 -23.57 28.13 15.96
CA PHE A 330 -24.09 27.20 16.95
C PHE A 330 -23.17 27.17 18.17
N GLN A 331 -23.77 26.87 19.33
CA GLN A 331 -23.03 26.82 20.59
C GLN A 331 -23.31 25.48 21.26
N LEU A 332 -22.27 24.91 21.87
CA LEU A 332 -22.40 23.63 22.56
C LEU A 332 -23.22 23.80 23.82
N VAL A 333 -24.32 23.04 23.92
CA VAL A 333 -25.20 23.07 25.08
C VAL A 333 -25.35 21.65 25.60
N MET A 334 -25.01 21.43 26.87
CA MET A 334 -25.10 20.12 27.50
C MET A 334 -26.49 19.93 28.08
N VAL A 335 -27.24 18.96 27.53
CA VAL A 335 -28.58 18.64 28.00
C VAL A 335 -28.61 17.15 28.31
N GLU A 336 -28.65 16.82 29.60
CA GLU A 336 -28.67 15.43 30.03
C GLU A 336 -29.81 15.18 31.01
N GLU A 337 -29.79 14.01 31.66
CA GLU A 337 -30.83 13.67 32.62
C GLU A 337 -30.49 14.24 33.99
N PRO A 338 -31.50 14.56 34.80
CA PRO A 338 -31.23 15.07 36.15
C PRO A 338 -30.56 14.02 37.02
N SER A 339 -29.89 14.50 38.05
CA SER A 339 -29.17 13.63 38.98
C SER A 339 -30.13 13.16 40.08
N VAL A 340 -29.60 12.66 41.19
CA VAL A 340 -30.45 12.18 42.27
C VAL A 340 -31.06 13.35 43.03
N THR A 341 -30.28 14.39 43.30
CA THR A 341 -30.80 15.55 44.02
C THR A 341 -31.81 16.32 43.18
N ASP A 342 -31.54 16.46 41.88
CA ASP A 342 -32.46 17.18 41.01
C ASP A 342 -33.77 16.42 40.81
N THR A 343 -33.72 15.09 40.87
CA THR A 343 -34.93 14.29 40.68
C THR A 343 -35.89 14.47 41.86
N ILE A 344 -35.36 14.66 43.06
CA ILE A 344 -36.22 14.86 44.23
C ILE A 344 -37.01 16.16 44.10
N SER A 345 -36.37 17.21 43.59
CA SER A 345 -37.06 18.49 43.43
C SER A 345 -38.14 18.40 42.36
N ILE A 346 -37.99 17.52 41.38
CA ILE A 346 -39.01 17.37 40.34
C ILE A 346 -40.22 16.62 40.88
N LEU A 347 -39.99 15.59 41.68
CA LEU A 347 -41.09 14.82 42.23
C LEU A 347 -41.90 15.62 43.24
N ARG A 348 -41.25 16.55 43.95
CA ARG A 348 -41.97 17.39 44.90
C ARG A 348 -42.83 18.43 44.21
N GLY A 349 -42.40 18.93 43.05
CA GLY A 349 -43.19 19.90 42.32
C GLY A 349 -44.41 19.29 41.65
N LEU A 350 -44.29 18.04 41.21
CA LEU A 350 -45.39 17.33 40.57
C LEU A 350 -46.17 16.45 41.53
N LYS A 351 -45.99 16.64 42.84
CA LYS A 351 -46.71 15.84 43.82
C LYS A 351 -48.19 16.18 43.84
N GLU A 352 -48.55 17.43 43.57
CA GLU A 352 -49.95 17.82 43.55
C GLU A 352 -50.70 17.18 42.39
N ARG A 353 -50.03 16.98 41.25
CA ARG A 353 -50.66 16.34 40.11
C ARG A 353 -50.82 14.83 40.28
N TYR A 354 -50.22 14.25 41.32
CA TYR A 354 -50.31 12.81 41.55
C TYR A 354 -51.35 12.42 42.58
N GLU A 355 -51.66 13.31 43.52
CA GLU A 355 -52.65 13.04 44.55
C GLU A 355 -54.09 13.24 44.08
N THR A 356 -54.30 13.65 42.84
CA THR A 356 -55.64 13.87 42.31
C THR A 356 -56.23 12.60 41.73
N HIS A 357 -55.51 11.93 40.83
CA HIS A 357 -56.01 10.69 40.24
C HIS A 357 -55.91 9.53 41.20
N HIS A 358 -54.79 9.41 41.93
CA HIS A 358 -54.63 8.32 42.88
C HIS A 358 -55.44 8.54 44.15
N GLY A 359 -55.47 9.77 44.66
CA GLY A 359 -56.23 10.06 45.86
C GLY A 359 -55.65 9.48 47.13
N VAL A 360 -54.33 9.40 47.23
CA VAL A 360 -53.67 8.86 48.41
C VAL A 360 -52.78 9.95 49.01
N ARG A 361 -52.37 9.72 50.25
CA ARG A 361 -51.51 10.65 51.00
C ARG A 361 -50.08 10.12 50.95
N ILE A 362 -49.30 10.63 50.02
CA ILE A 362 -47.91 10.20 49.86
C ILE A 362 -47.05 10.90 50.90
N ALA A 363 -46.27 10.13 51.65
CA ALA A 363 -45.40 10.68 52.67
C ALA A 363 -44.16 11.31 52.02
N ASP A 364 -43.39 12.01 52.85
CA ASP A 364 -42.17 12.67 52.38
C ASP A 364 -41.02 11.70 52.20
N ALA A 365 -41.11 10.49 52.75
CA ALA A 365 -40.04 9.51 52.61
C ALA A 365 -40.07 8.77 51.28
N ALA A 366 -41.22 8.77 50.58
CA ALA A 366 -41.31 8.10 49.30
C ALA A 366 -40.72 8.91 48.16
N ILE A 367 -40.46 10.20 48.36
CA ILE A 367 -39.88 11.02 47.30
C ILE A 367 -38.40 10.75 47.15
N VAL A 368 -37.68 10.63 48.27
CA VAL A 368 -36.24 10.38 48.21
C VAL A 368 -35.97 8.95 47.76
N ALA A 369 -36.76 7.99 48.26
CA ALA A 369 -36.56 6.60 47.89
C ALA A 369 -36.91 6.32 46.44
N ALA A 370 -37.72 7.18 45.80
CA ALA A 370 -38.07 6.95 44.41
C ALA A 370 -36.92 7.25 43.47
N ALA A 371 -36.06 8.21 43.84
CA ALA A 371 -34.92 8.56 42.99
C ALA A 371 -33.72 7.66 43.22
N GLN A 372 -33.66 6.95 44.34
CA GLN A 372 -32.55 6.05 44.63
C GLN A 372 -32.78 4.65 44.09
N LEU A 373 -34.03 4.18 44.13
CA LEU A 373 -34.36 2.84 43.64
C LEU A 373 -34.58 2.78 42.14
N ALA A 374 -34.28 3.86 41.41
CA ALA A 374 -34.47 3.88 39.97
C ALA A 374 -33.16 3.75 39.20
N ALA A 375 -32.09 4.40 39.68
CA ALA A 375 -30.79 4.37 39.03
C ALA A 375 -29.93 3.20 39.49
N ARG A 376 -30.55 2.02 39.65
CA ARG A 376 -29.81 0.84 40.08
C ARG A 376 -30.52 -0.43 39.62
N TYR A 377 -31.84 -0.46 39.73
CA TYR A 377 -32.63 -1.61 39.32
C TYR A 377 -33.15 -1.54 37.90
N ILE A 378 -33.55 -0.35 37.45
CA ILE A 378 -34.07 -0.14 36.11
C ILE A 378 -32.99 0.52 35.27
N THR A 379 -32.50 -0.19 34.25
CA THR A 379 -31.46 0.29 33.36
C THR A 379 -31.95 0.36 31.91
N GLN A 380 -33.17 0.84 31.72
CA GLN A 380 -33.76 0.95 30.39
C GLN A 380 -34.21 2.38 30.10
N ARG A 381 -34.97 3.00 30.99
CA ARG A 381 -35.45 4.35 30.79
C ARG A 381 -34.50 5.36 31.43
N PHE A 382 -34.87 6.63 31.37
CA PHE A 382 -34.04 7.70 31.92
C PHE A 382 -34.79 8.46 33.01
N MET A 383 -34.38 9.70 33.27
CA MET A 383 -35.03 10.52 34.28
C MET A 383 -35.82 11.64 33.64
N PRO A 384 -37.06 11.90 34.11
CA PRO A 384 -37.72 11.12 35.16
C PRO A 384 -38.60 10.01 34.59
N ASP A 385 -38.12 9.32 33.56
CA ASP A 385 -38.93 8.27 32.93
C ASP A 385 -39.07 7.06 33.84
N LYS A 386 -37.97 6.59 34.42
CA LYS A 386 -37.98 5.44 35.31
C LYS A 386 -38.23 5.82 36.76
N ALA A 387 -38.70 7.04 37.03
CA ALA A 387 -39.00 7.48 38.38
C ALA A 387 -40.48 7.74 38.62
N ILE A 388 -41.25 8.06 37.58
CA ILE A 388 -42.67 8.31 37.74
C ILE A 388 -43.44 6.99 37.83
N ASP A 389 -43.02 5.99 37.06
CA ASP A 389 -43.71 4.70 37.08
C ASP A 389 -43.57 4.00 38.42
N LEU A 390 -42.46 4.23 39.13
CA LEU A 390 -42.26 3.61 40.43
C LEU A 390 -43.22 4.15 41.49
N ILE A 391 -43.73 5.36 41.30
CA ILE A 391 -44.68 5.95 42.25
C ILE A 391 -46.13 5.61 41.88
N ASP A 392 -46.44 5.66 40.58
CA ASP A 392 -47.81 5.36 40.14
C ASP A 392 -48.16 3.89 40.34
N GLU A 393 -47.17 3.00 40.20
CA GLU A 393 -47.44 1.57 40.38
C GLU A 393 -47.67 1.25 41.85
N ALA A 394 -46.93 1.90 42.76
CA ALA A 394 -47.14 1.66 44.18
C ALA A 394 -48.46 2.25 44.66
N CYS A 395 -48.94 3.32 44.03
CA CYS A 395 -50.21 3.92 44.41
C CYS A 395 -51.40 3.24 43.74
N ALA A 396 -51.17 2.51 42.64
CA ALA A 396 -52.27 1.82 41.98
C ALA A 396 -52.76 0.62 42.79
N ASN A 397 -51.85 -0.06 43.48
CA ASN A 397 -52.24 -1.20 44.31
C ASN A 397 -52.95 -0.77 45.58
N THR A 398 -52.81 0.49 45.98
CA THR A 398 -53.47 0.97 47.19
C THR A 398 -54.96 1.20 46.96
N ARG A 399 -55.34 1.70 45.79
CA ARG A 399 -56.74 1.95 45.48
C ARG A 399 -57.56 0.67 45.51
N VAL A 400 -56.96 -0.45 45.10
CA VAL A 400 -57.66 -1.72 45.17
C VAL A 400 -57.94 -2.12 46.61
N GLN A 401 -56.99 -1.84 47.50
CA GLN A 401 -57.17 -2.17 48.91
C GLN A 401 -58.04 -1.15 49.64
N LEU A 402 -58.05 0.10 49.19
CA LEU A 402 -58.88 1.11 49.83
C LEU A 402 -60.36 0.89 49.54
N ASP A 403 -60.70 0.51 48.30
CA ASP A 403 -62.09 0.26 47.94
C ASP A 403 -62.59 -1.05 48.53
N SER A 404 -61.69 -1.94 48.95
CA SER A 404 -62.10 -3.23 49.53
C SER A 404 -62.27 -3.09 51.04
N GLN A 405 -61.90 -4.13 51.78
CA GLN A 405 -62.02 -4.14 53.22
C GLN A 405 -60.75 -4.73 53.84
N PRO A 406 -60.36 -4.24 55.03
CA PRO A 406 -59.16 -4.78 55.69
C PRO A 406 -59.31 -6.24 56.10
N GLU A 407 -58.23 -6.81 56.64
CA GLU A 407 -58.27 -8.21 57.07
C GLU A 407 -59.21 -8.41 58.25
N ALA A 408 -59.40 -7.38 59.08
CA ALA A 408 -60.29 -7.47 60.22
C ALA A 408 -61.75 -7.22 59.87
N ILE A 409 -62.04 -6.88 58.61
CA ILE A 409 -63.40 -6.61 58.17
C ILE A 409 -63.82 -7.55 57.04
N ASP A 410 -62.94 -7.78 56.07
CA ASP A 410 -63.28 -8.66 54.95
C ASP A 410 -63.42 -10.11 55.39
N LYS A 411 -62.71 -10.50 56.45
CA LYS A 411 -62.82 -11.87 56.95
C LYS A 411 -64.19 -12.14 57.55
N LEU A 412 -64.72 -11.17 58.31
CA LEU A 412 -66.05 -11.33 58.89
C LEU A 412 -67.16 -11.09 57.90
N GLU A 413 -66.92 -10.31 56.84
CA GLU A 413 -67.95 -10.06 55.84
C GLU A 413 -68.10 -11.23 54.88
N ARG A 414 -66.99 -11.90 54.56
CA ARG A 414 -67.06 -13.04 53.65
C ARG A 414 -67.80 -14.21 54.28
N ARG A 415 -67.67 -14.38 55.60
CA ARG A 415 -68.36 -15.47 56.28
C ARG A 415 -69.86 -15.17 56.38
N HIS A 416 -70.26 -13.90 56.31
CA HIS A 416 -71.67 -13.56 56.38
C HIS A 416 -72.39 -13.85 55.07
N LEU A 417 -71.71 -13.67 53.94
CA LEU A 417 -72.34 -13.94 52.65
C LEU A 417 -72.50 -15.44 52.41
N GLN A 418 -71.63 -16.26 53.00
CA GLN A 418 -71.74 -17.71 52.82
C GLN A 418 -72.89 -18.28 53.63
N LEU A 419 -73.23 -17.66 54.77
CA LEU A 419 -74.32 -18.12 55.61
C LEU A 419 -75.67 -17.55 55.21
N GLU A 420 -75.68 -16.39 54.55
CA GLU A 420 -76.95 -15.79 54.12
C GLU A 420 -77.56 -16.56 52.96
N VAL A 421 -76.72 -17.07 52.06
CA VAL A 421 -77.22 -17.83 50.92
C VAL A 421 -77.73 -19.20 51.36
N GLU A 422 -77.02 -19.84 52.30
CA GLU A 422 -77.44 -21.15 52.78
C GLU A 422 -78.71 -21.05 53.63
N ALA A 423 -78.94 -19.90 54.27
CA ALA A 423 -80.14 -19.73 55.08
C ALA A 423 -81.40 -19.61 54.24
N THR A 424 -81.27 -19.20 52.97
CA THR A 424 -82.43 -19.08 52.10
C THR A 424 -82.90 -20.44 51.60
N ALA A 425 -81.96 -21.32 51.23
CA ALA A 425 -82.33 -22.64 50.73
C ALA A 425 -82.90 -23.51 51.84
N LEU A 426 -82.39 -23.36 53.07
CA LEU A 426 -82.90 -24.15 54.19
C LEU A 426 -84.26 -23.67 54.66
N GLU A 427 -84.60 -22.40 54.42
CA GLU A 427 -85.90 -21.90 54.83
C GLU A 427 -87.01 -22.33 53.88
N LYS A 428 -86.72 -22.43 52.58
CA LYS A 428 -87.73 -22.85 51.62
C LYS A 428 -88.09 -24.32 51.77
N GLU A 429 -87.17 -25.12 52.30
CA GLU A 429 -87.44 -26.55 52.48
C GLU A 429 -88.38 -26.76 53.66
N LYS A 430 -89.39 -27.60 53.47
CA LYS A 430 -90.38 -27.89 54.49
C LYS A 430 -90.09 -29.16 55.26
N ASP A 431 -88.93 -29.78 55.04
CA ASP A 431 -88.58 -31.00 55.73
C ASP A 431 -88.10 -30.70 57.15
N ALA A 432 -88.05 -31.75 57.98
CA ALA A 432 -87.61 -31.61 59.36
C ALA A 432 -86.09 -31.59 59.50
N ALA A 433 -85.35 -31.98 58.47
CA ALA A 433 -83.90 -31.97 58.54
C ALA A 433 -83.30 -30.58 58.40
N SER A 434 -84.05 -29.63 57.84
CA SER A 434 -83.57 -28.27 57.65
C SER A 434 -84.07 -27.30 58.72
N LYS A 435 -85.04 -27.71 59.54
CA LYS A 435 -85.55 -26.82 60.58
C LYS A 435 -84.56 -26.68 61.72
N GLN A 436 -83.92 -27.79 62.11
CA GLN A 436 -82.93 -27.73 63.19
C GLN A 436 -81.64 -27.09 62.72
N ARG A 437 -81.29 -27.23 61.45
CA ARG A 437 -80.07 -26.62 60.92
C ARG A 437 -80.23 -25.11 60.71
N LEU A 438 -81.44 -24.66 60.38
CA LEU A 438 -81.66 -23.23 60.17
C LEU A 438 -81.51 -22.45 61.47
N GLN A 439 -81.83 -23.06 62.61
CA GLN A 439 -81.66 -22.37 63.89
C GLN A 439 -80.19 -22.16 64.22
N GLU A 440 -79.31 -23.07 63.77
CA GLU A 440 -77.88 -22.90 64.01
C GLU A 440 -77.27 -21.85 63.10
N VAL A 441 -77.85 -21.64 61.92
CA VAL A 441 -77.34 -20.62 61.01
C VAL A 441 -77.63 -19.22 61.56
N ARG A 442 -78.84 -19.03 62.09
CA ARG A 442 -79.20 -17.73 62.66
C ARG A 442 -78.40 -17.43 63.93
N ALA A 443 -77.99 -18.48 64.66
CA ALA A 443 -77.18 -18.26 65.85
C ALA A 443 -75.76 -17.87 65.50
N GLU A 444 -75.21 -18.41 64.41
CA GLU A 444 -73.87 -18.02 63.99
C GLU A 444 -73.85 -16.61 63.43
N MET A 445 -74.87 -16.24 62.66
CA MET A 445 -74.94 -14.91 62.08
C MET A 445 -75.20 -13.84 63.13
N ALA A 446 -75.75 -14.22 64.29
CA ALA A 446 -76.01 -13.23 65.34
C ALA A 446 -74.73 -12.82 66.06
N ARG A 447 -73.84 -13.78 66.33
CA ARG A 447 -72.60 -13.46 67.01
C ARG A 447 -71.60 -12.73 66.11
N ILE A 448 -71.71 -12.91 64.79
CA ILE A 448 -70.82 -12.20 63.88
C ILE A 448 -71.16 -10.71 63.84
N GLN A 449 -72.45 -10.39 63.84
CA GLN A 449 -72.88 -8.99 63.85
C GLN A 449 -72.50 -8.27 65.13
N GLU A 450 -72.31 -9.00 66.23
CA GLU A 450 -71.91 -8.36 67.49
C GLU A 450 -70.50 -7.80 67.43
N GLU A 451 -69.65 -8.32 66.55
CA GLU A 451 -68.30 -7.83 66.39
C GLU A 451 -68.06 -7.14 65.05
N LEU A 452 -68.95 -7.31 64.08
CA LEU A 452 -68.81 -6.67 62.78
C LEU A 452 -69.40 -5.27 62.74
N ARG A 453 -70.57 -5.08 63.37
CA ARG A 453 -71.20 -3.76 63.38
C ARG A 453 -70.34 -2.69 64.06
N PRO A 454 -69.70 -2.93 65.22
CA PRO A 454 -68.78 -1.91 65.74
C PRO A 454 -67.58 -1.65 64.86
N LEU A 455 -67.24 -2.57 63.96
CA LEU A 455 -66.13 -2.39 63.04
C LEU A 455 -66.56 -1.97 61.64
N LYS A 456 -67.85 -1.97 61.35
CA LYS A 456 -68.37 -1.57 60.05
C LYS A 456 -69.10 -0.23 60.08
N MET A 457 -69.85 0.05 61.15
CA MET A 457 -70.54 1.33 61.26
C MET A 457 -69.55 2.49 61.32
N LYS A 458 -68.48 2.33 62.12
CA LYS A 458 -67.45 3.35 62.18
C LYS A 458 -66.59 3.36 60.93
N TYR A 459 -66.48 2.23 60.23
CA TYR A 459 -65.71 2.19 58.99
C TYR A 459 -66.40 2.96 57.88
N GLU A 460 -67.73 2.99 57.88
CA GLU A 460 -68.45 3.76 56.86
C GLU A 460 -68.24 5.25 57.03
N SER A 461 -68.13 5.73 58.28
CA SER A 461 -67.85 7.14 58.49
C SER A 461 -66.42 7.50 58.11
N GLU A 462 -65.47 6.58 58.33
CA GLU A 462 -64.09 6.82 57.93
C GLU A 462 -63.91 6.69 56.42
N LYS A 463 -64.69 5.82 55.78
CA LYS A 463 -64.59 5.67 54.33
C LYS A 463 -65.07 6.93 53.63
N GLY A 464 -66.07 7.61 54.19
CA GLY A 464 -66.53 8.86 53.61
C GLY A 464 -65.50 9.97 53.70
N ARG A 465 -64.64 9.92 54.72
CA ARG A 465 -63.58 10.92 54.83
C ARG A 465 -62.49 10.69 53.79
N LEU A 466 -62.35 9.46 53.28
CA LEU A 466 -61.37 9.19 52.25
C LEU A 466 -61.76 9.85 50.94
N ASP A 467 -63.06 9.90 50.64
CA ASP A 467 -63.52 10.56 49.42
C ASP A 467 -63.41 12.08 49.54
N GLU A 468 -63.46 12.60 50.76
CA GLU A 468 -63.32 14.05 50.96
C GLU A 468 -61.90 14.52 50.67
N ILE A 469 -60.90 13.67 50.95
CA ILE A 469 -59.52 14.02 50.65
C ILE A 469 -59.31 14.12 49.14
N ARG A 470 -59.90 13.18 48.40
CA ARG A 470 -59.79 13.22 46.94
C ARG A 470 -60.59 14.38 46.34
N ASN A 471 -61.72 14.73 46.95
CA ASN A 471 -62.51 15.85 46.45
C ASN A 471 -61.81 17.18 46.70
N LEU A 472 -61.17 17.33 47.86
CA LEU A 472 -60.42 18.55 48.13
C LEU A 472 -59.16 18.65 47.28
N SER A 473 -58.63 17.50 46.84
CA SER A 473 -57.45 17.52 45.99
C SER A 473 -57.78 17.93 44.56
N GLN A 474 -59.04 17.72 44.14
CA GLN A 474 -59.44 18.12 42.79
C GLN A 474 -59.56 19.63 42.67
N ARG A 475 -60.19 20.27 43.66
CA ARG A 475 -60.33 21.72 43.63
C ARG A 475 -59.00 22.41 43.88
N LEU A 476 -58.11 21.79 44.65
CA LEU A 476 -56.79 22.37 44.88
C LEU A 476 -55.94 22.31 43.61
N ASP A 477 -56.02 21.19 42.87
CA ASP A 477 -55.27 21.07 41.63
C ASP A 477 -55.87 21.92 40.53
N GLU A 478 -57.19 22.13 40.55
CA GLU A 478 -57.83 22.95 39.53
C GLU A 478 -57.44 24.43 39.69
N LEU A 479 -57.40 24.93 40.92
CA LEU A 479 -56.99 26.30 41.16
C LEU A 479 -55.51 26.51 40.92
N LYS A 480 -54.70 25.45 41.03
CA LYS A 480 -53.27 25.58 40.78
C LYS A 480 -53.00 25.74 39.29
N ALA A 481 -53.72 25.01 38.44
CA ALA A 481 -53.55 25.15 37.00
C ALA A 481 -54.12 26.46 36.48
N LYS A 482 -55.21 26.94 37.07
CA LYS A 482 -55.79 28.22 36.67
C LYS A 482 -54.96 29.40 37.13
N ALA A 483 -54.16 29.24 38.19
CA ALA A 483 -53.32 30.33 38.66
C ALA A 483 -52.14 30.57 37.73
N GLU A 484 -51.71 29.55 36.99
CA GLU A 484 -50.61 29.73 36.05
C GLU A 484 -51.02 30.59 34.86
N ASP A 485 -52.29 30.51 34.45
CA ASP A 485 -52.77 31.33 33.34
C ASP A 485 -53.00 32.77 33.74
N ALA A 486 -53.11 33.06 35.05
CA ALA A 486 -53.31 34.43 35.48
C ALA A 486 -52.06 35.27 35.29
N GLU A 487 -50.89 34.67 35.51
CA GLU A 487 -49.63 35.40 35.33
C GLU A 487 -49.24 35.53 33.86
N ARG A 488 -49.90 34.79 32.96
CA ARG A 488 -49.59 34.86 31.53
C ARG A 488 -50.58 35.70 30.75
N ARG A 489 -51.85 35.74 31.15
CA ARG A 489 -52.87 36.51 30.46
C ARG A 489 -52.92 37.97 30.93
N TYR A 490 -51.93 38.41 31.70
CA TYR A 490 -51.86 39.78 32.21
C TYR A 490 -53.11 40.14 33.01
N ASP A 491 -53.29 39.43 34.13
CA ASP A 491 -54.42 39.61 35.02
C ASP A 491 -53.88 39.85 36.43
N LEU A 492 -53.87 41.11 36.86
CA LEU A 492 -53.37 41.44 38.20
C LEU A 492 -54.46 41.27 39.26
N ALA A 493 -55.68 41.69 38.95
CA ALA A 493 -56.77 41.57 39.91
C ALA A 493 -57.25 40.13 40.05
N ARG A 494 -57.12 39.33 38.99
CA ARG A 494 -57.55 37.94 39.05
C ARG A 494 -56.53 37.07 39.78
N ALA A 495 -55.23 37.39 39.62
CA ALA A 495 -54.20 36.61 40.30
C ALA A 495 -54.15 36.91 41.79
N ALA A 496 -54.59 38.10 42.21
CA ALA A 496 -54.59 38.45 43.62
C ALA A 496 -55.67 37.72 44.40
N ASP A 497 -56.68 37.18 43.72
CA ASP A 497 -57.75 36.44 44.39
C ASP A 497 -57.45 34.95 44.52
N ILE A 498 -56.60 34.40 43.67
CA ILE A 498 -56.26 32.98 43.71
C ILE A 498 -54.98 32.74 44.51
N ARG A 499 -53.94 33.55 44.27
CA ARG A 499 -52.67 33.38 44.96
C ARG A 499 -52.68 33.94 46.38
N TYR A 500 -53.82 34.38 46.88
CA TYR A 500 -53.90 34.95 48.22
C TYR A 500 -55.16 34.56 48.98
N TYR A 501 -56.08 33.82 48.37
CA TYR A 501 -57.32 33.44 49.03
C TYR A 501 -57.72 32.01 48.68
N ALA A 502 -57.60 31.65 47.40
CA ALA A 502 -58.01 30.32 46.97
C ALA A 502 -57.01 29.25 47.44
N ILE A 503 -55.72 29.57 47.44
CA ILE A 503 -54.69 28.62 47.86
C ILE A 503 -54.72 28.42 49.37
N PRO A 504 -54.73 29.47 50.20
CA PRO A 504 -54.73 29.22 51.65
C PRO A 504 -56.01 28.54 52.14
N ASP A 505 -57.15 28.81 51.52
CA ASP A 505 -58.40 28.20 51.98
C ASP A 505 -58.48 26.73 51.58
N LEU A 506 -57.89 26.37 50.43
CA LEU A 506 -57.93 24.99 49.99
C LEU A 506 -56.87 24.13 50.64
N GLU A 507 -55.87 24.74 51.29
CA GLU A 507 -54.83 23.98 51.97
C GLU A 507 -55.16 23.74 53.44
N LYS A 508 -55.86 24.66 54.09
CA LYS A 508 -56.23 24.46 55.49
C LYS A 508 -57.31 23.39 55.65
N ARG A 509 -58.20 23.26 54.66
CA ARG A 509 -59.25 22.26 54.74
C ARG A 509 -58.70 20.86 54.46
N LEU A 510 -57.72 20.74 53.56
CA LEU A 510 -57.14 19.44 53.26
C LEU A 510 -56.29 18.94 54.43
N ALA A 511 -55.57 19.84 55.09
CA ALA A 511 -54.75 19.44 56.22
C ALA A 511 -55.59 19.12 57.45
N GLN A 512 -56.80 19.70 57.53
CA GLN A 512 -57.66 19.42 58.68
C GLN A 512 -58.29 18.04 58.58
N LEU A 513 -58.62 17.61 57.36
CA LEU A 513 -59.21 16.28 57.19
C LEU A 513 -58.19 15.17 57.42
N GLN A 514 -56.91 15.45 57.20
CA GLN A 514 -55.89 14.44 57.42
C GLN A 514 -55.61 14.22 58.91
N ALA A 515 -55.76 15.27 59.72
CA ALA A 515 -55.53 15.14 61.15
C ALA A 515 -56.69 14.46 61.85
N GLU A 516 -57.93 14.73 61.43
CA GLU A 516 -59.09 14.10 62.04
C GLU A 516 -59.21 12.63 61.65
N LYS A 517 -58.68 12.25 60.48
CA LYS A 517 -58.75 10.86 60.05
C LYS A 517 -57.75 9.99 60.79
N SER A 518 -56.59 10.54 61.13
CA SER A 518 -55.57 9.77 61.83
C SER A 518 -55.95 9.52 63.29
N GLN A 519 -56.85 10.31 63.85
CA GLN A 519 -57.27 10.11 65.23
C GLN A 519 -58.18 8.90 65.39
N ALA A 520 -58.87 8.48 64.33
CA ALA A 520 -59.76 7.34 64.39
C ALA A 520 -59.03 6.01 64.20
N ASP A 521 -57.74 6.04 63.86
CA ASP A 521 -57.00 4.80 63.66
C ASP A 521 -56.66 4.12 64.99
N ALA A 522 -56.49 4.91 66.05
CA ALA A 522 -56.17 4.38 67.36
C ALA A 522 -57.39 4.13 68.24
N GLU A 523 -58.53 4.70 67.90
CA GLU A 523 -59.75 4.50 68.68
C GLU A 523 -60.48 3.21 68.32
N ARG A 524 -60.01 2.47 67.31
CA ARG A 524 -60.64 1.24 66.89
C ARG A 524 -59.71 0.04 66.97
N ALA A 525 -58.42 0.26 67.20
CA ALA A 525 -57.38 -0.77 67.27
C ALA A 525 -57.14 -1.48 65.95
N ASP A 526 -57.77 -1.04 64.88
CA ASP A 526 -57.55 -1.61 63.54
C ASP A 526 -58.01 -0.62 62.47
N GLY A 527 -57.52 0.60 62.52
CA GLY A 527 -57.95 1.63 61.61
C GLY A 527 -57.52 1.35 60.17
N LEU A 528 -58.04 2.19 59.27
CA LEU A 528 -57.75 2.06 57.85
C LEU A 528 -56.28 2.41 57.59
N LEU A 529 -55.51 1.42 57.14
CA LEU A 529 -54.11 1.59 56.83
C LEU A 529 -53.90 1.47 55.32
N ALA A 530 -52.67 1.16 54.91
CA ALA A 530 -52.31 1.00 53.50
C ALA A 530 -52.63 2.26 52.71
N GLU A 531 -52.42 3.42 53.32
CA GLU A 531 -52.67 4.70 52.68
C GLU A 531 -51.48 5.66 52.70
N VAL A 532 -50.50 5.45 53.57
CA VAL A 532 -49.32 6.31 53.65
C VAL A 532 -48.26 5.71 52.71
N VAL A 533 -48.09 6.34 51.56
CA VAL A 533 -47.12 5.88 50.57
C VAL A 533 -45.73 6.28 51.05
N GLY A 534 -44.92 5.29 51.42
CA GLY A 534 -43.58 5.53 51.89
C GLY A 534 -42.63 4.41 51.52
N PRO A 535 -41.67 4.12 52.41
CA PRO A 535 -40.72 3.03 52.12
C PRO A 535 -41.37 1.66 52.04
N ASP A 536 -42.53 1.46 52.67
CA ASP A 536 -43.19 0.16 52.63
C ASP A 536 -43.94 -0.08 51.33
N GLN A 537 -44.17 0.95 50.54
CA GLN A 537 -44.89 0.82 49.28
C GLN A 537 -43.99 0.93 48.05
N ILE A 538 -42.97 1.78 48.10
CA ILE A 538 -42.07 1.92 46.96
C ILE A 538 -41.16 0.71 46.85
N MET A 539 -40.67 0.19 47.98
CA MET A 539 -39.79 -0.97 47.95
C MET A 539 -40.53 -2.26 47.64
N GLU A 540 -41.86 -2.26 47.74
CA GLU A 540 -42.62 -3.48 47.45
C GLU A 540 -42.66 -3.75 45.95
N VAL A 541 -42.74 -2.70 45.14
CA VAL A 541 -42.78 -2.88 43.69
C VAL A 541 -41.42 -3.34 43.18
N VAL A 542 -40.34 -2.79 43.73
CA VAL A 542 -39.00 -3.18 43.30
C VAL A 542 -38.70 -4.61 43.73
N SER A 543 -39.19 -5.04 44.89
CA SER A 543 -38.94 -6.39 45.36
C SER A 543 -39.60 -7.44 44.48
N ARG A 544 -40.72 -7.10 43.85
CA ARG A 544 -41.41 -8.04 42.98
C ARG A 544 -40.78 -8.13 41.60
N TRP A 545 -40.24 -7.01 41.10
CA TRP A 545 -39.63 -7.01 39.77
C TRP A 545 -38.27 -7.69 39.79
N THR A 546 -37.46 -7.44 40.83
CA THR A 546 -36.13 -8.01 40.90
C THR A 546 -36.15 -9.36 41.62
N GLY A 547 -36.22 -9.34 42.95
CA GLY A 547 -36.25 -10.57 43.72
C GLY A 547 -35.77 -10.41 45.14
N ILE A 548 -35.00 -9.37 45.41
CA ILE A 548 -34.51 -9.12 46.77
C ILE A 548 -35.67 -8.69 47.65
N PRO A 549 -35.85 -9.29 48.83
CA PRO A 549 -36.98 -8.91 49.69
C PRO A 549 -36.86 -7.48 50.18
N VAL A 550 -37.97 -7.00 50.75
CA VAL A 550 -38.03 -5.62 51.24
C VAL A 550 -37.17 -5.46 52.49
N SER A 551 -37.02 -6.52 53.29
CA SER A 551 -36.27 -6.43 54.53
C SER A 551 -34.80 -6.09 54.30
N ASN A 552 -34.27 -6.39 53.12
CA ASN A 552 -32.88 -6.09 52.81
C ASN A 552 -32.68 -4.65 52.34
N LEU A 553 -33.75 -3.88 52.16
CA LEU A 553 -33.66 -2.50 51.72
C LEU A 553 -34.04 -1.49 52.79
N GLN A 554 -34.78 -1.89 53.82
CA GLN A 554 -35.20 -0.99 54.88
C GLN A 554 -34.15 -0.84 55.98
N ARG A 555 -32.93 -1.34 55.76
CA ARG A 555 -31.89 -1.23 56.77
C ARG A 555 -31.22 0.13 56.73
N SER A 556 -30.77 0.58 57.89
CA SER A 556 -30.11 1.88 58.00
C SER A 556 -28.72 1.84 57.40
N GLU A 557 -28.27 2.98 56.87
CA GLU A 557 -26.95 3.05 56.26
C GLU A 557 -25.85 3.00 57.31
N LYS A 558 -26.09 3.61 58.47
CA LYS A 558 -25.10 3.62 59.54
C LYS A 558 -25.01 2.30 60.29
N GLU A 559 -25.94 1.37 60.04
CA GLU A 559 -25.92 0.08 60.73
C GLU A 559 -25.43 -1.06 59.85
N LYS A 560 -25.44 -0.89 58.52
CA LYS A 560 -24.98 -1.95 57.63
C LYS A 560 -23.46 -1.99 57.54
N LEU A 561 -22.78 -0.85 57.67
CA LEU A 561 -21.33 -0.82 57.57
C LEU A 561 -20.66 -1.38 58.83
N LEU A 562 -21.37 -1.41 59.96
CA LEU A 562 -20.79 -1.96 61.18
C LEU A 562 -20.75 -3.48 61.15
N HIS A 563 -21.83 -4.11 60.70
CA HIS A 563 -21.92 -5.56 60.61
C HIS A 563 -21.52 -6.09 59.23
N MET A 564 -20.81 -5.28 58.44
CA MET A 564 -20.40 -5.74 57.11
C MET A 564 -19.25 -6.74 57.21
N GLU A 565 -18.34 -6.55 58.17
CA GLU A 565 -17.21 -7.46 58.32
C GLU A 565 -17.62 -8.81 58.89
N GLU A 566 -18.80 -8.89 59.52
CA GLU A 566 -19.27 -10.14 60.10
C GLU A 566 -20.12 -10.95 59.13
N TYR A 567 -20.73 -10.30 58.13
CA TYR A 567 -21.55 -11.03 57.17
C TYR A 567 -20.72 -11.74 56.11
N MET A 568 -19.56 -11.18 55.76
CA MET A 568 -18.71 -11.80 54.75
C MET A 568 -17.93 -12.99 55.29
N LYS A 569 -17.83 -13.12 56.62
CA LYS A 569 -17.12 -14.23 57.23
C LYS A 569 -17.97 -15.46 57.42
N GLN A 570 -19.23 -15.45 56.97
CA GLN A 570 -20.10 -16.60 57.12
C GLN A 570 -19.77 -17.69 56.11
N HIS A 571 -19.63 -17.32 54.84
CA HIS A 571 -19.30 -18.28 53.80
C HIS A 571 -17.80 -18.41 53.57
N VAL A 572 -17.07 -17.30 53.62
CA VAL A 572 -15.63 -17.31 53.42
C VAL A 572 -14.95 -17.42 54.79
N VAL A 573 -14.37 -18.58 55.07
CA VAL A 573 -13.69 -18.84 56.32
C VAL A 573 -12.24 -19.20 56.01
N GLY A 574 -11.31 -18.40 56.55
CA GLY A 574 -9.90 -18.64 56.33
C GLY A 574 -9.10 -17.35 56.20
N GLN A 575 -9.73 -16.32 55.66
CA GLN A 575 -9.09 -15.02 55.47
C GLN A 575 -9.62 -14.04 56.52
N ASP A 576 -9.18 -14.24 57.76
CA ASP A 576 -9.62 -13.37 58.84
C ASP A 576 -8.93 -12.00 58.80
N GLU A 577 -7.75 -11.94 58.18
CA GLU A 577 -7.00 -10.69 58.07
C GLU A 577 -7.23 -9.96 56.76
N ALA A 578 -7.98 -10.56 55.82
CA ALA A 578 -8.25 -9.94 54.53
C ALA A 578 -9.65 -9.34 54.45
N ILE A 579 -10.63 -9.95 55.12
CA ILE A 579 -11.99 -9.42 55.10
C ILE A 579 -12.07 -8.14 55.93
N LYS A 580 -11.33 -8.08 57.03
CA LYS A 580 -11.34 -6.89 57.88
C LYS A 580 -10.75 -5.68 57.15
N ALA A 581 -9.78 -5.91 56.27
CA ALA A 581 -9.18 -4.82 55.52
C ALA A 581 -10.08 -4.30 54.40
N ILE A 582 -11.15 -5.02 54.06
CA ILE A 582 -12.06 -4.56 53.02
C ILE A 582 -12.90 -3.40 53.52
N CYS A 583 -13.42 -3.50 54.75
CA CYS A 583 -14.25 -2.44 55.31
C CYS A 583 -13.44 -1.23 55.75
N ASP A 584 -12.11 -1.31 55.76
CA ASP A 584 -11.30 -0.17 56.17
C ASP A 584 -11.29 0.92 55.10
N ALA A 585 -11.43 0.56 53.83
CA ALA A 585 -11.44 1.53 52.75
C ALA A 585 -12.84 1.99 52.38
N ILE A 586 -13.87 1.22 52.73
CA ILE A 586 -15.24 1.61 52.41
C ILE A 586 -15.80 2.54 53.47
N ARG A 587 -15.58 2.22 54.75
CA ARG A 587 -16.09 3.05 55.83
C ARG A 587 -15.33 4.36 55.99
N LEU A 588 -14.17 4.50 55.33
CA LEU A 588 -13.39 5.72 55.43
C LEU A 588 -13.80 6.76 54.39
N SER A 589 -14.21 6.32 53.21
CA SER A 589 -14.61 7.23 52.13
C SER A 589 -16.08 7.66 52.22
N ARG A 590 -16.83 7.14 53.20
CA ARG A 590 -18.24 7.48 53.35
C ARG A 590 -18.50 8.35 54.57
N THR A 591 -17.46 8.70 55.33
CA THR A 591 -17.60 9.54 56.52
C THR A 591 -16.91 10.88 56.38
N GLY A 592 -16.51 11.26 55.17
CA GLY A 592 -15.83 12.51 54.94
C GLY A 592 -14.34 12.50 55.17
N LEU A 593 -13.75 11.34 55.44
CA LEU A 593 -12.31 11.24 55.68
C LEU A 593 -11.51 11.07 54.39
N GLN A 594 -12.16 11.03 53.24
CA GLN A 594 -11.49 10.87 51.95
C GLN A 594 -12.03 11.91 50.98
N ASN A 595 -11.17 12.32 50.05
CA ASN A 595 -11.57 13.31 49.05
C ASN A 595 -12.65 12.76 48.15
N ARG A 596 -13.59 13.63 47.75
CA ARG A 596 -14.70 13.22 46.91
C ARG A 596 -14.28 13.00 45.46
N ASN A 597 -13.10 13.47 45.07
CA ASN A 597 -12.62 13.29 43.70
C ASN A 597 -12.18 11.86 43.42
N ARG A 598 -12.03 11.02 44.44
CA ARG A 598 -11.62 9.64 44.28
C ARG A 598 -12.82 8.70 44.36
N PRO A 599 -12.74 7.53 43.72
CA PRO A 599 -13.86 6.58 43.80
C PRO A 599 -14.06 5.98 45.19
N LEU A 600 -14.86 4.92 45.26
CA LEU A 600 -15.15 4.27 46.53
C LEU A 600 -13.90 3.64 47.13
N ALA A 601 -13.46 2.52 46.56
CA ALA A 601 -12.28 1.82 47.05
C ALA A 601 -11.50 1.24 45.87
N SER A 602 -10.19 1.10 46.07
CA SER A 602 -9.30 0.54 45.06
C SER A 602 -8.55 -0.63 45.69
N PHE A 603 -8.85 -1.84 45.21
CA PHE A 603 -8.24 -3.06 45.72
C PHE A 603 -7.38 -3.71 44.66
N LEU A 604 -6.59 -4.70 45.08
CA LEU A 604 -5.71 -5.44 44.18
C LEU A 604 -5.51 -6.83 44.77
N PHE A 605 -6.32 -7.78 44.30
CA PHE A 605 -6.24 -9.15 44.80
C PHE A 605 -4.99 -9.83 44.24
N LEU A 606 -4.09 -10.22 45.14
CA LEU A 606 -2.84 -10.87 44.77
C LEU A 606 -2.75 -12.22 45.47
N GLY A 607 -1.67 -12.93 45.22
CA GLY A 607 -1.43 -14.23 45.81
C GLY A 607 -2.07 -15.35 45.02
N PRO A 608 -1.99 -16.57 45.53
CA PRO A 608 -2.60 -17.71 44.84
C PRO A 608 -4.11 -17.60 44.78
N THR A 609 -4.69 -18.30 43.81
CA THR A 609 -6.12 -18.31 43.61
C THR A 609 -6.76 -19.43 44.44
N GLY A 610 -8.08 -19.55 44.35
CA GLY A 610 -8.82 -20.57 45.07
C GLY A 610 -9.15 -20.23 46.50
N CYS A 611 -8.73 -19.06 46.99
CA CYS A 611 -9.03 -18.69 48.38
C CYS A 611 -10.44 -18.15 48.52
N GLY A 612 -10.89 -17.33 47.56
CA GLY A 612 -12.23 -16.76 47.61
C GLY A 612 -12.34 -15.44 46.88
N LYS A 613 -11.72 -15.35 45.71
CA LYS A 613 -11.77 -14.12 44.92
C LYS A 613 -13.10 -13.94 44.20
N THR A 614 -13.98 -14.93 44.23
CA THR A 614 -15.28 -14.85 43.59
C THR A 614 -16.42 -14.60 44.58
N LEU A 615 -16.42 -15.28 45.72
CA LEU A 615 -17.47 -15.08 46.72
C LEU A 615 -17.39 -13.70 47.36
N CYS A 616 -16.19 -13.15 47.49
CA CYS A 616 -16.06 -11.82 48.08
C CYS A 616 -16.61 -10.74 47.16
N VAL A 617 -16.60 -10.97 45.85
CA VAL A 617 -17.15 -10.00 44.91
C VAL A 617 -18.66 -10.10 44.86
N LYS A 618 -19.20 -11.32 44.90
CA LYS A 618 -20.65 -11.50 44.85
C LYS A 618 -21.31 -10.97 46.11
N GLU A 619 -20.67 -11.15 47.27
CA GLU A 619 -21.21 -10.65 48.52
C GLU A 619 -21.02 -9.14 48.69
N LEU A 620 -20.23 -8.50 47.82
CA LEU A 620 -20.04 -7.05 47.93
C LEU A 620 -21.25 -6.29 47.43
N ALA A 621 -21.80 -6.67 46.28
CA ALA A 621 -22.97 -6.00 45.72
C ALA A 621 -24.28 -6.53 46.29
N ALA A 622 -24.30 -7.78 46.75
CA ALA A 622 -25.52 -8.35 47.32
C ALA A 622 -25.82 -7.82 48.72
N PHE A 623 -24.82 -7.25 49.39
CA PHE A 623 -24.99 -6.70 50.73
C PHE A 623 -25.05 -5.18 50.74
N LEU A 624 -24.07 -4.52 50.12
CA LEU A 624 -24.06 -3.06 50.10
C LEU A 624 -25.07 -2.51 49.09
N PHE A 625 -24.95 -2.93 47.83
CA PHE A 625 -25.85 -2.47 46.79
C PHE A 625 -27.20 -3.19 46.79
N ASN A 626 -27.35 -4.24 47.61
CA ASN A 626 -28.59 -5.00 47.73
C ASN A 626 -29.03 -5.58 46.38
N ASP A 627 -28.07 -5.95 45.54
CA ASP A 627 -28.37 -6.53 44.24
C ASP A 627 -27.17 -7.33 43.74
N PRO A 628 -27.24 -8.67 43.78
CA PRO A 628 -26.10 -9.47 43.30
C PRO A 628 -25.94 -9.44 41.79
N GLY A 629 -26.97 -9.06 41.05
CA GLY A 629 -26.90 -9.01 39.60
C GLY A 629 -26.26 -7.78 39.02
N ALA A 630 -25.85 -6.83 39.85
CA ALA A 630 -25.21 -5.60 39.37
C ALA A 630 -23.69 -5.72 39.39
N ILE A 631 -23.18 -6.82 38.83
CA ILE A 631 -21.75 -7.10 38.78
C ILE A 631 -21.37 -7.42 37.35
N VAL A 632 -20.47 -6.62 36.79
CA VAL A 632 -19.99 -6.83 35.43
C VAL A 632 -18.66 -7.56 35.47
N ARG A 633 -18.36 -8.27 34.39
CA ARG A 633 -17.12 -9.05 34.29
C ARG A 633 -16.37 -8.60 33.05
N ILE A 634 -15.18 -8.06 33.26
CA ILE A 634 -14.31 -7.58 32.17
C ILE A 634 -13.08 -8.48 32.17
N ASP A 635 -13.09 -9.50 31.31
CA ASP A 635 -11.98 -10.44 31.20
C ASP A 635 -10.85 -9.76 30.44
N MET A 636 -9.84 -9.28 31.16
CA MET A 636 -8.70 -8.59 30.57
C MET A 636 -7.77 -9.62 29.95
N SER A 637 -8.09 -10.03 28.73
CA SER A 637 -7.29 -11.01 28.00
C SER A 637 -7.39 -10.76 26.50
N GLU A 638 -8.63 -10.62 26.00
CA GLU A 638 -8.84 -10.33 24.59
C GLU A 638 -8.71 -8.85 24.26
N TYR A 639 -8.64 -7.99 25.26
CA TYR A 639 -8.50 -6.55 25.06
C TYR A 639 -7.05 -6.11 24.93
N MET A 640 -6.11 -7.06 24.84
CA MET A 640 -4.68 -6.74 24.73
C MET A 640 -4.38 -6.35 23.28
N GLU A 641 -4.78 -5.12 22.94
CA GLU A 641 -4.57 -4.59 21.60
C GLU A 641 -4.13 -3.14 21.72
N LYS A 642 -3.88 -2.51 20.57
CA LYS A 642 -3.46 -1.11 20.54
C LYS A 642 -4.62 -0.14 20.40
N HIS A 643 -5.80 -0.62 19.99
CA HIS A 643 -6.97 0.23 19.83
C HIS A 643 -7.91 0.16 21.03
N ALA A 644 -7.38 -0.04 22.23
CA ALA A 644 -8.19 -0.13 23.45
C ALA A 644 -8.29 1.21 24.16
N VAL A 645 -8.40 2.31 23.42
CA VAL A 645 -8.51 3.65 23.99
C VAL A 645 -9.92 4.20 23.86
N SER A 646 -10.41 4.35 22.63
CA SER A 646 -11.74 4.86 22.36
C SER A 646 -12.78 3.75 22.19
N ARG A 647 -12.43 2.51 22.56
CA ARG A 647 -13.34 1.38 22.43
C ARG A 647 -13.86 0.87 23.77
N LEU A 648 -13.02 0.81 24.79
CA LEU A 648 -13.43 0.35 26.11
C LEU A 648 -14.31 1.39 26.80
N GLY A 662 -17.06 3.14 25.62
CA GLY A 662 -17.77 2.34 24.63
C GLY A 662 -18.47 1.13 25.22
N GLN A 663 -17.73 0.32 25.96
CA GLN A 663 -18.26 -0.88 26.59
C GLN A 663 -18.33 -0.74 28.11
N LEU A 664 -17.22 -0.37 28.75
CA LEU A 664 -17.23 -0.22 30.20
C LEU A 664 -17.83 1.12 30.62
N THR A 665 -17.65 2.17 29.82
CA THR A 665 -18.21 3.47 30.17
C THR A 665 -19.71 3.50 29.93
N GLU A 666 -20.18 2.87 28.86
CA GLU A 666 -21.61 2.87 28.57
C GLU A 666 -22.38 1.98 29.55
N ALA A 667 -21.73 0.94 30.09
CA ALA A 667 -22.41 0.05 31.01
C ALA A 667 -22.66 0.72 32.36
N VAL A 668 -21.69 1.51 32.84
CA VAL A 668 -21.84 2.19 34.13
C VAL A 668 -22.66 3.46 34.03
N ARG A 669 -22.94 3.95 32.83
CA ARG A 669 -23.76 5.14 32.68
C ARG A 669 -25.23 4.85 33.00
N ARG A 670 -25.75 3.74 32.49
CA ARG A 670 -27.13 3.35 32.76
C ARG A 670 -27.33 2.80 34.17
N ARG A 671 -26.25 2.62 34.93
CA ARG A 671 -26.34 2.08 36.27
C ARG A 671 -25.15 2.56 37.11
N PRO A 672 -25.27 3.71 37.78
CA PRO A 672 -24.14 4.19 38.59
C PRO A 672 -23.80 3.31 39.77
N TYR A 673 -24.75 2.52 40.27
CA TYR A 673 -24.51 1.63 41.40
C TYR A 673 -24.21 0.24 40.86
N THR A 674 -22.92 -0.01 40.61
CA THR A 674 -22.48 -1.29 40.08
C THR A 674 -21.06 -1.55 40.56
N VAL A 675 -20.59 -2.78 40.32
CA VAL A 675 -19.25 -3.21 40.71
C VAL A 675 -18.50 -3.60 39.45
N VAL A 676 -17.39 -2.90 39.17
CA VAL A 676 -16.56 -3.16 38.01
C VAL A 676 -15.44 -4.10 38.43
N LEU A 677 -15.36 -5.26 37.77
CA LEU A 677 -14.36 -6.27 38.06
C LEU A 677 -13.35 -6.33 36.92
N PHE A 678 -12.07 -6.33 37.27
CA PHE A 678 -10.98 -6.42 36.31
C PHE A 678 -10.31 -7.78 36.48
N ASP A 679 -10.86 -8.79 35.82
CA ASP A 679 -10.34 -10.15 35.90
C ASP A 679 -9.03 -10.25 35.12
N GLU A 680 -7.98 -10.74 35.78
CA GLU A 680 -6.67 -10.91 35.18
C GLU A 680 -6.14 -9.59 34.61
N MET A 681 -6.02 -8.60 35.50
CA MET A 681 -5.53 -7.27 35.13
C MET A 681 -4.00 -7.28 35.11
N GLU A 682 -3.45 -7.94 34.09
CA GLU A 682 -2.01 -8.04 33.91
C GLU A 682 -1.65 -8.41 32.49
N LYS A 683 -2.66 -8.82 31.71
CA LYS A 683 -2.45 -9.23 30.31
C LYS A 683 -2.84 -8.10 29.37
N ALA A 684 -2.14 -6.97 29.50
CA ALA A 684 -2.39 -5.80 28.66
C ALA A 684 -1.12 -4.97 28.57
N HIS A 685 -1.16 -3.96 27.71
CA HIS A 685 -0.03 -3.06 27.53
C HIS A 685 -0.13 -1.86 28.46
N LYS A 686 0.30 -0.70 27.99
CA LYS A 686 0.24 0.53 28.76
C LYS A 686 -0.86 1.47 28.31
N ASP A 687 -1.71 1.05 27.38
CA ASP A 687 -2.79 1.91 26.91
C ASP A 687 -3.91 1.99 27.93
N VAL A 688 -4.39 0.83 28.41
CA VAL A 688 -5.45 0.81 29.41
C VAL A 688 -4.97 1.11 30.81
N SER A 689 -3.65 1.08 31.04
CA SER A 689 -3.13 1.39 32.37
C SER A 689 -3.17 2.89 32.65
N ASN A 690 -2.88 3.70 31.63
CA ASN A 690 -2.93 5.14 31.80
C ASN A 690 -4.34 5.71 31.78
N LEU A 691 -5.29 4.99 31.18
CA LEU A 691 -6.67 5.47 31.16
C LEU A 691 -7.34 5.30 32.51
N LEU A 692 -7.03 4.22 33.23
CA LEU A 692 -7.60 3.99 34.55
C LEU A 692 -6.97 4.85 35.63
N LEU A 693 -5.85 5.52 35.34
CA LEU A 693 -5.22 6.37 36.35
C LEU A 693 -6.00 7.65 36.57
N GLN A 694 -6.61 8.20 35.52
CA GLN A 694 -7.39 9.43 35.67
C GLN A 694 -8.68 9.20 36.43
N ILE A 695 -9.15 7.95 36.53
CA ILE A 695 -10.38 7.68 37.26
C ILE A 695 -10.14 7.82 38.77
N LEU A 696 -8.99 7.36 39.25
CA LEU A 696 -8.65 7.44 40.66
C LEU A 696 -8.28 8.85 41.12
N ASP A 697 -8.16 9.80 40.19
CA ASP A 697 -7.80 11.17 40.52
C ASP A 697 -8.95 12.14 40.27
N ASP A 698 -9.39 12.28 39.02
CA ASP A 698 -10.47 13.20 38.72
C ASP A 698 -11.84 12.65 39.09
N GLY A 699 -12.02 11.32 38.99
CA GLY A 699 -13.28 10.69 39.31
C GLY A 699 -14.21 10.48 38.14
N HIS A 700 -13.79 10.84 36.93
CA HIS A 700 -14.63 10.68 35.75
C HIS A 700 -13.73 10.55 34.52
N CYS A 701 -14.20 9.79 33.54
CA CYS A 701 -13.46 9.56 32.31
C CYS A 701 -14.11 10.32 31.15
N THR A 702 -13.31 10.57 30.12
CA THR A 702 -13.77 11.28 28.92
C THR A 702 -14.34 10.27 27.93
N ASP A 703 -15.65 10.35 27.70
CA ASP A 703 -16.30 9.44 26.77
C ASP A 703 -16.07 9.89 25.33
N SER A 704 -16.11 8.92 24.41
CA SER A 704 -15.89 9.24 23.00
C SER A 704 -17.05 10.04 22.42
N LYS A 705 -18.27 9.77 22.89
CA LYS A 705 -19.43 10.51 22.39
C LYS A 705 -19.52 11.90 22.99
N GLY A 706 -18.91 12.12 24.15
CA GLY A 706 -18.94 13.42 24.79
C GLY A 706 -19.68 13.42 26.10
N ARG A 707 -19.34 12.50 26.99
CA ARG A 707 -19.97 12.39 28.31
C ARG A 707 -18.91 12.31 29.38
N ARG A 708 -19.32 12.62 30.61
CA ARG A 708 -18.44 12.60 31.79
C ARG A 708 -19.11 11.75 32.86
N VAL A 709 -18.93 10.43 32.77
CA VAL A 709 -19.53 9.51 33.72
C VAL A 709 -18.73 9.58 35.02
N ASP A 710 -19.38 10.06 36.08
CA ASP A 710 -18.70 10.18 37.38
C ASP A 710 -18.59 8.81 38.03
N PHE A 711 -17.34 8.41 38.33
CA PHE A 711 -17.07 7.13 38.97
C PHE A 711 -17.00 7.23 40.49
N LYS A 712 -17.77 8.13 41.09
CA LYS A 712 -17.74 8.30 42.53
C LYS A 712 -18.52 7.22 43.28
N ASN A 713 -19.36 6.47 42.59
CA ASN A 713 -20.16 5.42 43.21
C ASN A 713 -19.85 4.04 42.63
N THR A 714 -18.73 3.89 41.93
CA THR A 714 -18.34 2.62 41.31
C THR A 714 -17.02 2.18 41.94
N ILE A 715 -17.04 1.06 42.66
CA ILE A 715 -15.83 0.54 43.27
C ILE A 715 -14.95 -0.10 42.18
N ILE A 716 -13.64 0.00 42.38
CA ILE A 716 -12.66 -0.53 41.43
C ILE A 716 -11.88 -1.63 42.12
N VAL A 717 -12.08 -2.87 41.65
CA VAL A 717 -11.37 -4.02 42.18
C VAL A 717 -10.64 -4.72 41.04
N MET A 718 -9.51 -5.33 41.36
CA MET A 718 -8.68 -6.02 40.37
C MET A 718 -8.33 -7.40 40.89
N THR A 719 -7.85 -8.25 39.97
CA THR A 719 -7.47 -9.62 40.28
C THR A 719 -6.19 -9.95 39.53
N SER A 720 -5.15 -10.34 40.26
CA SER A 720 -3.87 -10.69 39.67
C SER A 720 -3.23 -11.78 40.52
N ASN A 721 -1.97 -12.11 40.20
CA ASN A 721 -1.25 -13.14 40.95
C ASN A 721 0.20 -12.77 41.21
N LEU A 722 0.61 -11.54 40.93
CA LEU A 722 1.99 -11.11 41.15
C LEU A 722 2.29 -10.95 42.63
N THR A 739 6.20 -13.68 54.41
CA THR A 739 5.52 -14.43 53.36
C THR A 739 4.76 -13.51 52.42
N LYS A 740 3.84 -12.73 52.98
CA LYS A 740 3.04 -11.79 52.19
C LYS A 740 3.79 -10.51 51.84
N ASN A 741 4.94 -10.25 52.48
CA ASN A 741 5.68 -9.04 52.19
C ASN A 741 6.42 -9.14 50.85
N ALA A 742 6.90 -10.33 50.51
CA ALA A 742 7.62 -10.54 49.25
C ALA A 742 6.68 -10.70 48.06
N VAL A 743 5.37 -10.84 48.28
CA VAL A 743 4.44 -11.01 47.18
C VAL A 743 4.02 -9.65 46.62
N LEU A 744 3.71 -8.70 47.50
CA LEU A 744 3.29 -7.36 47.06
C LEU A 744 4.43 -6.58 46.44
N ALA A 745 5.68 -6.93 46.74
CA ALA A 745 6.82 -6.22 46.16
C ALA A 745 7.04 -6.55 44.68
N THR A 746 6.51 -7.68 44.22
CA THR A 746 6.67 -8.05 42.81
C THR A 746 5.76 -7.22 41.90
N ALA A 747 4.51 -7.00 42.34
CA ALA A 747 3.57 -6.24 41.53
C ALA A 747 3.91 -4.76 41.47
N ARG A 748 4.73 -4.27 42.40
CA ARG A 748 5.12 -2.86 42.39
C ARG A 748 6.14 -2.55 41.30
N ARG A 749 6.83 -3.56 40.78
CA ARG A 749 7.82 -3.36 39.73
C ARG A 749 7.28 -3.61 38.33
N HIS A 750 6.12 -4.26 38.21
CA HIS A 750 5.53 -4.54 36.90
C HIS A 750 4.74 -3.35 36.36
N PHE A 751 3.91 -2.73 37.19
CA PHE A 751 3.11 -1.59 36.76
C PHE A 751 3.95 -0.32 36.88
N ALA A 752 3.31 0.83 36.67
CA ALA A 752 3.99 2.11 36.76
C ALA A 752 4.24 2.48 38.22
N ASN A 753 5.15 3.44 38.42
CA ASN A 753 5.48 3.88 39.77
C ASN A 753 4.35 4.71 40.36
N GLU A 754 3.71 5.56 39.56
CA GLU A 754 2.62 6.41 40.01
C GLU A 754 1.26 5.74 39.89
N PHE A 755 1.17 4.44 40.21
CA PHE A 755 -0.10 3.73 40.11
C PHE A 755 -0.23 2.70 41.23
N ILE A 756 0.87 2.02 41.56
CA ILE A 756 0.84 1.00 42.61
C ILE A 756 0.86 1.62 44.00
N ASN A 757 1.21 2.90 44.12
CA ASN A 757 1.21 3.57 45.42
C ASN A 757 -0.13 4.25 45.72
N ARG A 758 -0.89 4.62 44.70
CA ARG A 758 -2.18 5.26 44.89
C ARG A 758 -3.29 4.27 45.24
N ILE A 759 -2.97 2.98 45.34
CA ILE A 759 -3.97 1.98 45.71
C ILE A 759 -4.30 2.13 47.18
N ASP A 760 -5.60 2.03 47.50
CA ASP A 760 -6.07 2.17 48.88
C ASP A 760 -5.50 1.07 49.76
N GLU A 761 -5.89 -0.18 49.52
CA GLU A 761 -5.44 -1.32 50.29
C GLU A 761 -4.91 -2.39 49.36
N LEU A 762 -3.70 -2.89 49.66
CA LEU A 762 -3.09 -3.96 48.86
C LEU A 762 -3.30 -5.29 49.57
N ILE A 763 -4.55 -5.76 49.50
CA ILE A 763 -4.92 -7.02 50.14
C ILE A 763 -4.33 -8.19 49.35
N VAL A 764 -3.42 -8.92 49.98
CA VAL A 764 -2.77 -10.07 49.35
C VAL A 764 -3.27 -11.33 50.06
N PHE A 765 -3.93 -12.20 49.30
CA PHE A 765 -4.46 -13.44 49.86
C PHE A 765 -3.31 -14.42 50.07
N ASN A 766 -3.19 -14.92 51.30
CA ASN A 766 -2.14 -15.87 51.64
C ASN A 766 -2.62 -17.30 51.34
N ARG A 767 -1.93 -18.28 51.89
CA ARG A 767 -2.29 -19.67 51.67
C ARG A 767 -3.49 -20.06 52.53
N LEU A 768 -4.12 -21.16 52.15
CA LEU A 768 -5.29 -21.65 52.86
C LEU A 768 -4.87 -22.42 54.11
N THR A 769 -5.43 -22.05 55.25
CA THR A 769 -5.09 -22.72 56.50
C THR A 769 -5.76 -24.09 56.56
N PRO A 770 -5.02 -25.16 56.86
CA PRO A 770 -5.63 -26.49 56.88
C PRO A 770 -6.73 -26.65 57.92
N SER A 771 -6.68 -25.88 59.00
CA SER A 771 -7.71 -25.98 60.04
C SER A 771 -9.02 -25.34 59.62
N ASN A 772 -9.01 -24.48 58.61
CA ASN A 772 -10.21 -23.82 58.12
C ASN A 772 -10.80 -24.48 56.89
N ILE A 773 -10.13 -25.49 56.32
CA ILE A 773 -10.66 -26.16 55.15
C ILE A 773 -11.89 -27.00 55.51
N ARG A 774 -11.90 -27.59 56.70
CA ARG A 774 -13.03 -28.40 57.12
C ARG A 774 -14.30 -27.56 57.27
N LYS A 775 -14.15 -26.30 57.69
CA LYS A 775 -15.30 -25.40 57.84
C LYS A 775 -15.85 -24.92 56.51
N ILE A 776 -15.14 -25.10 55.41
CA ILE A 776 -15.61 -24.65 54.10
C ILE A 776 -16.50 -25.71 53.45
N VAL A 777 -16.10 -26.98 53.53
CA VAL A 777 -16.89 -28.06 52.93
C VAL A 777 -18.20 -28.30 53.67
N ASP A 778 -18.35 -27.77 54.88
CA ASP A 778 -19.58 -27.97 55.65
C ASP A 778 -20.65 -26.94 55.30
N VAL A 779 -20.26 -25.71 54.97
CA VAL A 779 -21.24 -24.69 54.63
C VAL A 779 -21.66 -24.77 53.17
N ARG A 780 -20.88 -25.43 52.32
CA ARG A 780 -21.26 -25.57 50.91
C ARG A 780 -22.29 -26.67 50.71
N LEU A 781 -22.18 -27.76 51.49
CA LEU A 781 -23.14 -28.84 51.38
C LEU A 781 -24.51 -28.46 51.96
N LYS A 782 -24.59 -27.35 52.69
CA LYS A 782 -25.88 -26.91 53.23
C LYS A 782 -26.81 -26.44 52.13
N GLU A 783 -26.28 -25.88 51.04
CA GLU A 783 -27.12 -25.45 49.94
C GLU A 783 -27.80 -26.63 49.25
N VAL A 784 -27.14 -27.79 49.21
CA VAL A 784 -27.77 -28.97 48.64
C VAL A 784 -28.88 -29.48 49.55
N GLN A 785 -28.69 -29.36 50.87
CA GLN A 785 -29.71 -29.79 51.81
C GLN A 785 -30.96 -28.91 51.74
N GLU A 786 -30.78 -27.62 51.43
CA GLU A 786 -31.92 -26.71 51.34
C GLU A 786 -32.83 -27.06 50.17
N ARG A 787 -32.26 -27.60 49.09
CA ARG A 787 -33.06 -28.00 47.94
C ARG A 787 -33.77 -29.33 48.13
N LEU A 788 -33.47 -30.06 49.21
CA LEU A 788 -34.10 -31.34 49.49
C LEU A 788 -35.02 -31.30 50.71
N ASP A 789 -35.10 -30.15 51.41
CA ASP A 789 -35.97 -30.06 52.57
C ASP A 789 -37.45 -30.00 52.16
N GLU A 790 -37.73 -29.52 50.96
CA GLU A 790 -39.11 -29.45 50.49
C GLU A 790 -39.67 -30.81 50.10
N LYS A 791 -38.80 -31.78 49.84
CA LYS A 791 -39.22 -33.13 49.48
C LYS A 791 -39.02 -34.14 50.60
N GLN A 792 -38.74 -33.66 51.82
CA GLN A 792 -38.52 -34.52 52.99
C GLN A 792 -37.39 -35.53 52.72
N ILE A 793 -36.25 -35.02 52.28
CA ILE A 793 -35.08 -35.83 51.99
C ILE A 793 -33.93 -35.35 52.88
N THR A 794 -33.41 -36.26 53.69
CA THR A 794 -32.33 -35.95 54.62
C THR A 794 -31.02 -36.47 54.03
N LEU A 795 -30.16 -35.55 53.61
CA LEU A 795 -28.86 -35.91 53.03
C LEU A 795 -27.82 -35.91 54.15
N ASP A 796 -27.38 -37.10 54.54
CA ASP A 796 -26.41 -37.26 55.62
C ASP A 796 -25.05 -37.65 55.04
N VAL A 797 -23.99 -37.02 55.55
CA VAL A 797 -22.62 -37.27 55.12
C VAL A 797 -21.81 -37.66 56.35
N ASP A 798 -21.12 -38.80 56.27
CA ASP A 798 -20.31 -39.26 57.38
C ASP A 798 -19.01 -38.47 57.47
N ASP A 799 -18.18 -38.83 58.46
CA ASP A 799 -16.92 -38.14 58.66
C ASP A 799 -15.83 -38.63 57.70
N LYS A 800 -16.09 -39.70 56.96
CA LYS A 800 -15.10 -40.21 56.02
C LYS A 800 -15.15 -39.49 54.69
N ALA A 801 -16.36 -39.14 54.22
CA ALA A 801 -16.50 -38.44 52.95
C ALA A 801 -16.10 -36.98 53.06
N LYS A 802 -16.13 -36.40 54.26
CA LYS A 802 -15.75 -35.00 54.41
C LYS A 802 -14.25 -34.80 54.27
N ASP A 803 -13.46 -35.83 54.58
CA ASP A 803 -12.01 -35.71 54.45
C ASP A 803 -11.56 -35.81 53.00
N LEU A 804 -12.28 -36.55 52.18
CA LEU A 804 -11.91 -36.68 50.77
C LEU A 804 -12.24 -35.42 49.99
N LEU A 805 -13.32 -34.73 50.36
CA LEU A 805 -13.73 -33.50 49.68
C LEU A 805 -12.96 -32.27 50.15
N ALA A 806 -11.95 -32.44 51.00
CA ALA A 806 -11.16 -31.34 51.53
C ALA A 806 -9.70 -31.39 51.10
N GLN A 807 -9.08 -32.57 51.16
CA GLN A 807 -7.67 -32.69 50.78
C GLN A 807 -7.48 -32.86 49.29
N GLN A 808 -8.56 -33.06 48.53
CA GLN A 808 -8.49 -33.24 47.09
C GLN A 808 -9.02 -32.04 46.31
N GLY A 809 -10.17 -31.50 46.72
CA GLY A 809 -10.74 -30.35 46.03
C GLY A 809 -10.11 -29.02 46.39
N PHE A 810 -9.23 -29.00 47.39
CA PHE A 810 -8.57 -27.77 47.83
C PHE A 810 -7.07 -27.96 47.80
N ASP A 811 -6.35 -26.90 47.44
CA ASP A 811 -4.89 -26.92 47.36
C ASP A 811 -4.39 -25.49 47.40
N PRO A 812 -3.28 -25.21 48.08
CA PRO A 812 -2.80 -23.81 48.12
C PRO A 812 -2.45 -23.24 46.76
N VAL A 813 -1.64 -23.95 45.98
CA VAL A 813 -1.23 -23.46 44.67
C VAL A 813 -1.81 -24.37 43.60
N TYR A 814 -3.11 -24.22 43.32
CA TYR A 814 -3.79 -24.99 42.28
C TYR A 814 -5.14 -24.38 41.96
N GLY A 815 -5.79 -23.80 42.97
CA GLY A 815 -7.09 -23.19 42.78
C GLY A 815 -8.23 -24.13 43.12
N ALA A 816 -9.37 -23.52 43.45
CA ALA A 816 -10.59 -24.28 43.78
C ALA A 816 -11.31 -24.61 42.48
N ARG A 817 -10.87 -25.68 41.83
CA ARG A 817 -11.44 -26.10 40.55
C ARG A 817 -12.02 -27.52 40.64
N PRO A 818 -11.34 -28.50 41.25
CA PRO A 818 -11.96 -29.83 41.38
C PRO A 818 -13.14 -29.88 42.33
N LEU A 819 -13.60 -28.74 42.86
CA LEU A 819 -14.74 -28.72 43.76
C LEU A 819 -16.01 -29.10 43.02
N ASN A 820 -16.45 -28.23 42.09
CA ASN A 820 -17.65 -28.50 41.31
C ASN A 820 -17.45 -29.63 40.30
N ARG A 821 -16.21 -29.99 39.98
CA ARG A 821 -15.95 -31.07 39.04
C ARG A 821 -16.22 -32.44 39.67
N LEU A 822 -15.98 -32.58 40.97
CA LEU A 822 -16.18 -33.85 41.67
C LEU A 822 -17.57 -33.97 42.26
N ILE A 823 -18.15 -32.86 42.74
CA ILE A 823 -19.47 -32.92 43.36
C ILE A 823 -20.54 -33.16 42.31
N GLN A 824 -20.47 -32.45 41.19
CA GLN A 824 -21.46 -32.58 40.13
C GLN A 824 -21.30 -33.85 39.30
N HIS A 825 -20.28 -34.66 39.57
CA HIS A 825 -20.04 -35.89 38.83
C HIS A 825 -20.05 -37.14 39.71
N ALA A 826 -19.77 -37.02 41.00
CA ALA A 826 -19.76 -38.17 41.90
C ALA A 826 -20.75 -38.05 43.06
N LEU A 827 -21.36 -36.88 43.25
CA LEU A 827 -22.32 -36.69 44.33
C LEU A 827 -23.68 -36.22 43.85
N LEU A 828 -23.72 -35.35 42.83
CA LEU A 828 -24.99 -34.86 42.31
C LEU A 828 -25.48 -35.66 41.11
N THR A 829 -24.57 -36.30 40.37
CA THR A 829 -24.98 -37.09 39.22
C THR A 829 -25.63 -38.40 39.63
N GLN A 830 -25.01 -39.11 40.58
CA GLN A 830 -25.58 -40.38 41.04
C GLN A 830 -26.87 -40.17 41.81
N LEU A 831 -26.98 -39.06 42.55
CA LEU A 831 -28.19 -38.80 43.31
C LEU A 831 -29.35 -38.40 42.41
N SER A 832 -29.06 -37.75 41.27
CA SER A 832 -30.13 -37.35 40.36
C SER A 832 -30.71 -38.55 39.62
N ARG A 833 -29.91 -39.59 39.40
CA ARG A 833 -30.41 -40.79 38.72
C ARG A 833 -31.31 -41.62 39.62
N LEU A 834 -31.02 -41.66 40.92
CA LEU A 834 -31.83 -42.44 41.85
C LEU A 834 -33.21 -41.82 42.08
N LEU A 835 -33.39 -40.54 41.74
CA LEU A 835 -34.67 -39.88 41.91
C LEU A 835 -35.63 -40.16 40.77
N LEU A 836 -35.24 -40.97 39.78
CA LEU A 836 -36.09 -41.29 38.64
C LEU A 836 -36.54 -42.74 38.64
N ASP A 837 -35.62 -43.69 38.83
CA ASP A 837 -35.97 -45.10 38.83
C ASP A 837 -36.63 -45.52 40.13
N GLY A 838 -36.24 -44.91 41.26
CA GLY A 838 -36.82 -45.26 42.54
C GLY A 838 -35.79 -45.55 43.61
N GLY A 839 -34.57 -45.04 43.42
CA GLY A 839 -33.50 -45.26 44.38
C GLY A 839 -33.69 -44.47 45.65
N VAL A 840 -33.94 -43.17 45.53
CA VAL A 840 -34.15 -42.29 46.67
C VAL A 840 -35.60 -41.80 46.61
N ARG A 841 -36.41 -42.22 47.57
CA ARG A 841 -37.80 -41.82 47.60
C ARG A 841 -37.99 -40.62 48.52
N PRO A 842 -38.86 -39.68 48.15
CA PRO A 842 -39.11 -38.52 49.02
C PRO A 842 -39.72 -38.90 50.35
N GLY A 843 -38.86 -39.19 51.34
CA GLY A 843 -39.33 -39.55 52.65
C GLY A 843 -38.33 -40.39 53.42
N GLU A 844 -37.16 -40.64 52.82
CA GLU A 844 -36.13 -41.42 53.46
C GLU A 844 -34.86 -40.60 53.67
N ILE A 845 -33.72 -41.26 53.78
CA ILE A 845 -32.44 -40.60 53.99
C ILE A 845 -31.53 -40.91 52.80
N ALA A 846 -30.46 -40.13 52.69
CA ALA A 846 -29.47 -40.27 51.61
C ALA A 846 -28.11 -40.51 52.26
N LYS A 847 -27.71 -41.78 52.33
CA LYS A 847 -26.44 -42.14 52.94
C LYS A 847 -25.32 -41.99 51.91
N VAL A 848 -24.35 -41.15 52.22
CA VAL A 848 -23.20 -40.91 51.35
C VAL A 848 -21.94 -41.31 52.10
N THR A 849 -21.28 -42.35 51.64
CA THR A 849 -20.06 -42.86 52.25
C THR A 849 -19.03 -43.13 51.17
N VAL A 850 -17.86 -43.60 51.59
CA VAL A 850 -16.76 -43.92 50.68
C VAL A 850 -16.73 -45.43 50.49
N ASP A 851 -16.67 -45.86 49.23
CA ASP A 851 -16.64 -47.28 48.90
C ASP A 851 -15.22 -47.82 49.08
N GLN A 852 -14.99 -49.06 48.63
CA GLN A 852 -13.68 -49.67 48.77
C GLN A 852 -12.67 -49.10 47.80
N GLU A 853 -13.12 -48.44 46.73
CA GLU A 853 -12.19 -47.86 45.76
C GLU A 853 -11.62 -46.54 46.26
N GLY A 854 -12.43 -45.74 46.95
CA GLY A 854 -11.97 -44.46 47.46
C GLY A 854 -12.61 -43.27 46.76
N GLU A 855 -13.89 -43.39 46.44
CA GLU A 855 -14.63 -42.33 45.76
C GLU A 855 -15.90 -42.02 46.55
N ILE A 856 -16.68 -41.09 46.02
CA ILE A 856 -17.94 -40.68 46.64
C ILE A 856 -19.07 -41.48 46.02
N ILE A 857 -19.71 -42.32 46.82
CA ILE A 857 -20.82 -43.15 46.37
C ILE A 857 -22.01 -42.94 47.29
N VAL A 858 -23.21 -43.05 46.73
CA VAL A 858 -24.46 -42.88 47.47
C VAL A 858 -25.08 -44.24 47.65
N ILE A 859 -25.30 -44.63 48.92
CA ILE A 859 -25.90 -45.93 49.23
C ILE A 859 -27.40 -45.84 48.91
N ARG A 860 -27.81 -46.51 47.83
CA ARG A 860 -29.21 -46.50 47.43
C ARG A 860 -30.02 -47.47 48.28
N ASN A 861 -31.33 -47.21 48.34
CA ASN A 861 -32.23 -48.05 49.13
C ASN A 861 -32.92 -49.07 48.24
N HIS A 862 -34.02 -48.66 47.60
CA HIS A 862 -34.76 -49.56 46.73
C HIS A 862 -34.07 -49.69 45.37
N GLY A 863 -34.57 -50.63 44.56
CA GLY A 863 -34.04 -50.89 43.25
C GLY A 863 -34.77 -50.13 42.15
N ILE A 864 -34.57 -50.58 40.92
CA ILE A 864 -35.21 -49.95 39.77
C ILE A 864 -36.65 -50.40 39.67
N SER B 3 -49.77 44.30 -7.12
CA SER B 3 -48.74 43.91 -6.17
C SER B 3 -47.42 44.61 -6.48
N SER B 4 -46.37 43.81 -6.67
CA SER B 4 -45.05 44.35 -6.97
C SER B 4 -44.29 43.33 -7.80
N MET B 5 -43.56 43.82 -8.80
CA MET B 5 -42.78 42.98 -9.69
C MET B 5 -41.31 42.99 -9.26
N GLN B 6 -40.62 41.90 -9.59
CA GLN B 6 -39.21 41.73 -9.25
C GLN B 6 -38.44 41.36 -10.51
N PHE B 7 -37.49 42.21 -10.89
CA PHE B 7 -36.66 41.99 -12.07
C PHE B 7 -35.21 41.78 -11.65
N THR B 8 -34.51 40.93 -12.40
CA THR B 8 -33.12 40.66 -12.13
C THR B 8 -32.24 41.80 -12.63
N ASP B 9 -30.95 41.73 -12.30
CA ASP B 9 -30.01 42.76 -12.73
C ASP B 9 -29.73 42.69 -14.22
N LYS B 10 -29.81 41.49 -14.81
CA LYS B 10 -29.59 41.36 -16.25
C LYS B 10 -30.78 41.91 -17.03
N ALA B 11 -32.00 41.64 -16.56
CA ALA B 11 -33.18 42.17 -17.23
C ALA B 11 -33.31 43.68 -17.04
N THR B 12 -32.79 44.21 -15.94
CA THR B 12 -32.84 45.65 -15.71
C THR B 12 -31.88 46.38 -16.64
N GLU B 13 -30.67 45.86 -16.80
CA GLU B 13 -29.70 46.48 -17.71
C GLU B 13 -30.04 46.25 -19.17
N THR B 14 -30.98 45.35 -19.48
CA THR B 14 -31.36 45.13 -20.86
C THR B 14 -32.06 46.37 -21.44
N LEU B 15 -32.97 46.97 -20.67
CA LEU B 15 -33.63 48.18 -21.13
C LEU B 15 -32.67 49.36 -21.12
N ASN B 16 -31.67 49.35 -20.25
CA ASN B 16 -30.68 50.43 -20.22
C ASN B 16 -29.72 50.32 -21.40
N ALA B 17 -29.32 49.10 -21.76
CA ALA B 17 -28.44 48.91 -22.91
C ALA B 17 -29.19 49.16 -24.22
N ALA B 18 -30.50 48.91 -24.24
CA ALA B 18 -31.28 49.18 -25.44
C ALA B 18 -31.45 50.68 -25.66
N ALA B 19 -31.54 51.45 -24.57
CA ALA B 19 -31.65 52.91 -24.70
C ALA B 19 -30.32 53.54 -25.07
N LYS B 20 -29.21 52.88 -24.75
CA LYS B 20 -27.90 53.40 -25.12
C LYS B 20 -27.67 53.30 -26.63
N TYR B 21 -28.09 52.18 -27.22
CA TYR B 21 -27.96 52.03 -28.67
C TYR B 21 -28.91 52.95 -29.42
N ALA B 22 -30.08 53.23 -28.85
CA ALA B 22 -31.03 54.14 -29.49
C ALA B 22 -30.69 55.60 -29.28
N ALA B 23 -29.84 55.91 -28.29
CA ALA B 23 -29.46 57.30 -28.07
C ALA B 23 -28.53 57.82 -29.16
N GLU B 24 -27.72 56.92 -29.74
CA GLU B 24 -26.82 57.33 -30.82
C GLU B 24 -27.54 57.55 -32.14
N ASN B 25 -28.75 57.00 -32.30
CA ASN B 25 -29.54 57.17 -33.51
C ASN B 25 -30.60 58.26 -33.38
N SER B 26 -30.44 59.16 -32.41
CA SER B 26 -31.35 60.27 -32.18
C SER B 26 -32.78 59.78 -31.94
N HIS B 27 -33.08 59.39 -30.69
CA HIS B 27 -34.40 58.93 -30.32
C HIS B 27 -34.76 59.47 -28.94
N VAL B 28 -36.06 59.67 -28.73
CA VAL B 28 -36.56 60.21 -27.47
C VAL B 28 -37.36 59.20 -26.66
N GLN B 29 -37.75 58.08 -27.26
CA GLN B 29 -38.52 57.05 -26.57
C GLN B 29 -37.86 55.69 -26.77
N LEU B 30 -38.15 54.78 -25.84
CA LEU B 30 -37.61 53.42 -25.88
C LEU B 30 -38.66 52.47 -26.40
N HIS B 31 -38.41 51.86 -27.55
CA HIS B 31 -39.35 50.93 -28.16
C HIS B 31 -38.96 49.49 -27.82
N PRO B 32 -39.94 48.62 -27.60
CA PRO B 32 -39.62 47.22 -27.27
C PRO B 32 -38.85 46.47 -28.34
N SER B 33 -38.80 46.99 -29.57
CA SER B 33 -38.04 46.33 -30.63
C SER B 33 -36.54 46.40 -30.40
N HIS B 34 -36.08 47.34 -29.56
CA HIS B 34 -34.65 47.44 -29.28
C HIS B 34 -34.15 46.32 -28.36
N VAL B 35 -35.07 45.62 -27.69
CA VAL B 35 -34.66 44.54 -26.80
C VAL B 35 -34.16 43.34 -27.60
N ALA B 36 -34.84 43.02 -28.70
CA ALA B 36 -34.44 41.89 -29.53
C ALA B 36 -33.12 42.14 -30.26
N VAL B 37 -32.76 43.40 -30.48
CA VAL B 37 -31.51 43.69 -31.17
C VAL B 37 -30.32 43.46 -30.24
N VAL B 38 -30.48 43.80 -28.96
CA VAL B 38 -29.38 43.63 -28.01
C VAL B 38 -29.14 42.15 -27.73
N MET B 39 -30.21 41.35 -27.65
CA MET B 39 -30.06 39.94 -27.37
C MET B 39 -29.40 39.18 -28.51
N LEU B 40 -29.47 39.69 -29.73
CA LEU B 40 -28.84 39.04 -30.88
C LEU B 40 -27.39 39.46 -31.07
N ASP B 41 -26.81 40.18 -30.10
CA ASP B 41 -25.43 40.62 -30.18
C ASP B 41 -24.64 40.21 -28.94
N GLU B 42 -25.05 39.11 -28.32
CA GLU B 42 -24.40 38.60 -27.11
C GLU B 42 -23.68 37.29 -27.42
N GLU B 43 -22.91 36.83 -26.44
CA GLU B 43 -22.15 35.58 -26.59
C GLU B 43 -22.98 34.42 -26.08
N ASN B 44 -23.26 33.46 -26.97
CA ASN B 44 -24.05 32.27 -26.64
C ASN B 44 -25.42 32.66 -26.10
N SER B 45 -26.16 33.42 -26.91
CA SER B 45 -27.48 33.88 -26.52
C SER B 45 -28.50 32.75 -26.64
N LEU B 46 -29.63 32.91 -25.94
CA LEU B 46 -30.70 31.93 -25.96
C LEU B 46 -31.83 32.28 -26.91
N PHE B 47 -31.88 33.53 -27.40
CA PHE B 47 -32.95 33.92 -28.31
C PHE B 47 -32.80 33.30 -29.69
N ARG B 48 -31.59 32.86 -30.05
CA ARG B 48 -31.35 32.26 -31.35
C ARG B 48 -31.55 30.75 -31.36
N SER B 49 -31.11 30.05 -30.31
CA SER B 49 -31.22 28.60 -30.28
C SER B 49 -32.67 28.15 -30.13
N ILE B 50 -33.50 28.93 -29.43
CA ILE B 50 -34.89 28.55 -29.24
C ILE B 50 -35.67 28.68 -30.55
N LEU B 51 -35.44 29.77 -31.29
CA LEU B 51 -36.13 29.96 -32.56
C LEU B 51 -35.66 28.97 -33.63
N GLU B 52 -34.47 28.40 -33.47
CA GLU B 52 -33.97 27.44 -34.46
C GLU B 52 -34.75 26.12 -34.40
N LYS B 53 -35.24 25.74 -33.22
CA LYS B 53 -36.00 24.50 -33.11
C LYS B 53 -37.35 24.61 -33.79
N ALA B 54 -38.00 25.76 -33.69
CA ALA B 54 -39.30 25.97 -34.32
C ALA B 54 -39.20 26.25 -35.82
N GLY B 55 -38.00 26.52 -36.33
CA GLY B 55 -37.83 26.80 -37.74
C GLY B 55 -37.82 28.29 -38.05
N GLY B 56 -38.48 28.68 -39.14
CA GLY B 56 -38.54 30.07 -39.53
C GLY B 56 -37.22 30.56 -40.08
N ASP B 57 -37.16 31.89 -40.26
CA ASP B 57 -35.98 32.57 -40.76
C ASP B 57 -35.66 33.73 -39.83
N VAL B 58 -34.56 33.60 -39.08
CA VAL B 58 -34.19 34.65 -38.13
C VAL B 58 -33.71 35.90 -38.87
N VAL B 59 -33.09 35.72 -40.04
CA VAL B 59 -32.60 36.86 -40.81
C VAL B 59 -33.77 37.74 -41.25
N SER B 60 -34.87 37.12 -41.68
CA SER B 60 -36.04 37.89 -42.06
C SER B 60 -36.69 38.57 -40.87
N ILE B 61 -36.54 37.99 -39.68
CA ILE B 61 -37.08 38.60 -38.46
C ILE B 61 -36.17 39.68 -37.91
N GLU B 62 -34.85 39.44 -37.97
CA GLU B 62 -33.90 40.44 -37.47
C GLU B 62 -33.94 41.71 -38.32
N ARG B 63 -34.05 41.56 -39.64
CA ARG B 63 -34.14 42.73 -40.51
C ARG B 63 -35.47 43.44 -40.37
N GLY B 64 -36.51 42.72 -39.94
CA GLY B 64 -37.80 43.36 -39.74
C GLY B 64 -37.85 44.19 -38.48
N PHE B 65 -37.15 43.75 -37.44
CA PHE B 65 -37.11 44.52 -36.19
C PHE B 65 -36.25 45.76 -36.32
N LYS B 66 -35.22 45.72 -37.17
CA LYS B 66 -34.35 46.88 -37.35
C LYS B 66 -35.02 47.99 -38.14
N LYS B 67 -36.04 47.66 -38.94
CA LYS B 67 -36.75 48.69 -39.70
C LYS B 67 -37.83 49.38 -38.88
N ILE B 68 -38.23 48.81 -37.75
CA ILE B 68 -39.25 49.44 -36.92
C ILE B 68 -38.66 50.59 -36.12
N MET B 69 -37.45 50.42 -35.59
CA MET B 69 -36.81 51.46 -34.80
C MET B 69 -36.42 52.66 -35.65
N VAL B 70 -36.26 52.49 -36.96
CA VAL B 70 -35.91 53.61 -37.82
C VAL B 70 -37.11 54.52 -38.02
N ARG B 71 -38.30 53.94 -38.12
CA ARG B 71 -39.52 54.73 -38.32
C ARG B 71 -39.96 55.46 -37.06
N GLN B 72 -39.26 55.31 -35.95
CA GLN B 72 -39.62 56.01 -34.73
C GLN B 72 -39.33 57.51 -34.87
N PRO B 73 -40.13 58.35 -34.23
CA PRO B 73 -39.91 59.80 -34.33
C PRO B 73 -38.62 60.20 -33.62
N HIS B 84 -40.71 57.22 -22.62
CA HIS B 84 -41.28 55.89 -22.62
C HIS B 84 -42.32 55.80 -23.73
N SER B 85 -42.14 54.84 -24.64
CA SER B 85 -43.07 54.66 -25.73
C SER B 85 -44.38 54.06 -25.21
N PRO B 86 -45.52 54.41 -25.81
CA PRO B 86 -46.80 53.81 -25.38
C PRO B 86 -46.83 52.30 -25.51
N GLU B 87 -46.10 51.73 -26.48
CA GLU B 87 -46.04 50.29 -26.62
C GLU B 87 -45.15 49.64 -25.56
N LEU B 88 -44.21 50.40 -24.98
CA LEU B 88 -43.35 49.84 -23.94
C LEU B 88 -44.09 49.70 -22.61
N ALA B 89 -45.08 50.56 -22.37
CA ALA B 89 -45.83 50.47 -21.13
C ALA B 89 -46.66 49.19 -21.06
N LYS B 90 -47.08 48.67 -22.21
CA LYS B 90 -47.83 47.41 -22.21
C LYS B 90 -46.92 46.23 -21.92
N LEU B 91 -45.63 46.34 -22.25
CA LEU B 91 -44.70 45.25 -21.95
C LEU B 91 -44.41 45.16 -20.46
N LEU B 92 -44.29 46.31 -19.79
CA LEU B 92 -44.06 46.31 -18.35
C LEU B 92 -45.29 45.87 -17.58
N HIS B 93 -46.49 46.16 -18.11
CA HIS B 93 -47.71 45.72 -17.45
C HIS B 93 -47.94 44.24 -17.61
N TYR B 94 -47.52 43.66 -18.75
CA TYR B 94 -47.68 42.23 -18.95
C TYR B 94 -46.71 41.44 -18.09
N ALA B 95 -45.54 42.02 -17.79
CA ALA B 95 -44.58 41.34 -16.94
C ALA B 95 -45.05 41.28 -15.49
N HIS B 96 -45.91 42.23 -15.09
CA HIS B 96 -46.44 42.23 -13.74
C HIS B 96 -47.73 41.42 -13.60
N GLU B 97 -48.55 41.39 -14.65
CA GLU B 97 -49.79 40.61 -14.62
C GLU B 97 -49.54 39.11 -14.82
N HIS B 98 -48.68 38.76 -15.76
CA HIS B 98 -48.35 37.36 -16.02
C HIS B 98 -47.29 36.81 -15.07
N MET B 99 -46.96 37.52 -14.00
CA MET B 99 -45.98 37.07 -13.03
C MET B 99 -46.56 36.07 -12.03
N LYS B 100 -47.85 35.76 -12.13
CA LYS B 100 -48.50 34.78 -11.27
C LYS B 100 -49.45 33.91 -12.09
N LYS B 101 -48.90 33.22 -13.09
CA LYS B 101 -49.73 32.45 -14.01
C LYS B 101 -49.21 31.04 -14.26
N GLN B 102 -47.94 30.92 -14.64
CA GLN B 102 -47.39 29.63 -15.06
C GLN B 102 -47.11 28.72 -13.87
N ARG B 103 -45.83 28.42 -13.63
CA ARG B 103 -45.44 27.51 -12.56
C ARG B 103 -44.14 27.94 -11.92
N ASP B 104 -43.06 27.19 -12.16
CA ASP B 104 -41.77 27.48 -11.57
C ASP B 104 -40.99 28.42 -12.50
N LEU B 105 -39.70 28.61 -12.19
CA LEU B 105 -38.78 29.46 -12.95
C LEU B 105 -39.17 30.93 -12.87
N TYR B 106 -38.27 31.76 -12.37
CA TYR B 106 -38.51 33.20 -12.25
C TYR B 106 -38.39 33.89 -13.60
N ILE B 107 -37.59 34.95 -13.66
CA ILE B 107 -37.36 35.71 -14.88
C ILE B 107 -35.89 35.57 -15.27
N ALA B 108 -35.63 35.47 -16.58
CA ALA B 108 -34.27 35.32 -17.07
C ALA B 108 -34.22 35.85 -18.50
N GLN B 109 -33.50 35.14 -19.38
CA GLN B 109 -33.38 35.55 -20.76
C GLN B 109 -34.35 34.81 -21.68
N ASP B 110 -34.70 33.56 -21.34
CA ASP B 110 -35.62 32.79 -22.16
C ASP B 110 -37.08 33.13 -21.89
N HIS B 111 -37.40 33.66 -20.70
CA HIS B 111 -38.77 34.01 -20.38
C HIS B 111 -39.22 35.30 -21.05
N LEU B 112 -38.29 36.12 -21.52
CA LEU B 112 -38.64 37.37 -22.19
C LEU B 112 -39.13 37.16 -23.61
N ILE B 113 -39.03 35.95 -24.14
CA ILE B 113 -39.50 35.69 -25.50
C ILE B 113 -41.02 35.68 -25.54
N LEU B 114 -41.66 35.07 -24.55
CA LEU B 114 -43.11 35.01 -24.50
C LEU B 114 -43.74 36.37 -24.22
N ALA B 115 -42.99 37.29 -23.61
CA ALA B 115 -43.52 38.62 -23.34
C ALA B 115 -43.62 39.45 -24.61
N LEU B 116 -42.69 39.24 -25.54
CA LEU B 116 -42.71 39.98 -26.80
C LEU B 116 -43.72 39.42 -27.79
N ALA B 117 -44.15 38.16 -27.60
CA ALA B 117 -45.11 37.56 -28.51
C ALA B 117 -46.52 38.07 -28.28
N ASP B 118 -46.82 38.58 -27.09
CA ASP B 118 -48.15 39.10 -26.78
C ASP B 118 -48.40 40.48 -27.36
N LEU B 119 -47.37 41.17 -27.80
CA LEU B 119 -47.54 42.50 -28.37
C LEU B 119 -48.04 42.40 -29.81
N PRO B 120 -49.12 43.10 -30.17
CA PRO B 120 -49.60 43.03 -31.56
C PRO B 120 -48.63 43.60 -32.57
N SER B 121 -47.79 44.56 -32.17
CA SER B 121 -46.83 45.13 -33.10
C SER B 121 -45.67 44.18 -33.40
N MET B 122 -45.32 43.32 -32.43
CA MET B 122 -44.23 42.37 -32.62
C MET B 122 -44.71 41.04 -33.19
N ALA B 123 -45.99 40.71 -33.06
CA ALA B 123 -46.51 39.46 -33.58
C ALA B 123 -46.70 39.48 -35.08
N GLN B 124 -46.85 40.65 -35.69
CA GLN B 124 -47.03 40.73 -37.12
C GLN B 124 -45.74 40.42 -37.88
N VAL B 125 -44.61 40.85 -37.32
CA VAL B 125 -43.32 40.60 -37.97
C VAL B 125 -42.97 39.11 -37.87
N LEU B 126 -43.31 38.48 -36.74
CA LEU B 126 -43.00 37.06 -36.58
C LEU B 126 -43.81 36.19 -37.52
N LYS B 127 -45.09 36.52 -37.71
CA LYS B 127 -45.93 35.72 -38.60
C LYS B 127 -45.51 35.91 -40.06
N GLU B 128 -45.03 37.09 -40.42
CA GLU B 128 -44.58 37.35 -41.78
C GLU B 128 -43.15 36.91 -42.03
N GLY B 129 -42.43 36.47 -41.00
CA GLY B 129 -41.06 36.02 -41.16
C GLY B 129 -40.94 34.52 -41.27
N GLY B 130 -41.67 33.79 -40.43
CA GLY B 130 -41.63 32.34 -40.46
C GLY B 130 -42.23 31.69 -39.22
N VAL B 131 -41.62 31.95 -38.07
CA VAL B 131 -42.09 31.37 -36.82
C VAL B 131 -43.42 32.03 -36.44
N THR B 132 -44.50 31.26 -36.50
CA THR B 132 -45.82 31.78 -36.18
C THR B 132 -46.04 31.75 -34.67
N LYS B 133 -47.30 31.91 -34.24
CA LYS B 133 -47.61 31.91 -32.82
C LYS B 133 -47.60 30.50 -32.24
N LYS B 134 -48.10 29.52 -33.01
CA LYS B 134 -48.13 28.15 -32.52
C LYS B 134 -46.74 27.53 -32.43
N SER B 135 -45.77 28.06 -33.18
CA SER B 135 -44.41 27.50 -33.13
C SER B 135 -43.65 27.98 -31.90
N LEU B 136 -44.06 29.09 -31.30
CA LEU B 136 -43.39 29.59 -30.11
C LEU B 136 -43.75 28.80 -28.86
N GLU B 137 -44.86 28.06 -28.87
CA GLU B 137 -45.25 27.27 -27.71
C GLU B 137 -44.38 26.04 -27.57
N ASN B 138 -44.15 25.32 -28.67
CA ASN B 138 -43.33 24.12 -28.64
C ASN B 138 -41.84 24.41 -28.62
N ALA B 139 -41.44 25.65 -28.92
CA ALA B 139 -40.02 25.99 -28.92
C ALA B 139 -39.49 26.21 -27.51
N VAL B 140 -40.29 26.82 -26.64
CA VAL B 140 -39.86 27.06 -25.26
C VAL B 140 -40.12 25.88 -24.34
N THR B 141 -40.64 24.78 -24.86
CA THR B 141 -40.90 23.60 -24.03
C THR B 141 -39.68 22.68 -23.96
N HIS B 142 -39.03 22.45 -25.11
CA HIS B 142 -37.86 21.57 -25.12
C HIS B 142 -36.67 22.21 -24.41
N VAL B 143 -36.55 23.53 -24.48
CA VAL B 143 -35.43 24.20 -23.81
C VAL B 143 -35.63 24.29 -22.30
N ARG B 144 -36.88 24.18 -21.82
CA ARG B 144 -37.14 24.24 -20.39
C ARG B 144 -36.70 22.96 -19.70
N GLY B 145 -37.45 21.87 -19.90
CA GLY B 145 -37.13 20.59 -19.29
C GLY B 145 -38.35 19.76 -18.96
N ALA B 157 -23.30 43.29 -10.17
CA ALA B 157 -23.92 41.97 -10.23
C ALA B 157 -24.88 41.87 -11.41
N TYR B 158 -25.00 40.66 -11.97
CA TYR B 158 -25.89 40.43 -13.10
C TYR B 158 -27.00 39.46 -12.71
N GLU B 159 -27.29 38.49 -13.58
CA GLU B 159 -28.34 37.51 -13.30
C GLU B 159 -27.86 36.46 -12.31
N ALA B 160 -26.81 35.73 -12.66
CA ALA B 160 -26.28 34.68 -11.79
C ALA B 160 -25.46 35.24 -10.63
N LEU B 161 -25.10 36.52 -10.67
CA LEU B 161 -24.33 37.13 -9.59
C LEU B 161 -25.20 37.70 -8.48
N SER B 162 -26.52 37.56 -8.58
CA SER B 162 -27.43 38.08 -7.56
C SER B 162 -28.02 36.97 -6.69
N LYS B 163 -28.40 35.84 -7.29
CA LYS B 163 -28.96 34.73 -6.53
C LYS B 163 -27.91 33.73 -6.08
N TYR B 164 -26.87 33.52 -6.87
CA TYR B 164 -25.80 32.59 -6.53
C TYR B 164 -24.57 33.27 -5.96
N CYS B 165 -24.51 34.59 -5.98
CA CYS B 165 -23.38 35.35 -5.46
C CYS B 165 -23.88 36.54 -4.66
N ILE B 166 -23.04 37.03 -3.75
CA ILE B 166 -23.35 38.17 -2.90
C ILE B 166 -22.26 39.20 -3.09
N ASP B 167 -22.62 40.37 -3.59
CA ASP B 167 -21.67 41.45 -3.80
C ASP B 167 -21.27 42.06 -2.47
N LEU B 168 -19.97 42.00 -2.14
CA LEU B 168 -19.49 42.55 -0.88
C LEU B 168 -19.43 44.07 -0.92
N THR B 169 -19.18 44.67 -2.09
CA THR B 169 -19.13 46.12 -2.20
C THR B 169 -20.48 46.76 -2.02
N GLU B 170 -21.57 46.03 -2.27
CA GLU B 170 -22.90 46.59 -2.07
C GLU B 170 -23.22 46.75 -0.59
N LEU B 171 -22.92 45.73 0.21
CA LEU B 171 -23.17 45.81 1.64
C LEU B 171 -22.16 46.71 2.35
N ALA B 172 -20.98 46.90 1.76
CA ALA B 172 -19.98 47.77 2.38
C ALA B 172 -20.34 49.25 2.20
N ALA B 173 -20.81 49.62 1.01
CA ALA B 173 -21.19 51.01 0.76
C ALA B 173 -22.53 51.38 1.38
N SER B 174 -23.36 50.39 1.73
CA SER B 174 -24.66 50.64 2.32
C SER B 174 -24.61 50.73 3.85
N GLY B 175 -23.41 50.73 4.43
CA GLY B 175 -23.30 50.82 5.88
C GLY B 175 -23.74 49.59 6.63
N LYS B 176 -23.73 48.42 5.98
CA LYS B 176 -24.15 47.17 6.62
C LYS B 176 -22.99 46.19 6.78
N LEU B 177 -21.77 46.69 6.91
CA LEU B 177 -20.59 45.86 7.08
C LEU B 177 -19.85 46.25 8.34
N ASP B 178 -19.34 45.25 9.06
CA ASP B 178 -18.60 45.52 10.29
C ASP B 178 -17.26 46.16 9.97
N PRO B 179 -16.83 47.15 10.75
CA PRO B 179 -15.53 47.78 10.50
C PRO B 179 -14.38 46.81 10.70
N VAL B 180 -13.32 47.01 9.93
CA VAL B 180 -12.12 46.18 9.97
C VAL B 180 -10.99 47.07 10.46
N ILE B 181 -10.55 46.86 11.70
CA ILE B 181 -9.47 47.62 12.31
C ILE B 181 -8.41 46.64 12.78
N GLY B 182 -7.18 46.81 12.30
CA GLY B 182 -6.08 45.95 12.65
C GLY B 182 -5.54 45.08 11.54
N ARG B 183 -5.91 45.34 10.28
CA ARG B 183 -5.46 44.55 9.14
C ARG B 183 -4.78 45.43 8.10
N ASP B 184 -4.10 46.48 8.53
CA ASP B 184 -3.42 47.38 7.60
C ASP B 184 -2.20 46.74 6.97
N GLU B 185 -1.59 45.75 7.63
CA GLU B 185 -0.41 45.08 7.09
C GLU B 185 -0.75 43.90 6.20
N ILE B 186 -2.04 43.56 6.05
CA ILE B 186 -2.47 42.45 5.22
C ILE B 186 -3.21 42.93 3.99
N ILE B 187 -4.10 43.92 4.15
CA ILE B 187 -4.86 44.43 3.01
C ILE B 187 -3.92 45.11 2.02
N SER B 188 -2.91 45.84 2.51
CA SER B 188 -1.97 46.51 1.63
C SER B 188 -1.13 45.53 0.83
N ARG B 189 -0.93 44.30 1.33
CA ARG B 189 -0.16 43.31 0.59
C ARG B 189 -0.97 42.69 -0.54
N VAL B 190 -2.29 42.53 -0.34
CA VAL B 190 -3.13 41.96 -1.39
C VAL B 190 -3.21 42.88 -2.58
N ILE B 191 -3.18 44.20 -2.35
CA ILE B 191 -3.25 45.16 -3.46
C ILE B 191 -2.01 45.02 -4.35
N ARG B 192 -0.85 44.79 -3.75
CA ARG B 192 0.37 44.63 -4.53
C ARG B 192 0.36 43.34 -5.34
N VAL B 193 -0.33 42.31 -4.86
CA VAL B 193 -0.41 41.06 -5.60
C VAL B 193 -1.30 41.20 -6.82
N LEU B 194 -2.43 41.90 -6.68
CA LEU B 194 -3.35 42.09 -7.79
C LEU B 194 -2.78 42.99 -8.87
N SER B 195 -1.83 43.87 -8.53
CA SER B 195 -1.23 44.76 -9.51
C SER B 195 -0.14 44.09 -10.33
N ARG B 196 0.29 42.89 -9.96
CA ARG B 196 1.33 42.19 -10.69
C ARG B 196 0.76 41.52 -11.94
N ARG B 197 1.65 41.22 -12.88
CA ARG B 197 1.23 40.55 -14.11
C ARG B 197 0.93 39.08 -13.86
N THR B 198 1.91 38.36 -13.31
CA THR B 198 1.75 36.95 -12.99
C THR B 198 1.44 36.78 -11.51
N LYS B 199 0.91 35.60 -11.18
CA LYS B 199 0.53 35.25 -9.81
C LYS B 199 -0.46 36.27 -9.23
N ASN B 200 -1.44 36.65 -10.05
CA ASN B 200 -2.46 37.63 -9.66
C ASN B 200 -3.67 36.98 -8.99
N ASN B 201 -3.45 35.97 -8.16
CA ASN B 201 -4.52 35.27 -7.46
C ASN B 201 -4.11 35.10 -6.00
N PRO B 202 -4.44 36.06 -5.14
CA PRO B 202 -4.07 35.94 -3.73
C PRO B 202 -4.80 34.79 -3.05
N CYS B 203 -4.18 34.28 -1.99
CA CYS B 203 -4.74 33.17 -1.22
C CYS B 203 -4.42 33.42 0.26
N LEU B 204 -5.44 33.85 1.01
CA LEU B 204 -5.28 34.16 2.43
C LEU B 204 -5.10 32.85 3.19
N VAL B 205 -3.85 32.38 3.22
CA VAL B 205 -3.51 31.14 3.91
C VAL B 205 -3.39 31.43 5.40
N GLY B 206 -4.23 30.79 6.20
CA GLY B 206 -4.21 31.00 7.64
C GLY B 206 -4.79 29.81 8.36
N GLU B 207 -5.45 30.08 9.48
CA GLU B 207 -6.06 29.06 10.31
C GLU B 207 -7.51 29.43 10.62
N PRO B 208 -8.38 28.42 10.79
CA PRO B 208 -9.78 28.73 11.11
C PRO B 208 -9.95 29.31 12.50
N GLY B 209 -9.64 30.59 12.66
CA GLY B 209 -9.75 31.26 13.94
C GLY B 209 -8.99 32.57 14.00
N VAL B 210 -8.11 32.80 13.03
CA VAL B 210 -7.34 34.04 12.99
C VAL B 210 -7.98 35.11 12.12
N GLY B 211 -9.03 34.77 11.38
CA GLY B 211 -9.70 35.74 10.53
C GLY B 211 -9.30 35.63 9.07
N LYS B 212 -10.24 35.26 8.22
CA LYS B 212 -10.00 35.13 6.79
C LYS B 212 -11.03 35.85 5.95
N THR B 213 -12.31 35.78 6.31
CA THR B 213 -13.34 36.46 5.54
C THR B 213 -13.36 37.95 5.83
N ALA B 214 -13.11 38.34 7.08
CA ALA B 214 -13.11 39.75 7.44
C ALA B 214 -11.95 40.52 6.83
N ILE B 215 -10.91 39.83 6.36
CA ILE B 215 -9.80 40.52 5.72
C ILE B 215 -10.24 41.12 4.39
N ALA B 216 -11.00 40.36 3.59
CA ALA B 216 -11.49 40.88 2.32
C ALA B 216 -12.58 41.92 2.50
N GLU B 217 -13.16 42.02 3.70
CA GLU B 217 -14.20 43.01 3.93
C GLU B 217 -13.61 44.42 3.95
N GLY B 218 -12.40 44.59 4.48
CA GLY B 218 -11.76 45.88 4.49
C GLY B 218 -11.25 46.33 3.13
N LEU B 219 -11.03 45.40 2.22
CA LEU B 219 -10.55 45.76 0.89
C LEU B 219 -11.65 46.43 0.07
N ALA B 220 -12.90 45.99 0.25
CA ALA B 220 -14.01 46.59 -0.48
C ALA B 220 -14.37 47.97 0.04
N ASN B 221 -13.97 48.30 1.28
CA ASN B 221 -14.25 49.62 1.82
C ASN B 221 -13.38 50.68 1.15
N ARG B 222 -12.15 50.32 0.78
CA ARG B 222 -11.25 51.26 0.13
C ARG B 222 -11.54 51.43 -1.36
N ILE B 223 -12.44 50.63 -1.92
CA ILE B 223 -12.76 50.76 -3.35
C ILE B 223 -13.69 51.94 -3.57
N VAL B 224 -14.73 52.07 -2.76
CA VAL B 224 -15.67 53.17 -2.93
C VAL B 224 -15.04 54.49 -2.48
N LYS B 225 -14.25 54.45 -1.41
CA LYS B 225 -13.59 55.67 -0.92
C LYS B 225 -12.56 56.18 -1.90
N GLY B 226 -11.96 55.31 -2.70
CA GLY B 226 -10.96 55.70 -3.66
C GLY B 226 -9.52 55.54 -3.22
N ASP B 227 -9.26 54.77 -2.16
CA ASP B 227 -7.90 54.57 -1.68
C ASP B 227 -7.13 53.55 -2.49
N ILE B 228 -7.79 52.83 -3.40
CA ILE B 228 -7.12 51.83 -4.24
C ILE B 228 -6.45 52.55 -5.42
N PRO B 229 -5.35 52.03 -5.94
CA PRO B 229 -4.70 52.67 -7.08
C PRO B 229 -5.57 52.59 -8.34
N SER B 230 -5.15 53.35 -9.36
CA SER B 230 -5.88 53.36 -10.62
C SER B 230 -5.73 52.06 -11.39
N SER B 231 -4.72 51.24 -11.08
CA SER B 231 -4.54 49.98 -11.77
C SER B 231 -5.59 48.95 -11.39
N LEU B 232 -6.30 49.16 -10.27
CA LEU B 232 -7.33 48.25 -9.81
C LEU B 232 -8.65 48.99 -9.73
N GLN B 233 -9.65 48.50 -10.46
CA GLN B 233 -10.97 49.13 -10.45
C GLN B 233 -12.09 48.10 -10.48
N LYS B 234 -11.80 46.84 -10.14
CA LYS B 234 -12.80 45.79 -10.17
C LYS B 234 -13.65 45.82 -8.89
N LYS B 235 -14.59 44.88 -8.79
CA LYS B 235 -15.47 44.76 -7.65
C LYS B 235 -15.13 43.48 -6.87
N VAL B 236 -15.91 43.22 -5.83
CA VAL B 236 -15.73 42.05 -4.99
C VAL B 236 -17.05 41.29 -4.93
N TYR B 237 -17.02 40.02 -5.31
CA TYR B 237 -18.19 39.16 -5.30
C TYR B 237 -17.89 37.90 -4.50
N SER B 238 -18.72 37.61 -3.50
CA SER B 238 -18.55 36.43 -2.66
C SER B 238 -19.24 35.25 -3.33
N LEU B 239 -18.45 34.30 -3.83
CA LEU B 239 -18.98 33.11 -4.50
C LEU B 239 -19.54 32.16 -3.44
N ASP B 240 -20.85 31.94 -3.47
CA ASP B 240 -21.50 31.05 -2.52
C ASP B 240 -21.40 29.61 -3.02
N ILE B 241 -20.80 28.74 -2.21
CA ILE B 241 -20.65 27.34 -2.61
C ILE B 241 -21.96 26.58 -2.39
N GLY B 242 -22.64 26.83 -1.27
CA GLY B 242 -23.88 26.12 -1.00
C GLY B 242 -25.01 26.52 -1.92
N SER B 243 -24.95 27.72 -2.49
CA SER B 243 -26.00 28.17 -3.40
C SER B 243 -25.87 27.52 -4.78
N LEU B 244 -24.66 27.21 -5.21
CA LEU B 244 -24.46 26.58 -6.51
C LEU B 244 -24.87 25.12 -6.52
N LEU B 245 -24.88 24.46 -5.36
CA LEU B 245 -25.26 23.06 -5.25
C LEU B 245 -26.74 22.87 -4.96
N ALA B 246 -27.56 23.91 -5.14
CA ALA B 246 -28.99 23.81 -4.89
C ALA B 246 -29.65 23.08 -6.05
N GLY B 247 -30.13 21.87 -5.79
CA GLY B 247 -30.79 21.08 -6.82
C GLY B 247 -29.83 20.15 -7.55
N ALA B 248 -30.08 19.94 -8.84
CA ALA B 248 -29.23 19.07 -9.64
C ALA B 248 -27.99 19.81 -10.14
N GLY B 252 -25.39 16.92 -13.22
CA GLY B 252 -26.51 17.03 -14.12
C GLY B 252 -26.78 18.46 -14.58
N GLU B 253 -27.32 19.28 -13.70
CA GLU B 253 -27.63 20.66 -13.99
C GLU B 253 -26.64 21.64 -13.37
N PHE B 254 -25.53 21.14 -12.83
CA PHE B 254 -24.54 22.03 -12.22
C PHE B 254 -23.70 22.75 -13.26
N GLU B 255 -23.58 22.19 -14.47
CA GLU B 255 -22.80 22.83 -15.52
C GLU B 255 -23.46 24.10 -16.03
N GLU B 256 -24.80 24.15 -16.02
CA GLU B 256 -25.51 25.33 -16.47
C GLU B 256 -25.44 26.48 -15.47
N ARG B 257 -25.14 26.19 -14.20
CA ARG B 257 -25.04 27.24 -13.19
C ARG B 257 -23.61 27.74 -13.01
N LEU B 258 -22.62 26.88 -13.20
CA LEU B 258 -21.23 27.29 -13.04
C LEU B 258 -20.73 28.07 -14.25
N LYS B 259 -21.14 27.67 -15.45
CA LYS B 259 -20.70 28.37 -16.65
C LYS B 259 -21.37 29.74 -16.78
N ALA B 260 -22.54 29.91 -16.17
CA ALA B 260 -23.23 31.20 -16.24
C ALA B 260 -22.53 32.25 -15.37
N VAL B 261 -21.90 31.83 -14.28
CA VAL B 261 -21.21 32.78 -13.40
C VAL B 261 -19.89 33.22 -14.05
N LEU B 262 -19.16 32.29 -14.66
CA LEU B 262 -17.89 32.62 -15.28
C LEU B 262 -18.08 33.51 -16.52
N LYS B 263 -19.23 33.38 -17.19
CA LYS B 263 -19.47 34.20 -18.38
C LYS B 263 -19.81 35.63 -17.99
N GLU B 264 -20.53 35.82 -16.89
CA GLU B 264 -20.90 37.16 -16.47
C GLU B 264 -19.71 37.92 -15.87
N LEU B 265 -18.74 37.20 -15.32
CA LEU B 265 -17.56 37.85 -14.74
C LEU B 265 -16.51 38.20 -15.79
N LYS B 266 -16.61 37.64 -16.99
CA LYS B 266 -15.63 37.93 -18.03
C LYS B 266 -15.96 39.24 -18.76
N GLU B 267 -17.23 39.43 -19.11
CA GLU B 267 -17.65 40.63 -19.82
C GLU B 267 -17.79 41.84 -18.91
N ALA B 268 -17.81 41.64 -17.59
CA ALA B 268 -17.95 42.74 -16.64
C ALA B 268 -16.64 43.11 -15.95
N GLN B 269 -15.64 42.23 -16.00
CA GLN B 269 -14.34 42.46 -15.36
C GLN B 269 -14.49 42.73 -13.88
N ALA B 270 -14.50 41.66 -13.07
CA ALA B 270 -14.65 41.78 -11.63
C ALA B 270 -13.86 40.68 -10.94
N ILE B 271 -13.52 40.93 -9.68
CA ILE B 271 -12.76 39.98 -8.87
C ILE B 271 -13.75 39.25 -7.97
N VAL B 272 -13.74 37.92 -8.04
CA VAL B 272 -14.65 37.08 -7.26
C VAL B 272 -13.91 36.57 -6.04
N PHE B 273 -14.61 36.47 -4.92
CA PHE B 273 -14.06 35.96 -3.67
C PHE B 273 -14.62 34.57 -3.41
N ILE B 274 -13.71 33.63 -3.12
CA ILE B 274 -14.07 32.23 -2.88
C ILE B 274 -13.68 31.89 -1.45
N ASP B 275 -14.68 31.58 -0.62
CA ASP B 275 -14.44 31.16 0.76
C ASP B 275 -14.18 29.67 0.80
N GLU B 276 -13.09 29.29 1.47
CA GLU B 276 -12.66 27.89 1.54
C GLU B 276 -12.49 27.29 0.15
N ILE B 277 -11.40 27.63 -0.51
CA ILE B 277 -11.15 27.18 -1.88
C ILE B 277 -10.81 25.70 -1.95
N HIS B 278 -10.42 25.08 -0.83
CA HIS B 278 -10.07 23.67 -0.83
C HIS B 278 -11.27 22.76 -1.05
N THR B 279 -12.49 23.26 -0.89
CA THR B 279 -13.70 22.47 -1.07
C THR B 279 -14.26 22.53 -2.49
N VAL B 280 -14.13 23.67 -3.17
CA VAL B 280 -14.64 23.81 -4.52
C VAL B 280 -13.57 23.61 -5.58
N LEU B 281 -12.31 23.88 -5.27
CA LEU B 281 -11.19 23.72 -6.21
C LEU B 281 -10.34 22.54 -5.74
N GLY B 282 -10.41 21.43 -6.47
CA GLY B 282 -9.67 20.24 -6.12
C GLY B 282 -10.50 18.99 -6.12
N ALA B 283 -11.81 19.14 -6.34
CA ALA B 283 -12.72 18.01 -6.36
C ALA B 283 -13.31 17.80 -7.76
N ALA B 289 -16.91 15.48 -5.40
CA ALA B 289 -17.99 14.82 -6.11
C ALA B 289 -18.10 15.35 -7.54
N ILE B 290 -18.82 16.45 -7.72
CA ILE B 290 -18.99 17.05 -9.04
C ILE B 290 -17.74 17.83 -9.39
N ASP B 291 -17.20 17.58 -10.59
CA ASP B 291 -16.01 18.25 -11.05
C ASP B 291 -16.31 19.71 -11.34
N ALA B 292 -15.82 20.61 -10.49
CA ALA B 292 -16.04 22.04 -10.63
C ALA B 292 -14.77 22.85 -10.79
N ALA B 293 -13.61 22.28 -10.46
CA ALA B 293 -12.34 23.00 -10.58
C ALA B 293 -11.83 23.06 -12.02
N ASN B 294 -12.41 22.28 -12.94
CA ASN B 294 -11.96 22.29 -14.33
C ASN B 294 -12.41 23.53 -15.08
N LEU B 295 -13.46 24.20 -14.61
CA LEU B 295 -13.96 25.41 -15.26
C LEU B 295 -13.22 26.66 -14.81
N LEU B 296 -12.40 26.58 -13.76
CA LEU B 296 -11.66 27.73 -13.26
C LEU B 296 -10.19 27.72 -13.66
N LYS B 297 -9.70 26.61 -14.24
CA LYS B 297 -8.29 26.56 -14.62
C LYS B 297 -8.00 27.37 -15.88
N PRO B 298 -8.76 27.25 -16.99
CA PRO B 298 -8.47 28.09 -18.16
C PRO B 298 -8.71 29.57 -17.92
N MET B 299 -9.60 29.93 -16.99
CA MET B 299 -9.88 31.33 -16.73
C MET B 299 -8.75 32.00 -15.96
N LEU B 300 -8.21 31.32 -14.95
CA LEU B 300 -7.12 31.87 -14.15
C LEU B 300 -5.78 31.81 -14.85
N ALA B 301 -5.66 31.05 -15.94
CA ALA B 301 -4.40 30.94 -16.66
C ALA B 301 -4.24 32.04 -17.71
N ARG B 302 -5.33 32.44 -18.36
CA ARG B 302 -5.27 33.48 -19.39
C ARG B 302 -5.39 34.88 -18.82
N GLY B 303 -5.46 35.03 -17.50
CA GLY B 303 -5.56 36.35 -16.90
C GLY B 303 -6.92 36.98 -16.98
N GLU B 304 -7.96 36.23 -17.37
CA GLU B 304 -9.31 36.75 -17.47
C GLU B 304 -10.12 36.53 -16.20
N LEU B 305 -9.48 36.16 -15.10
CA LEU B 305 -10.18 35.92 -13.85
C LEU B 305 -9.20 36.14 -12.70
N ARG B 306 -9.70 36.78 -11.63
CA ARG B 306 -8.91 37.04 -10.44
C ARG B 306 -9.68 36.52 -9.23
N CYS B 307 -9.11 35.55 -8.53
CA CYS B 307 -9.74 34.95 -7.37
C CYS B 307 -8.92 35.23 -6.12
N ILE B 308 -9.61 35.34 -4.99
CA ILE B 308 -8.99 35.59 -3.69
C ILE B 308 -9.29 34.38 -2.82
N GLY B 309 -8.25 33.58 -2.55
CA GLY B 309 -8.43 32.38 -1.75
C GLY B 309 -8.32 32.65 -0.27
N ALA B 310 -8.93 31.75 0.51
CA ALA B 310 -8.90 31.84 1.96
C ALA B 310 -9.15 30.47 2.59
N THR B 311 -8.20 29.55 2.42
CA THR B 311 -8.32 28.19 2.91
C THR B 311 -7.41 27.97 4.12
N THR B 312 -7.38 26.74 4.60
CA THR B 312 -6.57 26.37 5.75
C THR B 312 -5.24 25.79 5.29
N LEU B 313 -4.18 26.09 6.05
CA LEU B 313 -2.84 25.59 5.71
C LEU B 313 -2.79 24.07 5.73
N THR B 314 -3.66 23.44 6.51
CA THR B 314 -3.68 21.97 6.55
C THR B 314 -4.07 21.39 5.20
N GLU B 315 -5.11 21.95 4.58
CA GLU B 315 -5.56 21.51 3.26
C GLU B 315 -4.92 22.29 2.12
N TYR B 316 -4.07 23.27 2.42
CA TYR B 316 -3.42 24.04 1.37
C TYR B 316 -2.30 23.26 0.70
N ARG B 317 -1.63 22.36 1.42
CA ARG B 317 -0.55 21.57 0.87
C ARG B 317 -1.03 20.35 0.11
N GLN B 318 -2.34 20.13 0.02
CA GLN B 318 -2.89 18.98 -0.69
C GLN B 318 -3.73 19.36 -1.90
N TYR B 319 -3.97 20.64 -2.15
CA TYR B 319 -4.76 21.08 -3.28
C TYR B 319 -4.13 22.20 -4.10
N VAL B 320 -3.08 22.85 -3.60
CA VAL B 320 -2.41 23.93 -4.30
C VAL B 320 -0.94 23.60 -4.57
N GLU B 321 -0.20 23.25 -3.52
CA GLU B 321 1.21 22.92 -3.69
C GLU B 321 1.42 21.56 -4.34
N LYS B 322 0.41 20.70 -4.37
CA LYS B 322 0.55 19.40 -5.01
C LYS B 322 0.57 19.54 -6.53
N ASP B 323 -0.29 20.40 -7.08
CA ASP B 323 -0.33 20.61 -8.52
C ASP B 323 0.61 21.75 -8.90
N PRO B 324 1.65 21.50 -9.70
CA PRO B 324 2.55 22.60 -10.08
C PRO B 324 1.87 23.69 -10.90
N ALA B 325 0.78 23.37 -11.59
CA ALA B 325 0.08 24.38 -12.38
C ALA B 325 -0.66 25.39 -11.50
N PHE B 326 -1.05 24.99 -10.29
CA PHE B 326 -1.77 25.89 -9.39
C PHE B 326 -0.83 26.87 -8.69
N GLU B 327 0.40 26.43 -8.39
CA GLU B 327 1.38 27.31 -7.76
C GLU B 327 1.83 28.43 -8.69
N ARG B 328 1.77 28.20 -10.01
CA ARG B 328 2.17 29.23 -10.97
C ARG B 328 1.25 30.45 -10.93
N ARG B 329 0.01 30.30 -10.48
CA ARG B 329 -0.94 31.39 -10.46
C ARG B 329 -1.33 31.85 -9.06
N PHE B 330 -1.14 31.03 -8.05
CA PHE B 330 -1.44 31.39 -6.67
C PHE B 330 -0.17 31.72 -5.91
N GLN B 331 -0.22 32.76 -5.10
CA GLN B 331 0.91 33.20 -4.30
C GLN B 331 0.64 32.94 -2.83
N LEU B 332 1.65 32.44 -2.12
CA LEU B 332 1.51 32.13 -0.70
C LEU B 332 1.44 33.42 0.10
N VAL B 333 0.31 33.63 0.78
CA VAL B 333 0.10 34.80 1.63
C VAL B 333 -0.18 34.29 3.04
N MET B 334 0.79 34.44 3.93
CA MET B 334 0.65 33.97 5.30
C MET B 334 -0.16 34.96 6.13
N VAL B 335 -1.02 34.43 7.00
CA VAL B 335 -1.84 35.23 7.90
C VAL B 335 -1.42 34.89 9.32
N GLU B 336 -0.71 35.81 9.96
CA GLU B 336 -0.23 35.59 11.33
C GLU B 336 -1.26 36.11 12.33
N GLU B 337 -1.41 35.37 13.43
CA GLU B 337 -2.35 35.76 14.47
C GLU B 337 -1.84 37.02 15.17
N PRO B 338 -2.68 38.02 15.38
CA PRO B 338 -2.23 39.24 16.07
C PRO B 338 -1.87 38.95 17.52
N SER B 339 -1.04 39.82 18.07
CA SER B 339 -0.58 39.68 19.45
C SER B 339 -1.63 40.30 20.40
N VAL B 340 -1.23 40.50 21.65
CA VAL B 340 -2.14 41.09 22.63
C VAL B 340 -2.31 42.59 22.46
N THR B 341 -1.41 43.24 21.72
CA THR B 341 -1.51 44.68 21.52
C THR B 341 -2.52 45.02 20.43
N ASP B 342 -2.50 44.27 19.33
CA ASP B 342 -3.44 44.52 18.23
C ASP B 342 -4.85 44.04 18.55
N THR B 343 -4.99 43.06 19.44
CA THR B 343 -6.32 42.55 19.78
C THR B 343 -7.17 43.59 20.49
N ILE B 344 -6.55 44.46 21.29
CA ILE B 344 -7.29 45.50 21.99
C ILE B 344 -7.90 46.47 21.00
N SER B 345 -7.16 46.83 19.94
CA SER B 345 -7.68 47.75 18.94
C SER B 345 -8.78 47.12 18.09
N ILE B 346 -8.84 45.79 18.03
CA ILE B 346 -9.89 45.14 17.24
C ILE B 346 -11.23 45.23 17.95
N LEU B 347 -11.25 45.04 19.27
CA LEU B 347 -12.49 45.13 20.03
C LEU B 347 -13.05 46.53 20.09
N ARG B 348 -12.22 47.56 19.86
CA ARG B 348 -12.71 48.93 19.88
C ARG B 348 -13.57 49.23 18.66
N GLY B 349 -13.35 48.53 17.56
CA GLY B 349 -14.16 48.76 16.37
C GLY B 349 -15.55 48.17 16.48
N LEU B 350 -15.66 46.98 17.06
CA LEU B 350 -16.94 46.30 17.24
C LEU B 350 -17.60 46.64 18.58
N LYS B 351 -17.07 47.62 19.31
CA LYS B 351 -17.67 47.99 20.59
C LYS B 351 -19.02 48.69 20.39
N GLU B 352 -19.10 49.56 19.38
CA GLU B 352 -20.35 50.27 19.13
C GLU B 352 -21.42 49.33 18.58
N ARG B 353 -21.01 48.24 17.91
CA ARG B 353 -21.99 47.31 17.37
C ARG B 353 -22.71 46.56 18.47
N TYR B 354 -22.02 46.29 19.59
CA TYR B 354 -22.66 45.59 20.70
C TYR B 354 -23.39 46.54 21.64
N GLU B 355 -23.02 47.83 21.64
CA GLU B 355 -23.72 48.81 22.45
C GLU B 355 -25.07 49.20 21.87
N THR B 356 -25.39 48.76 20.66
CA THR B 356 -26.67 49.05 20.03
C THR B 356 -27.64 47.88 20.15
N HIS B 357 -27.17 46.66 19.84
CA HIS B 357 -28.03 45.49 19.93
C HIS B 357 -28.31 45.12 21.38
N HIS B 358 -27.26 45.01 22.20
CA HIS B 358 -27.44 44.65 23.60
C HIS B 358 -28.02 45.81 24.42
N GLY B 359 -27.85 47.05 23.95
CA GLY B 359 -28.39 48.18 24.67
C GLY B 359 -27.71 48.47 26.00
N VAL B 360 -26.43 48.11 26.13
CA VAL B 360 -25.68 48.32 27.36
C VAL B 360 -24.51 49.25 27.06
N ARG B 361 -23.83 49.67 28.13
CA ARG B 361 -22.69 50.56 28.04
C ARG B 361 -21.42 49.77 28.35
N ILE B 362 -20.54 49.65 27.36
CA ILE B 362 -19.30 48.92 27.51
C ILE B 362 -18.22 49.88 28.00
N ALA B 363 -17.66 49.60 29.17
CA ALA B 363 -16.63 50.45 29.73
C ALA B 363 -15.31 50.25 29.00
N ASP B 364 -14.40 51.22 29.16
CA ASP B 364 -13.09 51.15 28.53
C ASP B 364 -12.17 50.15 29.20
N ALA B 365 -12.38 49.87 30.49
CA ALA B 365 -11.52 48.91 31.20
C ALA B 365 -11.83 47.47 30.84
N ALA B 366 -13.03 47.19 30.31
CA ALA B 366 -13.40 45.83 29.94
C ALA B 366 -12.81 45.41 28.60
N ILE B 367 -12.35 46.35 27.78
CA ILE B 367 -11.77 46.00 26.49
C ILE B 367 -10.35 45.47 26.65
N VAL B 368 -9.56 46.10 27.51
CA VAL B 368 -8.19 45.64 27.73
C VAL B 368 -8.18 44.31 28.46
N ALA B 369 -9.06 44.15 29.45
CA ALA B 369 -9.12 42.89 30.20
C ALA B 369 -9.66 41.74 29.38
N ALA B 370 -10.39 42.03 28.29
CA ALA B 370 -10.93 40.95 27.47
C ALA B 370 -9.84 40.29 26.63
N ALA B 371 -8.91 41.10 26.11
CA ALA B 371 -7.82 40.56 25.29
C ALA B 371 -6.76 39.85 26.12
N GLN B 372 -6.72 40.09 27.43
CA GLN B 372 -5.74 39.46 28.29
C GLN B 372 -6.25 38.17 28.93
N LEU B 373 -7.56 38.04 29.11
CA LEU B 373 -8.14 36.84 29.70
C LEU B 373 -8.59 35.82 28.65
N ALA B 374 -8.48 36.14 27.37
CA ALA B 374 -8.89 35.23 26.31
C ALA B 374 -7.79 34.27 25.88
N ALA B 375 -6.56 34.45 26.38
CA ALA B 375 -5.44 33.59 26.00
C ALA B 375 -4.66 33.11 27.22
N ARG B 376 -5.19 33.24 28.42
CA ARG B 376 -4.51 32.80 29.63
C ARG B 376 -5.31 31.83 30.47
N TYR B 377 -6.55 31.53 30.10
CA TYR B 377 -7.37 30.61 30.88
C TYR B 377 -8.19 29.71 29.96
N ILE B 378 -8.93 30.31 29.02
CA ILE B 378 -9.74 29.57 28.07
C ILE B 378 -9.09 29.70 26.69
N THR B 379 -9.27 28.67 25.87
CA THR B 379 -8.71 28.65 24.52
C THR B 379 -9.58 27.73 23.67
N GLN B 380 -10.39 28.33 22.79
CA GLN B 380 -11.24 27.58 21.87
C GLN B 380 -10.93 27.87 20.41
N ARG B 381 -10.43 29.06 20.09
CA ARG B 381 -10.06 29.39 18.72
C ARG B 381 -8.76 30.18 18.69
N PHE B 382 -8.76 31.34 18.05
CA PHE B 382 -7.59 32.20 17.96
C PHE B 382 -8.05 33.66 18.03
N MET B 383 -7.09 34.56 17.94
CA MET B 383 -7.42 35.99 17.98
C MET B 383 -7.78 36.49 16.58
N PRO B 384 -8.77 37.38 16.47
CA PRO B 384 -9.58 37.89 17.58
C PRO B 384 -10.87 37.10 17.79
N ASP B 385 -10.94 35.88 17.26
CA ASP B 385 -12.17 35.10 17.35
C ASP B 385 -12.46 34.68 18.79
N LYS B 386 -11.42 34.31 19.53
CA LYS B 386 -11.59 33.88 20.92
C LYS B 386 -11.74 35.03 21.89
N ALA B 387 -11.76 36.27 21.42
CA ALA B 387 -11.91 37.43 22.28
C ALA B 387 -13.25 38.15 22.11
N ILE B 388 -13.93 37.96 20.97
CA ILE B 388 -15.22 38.60 20.76
C ILE B 388 -16.32 37.88 21.54
N ASP B 389 -16.20 36.57 21.71
CA ASP B 389 -17.24 35.82 22.43
C ASP B 389 -17.33 36.22 23.89
N LEU B 390 -16.24 36.75 24.46
CA LEU B 390 -16.29 37.19 25.85
C LEU B 390 -17.12 38.46 26.00
N ILE B 391 -17.09 39.34 25.00
CA ILE B 391 -17.88 40.56 25.07
C ILE B 391 -19.34 40.28 24.74
N ASP B 392 -19.58 39.36 23.81
CA ASP B 392 -20.95 39.05 23.43
C ASP B 392 -21.68 38.33 24.56
N GLU B 393 -20.99 37.47 25.29
CA GLU B 393 -21.61 36.74 26.39
C GLU B 393 -21.81 37.64 27.61
N ALA B 394 -20.87 38.55 27.86
CA ALA B 394 -21.00 39.43 29.02
C ALA B 394 -22.10 40.46 28.82
N CYS B 395 -22.25 40.98 27.60
CA CYS B 395 -23.30 41.96 27.35
C CYS B 395 -24.68 41.31 27.33
N ALA B 396 -24.75 40.02 26.98
CA ALA B 396 -26.03 39.32 26.96
C ALA B 396 -26.49 38.88 28.33
N ASN B 397 -25.57 38.68 29.27
CA ASN B 397 -25.96 38.29 30.63
C ASN B 397 -26.68 39.42 31.34
N THR B 398 -26.30 40.67 31.06
CA THR B 398 -26.95 41.81 31.68
C THR B 398 -28.35 42.04 31.14
N ARG B 399 -28.66 41.53 29.94
CA ARG B 399 -30.00 41.68 29.39
C ARG B 399 -31.02 40.88 30.19
N VAL B 400 -30.64 39.68 30.63
CA VAL B 400 -31.56 38.86 31.41
C VAL B 400 -31.60 39.32 32.86
N GLN B 401 -30.47 39.75 33.41
CA GLN B 401 -30.39 40.17 34.80
C GLN B 401 -30.99 41.54 35.07
N LEU B 402 -31.59 42.18 34.07
CA LEU B 402 -32.21 43.49 34.23
C LEU B 402 -33.67 43.51 33.85
N ASP B 403 -34.06 42.83 32.76
CA ASP B 403 -35.45 42.80 32.34
C ASP B 403 -36.25 41.70 33.01
N SER B 404 -35.58 40.66 33.50
CA SER B 404 -36.24 39.55 34.20
C SER B 404 -36.07 39.64 35.72
N GLN B 405 -35.95 40.85 36.25
CA GLN B 405 -35.78 41.17 37.67
C GLN B 405 -34.44 40.65 38.18
N PRO B 406 -33.59 41.54 38.68
CA PRO B 406 -32.26 41.12 39.16
C PRO B 406 -32.37 40.18 40.35
N GLU B 407 -31.25 39.53 40.66
CA GLU B 407 -31.21 38.60 41.79
C GLU B 407 -31.34 39.34 43.12
N ALA B 408 -30.77 40.54 43.21
CA ALA B 408 -30.87 41.32 44.44
C ALA B 408 -32.28 41.80 44.71
N ILE B 409 -33.11 41.93 43.68
CA ILE B 409 -34.49 42.36 43.86
C ILE B 409 -35.43 41.17 43.99
N ASP B 410 -35.19 40.11 43.21
CA ASP B 410 -36.04 38.92 43.28
C ASP B 410 -35.87 38.16 44.59
N LYS B 411 -34.73 38.32 45.27
CA LYS B 411 -34.52 37.64 46.54
C LYS B 411 -35.46 38.16 47.61
N LEU B 412 -35.70 39.47 47.63
CA LEU B 412 -36.61 40.06 48.62
C LEU B 412 -38.07 39.81 48.28
N GLU B 413 -38.41 39.64 47.01
CA GLU B 413 -39.81 39.37 46.64
C GLU B 413 -40.20 37.95 46.97
N ARG B 414 -39.29 36.99 46.79
CA ARG B 414 -39.60 35.60 47.13
C ARG B 414 -39.77 35.41 48.64
N ARG B 415 -38.99 36.12 49.44
CA ARG B 415 -39.15 36.04 50.89
C ARG B 415 -40.43 36.75 51.35
N HIS B 416 -40.84 37.80 50.62
CA HIS B 416 -42.07 38.51 50.97
C HIS B 416 -43.31 37.77 50.47
N LEU B 417 -43.16 36.95 49.43
CA LEU B 417 -44.30 36.21 48.91
C LEU B 417 -44.69 35.08 49.86
N GLN B 418 -43.71 34.45 50.49
CA GLN B 418 -44.01 33.37 51.44
C GLN B 418 -44.62 33.89 52.73
N LEU B 419 -44.32 35.13 53.12
CA LEU B 419 -44.88 35.71 54.33
C LEU B 419 -46.22 36.39 54.11
N GLU B 420 -46.49 36.90 52.91
CA GLU B 420 -47.76 37.55 52.64
C GLU B 420 -48.89 36.54 52.51
N VAL B 421 -48.62 35.39 51.88
CA VAL B 421 -49.65 34.37 51.73
C VAL B 421 -49.97 33.70 53.07
N GLU B 422 -49.03 33.72 54.01
CA GLU B 422 -49.24 33.12 55.32
C GLU B 422 -50.01 34.05 56.27
N ALA B 423 -49.77 35.37 56.16
CA ALA B 423 -50.48 36.31 57.04
C ALA B 423 -51.96 36.40 56.70
N THR B 424 -52.30 36.30 55.42
CA THR B 424 -53.71 36.35 55.02
C THR B 424 -54.49 35.12 55.43
N ALA B 425 -53.82 33.97 55.60
CA ALA B 425 -54.50 32.76 56.02
C ALA B 425 -54.87 32.77 57.50
N LEU B 426 -54.17 33.53 58.32
CA LEU B 426 -54.47 33.61 59.74
C LEU B 426 -55.51 34.67 60.08
N GLU B 427 -55.73 35.64 59.20
CA GLU B 427 -56.72 36.67 59.46
C GLU B 427 -58.14 36.15 59.29
N LYS B 428 -58.35 35.20 58.39
CA LYS B 428 -59.67 34.63 58.15
C LYS B 428 -60.00 33.47 59.08
N GLU B 429 -59.05 33.07 59.94
CA GLU B 429 -59.25 31.97 60.88
C GLU B 429 -59.17 32.53 62.28
N LYS B 430 -60.30 32.54 62.99
CA LYS B 430 -60.37 33.04 64.35
C LYS B 430 -59.93 31.94 65.31
N ASP B 431 -58.71 32.06 65.85
CA ASP B 431 -58.17 31.07 66.76
C ASP B 431 -57.18 31.76 67.70
N ALA B 432 -57.00 31.16 68.88
CA ALA B 432 -56.08 31.71 69.85
C ALA B 432 -54.63 31.56 69.40
N ALA B 433 -54.32 30.47 68.71
CA ALA B 433 -52.97 30.24 68.22
C ALA B 433 -52.69 30.97 66.92
N SER B 434 -53.72 31.47 66.23
CA SER B 434 -53.52 32.19 64.98
C SER B 434 -53.15 33.65 65.22
N LYS B 435 -53.58 34.22 66.34
CA LYS B 435 -53.25 35.61 66.63
C LYS B 435 -51.80 35.78 67.07
N GLN B 436 -51.25 34.79 67.77
CA GLN B 436 -49.86 34.88 68.20
C GLN B 436 -48.89 34.67 67.03
N ARG B 437 -49.25 33.79 66.09
CA ARG B 437 -48.38 33.57 64.93
C ARG B 437 -48.44 34.74 63.96
N LEU B 438 -49.58 35.42 63.87
CA LEU B 438 -49.70 36.55 62.96
C LEU B 438 -48.80 37.71 63.39
N GLN B 439 -48.58 37.87 64.70
CA GLN B 439 -47.72 38.95 65.16
C GLN B 439 -46.26 38.71 64.78
N GLU B 440 -45.83 37.44 64.78
CA GLU B 440 -44.46 37.13 64.40
C GLU B 440 -44.24 37.28 62.90
N VAL B 441 -45.26 36.98 62.09
CA VAL B 441 -45.12 37.13 60.65
C VAL B 441 -45.17 38.61 60.26
N ARG B 442 -46.04 39.38 60.93
CA ARG B 442 -46.13 40.81 60.63
C ARG B 442 -44.86 41.56 61.00
N ALA B 443 -44.17 41.10 62.05
CA ALA B 443 -42.92 41.74 62.45
C ALA B 443 -41.84 41.58 61.39
N GLU B 444 -41.79 40.42 60.73
CA GLU B 444 -40.82 40.20 59.67
C GLU B 444 -41.29 40.69 58.32
N MET B 445 -42.60 40.87 58.14
CA MET B 445 -43.13 41.36 56.86
C MET B 445 -42.91 42.87 56.71
N ALA B 446 -43.00 43.61 57.83
CA ALA B 446 -42.81 45.06 57.77
C ALA B 446 -41.36 45.42 57.46
N ARG B 447 -40.41 44.59 57.87
CA ARG B 447 -39.01 44.88 57.58
C ARG B 447 -38.69 44.65 56.12
N ILE B 448 -39.27 43.62 55.51
CA ILE B 448 -39.03 43.35 54.09
C ILE B 448 -39.79 44.35 53.22
N GLN B 449 -41.03 44.68 53.60
CA GLN B 449 -41.82 45.62 52.82
C GLN B 449 -41.22 47.02 52.84
N GLU B 450 -40.51 47.37 53.93
CA GLU B 450 -39.89 48.69 54.01
C GLU B 450 -38.78 48.85 52.97
N GLU B 451 -38.10 47.77 52.62
CA GLU B 451 -37.02 47.82 51.63
C GLU B 451 -37.46 47.34 50.25
N LEU B 452 -38.64 46.72 50.14
CA LEU B 452 -39.12 46.23 48.86
C LEU B 452 -39.84 47.30 48.05
N ARG B 453 -40.57 48.20 48.72
CA ARG B 453 -41.29 49.25 48.01
C ARG B 453 -40.36 50.22 47.27
N PRO B 454 -39.26 50.70 47.87
CA PRO B 454 -38.34 51.55 47.08
C PRO B 454 -37.68 50.82 45.93
N LEU B 455 -37.59 49.48 45.99
CA LEU B 455 -37.00 48.71 44.91
C LEU B 455 -38.01 48.27 43.87
N LYS B 456 -39.24 47.99 44.28
CA LYS B 456 -40.27 47.56 43.34
C LYS B 456 -40.79 48.74 42.52
N MET B 457 -41.00 49.90 43.16
CA MET B 457 -41.46 51.07 42.44
C MET B 457 -40.39 51.61 41.48
N LYS B 458 -39.12 51.49 41.85
CA LYS B 458 -38.05 51.93 40.95
C LYS B 458 -37.88 50.98 39.78
N TYR B 459 -38.11 49.68 39.99
CA TYR B 459 -37.99 48.71 38.91
C TYR B 459 -39.08 48.90 37.86
N GLU B 460 -40.25 49.36 38.27
CA GLU B 460 -41.33 49.58 37.31
C GLU B 460 -41.04 50.78 36.41
N SER B 461 -40.39 51.81 36.97
CA SER B 461 -40.04 52.99 36.17
C SER B 461 -38.84 52.73 35.28
N GLU B 462 -37.92 51.88 35.70
CA GLU B 462 -36.75 51.55 34.90
C GLU B 462 -37.02 50.50 33.84
N LYS B 463 -38.19 49.86 33.86
CA LYS B 463 -38.51 48.86 32.85
C LYS B 463 -38.74 49.50 31.49
N GLY B 464 -39.55 50.56 31.45
CA GLY B 464 -39.81 51.25 30.20
C GLY B 464 -38.69 52.19 29.78
N ARG B 465 -37.81 52.57 30.72
CA ARG B 465 -36.71 53.46 30.38
C ARG B 465 -35.54 52.70 29.80
N LEU B 466 -35.23 51.52 30.35
CA LEU B 466 -34.12 50.72 29.83
C LEU B 466 -34.46 50.11 28.47
N ASP B 467 -35.73 49.72 28.26
CA ASP B 467 -36.12 49.16 26.98
C ASP B 467 -36.19 50.23 25.90
N GLU B 468 -36.40 51.49 26.29
CA GLU B 468 -36.43 52.57 25.32
C GLU B 468 -35.05 52.89 24.78
N ILE B 469 -34.00 52.65 25.58
CA ILE B 469 -32.64 52.93 25.12
C ILE B 469 -32.28 52.01 23.95
N ARG B 470 -32.69 50.75 24.02
CA ARG B 470 -32.42 49.83 22.91
C ARG B 470 -33.23 50.19 21.68
N ASN B 471 -34.46 50.68 21.88
CA ASN B 471 -35.29 51.06 20.74
C ASN B 471 -34.77 52.32 20.08
N LEU B 472 -34.26 53.27 20.87
CA LEU B 472 -33.73 54.50 20.31
C LEU B 472 -32.33 54.33 19.73
N SER B 473 -31.67 53.20 20.00
CA SER B 473 -30.34 52.97 19.47
C SER B 473 -30.38 52.16 18.17
N GLN B 474 -31.31 51.22 18.06
CA GLN B 474 -31.39 50.41 16.85
C GLN B 474 -31.87 51.22 15.66
N ARG B 475 -32.69 52.25 15.90
CA ARG B 475 -33.14 53.09 14.79
C ARG B 475 -32.03 54.01 14.31
N LEU B 476 -31.21 54.52 15.23
CA LEU B 476 -30.10 55.38 14.84
C LEU B 476 -29.03 54.59 14.09
N ASP B 477 -28.89 53.30 14.39
CA ASP B 477 -27.92 52.48 13.67
C ASP B 477 -28.35 52.28 12.22
N GLU B 478 -29.66 52.15 11.98
CA GLU B 478 -30.14 52.00 10.61
C GLU B 478 -30.08 53.32 9.85
N LEU B 479 -30.22 54.45 10.55
CA LEU B 479 -30.13 55.74 9.87
C LEU B 479 -28.70 56.04 9.43
N LYS B 480 -27.71 55.58 10.18
CA LYS B 480 -26.32 55.79 9.77
C LYS B 480 -25.96 54.95 8.56
N ALA B 481 -26.65 53.82 8.36
CA ALA B 481 -26.38 52.99 7.19
C ALA B 481 -27.02 53.58 5.93
N LYS B 482 -28.23 54.11 6.05
CA LYS B 482 -28.89 54.70 4.88
C LYS B 482 -28.29 56.05 4.53
N ALA B 483 -27.68 56.74 5.49
CA ALA B 483 -27.06 58.04 5.21
C ALA B 483 -25.77 57.86 4.42
N GLU B 484 -24.97 56.85 4.76
CA GLU B 484 -23.72 56.60 4.05
C GLU B 484 -23.95 56.04 2.65
N ASP B 485 -25.06 55.33 2.43
CA ASP B 485 -25.34 54.78 1.11
C ASP B 485 -25.70 55.86 0.11
N ALA B 486 -26.39 56.92 0.54
CA ALA B 486 -26.75 58.00 -0.37
C ALA B 486 -25.56 58.87 -0.72
N GLU B 487 -24.62 59.05 0.21
CA GLU B 487 -23.45 59.88 -0.06
C GLU B 487 -22.46 59.18 -0.98
N ARG B 488 -22.51 57.85 -1.09
CA ARG B 488 -21.61 57.10 -1.94
C ARG B 488 -22.18 56.81 -3.31
N ARG B 489 -23.50 56.80 -3.45
CA ARG B 489 -24.16 56.55 -4.73
C ARG B 489 -24.55 57.84 -5.46
N TYR B 490 -23.88 58.95 -5.13
CA TYR B 490 -24.14 60.26 -5.75
C TYR B 490 -25.62 60.67 -5.56
N ASP B 491 -25.95 60.91 -4.29
CA ASP B 491 -27.31 61.30 -3.94
C ASP B 491 -27.23 62.14 -2.66
N LEU B 492 -26.99 63.44 -2.83
CA LEU B 492 -26.88 64.36 -1.71
C LEU B 492 -28.21 65.03 -1.37
N ALA B 493 -29.34 64.42 -1.74
CA ALA B 493 -30.65 64.98 -1.44
C ALA B 493 -31.38 64.26 -0.31
N ARG B 494 -31.04 63.00 -0.04
CA ARG B 494 -31.68 62.24 1.02
C ARG B 494 -30.83 62.17 2.29
N ALA B 495 -29.51 62.06 2.16
CA ALA B 495 -28.64 61.99 3.32
C ALA B 495 -28.48 63.33 4.03
N ALA B 496 -28.94 64.42 3.42
CA ALA B 496 -28.83 65.73 4.06
C ALA B 496 -29.83 65.90 5.20
N ASP B 497 -30.86 65.06 5.27
CA ASP B 497 -31.86 65.13 6.32
C ASP B 497 -31.68 64.07 7.39
N ILE B 498 -30.60 63.29 7.33
CA ILE B 498 -30.35 62.24 8.32
C ILE B 498 -29.19 62.64 9.22
N ARG B 499 -28.03 62.87 8.61
CA ARG B 499 -26.85 63.27 9.38
C ARG B 499 -26.98 64.67 9.96
N TYR B 500 -27.90 65.48 9.44
CA TYR B 500 -28.05 66.87 9.86
C TYR B 500 -29.36 67.14 10.57
N TYR B 501 -30.26 66.16 10.66
CA TYR B 501 -31.57 66.39 11.28
C TYR B 501 -32.03 65.17 12.07
N ALA B 502 -32.04 64.00 11.43
CA ALA B 502 -32.58 62.81 12.09
C ALA B 502 -31.64 62.29 13.18
N ILE B 503 -30.36 62.62 13.10
CA ILE B 503 -29.37 62.15 14.07
C ILE B 503 -29.09 63.21 15.13
N PRO B 504 -28.81 64.48 14.77
CA PRO B 504 -28.53 65.46 15.83
C PRO B 504 -29.72 65.73 16.74
N ASP B 505 -30.95 65.49 16.28
CA ASP B 505 -32.12 65.73 17.11
C ASP B 505 -32.49 64.53 17.97
N LEU B 506 -31.85 63.38 17.77
CA LEU B 506 -32.14 62.19 18.54
C LEU B 506 -31.04 61.81 19.52
N GLU B 507 -29.84 62.39 19.38
CA GLU B 507 -28.75 62.08 20.31
C GLU B 507 -28.98 62.69 21.69
N LYS B 508 -29.78 63.76 21.78
CA LYS B 508 -30.04 64.37 23.08
C LYS B 508 -30.99 63.53 23.93
N ARG B 509 -31.94 62.84 23.30
CA ARG B 509 -32.87 62.00 24.04
C ARG B 509 -32.21 60.70 24.49
N LEU B 510 -31.34 60.14 23.66
CA LEU B 510 -30.67 58.89 24.01
C LEU B 510 -29.66 59.12 25.13
N ALA B 511 -28.95 60.26 25.10
CA ALA B 511 -27.97 60.54 26.14
C ALA B 511 -28.63 60.94 27.45
N GLN B 512 -29.88 61.42 27.38
CA GLN B 512 -30.58 61.83 28.61
C GLN B 512 -31.06 60.61 29.38
N LEU B 513 -31.53 59.58 28.68
CA LEU B 513 -32.00 58.38 29.37
C LEU B 513 -30.86 57.57 29.97
N GLN B 514 -29.68 57.63 29.35
CA GLN B 514 -28.53 56.89 29.88
C GLN B 514 -27.95 57.58 31.12
N ALA B 515 -28.10 58.90 31.22
CA ALA B 515 -27.59 59.62 32.39
C ALA B 515 -28.53 59.47 33.58
N GLU B 516 -29.84 59.44 33.32
CA GLU B 516 -30.80 59.30 34.42
C GLU B 516 -30.86 57.86 34.92
N LYS B 517 -30.46 56.90 34.10
CA LYS B 517 -30.49 55.50 34.53
C LYS B 517 -29.30 55.18 35.42
N SER B 518 -28.13 55.75 35.11
CA SER B 518 -26.95 55.50 35.93
C SER B 518 -27.05 56.13 37.31
N GLN B 519 -27.75 57.26 37.42
CA GLN B 519 -27.91 57.91 38.72
C GLN B 519 -28.93 57.18 39.60
N ALA B 520 -29.95 56.56 39.00
CA ALA B 520 -30.95 55.84 39.77
C ALA B 520 -30.44 54.49 40.26
N ASP B 521 -29.40 53.94 39.63
CA ASP B 521 -28.88 52.65 40.07
C ASP B 521 -28.06 52.78 41.34
N ALA B 522 -27.48 53.95 41.59
CA ALA B 522 -26.69 54.15 42.80
C ALA B 522 -27.56 54.34 44.03
N GLU B 523 -28.83 54.73 43.84
CA GLU B 523 -29.72 54.91 44.98
C GLU B 523 -30.21 53.59 45.56
N ARG B 524 -30.20 52.52 44.76
CA ARG B 524 -30.66 51.22 45.23
C ARG B 524 -29.60 50.49 46.06
N ALA B 525 -28.35 50.94 46.03
CA ALA B 525 -27.25 50.37 46.80
C ALA B 525 -26.99 48.90 46.49
N ASP B 526 -27.40 48.45 45.31
CA ASP B 526 -27.13 47.08 44.89
C ASP B 526 -27.25 46.99 43.37
N GLY B 527 -26.64 45.96 42.82
CA GLY B 527 -26.66 45.75 41.37
C GLY B 527 -25.94 46.81 40.58
N LEU B 528 -24.78 47.26 41.06
CA LEU B 528 -24.03 48.29 40.36
C LEU B 528 -23.35 47.75 39.10
N LEU B 529 -22.90 46.50 39.13
CA LEU B 529 -22.24 45.88 37.99
C LEU B 529 -23.18 45.01 37.17
N ALA B 530 -24.49 45.25 37.26
CA ALA B 530 -25.48 44.48 36.53
C ALA B 530 -25.89 45.15 35.22
N GLU B 531 -25.42 46.36 34.95
CA GLU B 531 -25.76 47.06 33.71
C GLU B 531 -24.55 47.56 32.92
N VAL B 532 -23.37 47.63 33.51
CA VAL B 532 -22.16 48.09 32.84
C VAL B 532 -21.16 46.94 32.84
N VAL B 533 -20.73 46.54 31.65
CA VAL B 533 -19.77 45.44 31.50
C VAL B 533 -18.39 45.97 31.88
N GLY B 534 -17.85 45.50 32.99
CA GLY B 534 -16.55 45.93 33.45
C GLY B 534 -15.59 44.77 33.61
N PRO B 535 -14.51 44.98 34.38
CA PRO B 535 -13.55 43.89 34.60
C PRO B 535 -14.14 42.71 35.36
N ASP B 536 -15.05 42.96 36.30
CA ASP B 536 -15.66 41.87 37.05
C ASP B 536 -16.68 41.10 36.21
N GLN B 537 -17.24 41.73 35.18
CA GLN B 537 -18.20 41.05 34.34
C GLN B 537 -17.53 40.07 33.39
N ILE B 538 -16.33 40.39 32.92
CA ILE B 538 -15.62 39.48 32.01
C ILE B 538 -15.12 38.27 32.76
N MET B 539 -14.72 38.44 34.03
CA MET B 539 -14.22 37.33 34.82
C MET B 539 -15.31 36.33 35.16
N GLU B 540 -16.58 36.73 35.10
CA GLU B 540 -17.66 35.79 35.42
C GLU B 540 -17.85 34.78 34.30
N VAL B 541 -17.65 35.20 33.05
CA VAL B 541 -17.81 34.28 31.92
C VAL B 541 -16.66 33.29 31.88
N VAL B 542 -15.44 33.75 32.17
CA VAL B 542 -14.28 32.87 32.14
C VAL B 542 -14.35 31.85 33.27
N SER B 543 -14.83 32.28 34.45
CA SER B 543 -14.93 31.38 35.59
C SER B 543 -16.00 30.30 35.39
N ARG B 544 -16.97 30.54 34.50
CA ARG B 544 -18.02 29.56 34.26
C ARG B 544 -17.62 28.52 33.22
N TRP B 545 -16.85 28.91 32.21
CA TRP B 545 -16.44 28.01 31.14
C TRP B 545 -15.24 27.14 31.52
N THR B 546 -14.84 27.14 32.79
CA THR B 546 -13.69 26.33 33.22
C THR B 546 -13.93 25.75 34.60
N GLY B 547 -14.03 26.61 35.61
CA GLY B 547 -14.23 26.15 36.97
C GLY B 547 -13.33 26.84 37.96
N ILE B 548 -12.50 27.75 37.48
CA ILE B 548 -11.58 28.48 38.36
C ILE B 548 -12.38 29.51 39.16
N PRO B 549 -12.19 29.60 40.47
CA PRO B 549 -12.93 30.58 41.27
C PRO B 549 -12.63 32.01 40.84
N VAL B 550 -13.52 32.92 41.25
CA VAL B 550 -13.37 34.32 40.88
C VAL B 550 -12.19 34.95 41.62
N SER B 551 -11.88 34.47 42.82
CA SER B 551 -10.79 35.03 43.59
C SER B 551 -9.43 34.83 42.93
N ASN B 552 -9.30 33.83 42.07
CA ASN B 552 -8.05 33.56 41.37
C ASN B 552 -7.89 34.38 40.10
N LEU B 553 -8.97 35.01 39.62
CA LEU B 553 -8.90 35.84 38.40
C LEU B 553 -8.37 37.24 38.68
N GLN B 554 -8.68 37.81 39.84
CA GLN B 554 -8.24 39.15 40.18
C GLN B 554 -6.76 39.22 40.53
N ARG B 555 -6.12 38.08 40.78
CA ARG B 555 -4.69 38.06 41.12
C ARG B 555 -3.86 38.34 39.87
N SER B 556 -3.15 39.46 39.87
CA SER B 556 -2.32 39.82 38.74
C SER B 556 -1.05 38.96 38.70
N GLU B 557 -0.37 39.01 37.55
CA GLU B 557 0.85 38.22 37.39
C GLU B 557 2.02 38.81 38.18
N LYS B 558 1.97 40.08 38.56
CA LYS B 558 3.06 40.68 39.32
C LYS B 558 3.02 40.25 40.78
N GLU B 559 1.82 40.16 41.37
CA GLU B 559 1.70 39.76 42.75
C GLU B 559 1.94 38.27 42.98
N LYS B 560 1.83 37.46 41.93
CA LYS B 560 2.06 36.02 42.07
C LYS B 560 3.54 35.71 42.21
N LEU B 561 4.41 36.45 41.50
CA LEU B 561 5.85 36.20 41.58
C LEU B 561 6.46 36.72 42.86
N LEU B 562 5.74 37.56 43.62
CA LEU B 562 6.28 38.08 44.87
C LEU B 562 6.01 37.14 46.03
N HIS B 563 4.77 36.64 46.14
CA HIS B 563 4.38 35.72 47.21
C HIS B 563 4.44 34.26 46.77
N MET B 564 5.45 33.90 45.98
CA MET B 564 5.61 32.53 45.50
C MET B 564 6.43 31.67 46.43
N GLU B 565 7.47 32.24 47.05
CA GLU B 565 8.31 31.48 47.96
C GLU B 565 7.59 31.11 49.26
N GLU B 566 6.62 31.92 49.69
CA GLU B 566 5.89 31.64 50.92
C GLU B 566 4.80 30.59 50.74
N TYR B 567 4.32 30.39 49.52
CA TYR B 567 3.28 29.40 49.26
C TYR B 567 3.82 27.99 49.07
N MET B 568 4.99 27.85 48.44
CA MET B 568 5.58 26.53 48.22
C MET B 568 6.09 25.90 49.51
N LYS B 569 6.50 26.70 50.48
CA LYS B 569 7.00 26.16 51.74
C LYS B 569 5.89 25.62 52.63
N GLN B 570 4.64 26.02 52.40
CA GLN B 570 3.53 25.55 53.22
C GLN B 570 3.11 24.13 52.86
N HIS B 571 3.42 23.67 51.66
CA HIS B 571 3.06 22.32 51.21
C HIS B 571 4.25 21.39 51.09
N VAL B 572 5.41 21.90 50.69
CA VAL B 572 6.62 21.09 50.53
C VAL B 572 7.65 21.63 51.52
N VAL B 573 7.98 20.83 52.52
CA VAL B 573 8.95 21.21 53.54
C VAL B 573 10.19 20.32 53.39
N GLY B 574 11.29 20.77 54.00
CA GLY B 574 12.54 20.06 53.96
C GLY B 574 13.47 20.45 52.82
N GLN B 575 12.90 20.76 51.66
CA GLN B 575 13.71 21.16 50.50
C GLN B 575 13.76 22.68 50.41
N ASP B 576 14.50 23.27 51.36
CA ASP B 576 14.64 24.72 51.38
C ASP B 576 15.55 25.23 50.27
N GLU B 577 16.53 24.41 49.86
CA GLU B 577 17.45 24.80 48.81
C GLU B 577 16.89 24.56 47.41
N ALA B 578 15.77 23.84 47.29
CA ALA B 578 15.17 23.57 45.99
C ALA B 578 14.09 24.56 45.62
N ILE B 579 13.39 25.13 46.60
CA ILE B 579 12.33 26.10 46.31
C ILE B 579 12.93 27.41 45.82
N LYS B 580 14.05 27.84 46.41
CA LYS B 580 14.67 29.08 46.00
C LYS B 580 15.22 28.99 44.58
N ALA B 581 15.64 27.79 44.17
CA ALA B 581 16.18 27.62 42.82
C ALA B 581 15.10 27.64 41.75
N ILE B 582 13.84 27.34 42.12
CA ILE B 582 12.76 27.37 41.14
C ILE B 582 12.39 28.81 40.79
N CYS B 583 12.29 29.67 41.80
CA CYS B 583 11.92 31.07 41.55
C CYS B 583 13.03 31.83 40.84
N ASP B 584 14.27 31.38 40.94
CA ASP B 584 15.37 32.07 40.27
C ASP B 584 15.40 31.82 38.76
N ALA B 585 14.67 30.81 38.29
CA ALA B 585 14.60 30.50 36.87
C ALA B 585 13.34 31.02 36.20
N ILE B 586 12.33 31.42 36.98
CA ILE B 586 11.09 31.93 36.43
C ILE B 586 11.08 33.46 36.41
N ARG B 587 11.60 34.10 37.45
CA ARG B 587 11.64 35.55 37.51
C ARG B 587 12.56 36.16 36.47
N LEU B 588 13.56 35.41 36.01
CA LEU B 588 14.48 35.92 34.99
C LEU B 588 13.90 35.84 33.58
N SER B 589 12.73 35.24 33.40
CA SER B 589 12.10 35.13 32.10
C SER B 589 10.88 36.03 31.94
N ARG B 590 10.42 36.67 33.01
CA ARG B 590 9.25 37.54 32.94
C ARG B 590 9.61 39.02 32.96
N THR B 591 10.74 39.39 33.57
CA THR B 591 11.14 40.79 33.61
C THR B 591 11.69 41.27 32.28
N GLY B 592 12.53 40.47 31.62
CA GLY B 592 13.10 40.86 30.34
C GLY B 592 14.62 40.80 30.32
N LEU B 593 15.19 39.96 31.17
CA LEU B 593 16.64 39.80 31.26
C LEU B 593 17.15 38.59 30.47
N GLN B 594 16.35 38.09 29.53
CA GLN B 594 16.73 36.94 28.75
C GLN B 594 16.02 37.00 27.40
N ASN B 595 16.69 36.51 26.36
CA ASN B 595 16.13 36.52 25.03
C ASN B 595 14.90 35.61 24.94
N ARG B 596 14.05 35.89 23.97
CA ARG B 596 12.82 35.12 23.77
C ARG B 596 13.05 33.92 22.87
N ASN B 597 13.95 33.03 23.29
CA ASN B 597 14.27 31.82 22.54
C ASN B 597 14.15 30.55 23.38
N ARG B 598 13.85 30.67 24.67
CA ARG B 598 13.71 29.55 25.57
C ARG B 598 12.36 29.62 26.25
N PRO B 599 11.83 28.48 26.72
CA PRO B 599 10.54 28.50 27.43
C PRO B 599 10.62 29.15 28.80
N LEU B 600 9.72 28.75 29.71
CA LEU B 600 9.70 29.31 31.06
C LEU B 600 10.94 28.93 31.83
N ALA B 601 11.03 27.67 32.25
CA ALA B 601 12.18 27.19 33.02
C ALA B 601 12.33 25.70 32.81
N SER B 602 13.50 25.26 32.35
CA SER B 602 13.78 23.85 32.14
C SER B 602 14.44 23.28 33.39
N PHE B 603 13.80 22.31 34.02
CA PHE B 603 14.28 21.71 35.25
C PHE B 603 14.72 20.27 35.01
N LEU B 604 15.42 19.71 36.00
CA LEU B 604 15.89 18.33 35.94
C LEU B 604 16.02 17.82 37.37
N PHE B 605 14.92 17.28 37.89
CA PHE B 605 14.88 16.79 39.27
C PHE B 605 15.60 15.45 39.38
N LEU B 606 16.38 15.29 40.44
CA LEU B 606 17.12 14.06 40.69
C LEU B 606 16.88 13.55 42.10
N GLY B 607 17.88 12.92 42.69
CA GLY B 607 17.78 12.41 44.04
C GLY B 607 17.02 11.11 44.12
N PRO B 608 16.97 10.51 45.31
CA PRO B 608 16.25 9.25 45.48
C PRO B 608 14.75 9.43 45.29
N THR B 609 14.04 8.31 45.34
CA THR B 609 12.59 8.33 45.19
C THR B 609 11.93 8.77 46.49
N GLY B 610 10.77 9.42 46.34
CA GLY B 610 10.03 9.90 47.50
C GLY B 610 10.64 11.10 48.18
N CYS B 611 11.21 12.02 47.40
CA CYS B 611 11.84 13.21 47.95
C CYS B 611 11.10 14.49 47.60
N GLY B 612 10.10 14.42 46.74
CA GLY B 612 9.33 15.60 46.37
C GLY B 612 9.42 15.93 44.90
N LYS B 613 9.29 14.93 44.04
CA LYS B 613 9.35 15.11 42.59
C LYS B 613 7.98 15.25 41.96
N THR B 614 6.98 14.53 42.46
CA THR B 614 5.64 14.61 41.89
C THR B 614 4.80 15.68 42.59
N LEU B 615 4.94 15.79 43.91
CA LEU B 615 4.16 16.79 44.65
C LEU B 615 4.58 18.21 44.28
N CYS B 616 5.87 18.41 43.97
CA CYS B 616 6.33 19.74 43.59
C CYS B 616 5.75 20.18 42.26
N VAL B 617 5.50 19.24 41.35
CA VAL B 617 4.91 19.60 40.06
C VAL B 617 3.44 19.95 40.22
N LYS B 618 2.72 19.23 41.08
CA LYS B 618 1.31 19.50 41.29
C LYS B 618 1.09 20.85 41.98
N GLU B 619 2.01 21.24 42.87
CA GLU B 619 1.88 22.52 43.55
C GLU B 619 2.26 23.71 42.67
N LEU B 620 2.95 23.46 41.55
CA LEU B 620 3.33 24.55 40.65
C LEU B 620 2.15 25.06 39.85
N ALA B 621 1.30 24.16 39.36
CA ALA B 621 0.14 24.57 38.58
C ALA B 621 -1.01 25.07 39.44
N ALA B 622 -0.99 24.78 40.75
CA ALA B 622 -2.03 25.23 41.66
C ALA B 622 -1.82 26.66 42.13
N PHE B 623 -0.73 27.31 41.73
CA PHE B 623 -0.46 28.69 42.16
C PHE B 623 -0.16 29.57 40.96
N LEU B 624 0.80 29.15 40.12
CA LEU B 624 1.16 29.93 38.95
C LEU B 624 0.15 29.75 37.82
N PHE B 625 -0.34 28.53 37.60
CA PHE B 625 -1.30 28.26 36.54
C PHE B 625 -2.75 28.26 37.03
N ASN B 626 -2.98 28.10 38.33
CA ASN B 626 -4.32 28.09 38.91
C ASN B 626 -5.19 27.00 38.29
N ASP B 627 -4.58 25.86 37.99
CA ASP B 627 -5.29 24.74 37.40
C ASP B 627 -4.54 23.45 37.67
N PRO B 628 -4.83 22.75 38.77
CA PRO B 628 -4.13 21.48 39.05
C PRO B 628 -4.42 20.40 38.02
N GLY B 629 -5.58 20.43 37.37
CA GLY B 629 -5.93 19.43 36.39
C GLY B 629 -5.30 19.60 35.03
N ALA B 630 -4.57 20.70 34.81
CA ALA B 630 -3.91 20.97 33.53
C ALA B 630 -2.46 20.51 33.52
N ILE B 631 -2.20 19.30 34.01
CA ILE B 631 -0.85 18.74 34.05
C ILE B 631 -0.88 17.44 33.27
N VAL B 632 -0.27 17.43 32.08
CA VAL B 632 -0.21 16.22 31.28
C VAL B 632 0.96 15.35 31.74
N ARG B 633 0.78 14.04 31.61
CA ARG B 633 1.78 13.06 32.03
C ARG B 633 2.08 12.15 30.85
N ILE B 634 3.29 12.26 30.30
CA ILE B 634 3.73 11.45 29.19
C ILE B 634 4.81 10.51 29.71
N ASP B 635 4.43 9.28 30.02
CA ASP B 635 5.38 8.30 30.53
C ASP B 635 6.22 7.72 29.41
N MET B 636 7.43 7.28 29.76
CA MET B 636 8.35 6.67 28.80
C MET B 636 8.17 5.16 28.70
N SER B 637 7.11 4.61 29.26
CA SER B 637 6.89 3.17 29.19
C SER B 637 6.47 2.74 27.79
N GLU B 638 5.79 3.61 27.05
CA GLU B 638 5.35 3.30 25.69
C GLU B 638 6.00 4.17 24.62
N TYR B 639 6.64 5.27 24.99
CA TYR B 639 7.31 6.15 24.04
C TYR B 639 8.81 5.91 23.97
N MET B 640 9.29 4.78 24.51
CA MET B 640 10.72 4.50 24.49
C MET B 640 11.18 4.00 23.12
N GLU B 641 10.29 3.35 22.36
CA GLU B 641 10.65 2.83 21.06
C GLU B 641 10.92 3.97 20.08
N LYS B 642 11.66 3.64 19.01
CA LYS B 642 12.00 4.64 18.01
C LYS B 642 10.81 5.03 17.14
N HIS B 643 9.80 4.17 17.06
CA HIS B 643 8.62 4.49 16.25
C HIS B 643 7.71 5.52 16.92
N ALA B 644 7.85 5.71 18.23
CA ALA B 644 7.05 6.68 18.96
C ALA B 644 7.72 8.04 19.12
N VAL B 645 8.87 8.24 18.48
CA VAL B 645 9.57 9.52 18.60
C VAL B 645 8.83 10.61 17.81
N SER B 646 8.23 10.25 16.68
CA SER B 646 7.53 11.23 15.86
C SER B 646 6.28 11.79 16.54
N ARG B 647 5.76 11.11 17.56
CA ARG B 647 4.58 11.56 18.29
C ARG B 647 4.93 12.45 19.47
N LEU B 648 5.99 13.23 19.38
CA LEU B 648 6.38 14.14 20.46
C LEU B 648 6.20 15.60 20.04
N GLY B 662 2.27 15.02 15.62
CA GLY B 662 2.61 14.49 16.93
C GLY B 662 1.49 14.60 17.94
N GLN B 663 1.47 13.68 18.90
CA GLN B 663 0.44 13.69 19.93
C GLN B 663 0.70 14.77 20.99
N LEU B 664 1.97 14.94 21.37
CA LEU B 664 2.29 15.95 22.37
C LEU B 664 2.22 17.36 21.80
N THR B 665 2.52 17.51 20.50
CA THR B 665 2.45 18.84 19.88
C THR B 665 1.01 19.31 19.73
N GLU B 666 0.11 18.40 19.36
CA GLU B 666 -1.29 18.76 19.21
C GLU B 666 -1.99 18.96 20.55
N ALA B 667 -1.54 18.26 21.59
CA ALA B 667 -2.18 18.38 22.90
C ALA B 667 -1.90 19.74 23.53
N VAL B 668 -0.66 20.23 23.41
CA VAL B 668 -0.30 21.52 24.00
C VAL B 668 -0.83 22.69 23.20
N ARG B 669 -1.34 22.46 22.00
CA ARG B 669 -1.90 23.56 21.20
C ARG B 669 -3.26 23.98 21.72
N ARG B 670 -4.06 23.04 22.22
CA ARG B 670 -5.39 23.37 22.73
C ARG B 670 -5.29 24.12 24.05
N ARG B 671 -4.34 23.75 24.90
CA ARG B 671 -4.13 24.39 26.20
C ARG B 671 -2.74 25.01 26.24
N PRO B 672 -2.62 26.34 26.10
CA PRO B 672 -1.30 26.97 26.16
C PRO B 672 -0.61 26.80 27.50
N TYR B 673 -1.28 27.25 28.58
CA TYR B 673 -0.72 27.13 29.91
C TYR B 673 -0.87 25.70 30.44
N THR B 674 0.04 24.82 30.04
CA THR B 674 0.03 23.44 30.48
C THR B 674 1.36 23.09 31.12
N VAL B 675 1.38 21.96 31.84
CA VAL B 675 2.57 21.48 32.52
C VAL B 675 2.93 20.13 31.91
N VAL B 676 4.01 20.10 31.14
CA VAL B 676 4.48 18.88 30.50
C VAL B 676 5.46 18.20 31.45
N LEU B 677 5.07 17.02 31.95
CA LEU B 677 5.89 16.26 32.88
C LEU B 677 6.56 15.11 32.15
N PHE B 678 7.86 14.96 32.36
CA PHE B 678 8.65 13.89 31.75
C PHE B 678 9.04 12.90 32.84
N ASP B 679 8.26 11.83 32.96
CA ASP B 679 8.54 10.80 33.94
C ASP B 679 9.44 9.73 33.36
N GLU B 680 10.31 9.18 34.21
CA GLU B 680 11.27 8.15 33.83
C GLU B 680 12.16 8.63 32.68
N MET B 681 12.82 9.77 32.91
CA MET B 681 13.70 10.34 31.90
C MET B 681 14.98 9.51 31.74
N GLU B 682 15.37 8.78 32.78
CA GLU B 682 16.57 7.95 32.70
C GLU B 682 16.42 6.77 31.75
N LYS B 683 15.19 6.39 31.43
CA LYS B 683 14.94 5.28 30.53
C LYS B 683 14.74 5.72 29.08
N ALA B 684 14.73 7.02 28.82
CA ALA B 684 14.55 7.51 27.45
C ALA B 684 15.83 7.37 26.66
N HIS B 685 15.68 7.19 25.36
CA HIS B 685 16.81 7.03 24.46
C HIS B 685 17.34 8.40 24.03
N LYS B 686 18.32 8.39 23.12
CA LYS B 686 18.90 9.63 22.63
C LYS B 686 18.02 10.33 21.60
N ASP B 687 17.04 9.63 21.03
CA ASP B 687 16.17 10.25 20.05
C ASP B 687 15.18 11.22 20.67
N VAL B 688 14.90 11.08 21.98
CA VAL B 688 13.96 12.00 22.63
C VAL B 688 14.65 13.32 22.96
N SER B 689 15.89 13.27 23.44
CA SER B 689 16.60 14.50 23.78
C SER B 689 17.00 15.28 22.54
N ASN B 690 17.19 14.60 21.41
CA ASN B 690 17.55 15.30 20.18
C ASN B 690 16.38 16.07 19.59
N LEU B 691 15.16 15.59 19.81
CA LEU B 691 13.98 16.28 19.29
C LEU B 691 13.64 17.51 20.11
N LEU B 692 13.90 17.49 21.42
CA LEU B 692 13.61 18.61 22.28
C LEU B 692 14.68 19.70 22.24
N LEU B 693 15.74 19.50 21.45
CA LEU B 693 16.80 20.51 21.38
C LEU B 693 16.36 21.72 20.56
N GLN B 694 15.60 21.50 19.49
CA GLN B 694 15.14 22.61 18.66
C GLN B 694 14.06 23.43 19.34
N ILE B 695 13.39 22.88 20.35
CA ILE B 695 12.35 23.62 21.05
C ILE B 695 12.97 24.65 21.99
N LEU B 696 13.97 24.25 22.76
CA LEU B 696 14.64 25.15 23.70
C LEU B 696 15.59 26.12 23.03
N ASP B 697 15.85 25.97 21.73
CA ASP B 697 16.74 26.86 21.00
C ASP B 697 16.03 27.82 20.07
N ASP B 698 14.92 27.40 19.47
CA ASP B 698 14.15 28.24 18.56
C ASP B 698 12.84 28.75 19.16
N GLY B 699 12.42 28.21 20.30
CA GLY B 699 11.20 28.63 20.93
C GLY B 699 9.94 27.94 20.43
N HIS B 700 10.05 27.12 19.40
CA HIS B 700 8.89 26.42 18.86
C HIS B 700 9.34 25.12 18.21
N CYS B 701 8.37 24.25 17.93
CA CYS B 701 8.63 22.96 17.32
C CYS B 701 8.03 22.92 15.92
N THR B 702 8.66 22.12 15.04
CA THR B 702 8.19 21.98 13.67
C THR B 702 7.03 21.00 13.63
N ASP B 703 5.83 21.51 13.38
CA ASP B 703 4.65 20.67 13.31
C ASP B 703 4.59 19.91 11.99
N SER B 704 3.96 18.74 12.03
CA SER B 704 3.87 17.92 10.82
C SER B 704 2.93 18.53 9.79
N LYS B 705 1.94 19.30 10.24
CA LYS B 705 0.99 19.94 9.34
C LYS B 705 1.40 21.35 8.96
N GLY B 706 2.63 21.75 9.26
CA GLY B 706 3.10 23.08 8.92
C GLY B 706 2.71 24.16 9.90
N ARG B 707 2.09 23.81 11.03
CA ARG B 707 1.68 24.80 12.02
C ARG B 707 2.86 25.17 12.90
N ARG B 708 2.60 26.06 13.86
CA ARG B 708 3.63 26.53 14.78
C ARG B 708 3.02 26.72 16.16
N VAL B 709 3.44 25.90 17.12
CA VAL B 709 2.97 25.96 18.49
C VAL B 709 3.95 26.80 19.30
N ASP B 710 3.43 27.78 20.04
CA ASP B 710 4.25 28.68 20.83
C ASP B 710 4.66 27.97 22.12
N PHE B 711 5.97 27.75 22.29
CA PHE B 711 6.52 27.12 23.48
C PHE B 711 7.29 28.11 24.35
N LYS B 712 6.78 29.34 24.48
CA LYS B 712 7.44 30.35 25.29
C LYS B 712 6.93 30.37 26.72
N ASN B 713 5.61 30.25 26.90
CA ASN B 713 4.99 30.27 28.22
C ASN B 713 4.62 28.87 28.69
N THR B 714 5.45 27.88 28.38
CA THR B 714 5.21 26.50 28.77
C THR B 714 6.35 26.03 29.67
N ILE B 715 6.01 25.51 30.84
CA ILE B 715 7.01 25.04 31.79
C ILE B 715 7.55 23.70 31.33
N ILE B 716 8.81 23.43 31.64
CA ILE B 716 9.50 22.20 31.26
C ILE B 716 10.06 21.57 32.54
N VAL B 717 9.42 20.51 33.01
CA VAL B 717 9.84 19.81 34.20
C VAL B 717 10.08 18.34 33.86
N MET B 718 10.96 17.70 34.62
CA MET B 718 11.29 16.30 34.42
C MET B 718 11.30 15.59 35.77
N THR B 719 11.45 14.27 35.72
CA THR B 719 11.48 13.44 36.91
C THR B 719 12.48 12.30 36.70
N SER B 720 13.48 12.21 37.57
CA SER B 720 14.48 11.17 37.47
C SER B 720 14.91 10.76 38.88
N ASN B 721 15.30 9.50 39.02
CA ASN B 721 15.75 8.94 40.29
C ASN B 721 17.24 8.62 40.29
N LEU B 722 18.02 9.36 39.51
CA LEU B 722 19.45 9.13 39.44
C LEU B 722 20.17 9.70 40.67
N THR B 739 28.71 14.23 48.30
CA THR B 739 27.59 13.32 48.14
C THR B 739 26.74 13.70 46.93
N LYS B 740 26.26 14.95 46.91
CA LYS B 740 25.44 15.44 45.81
C LYS B 740 26.27 15.84 44.59
N ASN B 741 27.60 15.91 44.72
CA ASN B 741 28.42 16.30 43.58
C ASN B 741 28.56 15.17 42.58
N ALA B 742 28.72 13.93 43.04
CA ALA B 742 28.85 12.79 42.16
C ALA B 742 27.52 12.39 41.53
N VAL B 743 26.39 12.76 42.14
CA VAL B 743 25.09 12.42 41.57
C VAL B 743 24.79 13.29 40.36
N LEU B 744 25.13 14.58 40.44
CA LEU B 744 24.88 15.49 39.32
C LEU B 744 25.77 15.16 38.13
N ALA B 745 27.00 14.72 38.36
CA ALA B 745 27.90 14.38 37.27
C ALA B 745 27.51 13.09 36.58
N THR B 746 26.67 12.27 37.21
CA THR B 746 26.24 11.01 36.59
C THR B 746 25.23 11.27 35.48
N ALA B 747 24.26 12.15 35.73
CA ALA B 747 23.24 12.45 34.73
C ALA B 747 23.80 13.20 33.53
N ARG B 748 24.89 13.93 33.71
CA ARG B 748 25.50 14.67 32.60
C ARG B 748 26.26 13.78 31.64
N ARG B 749 26.56 12.55 32.04
CA ARG B 749 27.29 11.62 31.18
C ARG B 749 26.37 10.83 30.25
N HIS B 750 25.18 10.47 30.72
CA HIS B 750 24.25 9.71 29.87
C HIS B 750 23.72 10.57 28.73
N PHE B 751 23.49 11.85 28.98
CA PHE B 751 22.98 12.77 27.96
C PHE B 751 24.15 13.41 27.22
N ALA B 752 23.81 14.20 26.20
CA ALA B 752 24.84 14.89 25.43
C ALA B 752 25.40 16.08 26.19
N ASN B 753 26.54 16.57 25.73
CA ASN B 753 27.19 17.70 26.37
C ASN B 753 26.45 19.01 26.11
N GLU B 754 25.65 19.07 25.05
CA GLU B 754 24.90 20.29 24.73
C GLU B 754 23.55 20.33 25.44
N PHE B 755 22.90 19.19 25.63
CA PHE B 755 21.60 19.18 26.29
C PHE B 755 21.71 19.55 27.76
N ILE B 756 22.79 19.16 28.42
CA ILE B 756 22.97 19.49 29.84
C ILE B 756 23.33 20.94 30.04
N ASN B 757 23.94 21.59 29.05
CA ASN B 757 24.31 23.00 29.18
C ASN B 757 23.13 23.93 28.94
N ARG B 758 22.13 23.51 28.17
CA ARG B 758 20.96 24.35 27.92
C ARG B 758 20.05 24.44 29.13
N ILE B 759 20.08 23.43 30.01
CA ILE B 759 19.24 23.44 31.19
C ILE B 759 19.71 24.54 32.14
N ASP B 760 18.77 25.37 32.60
CA ASP B 760 19.11 26.47 33.50
C ASP B 760 19.48 25.96 34.88
N GLU B 761 18.48 25.57 35.67
CA GLU B 761 18.69 25.08 37.02
C GLU B 761 18.77 23.57 37.01
N LEU B 762 19.76 23.02 37.71
CA LEU B 762 19.97 21.58 37.84
C LEU B 762 19.82 21.23 39.32
N ILE B 763 18.58 21.15 39.78
CA ILE B 763 18.29 20.88 41.18
C ILE B 763 18.53 19.39 41.46
N VAL B 764 19.25 19.11 42.54
CA VAL B 764 19.54 17.75 42.97
C VAL B 764 18.90 17.54 44.33
N PHE B 765 17.91 16.65 44.39
CA PHE B 765 17.23 16.38 45.64
C PHE B 765 18.08 15.50 46.55
N ASN B 766 17.71 15.46 47.83
CA ASN B 766 18.41 14.67 48.82
C ASN B 766 17.40 13.96 49.71
N ARG B 767 17.90 13.12 50.60
CA ARG B 767 17.03 12.37 51.49
C ARG B 767 16.43 13.30 52.55
N LEU B 768 15.35 12.82 53.17
CA LEU B 768 14.65 13.60 54.19
C LEU B 768 15.42 13.52 55.51
N THR B 769 15.57 14.68 56.16
CA THR B 769 16.27 14.76 57.44
C THR B 769 15.30 14.49 58.59
N PRO B 770 15.80 13.91 59.68
CA PRO B 770 14.92 13.65 60.84
C PRO B 770 14.35 14.90 61.47
N SER B 771 14.99 16.06 61.28
CA SER B 771 14.48 17.29 61.86
C SER B 771 13.24 17.79 61.11
N ASN B 772 13.13 17.49 59.82
CA ASN B 772 11.99 17.91 59.03
C ASN B 772 10.80 16.96 59.14
N ILE B 773 10.95 15.83 59.83
CA ILE B 773 9.85 14.90 59.99
C ILE B 773 8.79 15.48 60.92
N ARG B 774 9.20 16.28 61.91
CA ARG B 774 8.24 16.88 62.83
C ARG B 774 7.35 17.89 62.11
N LYS B 775 7.87 18.56 61.09
CA LYS B 775 7.08 19.53 60.34
C LYS B 775 6.09 18.85 59.40
N ILE B 776 6.38 17.61 58.99
CA ILE B 776 5.51 16.91 58.05
C ILE B 776 4.17 16.58 58.71
N VAL B 777 4.21 16.04 59.94
CA VAL B 777 2.99 15.67 60.64
C VAL B 777 2.19 16.87 61.11
N ASP B 778 2.78 18.07 61.08
CA ASP B 778 2.05 19.26 61.48
C ASP B 778 1.19 19.81 60.36
N VAL B 779 1.62 19.64 59.10
CA VAL B 779 0.84 20.12 57.96
C VAL B 779 0.01 19.03 57.30
N ARG B 780 0.31 17.75 57.55
CA ARG B 780 -0.48 16.68 56.96
C ARG B 780 -1.80 16.48 57.71
N LEU B 781 -1.78 16.61 59.03
CA LEU B 781 -3.00 16.47 59.83
C LEU B 781 -3.93 17.66 59.69
N LYS B 782 -3.46 18.78 59.14
CA LYS B 782 -4.32 19.94 58.97
C LYS B 782 -5.35 19.72 57.86
N GLU B 783 -4.98 18.97 56.82
CA GLU B 783 -5.92 18.70 55.73
C GLU B 783 -7.05 17.79 56.18
N VAL B 784 -6.83 16.97 57.21
CA VAL B 784 -7.89 16.10 57.72
C VAL B 784 -8.94 16.93 58.44
N GLN B 785 -8.52 17.93 59.21
CA GLN B 785 -9.46 18.78 59.92
C GLN B 785 -10.25 19.67 58.97
N GLU B 786 -9.64 20.08 57.86
CA GLU B 786 -10.35 20.92 56.89
C GLU B 786 -11.45 20.15 56.18
N ARG B 787 -11.29 18.85 56.01
CA ARG B 787 -12.32 18.03 55.37
C ARG B 787 -13.46 17.67 56.32
N LEU B 788 -13.30 17.92 57.62
CA LEU B 788 -14.32 17.63 58.61
C LEU B 788 -14.99 18.88 59.16
N ASP B 789 -14.72 20.04 58.57
CA ASP B 789 -15.33 21.28 59.03
C ASP B 789 -16.80 21.39 58.64
N GLU B 790 -17.27 20.59 57.68
CA GLU B 790 -18.67 20.64 57.27
C GLU B 790 -19.59 20.02 58.32
N LYS B 791 -19.07 19.16 59.18
CA LYS B 791 -19.87 18.52 60.22
C LYS B 791 -19.65 19.14 61.60
N GLN B 792 -19.02 20.31 61.66
CA GLN B 792 -18.75 21.02 62.91
C GLN B 792 -17.96 20.13 63.89
N ILE B 793 -16.89 19.53 63.37
CA ILE B 793 -16.03 18.65 64.15
C ILE B 793 -14.64 19.25 64.18
N THR B 794 -14.17 19.58 65.38
CA THR B 794 -12.85 20.17 65.56
C THR B 794 -11.85 19.07 65.90
N LEU B 795 -10.84 18.91 65.05
CA LEU B 795 -9.81 17.89 65.25
C LEU B 795 -8.59 18.53 65.90
N ASP B 796 -8.27 18.09 67.10
CA ASP B 796 -7.13 18.59 67.86
C ASP B 796 -6.22 17.44 68.24
N VAL B 797 -4.93 17.59 67.96
CA VAL B 797 -3.93 16.58 68.25
C VAL B 797 -2.88 17.20 69.16
N ASP B 798 -2.61 16.53 70.28
CA ASP B 798 -1.63 17.03 71.24
C ASP B 798 -0.21 16.76 70.73
N ASP B 799 0.78 17.21 71.50
CA ASP B 799 2.17 17.04 71.12
C ASP B 799 2.67 15.61 71.34
N LYS B 800 1.94 14.81 72.12
CA LYS B 800 2.35 13.43 72.36
C LYS B 800 2.08 12.53 71.16
N ALA B 801 0.93 12.71 70.52
CA ALA B 801 0.60 11.89 69.35
C ALA B 801 1.38 12.31 68.11
N LYS B 802 1.88 13.55 68.06
CA LYS B 802 2.65 14.01 66.92
C LYS B 802 4.07 13.47 66.89
N ASP B 803 4.56 12.97 68.03
CA ASP B 803 5.91 12.43 68.10
C ASP B 803 5.97 10.92 67.92
N LEU B 804 4.87 10.22 68.16
CA LEU B 804 4.86 8.76 68.00
C LEU B 804 4.83 8.37 66.52
N LEU B 805 4.04 9.07 65.71
CA LEU B 805 3.93 8.76 64.30
C LEU B 805 5.14 9.27 63.50
N ALA B 806 5.98 10.12 64.09
CA ALA B 806 7.14 10.64 63.39
C ALA B 806 8.38 9.77 63.56
N GLN B 807 8.46 8.99 64.62
CA GLN B 807 9.61 8.12 64.86
C GLN B 807 9.42 6.71 64.30
N GLN B 808 8.19 6.35 63.91
CA GLN B 808 7.91 5.02 63.37
C GLN B 808 7.87 5.01 61.84
N GLY B 809 7.39 6.07 61.22
CA GLY B 809 7.32 6.18 59.78
C GLY B 809 8.56 6.72 59.11
N PHE B 810 9.66 6.87 59.84
CA PHE B 810 10.90 7.39 59.28
C PHE B 810 11.58 6.27 58.48
N ASP B 811 11.53 6.40 57.16
CA ASP B 811 12.13 5.40 56.26
C ASP B 811 12.77 6.13 55.09
N PRO B 812 14.02 6.58 55.25
CA PRO B 812 14.69 7.34 54.17
C PRO B 812 15.19 6.48 53.02
N VAL B 813 15.14 5.14 53.14
CA VAL B 813 15.61 4.26 52.08
C VAL B 813 14.60 4.13 50.95
N TYR B 814 13.36 4.56 51.16
CA TYR B 814 12.34 4.48 50.11
C TYR B 814 11.65 5.81 49.81
N GLY B 815 11.46 6.69 50.78
CA GLY B 815 10.84 7.98 50.58
C GLY B 815 9.74 8.22 51.60
N ALA B 816 8.91 9.22 51.32
CA ALA B 816 7.80 9.58 52.18
C ALA B 816 6.51 8.86 51.81
N ARG B 817 6.60 7.74 51.09
CA ARG B 817 5.38 7.01 50.72
C ARG B 817 4.84 6.16 51.87
N PRO B 818 5.66 5.39 52.63
CA PRO B 818 5.11 4.65 53.77
C PRO B 818 4.69 5.56 54.92
N LEU B 819 5.04 6.84 54.83
CA LEU B 819 4.75 7.81 55.88
C LEU B 819 3.26 7.98 56.11
N ASN B 820 2.51 8.37 55.06
CA ASN B 820 1.08 8.61 55.22
C ASN B 820 0.28 7.32 55.34
N ARG B 821 0.83 6.19 54.90
CA ARG B 821 0.10 4.92 55.01
C ARG B 821 0.02 4.44 56.45
N LEU B 822 1.00 4.82 57.29
CA LEU B 822 0.95 4.42 58.69
C LEU B 822 -0.11 5.21 59.46
N ILE B 823 -0.34 6.47 59.08
CA ILE B 823 -1.35 7.28 59.75
C ILE B 823 -2.75 6.83 59.36
N GLN B 824 -2.94 6.48 58.08
CA GLN B 824 -4.25 6.03 57.63
C GLN B 824 -4.63 4.68 58.23
N HIS B 825 -3.65 3.80 58.42
CA HIS B 825 -3.89 2.48 58.98
C HIS B 825 -3.87 2.47 60.50
N ALA B 826 -4.06 3.63 61.15
CA ALA B 826 -4.04 3.70 62.60
C ALA B 826 -4.87 4.88 63.09
N LEU B 827 -4.50 6.09 62.68
CA LEU B 827 -5.21 7.29 63.12
C LEU B 827 -6.52 7.46 62.35
N LEU B 828 -6.45 7.42 61.02
CA LEU B 828 -7.65 7.61 60.21
C LEU B 828 -8.57 6.40 60.23
N THR B 829 -8.04 5.22 60.57
CA THR B 829 -8.87 4.02 60.61
C THR B 829 -9.79 4.03 61.83
N GLN B 830 -9.23 4.28 63.01
CA GLN B 830 -10.02 4.30 64.23
C GLN B 830 -10.88 5.56 64.36
N LEU B 831 -10.58 6.60 63.58
CA LEU B 831 -11.37 7.82 63.65
C LEU B 831 -12.72 7.64 62.97
N SER B 832 -12.75 6.89 61.86
CA SER B 832 -14.00 6.62 61.15
C SER B 832 -14.84 5.54 61.81
N ARG B 833 -14.29 4.82 62.79
CA ARG B 833 -15.06 3.78 63.46
C ARG B 833 -16.10 4.38 64.40
N LEU B 834 -15.76 5.47 65.08
CA LEU B 834 -16.68 6.12 66.00
C LEU B 834 -17.72 6.97 65.30
N LEU B 835 -17.61 7.17 63.99
CA LEU B 835 -18.57 7.98 63.24
C LEU B 835 -19.74 7.16 62.72
N LEU B 836 -19.87 5.91 63.14
CA LEU B 836 -20.96 5.05 62.69
C LEU B 836 -21.74 4.43 63.84
N ASP B 837 -21.06 4.04 64.92
CA ASP B 837 -21.76 3.43 66.05
C ASP B 837 -22.34 4.48 66.99
N GLY B 838 -21.70 5.64 67.11
CA GLY B 838 -22.18 6.69 67.98
C GLY B 838 -21.11 7.23 68.91
N GLY B 839 -19.85 7.08 68.53
CA GLY B 839 -18.75 7.57 69.33
C GLY B 839 -18.53 9.06 69.21
N VAL B 840 -18.22 9.52 68.00
CA VAL B 840 -17.98 10.93 67.72
C VAL B 840 -19.20 11.47 66.99
N ARG B 841 -19.90 12.42 67.63
CA ARG B 841 -21.09 13.02 67.06
C ARG B 841 -20.75 14.35 66.39
N PRO B 842 -21.42 14.68 65.29
CA PRO B 842 -21.16 15.97 64.62
C PRO B 842 -21.50 17.16 65.49
N GLY B 843 -20.50 17.67 66.21
CA GLY B 843 -20.70 18.81 67.09
C GLY B 843 -19.93 18.72 68.38
N GLU B 844 -18.91 17.85 68.41
CA GLU B 844 -18.09 17.65 69.60
C GLU B 844 -16.62 17.67 69.19
N ILE B 845 -15.80 18.35 69.99
CA ILE B 845 -14.37 18.43 69.71
C ILE B 845 -13.71 17.10 70.05
N ALA B 846 -13.09 16.48 69.06
CA ALA B 846 -12.43 15.21 69.26
C ALA B 846 -11.03 15.41 69.85
N LYS B 847 -10.58 14.42 70.61
CA LYS B 847 -9.27 14.45 71.24
C LYS B 847 -8.53 13.16 70.94
N VAL B 848 -7.30 13.28 70.46
CA VAL B 848 -6.46 12.14 70.13
C VAL B 848 -5.17 12.26 70.93
N THR B 849 -4.93 11.30 71.82
CA THR B 849 -3.75 11.28 72.67
C THR B 849 -3.12 9.89 72.64
N VAL B 850 -2.02 9.74 73.34
CA VAL B 850 -1.30 8.48 73.42
C VAL B 850 -1.78 7.71 74.64
N ASP B 851 -2.08 6.42 74.46
CA ASP B 851 -2.55 5.58 75.54
C ASP B 851 -1.40 5.10 76.42
N GLN B 852 -1.63 4.05 77.20
CA GLN B 852 -0.62 3.56 78.13
C GLN B 852 0.31 2.53 77.51
N GLU B 853 -0.10 1.87 76.42
CA GLU B 853 0.74 0.89 75.75
C GLU B 853 1.34 1.41 74.46
N GLY B 854 1.21 2.69 74.17
CA GLY B 854 1.78 3.28 72.97
C GLY B 854 1.01 2.93 71.71
N GLU B 855 -0.12 3.59 71.50
CA GLU B 855 -0.93 3.35 70.32
C GLU B 855 -1.83 4.56 70.08
N ILE B 856 -1.92 4.98 68.83
CA ILE B 856 -2.75 6.14 68.47
C ILE B 856 -4.21 5.72 68.58
N ILE B 857 -4.91 6.28 69.56
CA ILE B 857 -6.32 5.98 69.80
C ILE B 857 -7.09 7.27 69.93
N VAL B 858 -8.35 7.24 69.52
CA VAL B 858 -9.23 8.40 69.58
C VAL B 858 -10.05 8.31 70.85
N ILE B 859 -9.98 9.37 71.66
CA ILE B 859 -10.72 9.39 72.93
C ILE B 859 -12.19 9.63 72.64
N ARG B 860 -13.05 8.70 73.09
CA ARG B 860 -14.48 8.79 72.89
C ARG B 860 -15.17 9.21 74.18
N ASN B 861 -16.39 9.73 74.03
CA ASN B 861 -17.17 10.19 75.17
C ASN B 861 -18.59 9.62 75.20
N HIS B 862 -19.07 9.00 74.13
CA HIS B 862 -20.40 8.44 74.08
C HIS B 862 -20.31 6.95 73.76
N GLY B 863 -21.28 6.19 74.28
CA GLY B 863 -21.33 4.76 74.06
C GLY B 863 -21.99 4.41 72.75
N ILE B 864 -22.24 3.12 72.57
CA ILE B 864 -22.88 2.61 71.37
C ILE B 864 -24.37 2.90 71.41
N SER C 3 -29.91 -2.68 -43.72
CA SER C 3 -29.81 -1.23 -43.82
C SER C 3 -30.23 -0.56 -42.52
N SER C 4 -29.46 0.44 -42.10
CA SER C 4 -29.74 1.17 -40.87
C SER C 4 -29.37 2.63 -41.06
N MET C 5 -30.08 3.50 -40.34
CA MET C 5 -29.86 4.94 -40.41
C MET C 5 -29.64 5.46 -39.00
N GLN C 6 -28.53 6.15 -38.78
CA GLN C 6 -28.17 6.71 -37.49
C GLN C 6 -27.91 8.20 -37.65
N PHE C 7 -28.53 9.01 -36.79
CA PHE C 7 -28.40 10.46 -36.82
C PHE C 7 -27.63 10.94 -35.59
N THR C 8 -27.29 12.23 -35.60
CA THR C 8 -26.55 12.83 -34.50
C THR C 8 -27.45 13.73 -33.68
N ASP C 9 -26.95 14.91 -33.30
CA ASP C 9 -27.71 15.87 -32.51
C ASP C 9 -27.96 17.17 -33.25
N LYS C 10 -26.94 17.73 -33.91
CA LYS C 10 -27.13 18.98 -34.64
C LYS C 10 -27.96 18.76 -35.90
N ALA C 11 -27.70 17.67 -36.63
CA ALA C 11 -28.46 17.38 -37.84
C ALA C 11 -29.85 16.84 -37.51
N THR C 12 -30.06 16.33 -36.30
CA THR C 12 -31.37 15.81 -35.94
C THR C 12 -32.37 16.94 -35.68
N GLU C 13 -31.94 17.97 -34.93
CA GLU C 13 -32.82 19.10 -34.65
C GLU C 13 -33.16 19.89 -35.90
N THR C 14 -32.27 19.88 -36.91
CA THR C 14 -32.54 20.60 -38.14
C THR C 14 -33.59 19.88 -38.98
N LEU C 15 -33.53 18.54 -39.00
CA LEU C 15 -34.51 17.77 -39.77
C LEU C 15 -35.91 17.90 -39.19
N ASN C 16 -36.02 17.91 -37.86
CA ASN C 16 -37.34 18.07 -37.24
C ASN C 16 -37.87 19.48 -37.39
N ALA C 17 -36.97 20.47 -37.49
CA ALA C 17 -37.40 21.86 -37.67
C ALA C 17 -37.87 22.14 -39.08
N ALA C 18 -37.41 21.38 -40.07
CA ALA C 18 -37.84 21.59 -41.45
C ALA C 18 -39.28 21.12 -41.65
N ALA C 19 -39.71 20.09 -40.91
CA ALA C 19 -41.08 19.62 -41.04
C ALA C 19 -42.07 20.58 -40.40
N LYS C 20 -41.68 21.25 -39.33
CA LYS C 20 -42.57 22.21 -38.68
C LYS C 20 -42.70 23.49 -39.49
N TYR C 21 -41.64 23.87 -40.21
CA TYR C 21 -41.70 25.08 -41.03
C TYR C 21 -42.56 24.88 -42.26
N ALA C 22 -42.55 23.69 -42.84
CA ALA C 22 -43.38 23.41 -44.01
C ALA C 22 -44.84 23.19 -43.65
N ALA C 23 -45.15 22.89 -42.38
CA ALA C 23 -46.53 22.68 -41.97
C ALA C 23 -47.21 23.97 -41.51
N GLU C 24 -46.44 24.93 -41.00
CA GLU C 24 -47.01 26.18 -40.55
C GLU C 24 -47.30 27.16 -41.69
N ASN C 25 -46.72 26.92 -42.87
CA ASN C 25 -46.95 27.77 -44.03
C ASN C 25 -47.88 27.12 -45.05
N SER C 26 -48.55 26.03 -44.67
CA SER C 26 -49.49 25.33 -45.54
C SER C 26 -48.82 24.89 -46.84
N HIS C 27 -48.02 23.84 -46.78
CA HIS C 27 -47.33 23.29 -47.95
C HIS C 27 -47.74 21.84 -48.14
N VAL C 28 -47.25 21.25 -49.23
CA VAL C 28 -47.56 19.86 -49.56
C VAL C 28 -46.29 19.03 -49.50
N GLN C 29 -45.33 19.34 -50.36
CA GLN C 29 -44.08 18.61 -50.42
C GLN C 29 -43.01 19.29 -49.56
N LEU C 30 -42.02 18.50 -49.16
CA LEU C 30 -40.91 18.98 -48.35
C LEU C 30 -39.73 19.27 -49.27
N HIS C 31 -39.60 20.53 -49.67
CA HIS C 31 -38.54 20.92 -50.57
C HIS C 31 -37.22 21.03 -49.80
N PRO C 32 -36.10 20.63 -50.40
CA PRO C 32 -34.81 20.71 -49.69
C PRO C 32 -34.39 22.13 -49.32
N SER C 33 -35.01 23.16 -49.90
CA SER C 33 -34.66 24.53 -49.57
C SER C 33 -35.13 24.94 -48.19
N HIS C 34 -35.98 24.15 -47.54
CA HIS C 34 -36.47 24.44 -46.20
C HIS C 34 -35.54 23.94 -45.10
N VAL C 35 -34.34 23.50 -45.45
CA VAL C 35 -33.39 22.97 -44.49
C VAL C 35 -32.20 23.91 -44.31
N ALA C 36 -31.66 24.44 -45.40
CA ALA C 36 -30.51 25.33 -45.31
C ALA C 36 -30.84 26.67 -44.66
N VAL C 37 -32.12 27.06 -44.67
CA VAL C 37 -32.50 28.33 -44.04
C VAL C 37 -32.47 28.21 -42.52
N VAL C 38 -33.01 27.10 -41.99
CA VAL C 38 -33.02 26.91 -40.54
C VAL C 38 -31.63 26.57 -40.03
N MET C 39 -30.87 25.79 -40.81
CA MET C 39 -29.52 25.40 -40.39
C MET C 39 -28.58 26.59 -40.33
N LEU C 40 -28.77 27.59 -41.22
CA LEU C 40 -27.89 28.74 -41.22
C LEU C 40 -28.13 29.64 -40.01
N ASP C 41 -29.36 29.70 -39.52
CA ASP C 41 -29.73 30.56 -38.38
C ASP C 41 -29.34 29.85 -37.08
N GLU C 42 -28.02 29.77 -36.85
CA GLU C 42 -27.48 29.15 -35.66
C GLU C 42 -26.30 29.97 -35.16
N GLU C 43 -26.09 29.95 -33.85
CA GLU C 43 -24.98 30.66 -33.23
C GLU C 43 -23.69 29.89 -33.48
N ASN C 44 -22.76 30.52 -34.21
CA ASN C 44 -21.47 29.91 -34.56
C ASN C 44 -21.68 28.58 -35.29
N SER C 45 -22.47 28.65 -36.37
CA SER C 45 -22.77 27.46 -37.16
C SER C 45 -21.58 27.09 -38.04
N LEU C 46 -21.50 25.80 -38.38
CA LEU C 46 -20.42 25.31 -39.22
C LEU C 46 -20.62 25.65 -40.69
N PHE C 47 -21.86 25.91 -41.11
CA PHE C 47 -22.12 26.25 -42.51
C PHE C 47 -21.73 27.68 -42.84
N ARG C 48 -21.69 28.57 -41.84
CA ARG C 48 -21.32 29.95 -42.10
C ARG C 48 -19.84 30.08 -42.48
N SER C 49 -18.98 29.26 -41.86
CA SER C 49 -17.55 29.33 -42.16
C SER C 49 -17.21 28.66 -43.49
N ILE C 50 -18.13 27.89 -44.06
CA ILE C 50 -17.86 27.23 -45.33
C ILE C 50 -17.97 28.22 -46.49
N LEU C 51 -19.03 29.04 -46.49
CA LEU C 51 -19.21 30.00 -47.57
C LEU C 51 -18.19 31.13 -47.49
N GLU C 52 -17.67 31.43 -46.30
CA GLU C 52 -16.68 32.48 -46.14
C GLU C 52 -15.26 32.02 -46.45
N LYS C 53 -15.04 30.71 -46.53
CA LYS C 53 -13.72 30.18 -46.82
C LYS C 53 -13.52 29.87 -48.30
N ALA C 54 -14.50 29.22 -48.93
CA ALA C 54 -14.42 28.88 -50.34
C ALA C 54 -14.85 30.03 -51.25
N GLY C 55 -15.26 31.16 -50.70
CA GLY C 55 -15.66 32.29 -51.50
C GLY C 55 -17.17 32.42 -51.60
N GLY C 56 -17.63 33.65 -51.78
CA GLY C 56 -19.05 33.92 -51.90
C GLY C 56 -19.61 34.66 -50.70
N ASP C 57 -20.42 35.68 -50.96
CA ASP C 57 -21.02 36.45 -49.88
C ASP C 57 -22.19 35.69 -49.26
N VAL C 58 -22.26 35.74 -47.92
CA VAL C 58 -23.33 35.05 -47.21
C VAL C 58 -24.63 35.86 -47.16
N VAL C 59 -24.61 37.09 -47.64
CA VAL C 59 -25.82 37.92 -47.63
C VAL C 59 -26.62 37.82 -48.93
N SER C 60 -26.06 37.20 -49.96
CA SER C 60 -26.76 37.06 -51.23
C SER C 60 -27.21 35.63 -51.53
N ILE C 61 -26.60 34.63 -50.88
CA ILE C 61 -27.01 33.24 -51.12
C ILE C 61 -28.31 32.93 -50.41
N GLU C 62 -28.50 33.45 -49.20
CA GLU C 62 -29.72 33.19 -48.45
C GLU C 62 -30.92 33.88 -49.09
N ARG C 63 -30.70 34.99 -49.79
CA ARG C 63 -31.81 35.69 -50.43
C ARG C 63 -32.40 34.88 -51.57
N GLY C 64 -31.62 34.00 -52.18
CA GLY C 64 -32.12 33.16 -53.25
C GLY C 64 -32.90 31.93 -52.80
N PHE C 65 -32.90 31.63 -51.50
CA PHE C 65 -33.62 30.48 -51.00
C PHE C 65 -35.07 30.82 -50.66
N LYS C 66 -35.35 32.08 -50.31
CA LYS C 66 -36.71 32.47 -49.97
C LYS C 66 -37.61 32.57 -51.19
N LYS C 67 -37.04 32.76 -52.38
CA LYS C 67 -37.85 32.82 -53.59
C LYS C 67 -38.35 31.45 -54.01
N ILE C 68 -37.68 30.38 -53.54
CA ILE C 68 -38.11 29.03 -53.89
C ILE C 68 -39.34 28.64 -53.07
N MET C 69 -39.40 29.08 -51.81
CA MET C 69 -40.54 28.75 -50.96
C MET C 69 -41.83 29.38 -51.48
N VAL C 70 -41.74 30.57 -52.06
CA VAL C 70 -42.93 31.23 -52.59
C VAL C 70 -43.42 30.51 -53.84
N ARG C 71 -42.49 30.00 -54.66
CA ARG C 71 -42.87 29.30 -55.89
C ARG C 71 -43.56 27.98 -55.61
N GLN C 72 -43.31 27.37 -54.46
CA GLN C 72 -43.94 26.09 -54.13
C GLN C 72 -45.45 26.29 -53.91
N PRO C 73 -46.28 25.41 -54.44
CA PRO C 73 -47.73 25.55 -54.25
C PRO C 73 -48.12 25.34 -52.80
N HIS C 84 -42.80 13.05 -48.77
CA HIS C 84 -41.62 13.15 -49.60
C HIS C 84 -41.86 14.03 -50.82
N SER C 85 -40.78 14.39 -51.49
CA SER C 85 -40.81 15.26 -52.66
C SER C 85 -39.91 14.68 -53.74
N PRO C 86 -40.26 14.88 -55.01
CA PRO C 86 -39.40 14.38 -56.10
C PRO C 86 -38.00 14.95 -56.06
N GLU C 87 -37.84 16.20 -55.59
CA GLU C 87 -36.51 16.79 -55.46
C GLU C 87 -35.86 16.51 -54.12
N LEU C 88 -36.63 16.03 -53.13
CA LEU C 88 -36.05 15.71 -51.84
C LEU C 88 -35.33 14.37 -51.85
N ALA C 89 -35.78 13.43 -52.69
CA ALA C 89 -35.12 12.13 -52.77
C ALA C 89 -33.71 12.26 -53.34
N LYS C 90 -33.47 13.25 -54.19
CA LYS C 90 -32.13 13.45 -54.74
C LYS C 90 -31.18 14.07 -53.72
N LEU C 91 -31.72 14.68 -52.66
CA LEU C 91 -30.86 15.27 -51.64
C LEU C 91 -30.15 14.18 -50.83
N LEU C 92 -30.88 13.12 -50.47
CA LEU C 92 -30.28 12.03 -49.72
C LEU C 92 -29.53 11.06 -50.60
N HIS C 93 -29.73 11.11 -51.92
CA HIS C 93 -29.02 10.22 -52.83
C HIS C 93 -27.55 10.63 -52.96
N TYR C 94 -27.30 11.91 -53.24
CA TYR C 94 -25.93 12.39 -53.34
C TYR C 94 -25.25 12.50 -51.99
N ALA C 95 -26.02 12.59 -50.90
CA ALA C 95 -25.43 12.68 -49.58
C ALA C 95 -24.83 11.34 -49.14
N HIS C 96 -25.39 10.22 -49.63
CA HIS C 96 -24.85 8.92 -49.29
C HIS C 96 -23.53 8.63 -49.99
N GLU C 97 -23.28 9.28 -51.13
CA GLU C 97 -22.01 9.08 -51.84
C GLU C 97 -20.86 9.74 -51.09
N HIS C 98 -21.09 10.95 -50.56
CA HIS C 98 -20.06 11.64 -49.79
C HIS C 98 -19.96 11.14 -48.36
N MET C 99 -20.91 10.32 -47.91
CA MET C 99 -20.85 9.79 -46.54
C MET C 99 -19.73 8.76 -46.41
N LYS C 100 -19.55 7.92 -47.42
CA LYS C 100 -18.50 6.90 -47.41
C LYS C 100 -17.16 7.45 -47.88
N LYS C 101 -17.08 8.71 -48.26
CA LYS C 101 -15.84 9.33 -48.73
C LYS C 101 -15.20 10.25 -47.70
N GLN C 102 -16.01 10.99 -46.94
CA GLN C 102 -15.49 11.90 -45.93
C GLN C 102 -15.07 11.20 -44.65
N ARG C 103 -15.24 9.88 -44.57
CA ARG C 103 -14.85 9.08 -43.40
C ARG C 103 -15.55 9.58 -42.14
N ASP C 104 -16.77 9.08 -41.90
CA ASP C 104 -17.54 9.48 -40.73
C ASP C 104 -18.25 8.25 -40.17
N LEU C 105 -18.48 8.26 -38.86
CA LEU C 105 -19.14 7.16 -38.19
C LEU C 105 -20.66 7.30 -38.20
N TYR C 106 -21.17 8.53 -38.11
CA TYR C 106 -22.61 8.76 -38.14
C TYR C 106 -22.99 9.60 -39.36
N ILE C 107 -24.09 10.36 -39.24
CA ILE C 107 -24.55 11.24 -40.30
C ILE C 107 -24.62 12.65 -39.71
N ALA C 108 -23.65 13.49 -40.07
CA ALA C 108 -23.60 14.86 -39.59
C ALA C 108 -24.32 15.79 -40.57
N GLN C 109 -24.25 17.09 -40.31
CA GLN C 109 -24.90 18.07 -41.18
C GLN C 109 -24.08 18.37 -42.43
N ASP C 110 -22.81 18.01 -42.46
CA ASP C 110 -21.98 18.29 -43.62
C ASP C 110 -22.26 17.35 -44.79
N HIS C 111 -22.95 16.23 -44.53
CA HIS C 111 -23.26 15.29 -45.61
C HIS C 111 -24.29 15.87 -46.58
N LEU C 112 -25.18 16.73 -46.10
CA LEU C 112 -26.17 17.36 -46.94
C LEU C 112 -25.70 18.67 -47.56
N ILE C 113 -24.55 19.20 -47.11
CA ILE C 113 -24.04 20.45 -47.67
C ILE C 113 -23.46 20.21 -49.05
N LEU C 114 -22.75 19.11 -49.24
CA LEU C 114 -22.13 18.82 -50.53
C LEU C 114 -23.15 18.49 -51.62
N ALA C 115 -24.39 18.19 -51.23
CA ALA C 115 -25.43 17.88 -52.20
C ALA C 115 -26.04 19.12 -52.83
N LEU C 116 -25.68 20.32 -52.36
CA LEU C 116 -26.24 21.54 -52.94
C LEU C 116 -25.63 21.84 -54.30
N ALA C 117 -24.43 21.34 -54.58
CA ALA C 117 -23.76 21.57 -55.85
C ALA C 117 -24.14 20.54 -56.92
N ASP C 118 -25.08 19.63 -56.62
CA ASP C 118 -25.49 18.62 -57.57
C ASP C 118 -26.92 18.82 -58.09
N LEU C 119 -27.75 19.58 -57.39
CA LEU C 119 -29.12 19.81 -57.85
C LEU C 119 -29.13 20.88 -58.93
N PRO C 120 -29.97 20.74 -59.96
CA PRO C 120 -30.01 21.76 -61.01
C PRO C 120 -30.64 23.07 -60.55
N SER C 121 -31.54 23.04 -59.57
CA SER C 121 -32.18 24.23 -59.05
C SER C 121 -31.42 24.86 -57.90
N MET C 122 -30.24 24.33 -57.56
CA MET C 122 -29.44 24.86 -56.46
C MET C 122 -28.04 25.30 -56.86
N ALA C 123 -27.56 24.91 -58.05
CA ALA C 123 -26.22 25.32 -58.46
C ALA C 123 -26.19 26.77 -58.90
N GLN C 124 -27.32 27.32 -59.34
CA GLN C 124 -27.36 28.70 -59.79
C GLN C 124 -27.22 29.68 -58.63
N VAL C 125 -27.76 29.32 -57.46
CA VAL C 125 -27.67 30.20 -56.29
C VAL C 125 -26.25 30.23 -55.76
N LEU C 126 -25.58 29.07 -55.74
CA LEU C 126 -24.22 29.02 -55.22
C LEU C 126 -23.23 29.71 -56.15
N LYS C 127 -23.37 29.48 -57.46
CA LYS C 127 -22.47 30.10 -58.43
C LYS C 127 -22.73 31.58 -58.64
N GLU C 128 -23.84 32.10 -58.10
CA GLU C 128 -24.12 33.53 -58.25
C GLU C 128 -23.19 34.37 -57.38
N GLY C 129 -22.92 33.91 -56.16
CA GLY C 129 -22.05 34.63 -55.26
C GLY C 129 -20.57 34.35 -55.51
N GLY C 130 -20.23 33.08 -55.69
CA GLY C 130 -18.86 32.69 -55.95
C GLY C 130 -18.44 31.44 -55.19
N VAL C 131 -19.29 30.42 -55.22
CA VAL C 131 -19.02 29.15 -54.55
C VAL C 131 -18.44 28.18 -55.57
N THR C 132 -17.22 27.72 -55.32
CA THR C 132 -16.54 26.79 -56.20
C THR C 132 -16.86 25.36 -55.80
N LYS C 133 -17.24 24.53 -56.77
CA LYS C 133 -17.56 23.14 -56.48
C LYS C 133 -16.33 22.36 -56.04
N LYS C 134 -15.16 22.65 -56.64
CA LYS C 134 -13.94 21.96 -56.25
C LYS C 134 -13.48 22.36 -54.86
N SER C 135 -13.74 23.61 -54.47
CA SER C 135 -13.36 24.10 -53.14
C SER C 135 -14.40 23.78 -52.08
N LEU C 136 -15.57 23.28 -52.46
CA LEU C 136 -16.60 22.96 -51.47
C LEU C 136 -16.28 21.66 -50.75
N GLU C 137 -15.69 20.68 -51.44
CA GLU C 137 -15.36 19.42 -50.80
C GLU C 137 -14.19 19.57 -49.83
N ASN C 138 -13.29 20.52 -50.08
CA ASN C 138 -12.17 20.76 -49.20
C ASN C 138 -12.51 21.65 -48.02
N ALA C 139 -13.71 22.23 -47.99
CA ALA C 139 -14.11 23.10 -46.89
C ALA C 139 -14.80 22.33 -45.77
N VAL C 140 -15.48 21.22 -46.09
CA VAL C 140 -16.17 20.44 -45.07
C VAL C 140 -15.22 19.54 -44.27
N THR C 141 -13.95 19.47 -44.66
CA THR C 141 -12.97 18.64 -43.97
C THR C 141 -12.13 19.42 -42.97
N HIS C 142 -11.65 20.60 -43.35
CA HIS C 142 -10.83 21.39 -42.43
C HIS C 142 -11.66 21.96 -41.28
N VAL C 143 -12.94 22.21 -41.51
CA VAL C 143 -13.79 22.75 -40.45
C VAL C 143 -14.17 21.65 -39.46
N ARG C 144 -14.56 20.48 -39.96
CA ARG C 144 -14.94 19.36 -39.11
C ARG C 144 -13.73 18.79 -38.38
N GLY C 145 -12.96 17.95 -39.06
CA GLY C 145 -11.79 17.33 -38.48
C GLY C 145 -12.02 15.88 -38.08
N ALA C 157 -11.84 27.10 -38.35
CA ALA C 157 -10.84 26.11 -37.98
C ALA C 157 -11.49 24.80 -37.55
N TYR C 158 -10.73 23.96 -36.85
CA TYR C 158 -11.24 22.69 -36.38
C TYR C 158 -12.17 22.89 -35.19
N GLU C 159 -12.84 21.80 -34.80
CA GLU C 159 -13.78 21.81 -33.67
C GLU C 159 -13.12 21.34 -32.38
N ALA C 160 -12.39 20.22 -32.43
CA ALA C 160 -11.76 19.70 -31.22
C ALA C 160 -10.52 20.50 -30.84
N LEU C 161 -9.86 21.13 -31.81
CA LEU C 161 -8.66 21.92 -31.55
C LEU C 161 -8.97 23.35 -31.12
N SER C 162 -10.22 23.80 -31.25
CA SER C 162 -10.61 25.15 -30.86
C SER C 162 -11.45 25.21 -29.61
N LYS C 163 -12.20 24.14 -29.30
CA LYS C 163 -13.04 24.11 -28.10
C LYS C 163 -12.36 23.46 -26.90
N TYR C 164 -11.28 22.71 -27.12
CA TYR C 164 -10.58 22.04 -26.04
C TYR C 164 -9.06 22.25 -26.06
N CYS C 165 -8.50 22.75 -27.15
CA CYS C 165 -7.07 22.98 -27.27
C CYS C 165 -6.80 24.46 -27.50
N ILE C 166 -5.57 24.87 -27.19
CA ILE C 166 -5.12 26.24 -27.36
C ILE C 166 -3.89 26.22 -28.26
N ASP C 167 -4.03 26.78 -29.45
CA ASP C 167 -2.92 26.81 -30.40
C ASP C 167 -1.92 27.89 -30.01
N LEU C 168 -0.63 27.54 -30.07
CA LEU C 168 0.44 28.46 -29.72
C LEU C 168 0.85 29.34 -30.89
N THR C 169 0.74 28.85 -32.12
CA THR C 169 1.13 29.63 -33.29
C THR C 169 0.20 30.82 -33.53
N GLU C 170 -1.03 30.77 -33.00
CA GLU C 170 -1.94 31.90 -33.17
C GLU C 170 -1.50 33.10 -32.35
N LEU C 171 -0.99 32.86 -31.13
CA LEU C 171 -0.52 33.94 -30.28
C LEU C 171 0.86 34.44 -30.72
N ALA C 172 1.66 33.58 -31.32
CA ALA C 172 2.99 34.00 -31.77
C ALA C 172 2.92 34.79 -33.07
N ALA C 173 1.99 34.44 -33.97
CA ALA C 173 1.85 35.18 -35.22
C ALA C 173 1.25 36.55 -34.98
N SER C 174 0.33 36.67 -34.03
CA SER C 174 -0.29 37.96 -33.72
C SER C 174 0.58 38.84 -32.82
N GLY C 175 1.72 38.35 -32.36
CA GLY C 175 2.60 39.12 -31.50
C GLY C 175 2.19 39.19 -30.05
N LYS C 176 1.27 38.33 -29.61
CA LYS C 176 0.81 38.32 -28.23
C LYS C 176 1.54 37.26 -27.38
N LEU C 177 2.75 36.88 -27.77
CA LEU C 177 3.54 35.89 -27.05
C LEU C 177 4.81 36.53 -26.52
N ASP C 178 5.20 36.13 -25.31
CA ASP C 178 6.40 36.68 -24.70
C ASP C 178 7.64 36.17 -25.43
N PRO C 179 8.54 37.04 -25.86
CA PRO C 179 9.75 36.58 -26.55
C PRO C 179 10.67 35.80 -25.60
N VAL C 180 11.56 35.03 -26.20
CA VAL C 180 12.52 34.20 -25.48
C VAL C 180 13.92 34.66 -25.86
N ILE C 181 14.65 35.19 -24.89
CA ILE C 181 16.02 35.67 -25.11
C ILE C 181 16.92 34.96 -24.11
N GLY C 182 17.92 34.24 -24.62
CA GLY C 182 18.86 33.53 -23.79
C GLY C 182 18.75 32.02 -23.82
N ARG C 183 17.98 31.46 -24.76
CA ARG C 183 17.80 30.01 -24.88
C ARG C 183 18.19 29.53 -26.26
N ASP C 184 19.31 30.02 -26.78
CA ASP C 184 19.76 29.63 -28.12
C ASP C 184 20.34 28.22 -28.14
N GLU C 185 20.77 27.69 -27.00
CA GLU C 185 21.33 26.35 -26.93
C GLU C 185 20.31 25.29 -26.53
N ILE C 186 19.04 25.68 -26.37
CA ILE C 186 17.98 24.75 -25.99
C ILE C 186 16.91 24.63 -27.07
N ILE C 187 16.54 25.74 -27.70
CA ILE C 187 15.54 25.70 -28.77
C ILE C 187 16.07 24.92 -29.96
N SER C 188 17.35 25.09 -30.29
CA SER C 188 17.93 24.35 -31.40
C SER C 188 18.02 22.86 -31.14
N ARG C 189 18.03 22.45 -29.86
CA ARG C 189 18.07 21.03 -29.55
C ARG C 189 16.73 20.36 -29.83
N VAL C 190 15.63 21.06 -29.55
CA VAL C 190 14.31 20.48 -29.79
C VAL C 190 14.06 20.31 -31.28
N ILE C 191 14.58 21.23 -32.10
CA ILE C 191 14.40 21.14 -33.54
C ILE C 191 15.13 19.92 -34.10
N ARG C 192 16.32 19.62 -33.56
CA ARG C 192 17.09 18.49 -34.05
C ARG C 192 16.45 17.16 -33.67
N VAL C 193 15.82 17.09 -32.49
CA VAL C 193 15.19 15.85 -32.06
C VAL C 193 13.97 15.54 -32.93
N LEU C 194 13.19 16.57 -33.27
CA LEU C 194 12.00 16.37 -34.10
C LEU C 194 12.36 15.98 -35.53
N SER C 195 13.57 16.28 -35.98
CA SER C 195 14.02 15.95 -37.33
C SER C 195 14.77 14.62 -37.38
N ARG C 196 14.44 13.68 -36.51
CA ARG C 196 15.09 12.38 -36.46
C ARG C 196 14.12 11.28 -36.88
N ARG C 197 14.69 10.18 -37.37
CA ARG C 197 13.87 9.03 -37.75
C ARG C 197 13.31 8.31 -36.52
N THR C 198 14.16 8.09 -35.51
CA THR C 198 13.76 7.46 -34.27
C THR C 198 14.01 8.41 -33.11
N LYS C 199 13.31 8.15 -32.00
CA LYS C 199 13.40 8.97 -30.79
C LYS C 199 13.09 10.43 -31.09
N ASN C 200 11.97 10.66 -31.77
CA ASN C 200 11.54 11.99 -32.17
C ASN C 200 10.54 12.58 -31.17
N ASN C 201 10.74 12.35 -29.88
CA ASN C 201 9.86 12.88 -28.83
C ASN C 201 10.73 13.51 -27.76
N PRO C 202 11.04 14.80 -27.89
CA PRO C 202 11.87 15.46 -26.87
C PRO C 202 11.10 15.69 -25.59
N CYS C 203 11.77 15.51 -24.46
CA CYS C 203 11.17 15.70 -23.14
C CYS C 203 12.07 16.60 -22.32
N LEU C 204 11.56 17.77 -21.94
CA LEU C 204 12.33 18.72 -21.16
C LEU C 204 12.46 18.22 -19.73
N VAL C 205 13.67 17.82 -19.35
CA VAL C 205 13.95 17.30 -18.01
C VAL C 205 14.71 18.37 -17.23
N GLY C 206 14.18 18.74 -16.08
CA GLY C 206 14.82 19.74 -15.25
C GLY C 206 14.00 20.01 -14.01
N GLU C 207 14.55 20.87 -13.15
CA GLU C 207 13.86 21.23 -11.92
C GLU C 207 12.68 22.14 -12.21
N PRO C 208 11.61 22.03 -11.43
CA PRO C 208 10.44 22.90 -11.65
C PRO C 208 10.72 24.36 -11.28
N GLY C 209 11.48 25.04 -12.15
CA GLY C 209 11.83 26.43 -11.89
C GLY C 209 12.73 27.00 -12.96
N VAL C 210 13.38 26.14 -13.74
CA VAL C 210 14.28 26.59 -14.79
C VAL C 210 13.55 27.02 -16.06
N GLY C 211 12.27 26.69 -16.19
CA GLY C 211 11.51 27.08 -17.36
C GLY C 211 11.27 25.93 -18.31
N LYS C 212 10.00 25.56 -18.52
CA LYS C 212 9.62 24.48 -19.41
C LYS C 212 8.65 24.93 -20.49
N THR C 213 7.61 25.66 -20.13
CA THR C 213 6.65 26.14 -21.12
C THR C 213 7.26 27.23 -21.99
N ALA C 214 8.12 28.08 -21.41
CA ALA C 214 8.76 29.14 -22.18
C ALA C 214 9.70 28.60 -23.26
N ILE C 215 10.19 27.37 -23.10
CA ILE C 215 11.06 26.79 -24.11
C ILE C 215 10.28 26.52 -25.39
N ALA C 216 9.06 25.99 -25.27
CA ALA C 216 8.23 25.74 -26.44
C ALA C 216 7.70 27.03 -27.06
N GLU C 217 7.68 28.13 -26.30
CA GLU C 217 7.20 29.39 -26.83
C GLU C 217 8.17 29.96 -27.87
N GLY C 218 9.47 29.74 -27.68
CA GLY C 218 10.44 30.21 -28.65
C GLY C 218 10.44 29.46 -29.96
N LEU C 219 9.87 28.26 -29.98
CA LEU C 219 9.81 27.48 -31.21
C LEU C 219 8.81 28.09 -32.20
N ALA C 220 7.69 28.60 -31.70
CA ALA C 220 6.69 29.22 -32.57
C ALA C 220 7.14 30.58 -33.07
N ASN C 221 8.08 31.23 -32.38
CA ASN C 221 8.61 32.53 -32.80
C ASN C 221 9.77 32.41 -33.78
N ARG C 222 10.01 31.21 -34.31
CA ARG C 222 11.10 31.00 -35.26
C ARG C 222 10.65 30.28 -36.53
N ILE C 223 9.70 29.35 -36.43
CA ILE C 223 9.21 28.66 -37.61
C ILE C 223 8.29 29.56 -38.43
N VAL C 224 7.44 30.34 -37.75
CA VAL C 224 6.52 31.22 -38.45
C VAL C 224 7.27 32.35 -39.15
N LYS C 225 8.29 32.90 -38.48
CA LYS C 225 9.06 34.00 -39.07
C LYS C 225 9.91 33.50 -40.24
N GLY C 226 10.81 32.56 -39.98
CA GLY C 226 11.67 32.02 -41.01
C GLY C 226 12.79 31.15 -40.49
N ASP C 227 12.70 29.84 -40.73
CA ASP C 227 13.73 28.91 -40.29
C ASP C 227 13.72 27.66 -41.14
N ILE C 228 12.61 26.93 -41.12
CA ILE C 228 12.45 25.69 -41.90
C ILE C 228 11.51 25.97 -43.06
N PRO C 229 11.63 25.25 -44.17
CA PRO C 229 10.71 25.46 -45.30
C PRO C 229 9.28 25.08 -44.94
N SER C 230 8.38 25.39 -45.87
CA SER C 230 6.96 25.11 -45.65
C SER C 230 6.64 23.62 -45.67
N SER C 231 7.57 22.79 -46.15
CA SER C 231 7.34 21.34 -46.18
C SER C 231 7.45 20.70 -44.81
N LEU C 232 7.94 21.42 -43.80
CA LEU C 232 8.09 20.89 -42.46
C LEU C 232 7.44 21.76 -41.39
N GLN C 233 6.68 22.79 -41.78
CA GLN C 233 6.03 23.66 -40.80
C GLN C 233 4.87 22.94 -40.14
N LYS C 234 4.89 22.88 -38.82
CA LYS C 234 3.84 22.21 -38.05
C LYS C 234 3.37 23.16 -36.94
N LYS C 235 2.05 23.15 -36.71
CA LYS C 235 1.48 24.00 -35.68
C LYS C 235 1.71 23.40 -34.30
N VAL C 236 1.74 24.26 -33.30
CA VAL C 236 1.97 23.87 -31.90
C VAL C 236 0.67 24.08 -31.14
N TYR C 237 0.17 23.00 -30.54
CA TYR C 237 -1.06 23.03 -29.76
C TYR C 237 -0.74 22.73 -28.30
N SER C 238 -1.42 23.44 -27.40
CA SER C 238 -1.23 23.27 -25.96
C SER C 238 -2.42 22.47 -25.42
N LEU C 239 -2.21 21.16 -25.27
CA LEU C 239 -3.25 20.28 -24.77
C LEU C 239 -3.35 20.41 -23.26
N ASP C 240 -4.46 20.95 -22.77
CA ASP C 240 -4.70 21.13 -21.35
C ASP C 240 -5.49 19.94 -20.81
N ILE C 241 -5.07 19.43 -19.65
CA ILE C 241 -5.75 18.29 -19.03
C ILE C 241 -6.99 18.69 -18.27
N GLY C 242 -7.25 19.99 -18.10
CA GLY C 242 -8.42 20.45 -17.38
C GLY C 242 -9.61 20.74 -18.29
N SER C 243 -9.33 20.99 -19.57
CA SER C 243 -10.40 21.28 -20.51
C SER C 243 -11.14 20.02 -20.93
N LEU C 244 -10.42 18.90 -21.05
CA LEU C 244 -11.06 17.65 -21.44
C LEU C 244 -11.81 17.00 -20.29
N LEU C 245 -11.38 17.25 -19.05
CA LEU C 245 -12.05 16.67 -17.89
C LEU C 245 -13.37 17.36 -17.58
N ALA C 246 -13.53 18.62 -17.99
CA ALA C 246 -14.75 19.35 -17.73
C ALA C 246 -15.91 18.76 -18.52
N GLY C 247 -17.12 18.95 -18.00
CA GLY C 247 -18.32 18.44 -18.65
C GLY C 247 -18.75 17.09 -18.10
N ALA C 248 -19.27 16.24 -18.97
CA ALA C 248 -19.72 14.91 -18.57
C ALA C 248 -18.63 13.87 -18.80
N GLY C 252 -16.44 7.32 -18.53
CA GLY C 252 -17.32 8.40 -18.96
C GLY C 252 -17.02 8.91 -20.34
N GLU C 253 -17.22 10.20 -20.56
CA GLU C 253 -16.98 10.84 -21.84
C GLU C 253 -15.59 11.45 -21.94
N PHE C 254 -14.68 11.11 -21.02
CA PHE C 254 -13.34 11.67 -21.08
C PHE C 254 -12.50 11.01 -22.17
N GLU C 255 -12.72 9.73 -22.44
CA GLU C 255 -11.97 9.03 -23.48
C GLU C 255 -12.50 9.32 -24.88
N GLU C 256 -13.77 9.70 -25.00
CA GLU C 256 -14.33 10.00 -26.32
C GLU C 256 -13.84 11.35 -26.83
N ARG C 257 -13.70 12.33 -25.95
CA ARG C 257 -13.22 13.64 -26.37
C ARG C 257 -11.73 13.61 -26.71
N LEU C 258 -10.97 12.70 -26.10
CA LEU C 258 -9.55 12.61 -26.38
C LEU C 258 -9.27 11.97 -27.73
N LYS C 259 -10.14 11.04 -28.16
CA LYS C 259 -9.93 10.37 -29.44
C LYS C 259 -10.13 11.33 -30.61
N ALA C 260 -11.06 12.29 -30.49
CA ALA C 260 -11.29 13.24 -31.56
C ALA C 260 -10.12 14.22 -31.70
N VAL C 261 -9.39 14.47 -30.62
CA VAL C 261 -8.26 15.39 -30.69
C VAL C 261 -7.07 14.72 -31.36
N LEU C 262 -6.81 13.45 -31.03
CA LEU C 262 -5.68 12.75 -31.62
C LEU C 262 -5.89 12.48 -33.10
N LYS C 263 -7.14 12.41 -33.55
CA LYS C 263 -7.42 12.16 -34.96
C LYS C 263 -7.17 13.39 -35.81
N GLU C 264 -7.46 14.58 -35.28
CA GLU C 264 -7.27 15.81 -36.04
C GLU C 264 -5.79 16.20 -36.12
N LEU C 265 -4.95 15.72 -35.22
CA LEU C 265 -3.54 16.05 -35.24
C LEU C 265 -2.75 15.26 -36.27
N LYS C 266 -3.35 14.25 -36.89
CA LYS C 266 -2.68 13.44 -37.90
C LYS C 266 -2.91 13.93 -39.32
N GLU C 267 -4.16 14.22 -39.68
CA GLU C 267 -4.47 14.70 -41.02
C GLU C 267 -4.05 16.14 -41.25
N ALA C 268 -3.79 16.91 -40.19
CA ALA C 268 -3.40 18.31 -40.31
C ALA C 268 -1.89 18.51 -40.23
N GLN C 269 -1.14 17.49 -39.86
CA GLN C 269 0.32 17.57 -39.73
C GLN C 269 0.73 18.68 -38.78
N ALA C 270 0.68 18.41 -37.48
CA ALA C 270 1.04 19.40 -36.48
C ALA C 270 1.39 18.69 -35.18
N ILE C 271 2.34 19.27 -34.44
CA ILE C 271 2.78 18.71 -33.17
C ILE C 271 1.87 19.22 -32.06
N VAL C 272 2.09 18.75 -30.84
CA VAL C 272 1.30 19.14 -29.68
C VAL C 272 2.21 19.26 -28.47
N PHE C 273 1.92 20.24 -27.63
CA PHE C 273 2.68 20.49 -26.40
C PHE C 273 1.79 20.14 -25.21
N ILE C 274 1.99 18.95 -24.65
CA ILE C 274 1.22 18.50 -23.51
C ILE C 274 1.94 18.94 -22.24
N ASP C 275 1.31 19.85 -21.50
CA ASP C 275 1.90 20.34 -20.26
C ASP C 275 1.75 19.29 -19.16
N GLU C 276 2.84 19.10 -18.39
CA GLU C 276 2.88 18.12 -17.32
C GLU C 276 2.54 16.72 -17.83
N ILE C 277 3.50 16.07 -18.49
CA ILE C 277 3.24 14.74 -19.03
C ILE C 277 3.19 13.69 -17.95
N HIS C 278 3.74 13.97 -16.77
CA HIS C 278 3.71 12.99 -15.67
C HIS C 278 2.33 12.85 -15.05
N THR C 279 1.42 13.80 -15.33
CA THR C 279 0.07 13.75 -14.77
C THR C 279 -0.90 13.03 -15.70
N VAL C 280 -0.68 13.09 -17.02
CA VAL C 280 -1.58 12.43 -17.95
C VAL C 280 -1.13 10.99 -18.21
N LEU C 281 0.14 10.69 -17.98
CA LEU C 281 0.63 9.33 -18.22
C LEU C 281 0.40 8.43 -17.02
N GLY C 282 0.45 8.97 -15.81
CA GLY C 282 0.24 8.17 -14.61
C GLY C 282 -1.20 7.76 -14.39
N ALA C 283 -2.15 8.46 -15.00
CA ALA C 283 -3.56 8.13 -14.86
C ALA C 283 -3.97 7.03 -15.83
N ALA C 289 -8.04 6.09 -11.43
CA ALA C 289 -8.95 7.01 -12.11
C ALA C 289 -9.23 6.55 -13.54
N ILE C 290 -9.55 7.50 -14.40
CA ILE C 290 -9.85 7.20 -15.80
C ILE C 290 -8.55 6.92 -16.53
N ASP C 291 -8.47 5.76 -17.18
CA ASP C 291 -7.28 5.35 -17.92
C ASP C 291 -7.16 6.22 -19.16
N ALA C 292 -6.27 7.22 -19.12
CA ALA C 292 -6.05 8.12 -20.23
C ALA C 292 -4.73 7.88 -20.95
N ALA C 293 -3.83 7.08 -20.40
CA ALA C 293 -2.55 6.80 -21.03
C ALA C 293 -2.64 5.73 -22.11
N ASN C 294 -3.78 5.05 -22.23
CA ASN C 294 -3.94 4.01 -23.25
C ASN C 294 -4.27 4.58 -24.63
N LEU C 295 -4.57 5.86 -24.72
CA LEU C 295 -4.88 6.49 -26.00
C LEU C 295 -3.70 7.21 -26.63
N LEU C 296 -2.58 7.32 -25.91
CA LEU C 296 -1.39 7.98 -26.43
C LEU C 296 -0.23 7.03 -26.71
N LYS C 297 -0.29 5.80 -26.19
CA LYS C 297 0.78 4.82 -26.41
C LYS C 297 0.76 4.27 -27.83
N PRO C 298 -0.40 3.85 -28.38
CA PRO C 298 -0.39 3.39 -29.78
C PRO C 298 -0.06 4.50 -30.78
N MET C 299 -0.33 5.76 -30.43
CA MET C 299 -0.02 6.85 -31.35
C MET C 299 1.48 7.10 -31.43
N LEU C 300 2.18 6.97 -30.31
CA LEU C 300 3.62 7.18 -30.30
C LEU C 300 4.40 5.97 -30.81
N ALA C 301 3.78 4.79 -30.80
CA ALA C 301 4.48 3.59 -31.29
C ALA C 301 4.53 3.54 -32.80
N ARG C 302 3.49 4.03 -33.47
CA ARG C 302 3.42 4.02 -34.92
C ARG C 302 4.03 5.26 -35.55
N GLY C 303 4.57 6.18 -34.75
CA GLY C 303 5.17 7.38 -35.30
C GLY C 303 4.19 8.40 -35.82
N GLU C 304 2.93 8.35 -35.37
CA GLU C 304 1.90 9.28 -35.82
C GLU C 304 1.59 10.35 -34.78
N LEU C 305 2.52 10.62 -33.87
CA LEU C 305 2.31 11.62 -32.83
C LEU C 305 3.65 12.14 -32.37
N ARG C 306 3.74 13.46 -32.22
CA ARG C 306 4.97 14.14 -31.78
C ARG C 306 4.62 15.02 -30.60
N CYS C 307 5.02 14.59 -29.40
CA CYS C 307 4.76 15.32 -28.17
C CYS C 307 6.04 15.91 -27.62
N ILE C 308 5.89 16.93 -26.77
CA ILE C 308 7.00 17.62 -26.13
C ILE C 308 6.80 17.50 -24.63
N GLY C 309 7.67 16.76 -23.97
CA GLY C 309 7.55 16.59 -22.53
C GLY C 309 8.00 17.82 -21.77
N ALA C 310 7.37 18.02 -20.61
CA ALA C 310 7.67 19.15 -19.74
C ALA C 310 7.34 18.77 -18.30
N THR C 311 8.08 17.81 -17.75
CA THR C 311 7.89 17.34 -16.40
C THR C 311 9.09 17.75 -15.53
N THR C 312 9.01 17.39 -14.25
CA THR C 312 10.07 17.71 -13.30
C THR C 312 11.16 16.63 -13.37
N LEU C 313 12.08 16.66 -12.42
CA LEU C 313 13.16 15.68 -12.36
C LEU C 313 12.76 14.45 -11.56
N THR C 314 12.06 14.63 -10.43
CA THR C 314 11.66 13.48 -9.63
C THR C 314 10.54 12.68 -10.31
N GLU C 315 9.70 13.35 -11.10
CA GLU C 315 8.61 12.68 -11.78
C GLU C 315 9.04 12.05 -13.11
N TYR C 316 10.20 12.44 -13.64
CA TYR C 316 10.67 11.88 -14.91
C TYR C 316 11.25 10.50 -14.73
N ARG C 317 11.91 10.22 -13.60
CA ARG C 317 12.51 8.93 -13.32
C ARG C 317 11.53 7.96 -12.69
N GLN C 318 10.24 8.24 -12.73
CA GLN C 318 9.22 7.36 -12.15
C GLN C 318 8.15 6.93 -13.14
N TYR C 319 7.99 7.61 -14.27
CA TYR C 319 6.97 7.24 -15.26
C TYR C 319 7.53 7.08 -16.66
N VAL C 320 8.84 7.23 -16.85
CA VAL C 320 9.48 7.08 -18.16
C VAL C 320 10.42 5.89 -18.19
N GLU C 321 11.35 5.83 -17.22
CA GLU C 321 12.31 4.73 -17.15
C GLU C 321 11.71 3.59 -16.30
N LYS C 322 10.65 3.00 -16.84
CA LYS C 322 9.98 1.88 -16.18
C LYS C 322 9.57 0.76 -17.12
N ASP C 323 9.34 1.03 -18.41
CA ASP C 323 8.97 0.02 -19.38
C ASP C 323 9.84 0.16 -20.62
N PRO C 324 10.16 -0.95 -21.29
CA PRO C 324 10.98 -0.86 -22.50
C PRO C 324 10.31 -0.09 -23.64
N ALA C 325 8.98 0.02 -23.65
CA ALA C 325 8.30 0.75 -24.70
C ALA C 325 8.48 2.26 -24.55
N PHE C 326 8.65 2.75 -23.32
CA PHE C 326 8.83 4.18 -23.10
C PHE C 326 10.28 4.62 -23.27
N GLU C 327 11.23 3.71 -23.16
CA GLU C 327 12.64 4.01 -23.35
C GLU C 327 13.08 3.88 -24.81
N ARG C 328 12.15 4.04 -25.76
CA ARG C 328 12.45 3.91 -27.17
C ARG C 328 12.03 5.09 -28.02
N ARG C 329 10.98 5.83 -27.62
CA ARG C 329 10.50 6.97 -28.37
C ARG C 329 10.86 8.30 -27.76
N PHE C 330 10.97 8.39 -26.43
CA PHE C 330 11.28 9.64 -25.78
C PHE C 330 12.77 9.96 -25.90
N GLN C 331 13.10 11.24 -25.73
CA GLN C 331 14.47 11.73 -25.82
C GLN C 331 14.83 12.47 -24.54
N LEU C 332 16.02 12.20 -24.02
CA LEU C 332 16.50 12.85 -22.81
C LEU C 332 17.06 14.22 -23.16
N VAL C 333 16.34 15.27 -22.77
CA VAL C 333 16.74 16.65 -23.04
C VAL C 333 16.84 17.38 -21.71
N MET C 334 18.00 17.95 -21.43
CA MET C 334 18.24 18.69 -20.20
C MET C 334 18.11 20.18 -20.44
N VAL C 335 17.71 20.90 -19.39
CA VAL C 335 17.55 22.35 -19.44
C VAL C 335 18.47 22.96 -18.40
N GLU C 336 19.41 23.79 -18.86
CA GLU C 336 20.36 24.43 -17.97
C GLU C 336 19.70 25.59 -17.21
N GLU C 337 20.29 25.93 -16.07
CA GLU C 337 19.79 27.02 -15.24
C GLU C 337 20.61 28.28 -15.47
N PRO C 338 19.97 29.42 -15.69
CA PRO C 338 20.73 30.66 -15.90
C PRO C 338 21.50 31.05 -14.64
N SER C 339 22.71 31.58 -14.85
CA SER C 339 23.56 32.01 -13.74
C SER C 339 23.31 33.46 -13.39
N VAL C 340 24.39 34.21 -13.14
CA VAL C 340 24.26 35.61 -12.79
C VAL C 340 24.21 36.48 -14.04
N THR C 341 25.13 36.24 -14.97
CA THR C 341 25.14 37.04 -16.20
C THR C 341 23.99 36.66 -17.13
N ASP C 342 23.55 35.40 -17.09
CA ASP C 342 22.45 34.98 -17.95
C ASP C 342 21.11 35.51 -17.44
N THR C 343 21.01 35.80 -16.15
CA THR C 343 19.75 36.30 -15.60
C THR C 343 19.50 37.75 -16.02
N ILE C 344 20.56 38.55 -16.16
CA ILE C 344 20.40 39.94 -16.56
C ILE C 344 19.84 40.04 -17.97
N SER C 345 20.31 39.17 -18.87
CA SER C 345 19.84 39.19 -20.24
C SER C 345 18.38 38.76 -20.36
N ILE C 346 17.87 38.00 -19.39
CA ILE C 346 16.47 37.59 -19.43
C ILE C 346 15.55 38.74 -19.04
N LEU C 347 15.92 39.49 -18.01
CA LEU C 347 15.08 40.60 -17.57
C LEU C 347 15.07 41.73 -18.58
N ARG C 348 16.13 41.89 -19.36
CA ARG C 348 16.19 42.95 -20.35
C ARG C 348 15.31 42.66 -21.56
N GLY C 349 14.98 41.38 -21.80
CA GLY C 349 14.13 41.05 -22.93
C GLY C 349 12.67 41.38 -22.68
N LEU C 350 12.20 41.18 -21.45
CA LEU C 350 10.82 41.46 -21.08
C LEU C 350 10.68 42.80 -20.37
N LYS C 351 11.66 43.69 -20.51
CA LYS C 351 11.58 44.99 -19.85
C LYS C 351 10.51 45.88 -20.48
N GLU C 352 10.33 45.78 -21.80
CA GLU C 352 9.32 46.60 -22.46
C GLU C 352 7.91 46.16 -22.08
N ARG C 353 7.70 44.85 -21.92
CA ARG C 353 6.38 44.36 -21.55
C ARG C 353 6.08 44.60 -20.07
N TYR C 354 7.10 44.50 -19.21
CA TYR C 354 6.88 44.73 -17.78
C TYR C 354 6.63 46.22 -17.50
N GLU C 355 7.25 47.11 -18.28
CA GLU C 355 7.01 48.54 -18.10
C GLU C 355 5.63 48.94 -18.59
N THR C 356 5.07 48.19 -19.55
CA THR C 356 3.76 48.51 -20.09
C THR C 356 2.65 48.15 -19.11
N HIS C 357 2.74 46.97 -18.50
CA HIS C 357 1.68 46.53 -17.59
C HIS C 357 1.69 47.33 -16.29
N HIS C 358 2.88 47.49 -15.69
CA HIS C 358 2.97 48.22 -14.43
C HIS C 358 2.80 49.72 -14.66
N GLY C 359 3.59 50.29 -15.57
CA GLY C 359 3.51 51.70 -15.86
C GLY C 359 4.53 52.56 -15.15
N VAL C 360 5.47 51.96 -14.42
CA VAL C 360 6.50 52.71 -13.71
C VAL C 360 7.71 52.91 -14.61
N ARG C 361 8.81 53.39 -14.05
CA ARG C 361 10.05 53.63 -14.79
C ARG C 361 11.09 52.62 -14.34
N ILE C 362 11.37 51.62 -15.17
CA ILE C 362 12.33 50.58 -14.88
C ILE C 362 13.68 51.01 -15.44
N ALA C 363 14.68 51.13 -14.58
CA ALA C 363 16.02 51.54 -14.96
C ALA C 363 16.93 50.33 -15.10
N ASP C 364 18.14 50.58 -15.59
CA ASP C 364 19.13 49.52 -15.77
C ASP C 364 19.80 49.11 -14.47
N ALA C 365 19.73 49.94 -13.44
CA ALA C 365 20.35 49.61 -12.16
C ALA C 365 19.55 48.58 -11.38
N ALA C 366 18.24 48.52 -11.59
CA ALA C 366 17.40 47.56 -10.88
C ALA C 366 17.48 46.16 -11.48
N ILE C 367 18.00 46.03 -12.70
CA ILE C 367 18.11 44.71 -13.32
C ILE C 367 19.34 43.97 -12.80
N VAL C 368 20.47 44.67 -12.69
CA VAL C 368 21.69 44.03 -12.20
C VAL C 368 21.58 43.73 -10.71
N ALA C 369 20.99 44.65 -9.94
CA ALA C 369 20.84 44.45 -8.51
C ALA C 369 19.86 43.34 -8.17
N ALA C 370 18.93 43.02 -9.07
CA ALA C 370 17.97 41.96 -8.80
C ALA C 370 18.62 40.58 -8.93
N ALA C 371 19.44 40.38 -9.95
CA ALA C 371 20.11 39.10 -10.13
C ALA C 371 21.24 38.88 -9.14
N GLN C 372 21.81 39.95 -8.59
CA GLN C 372 22.90 39.81 -7.63
C GLN C 372 22.39 39.42 -6.25
N LEU C 373 21.26 40.01 -5.82
CA LEU C 373 20.70 39.70 -4.52
C LEU C 373 19.95 38.38 -4.50
N ALA C 374 19.57 37.85 -5.67
CA ALA C 374 18.85 36.59 -5.76
C ALA C 374 19.77 35.38 -5.69
N ALA C 375 21.08 35.59 -5.67
CA ALA C 375 22.05 34.50 -5.60
C ALA C 375 22.90 34.56 -4.34
N ARG C 376 22.39 35.18 -3.28
CA ARG C 376 23.13 35.31 -2.03
C ARG C 376 22.19 35.34 -0.84
N TYR C 377 21.05 36.03 -0.98
CA TYR C 377 20.08 36.12 0.09
C TYR C 377 18.91 35.19 -0.17
N ILE C 378 17.92 35.65 -0.95
CA ILE C 378 16.75 34.85 -1.29
C ILE C 378 17.21 33.77 -2.28
N THR C 379 17.36 32.55 -1.79
CA THR C 379 17.82 31.44 -2.64
C THR C 379 17.10 30.17 -2.17
N GLN C 380 16.01 29.82 -2.85
CA GLN C 380 15.26 28.62 -2.53
C GLN C 380 14.56 28.08 -3.78
N ARG C 381 14.48 28.90 -4.82
CA ARG C 381 13.84 28.49 -6.06
C ARG C 381 14.87 28.34 -7.17
N PHE C 382 14.51 28.74 -8.39
CA PHE C 382 15.41 28.61 -9.54
C PHE C 382 15.20 29.81 -10.47
N MET C 383 16.23 30.09 -11.25
CA MET C 383 16.15 31.19 -12.21
C MET C 383 15.28 30.79 -13.40
N PRO C 384 14.53 31.73 -13.97
CA PRO C 384 14.43 33.13 -13.51
C PRO C 384 13.25 33.37 -12.57
N ASP C 385 12.67 32.29 -12.02
CA ASP C 385 11.51 32.43 -11.16
C ASP C 385 11.85 33.17 -9.87
N LYS C 386 13.09 33.03 -9.38
CA LYS C 386 13.53 33.71 -8.18
C LYS C 386 14.16 35.06 -8.47
N ALA C 387 13.91 35.63 -9.65
CA ALA C 387 14.45 36.93 -10.01
C ALA C 387 13.37 37.82 -10.65
N ILE C 388 12.47 37.20 -11.41
CA ILE C 388 11.39 37.94 -12.05
C ILE C 388 10.39 38.42 -11.01
N ASP C 389 10.13 37.60 -9.98
CA ASP C 389 9.18 37.99 -8.94
C ASP C 389 9.68 39.19 -8.15
N LEU C 390 10.99 39.39 -8.10
CA LEU C 390 11.54 40.55 -7.39
C LEU C 390 11.29 41.84 -8.16
N ILE C 391 11.05 41.77 -9.47
CA ILE C 391 10.78 42.96 -10.27
C ILE C 391 9.29 43.30 -10.28
N ASP C 392 8.43 42.29 -10.43
CA ASP C 392 7.00 42.55 -10.47
C ASP C 392 6.48 43.01 -9.12
N GLU C 393 7.09 42.56 -8.02
CA GLU C 393 6.65 42.98 -6.69
C GLU C 393 7.09 44.41 -6.40
N ALA C 394 8.30 44.79 -6.82
CA ALA C 394 8.77 46.15 -6.57
C ALA C 394 8.04 47.17 -7.45
N CYS C 395 7.68 46.78 -8.68
CA CYS C 395 6.96 47.70 -9.56
C CYS C 395 5.50 47.86 -9.16
N ALA C 396 4.92 46.84 -8.52
CA ALA C 396 3.52 46.92 -8.09
C ALA C 396 3.36 47.82 -6.87
N ASN C 397 4.37 47.87 -6.00
CA ASN C 397 4.29 48.72 -4.81
C ASN C 397 4.38 50.20 -5.19
N THR C 398 5.16 50.52 -6.22
CA THR C 398 5.28 51.91 -6.65
C THR C 398 3.98 52.43 -7.23
N ARG C 399 3.14 51.55 -7.76
CA ARG C 399 1.87 51.95 -8.35
C ARG C 399 0.95 52.60 -7.32
N VAL C 400 1.09 52.26 -6.03
CA VAL C 400 0.22 52.83 -5.01
C VAL C 400 0.50 54.31 -4.82
N GLN C 401 1.78 54.67 -4.69
CA GLN C 401 2.13 56.07 -4.47
C GLN C 401 1.93 56.91 -5.73
N LEU C 402 1.93 56.27 -6.90
CA LEU C 402 1.74 57.00 -8.15
C LEU C 402 0.26 57.22 -8.47
N ASP C 403 -0.64 56.60 -7.71
CA ASP C 403 -2.07 56.74 -7.94
C ASP C 403 -2.83 57.13 -6.68
N SER C 404 -2.65 56.38 -5.59
CA SER C 404 -3.34 56.68 -4.34
C SER C 404 -2.58 57.74 -3.53
N GLN C 405 -2.32 57.45 -2.26
CA GLN C 405 -1.61 58.38 -1.39
C GLN C 405 -1.01 57.60 -0.23
N PRO C 406 0.14 58.01 0.28
CA PRO C 406 0.75 57.29 1.41
C PRO C 406 -0.06 57.39 2.69
N GLU C 407 0.39 56.71 3.74
CA GLU C 407 -0.32 56.76 5.02
C GLU C 407 -0.18 58.12 5.69
N ALA C 408 0.90 58.84 5.42
CA ALA C 408 1.08 60.16 6.01
C ALA C 408 0.13 61.19 5.42
N ILE C 409 -0.36 60.96 4.20
CA ILE C 409 -1.30 61.86 3.55
C ILE C 409 -2.74 61.39 3.73
N ASP C 410 -2.97 60.08 3.67
CA ASP C 410 -4.32 59.55 3.83
C ASP C 410 -4.86 59.78 5.23
N LYS C 411 -3.98 59.81 6.24
CA LYS C 411 -4.44 60.04 7.61
C LYS C 411 -4.94 61.47 7.78
N LEU C 412 -4.32 62.43 7.09
CA LEU C 412 -4.77 63.81 7.19
C LEU C 412 -6.08 64.04 6.46
N GLU C 413 -6.31 63.31 5.37
CA GLU C 413 -7.56 63.48 4.62
C GLU C 413 -8.74 62.89 5.38
N ARG C 414 -8.53 61.82 6.14
CA ARG C 414 -9.63 61.22 6.88
C ARG C 414 -10.06 62.10 8.06
N ARG C 415 -9.14 62.91 8.60
CA ARG C 415 -9.50 63.79 9.71
C ARG C 415 -10.31 64.99 9.23
N HIS C 416 -10.09 65.43 7.98
CA HIS C 416 -10.84 66.56 7.45
C HIS C 416 -12.26 66.20 7.08
N LEU C 417 -12.51 64.93 6.74
CA LEU C 417 -13.86 64.51 6.38
C LEU C 417 -14.76 64.42 7.61
N GLN C 418 -14.20 64.03 8.76
CA GLN C 418 -14.99 63.94 9.98
C GLN C 418 -15.31 65.31 10.57
N LEU C 419 -14.48 66.31 10.27
CA LEU C 419 -14.73 67.66 10.79
C LEU C 419 -15.66 68.48 9.90
N GLU C 420 -15.78 68.11 8.62
CA GLU C 420 -16.68 68.85 7.74
C GLU C 420 -18.14 68.54 8.04
N VAL C 421 -18.46 67.28 8.34
CA VAL C 421 -19.83 66.91 8.66
C VAL C 421 -20.19 67.38 10.06
N GLU C 422 -19.24 67.31 10.99
CA GLU C 422 -19.52 67.73 12.36
C GLU C 422 -19.74 69.23 12.46
N ALA C 423 -19.02 70.02 11.65
CA ALA C 423 -19.19 71.47 11.69
C ALA C 423 -20.55 71.89 11.17
N THR C 424 -21.08 71.17 10.17
CA THR C 424 -22.38 71.50 9.61
C THR C 424 -23.51 71.01 10.51
N ALA C 425 -23.34 69.85 11.15
CA ALA C 425 -24.38 69.33 12.02
C ALA C 425 -24.55 70.19 13.26
N LEU C 426 -23.45 70.72 13.80
CA LEU C 426 -23.53 71.58 14.98
C LEU C 426 -24.03 72.98 14.65
N GLU C 427 -24.03 73.36 13.37
CA GLU C 427 -24.53 74.68 13.00
C GLU C 427 -26.04 74.76 13.09
N LYS C 428 -26.75 73.68 12.78
CA LYS C 428 -28.21 73.69 12.85
C LYS C 428 -28.70 73.72 14.29
N GLU C 429 -27.90 73.20 15.22
CA GLU C 429 -28.29 73.19 16.62
C GLU C 429 -28.14 74.57 17.24
N LYS C 430 -29.00 74.86 18.21
CA LYS C 430 -29.00 76.15 18.91
C LYS C 430 -28.59 75.98 20.37
N ASP C 431 -27.82 74.94 20.67
CA ASP C 431 -27.37 74.71 22.03
C ASP C 431 -26.16 75.57 22.36
N ALA C 432 -26.02 75.90 23.65
CA ALA C 432 -24.89 76.72 24.08
C ALA C 432 -23.58 75.96 24.01
N ALA C 433 -23.61 74.65 24.20
CA ALA C 433 -22.39 73.85 24.14
C ALA C 433 -21.91 73.60 22.72
N SER C 434 -22.81 73.67 21.74
CA SER C 434 -22.42 73.47 20.34
C SER C 434 -21.75 74.68 19.73
N LYS C 435 -22.00 75.88 20.27
CA LYS C 435 -21.37 77.08 19.72
C LYS C 435 -19.89 77.17 20.07
N GLN C 436 -19.50 76.66 21.25
CA GLN C 436 -18.10 76.70 21.62
C GLN C 436 -17.28 75.69 20.84
N ARG C 437 -17.85 74.51 20.58
CA ARG C 437 -17.15 73.49 19.81
C ARG C 437 -17.05 73.87 18.33
N LEU C 438 -18.04 74.62 17.82
CA LEU C 438 -18.01 75.02 16.42
C LEU C 438 -16.86 75.97 16.13
N GLN C 439 -16.48 76.81 17.09
CA GLN C 439 -15.37 77.73 16.90
C GLN C 439 -14.03 77.02 16.80
N GLU C 440 -13.90 75.84 17.40
CA GLU C 440 -12.66 75.08 17.33
C GLU C 440 -12.55 74.23 16.08
N VAL C 441 -13.68 73.78 15.53
CA VAL C 441 -13.64 72.96 14.32
C VAL C 441 -13.34 73.83 13.10
N ARG C 442 -13.94 75.02 13.03
CA ARG C 442 -13.69 75.90 11.90
C ARG C 442 -12.27 76.43 11.90
N ALA C 443 -11.68 76.64 13.09
CA ALA C 443 -10.30 77.10 13.17
C ALA C 443 -9.31 75.99 12.84
N GLU C 444 -9.70 74.73 13.03
CA GLU C 444 -8.82 73.61 12.72
C GLU C 444 -8.84 73.27 11.24
N MET C 445 -9.99 73.42 10.59
CA MET C 445 -10.09 73.12 9.16
C MET C 445 -9.34 74.14 8.31
N ALA C 446 -9.10 75.34 8.82
CA ALA C 446 -8.36 76.34 8.05
C ALA C 446 -6.89 75.95 7.92
N ARG C 447 -6.34 75.29 8.94
CA ARG C 447 -4.95 74.86 8.87
C ARG C 447 -4.79 73.61 8.00
N ILE C 448 -5.82 72.76 7.95
CA ILE C 448 -5.74 71.55 7.14
C ILE C 448 -5.78 71.90 5.65
N GLN C 449 -6.65 72.84 5.27
CA GLN C 449 -6.77 73.22 3.86
C GLN C 449 -5.50 73.89 3.34
N GLU C 450 -4.71 74.51 4.22
CA GLU C 450 -3.46 75.14 3.80
C GLU C 450 -2.31 74.17 3.67
N GLU C 451 -2.48 72.92 4.12
CA GLU C 451 -1.43 71.91 4.04
C GLU C 451 -1.82 70.66 3.28
N LEU C 452 -3.11 70.31 3.21
CA LEU C 452 -3.55 69.12 2.50
C LEU C 452 -3.86 69.39 1.03
N ARG C 453 -4.54 70.49 0.73
CA ARG C 453 -4.86 70.80 -0.67
C ARG C 453 -3.63 71.03 -1.53
N PRO C 454 -2.63 71.82 -1.13
CA PRO C 454 -1.42 71.96 -1.96
C PRO C 454 -0.63 70.67 -2.11
N LEU C 455 -0.94 69.63 -1.33
CA LEU C 455 -0.24 68.36 -1.42
C LEU C 455 -1.07 67.25 -2.04
N LYS C 456 -2.39 67.23 -1.77
CA LYS C 456 -3.25 66.19 -2.33
C LYS C 456 -3.57 66.43 -3.80
N MET C 457 -3.73 67.70 -4.20
CA MET C 457 -4.04 68.00 -5.59
C MET C 457 -2.88 67.71 -6.52
N LYS C 458 -1.65 67.60 -5.99
CA LYS C 458 -0.52 67.24 -6.84
C LYS C 458 -0.60 65.80 -7.32
N TYR C 459 -1.12 64.91 -6.48
CA TYR C 459 -1.30 63.52 -6.90
C TYR C 459 -2.54 63.34 -7.76
N GLU C 460 -3.55 64.21 -7.60
CA GLU C 460 -4.75 64.10 -8.43
C GLU C 460 -4.47 64.52 -9.86
N SER C 461 -3.73 65.62 -10.05
CA SER C 461 -3.36 66.04 -11.40
C SER C 461 -2.38 65.08 -12.04
N GLU C 462 -1.52 64.45 -11.24
CA GLU C 462 -0.59 63.47 -11.79
C GLU C 462 -1.28 62.16 -12.14
N LYS C 463 -2.36 61.83 -11.42
CA LYS C 463 -3.09 60.60 -11.71
C LYS C 463 -3.73 60.66 -13.10
N GLY C 464 -4.29 61.82 -13.46
CA GLY C 464 -4.88 61.97 -14.79
C GLY C 464 -3.87 61.96 -15.92
N ARG C 465 -2.59 62.19 -15.62
CA ARG C 465 -1.53 62.18 -16.61
C ARG C 465 -0.73 60.89 -16.63
N LEU C 466 -0.48 60.30 -15.45
CA LEU C 466 0.28 59.06 -15.41
C LEU C 466 -0.54 57.88 -15.94
N ASP C 467 -1.86 57.91 -15.77
CA ASP C 467 -2.70 56.84 -16.30
C ASP C 467 -2.73 56.87 -17.82
N GLU C 468 -2.58 58.05 -18.42
CA GLU C 468 -2.54 58.13 -19.88
C GLU C 468 -1.26 57.55 -20.45
N ILE C 469 -0.18 57.57 -19.66
CA ILE C 469 1.09 57.01 -20.12
C ILE C 469 0.96 55.50 -20.33
N ARG C 470 0.26 54.82 -19.40
CA ARG C 470 0.07 53.39 -19.55
C ARG C 470 -0.81 53.06 -20.74
N ASN C 471 -1.81 53.90 -21.01
CA ASN C 471 -2.69 53.67 -22.16
C ASN C 471 -1.93 53.82 -23.47
N LEU C 472 -0.89 54.66 -23.51
CA LEU C 472 -0.10 54.81 -24.72
C LEU C 472 0.80 53.60 -24.92
N SER C 473 1.37 53.06 -23.85
CA SER C 473 2.24 51.90 -23.97
C SER C 473 1.46 50.65 -24.35
N GLN C 474 0.22 50.53 -23.89
CA GLN C 474 -0.60 49.36 -24.22
C GLN C 474 -1.05 49.38 -25.68
N ARG C 475 -1.19 50.55 -26.29
CA ARG C 475 -1.62 50.65 -27.67
C ARG C 475 -0.45 50.64 -28.64
N LEU C 476 0.69 51.22 -28.28
CA LEU C 476 1.86 51.19 -29.15
C LEU C 476 2.43 49.78 -29.25
N ASP C 477 2.41 49.03 -28.15
CA ASP C 477 2.88 47.66 -28.18
C ASP C 477 1.91 46.73 -28.89
N GLU C 478 0.64 47.13 -28.98
CA GLU C 478 -0.36 46.31 -29.68
C GLU C 478 -0.32 46.55 -31.18
N LEU C 479 -0.10 47.81 -31.60
CA LEU C 479 -0.03 48.11 -33.03
C LEU C 479 1.22 47.50 -33.67
N LYS C 480 2.33 47.42 -32.92
CA LYS C 480 3.53 46.80 -33.45
C LYS C 480 3.38 45.30 -33.60
N ALA C 481 2.47 44.69 -32.82
CA ALA C 481 2.22 43.26 -32.90
C ALA C 481 1.16 42.91 -33.94
N LYS C 482 0.16 43.78 -34.12
CA LYS C 482 -0.88 43.51 -35.10
C LYS C 482 -0.38 43.74 -36.53
N ALA C 483 0.51 44.72 -36.73
CA ALA C 483 1.05 44.97 -38.05
C ALA C 483 2.07 43.92 -38.47
N GLU C 484 2.67 43.21 -37.51
CA GLU C 484 3.63 42.17 -37.87
C GLU C 484 2.95 40.98 -38.52
N ASP C 485 1.72 40.67 -38.13
CA ASP C 485 1.01 39.54 -38.74
C ASP C 485 0.60 39.84 -40.17
N ALA C 486 0.38 41.12 -40.50
CA ALA C 486 0.00 41.48 -41.87
C ALA C 486 1.16 41.29 -42.84
N GLU C 487 2.40 41.42 -42.36
CA GLU C 487 3.56 41.24 -43.21
C GLU C 487 3.85 39.78 -43.50
N ARG C 488 3.29 38.87 -42.70
CA ARG C 488 3.51 37.44 -42.89
C ARG C 488 2.29 36.72 -43.46
N ARG C 489 1.14 37.39 -43.54
CA ARG C 489 -0.08 36.81 -44.10
C ARG C 489 -0.46 37.46 -45.42
N TYR C 490 0.47 38.17 -46.05
CA TYR C 490 0.24 38.84 -47.34
C TYR C 490 -0.95 39.79 -47.26
N ASP C 491 -0.73 40.96 -46.66
CA ASP C 491 -1.78 41.97 -46.53
C ASP C 491 -1.11 43.33 -46.43
N LEU C 492 -1.00 44.02 -47.55
CA LEU C 492 -0.36 45.33 -47.59
C LEU C 492 -1.33 46.47 -47.34
N ALA C 493 -2.64 46.23 -47.51
CA ALA C 493 -3.62 47.27 -47.28
C ALA C 493 -3.94 47.47 -45.81
N ARG C 494 -3.49 46.57 -44.94
CA ARG C 494 -3.73 46.65 -43.51
C ARG C 494 -2.52 47.16 -42.73
N ALA C 495 -1.31 46.73 -43.12
CA ALA C 495 -0.11 47.19 -42.43
C ALA C 495 0.27 48.61 -42.80
N ALA C 496 -0.21 49.11 -43.94
CA ALA C 496 0.11 50.47 -44.35
C ALA C 496 -0.59 51.53 -43.52
N ASP C 497 -1.71 51.19 -42.89
CA ASP C 497 -2.46 52.12 -42.06
C ASP C 497 -2.10 52.03 -40.58
N ILE C 498 -1.18 51.16 -40.21
CA ILE C 498 -0.75 50.98 -38.83
C ILE C 498 0.67 51.49 -38.61
N ARG C 499 1.60 51.09 -39.47
CA ARG C 499 2.98 51.53 -39.34
C ARG C 499 3.19 52.97 -39.78
N TYR C 500 2.21 53.59 -40.44
CA TYR C 500 2.32 54.95 -40.95
C TYR C 500 1.33 55.91 -40.31
N TYR C 501 0.06 55.53 -40.21
CA TYR C 501 -0.99 56.41 -39.70
C TYR C 501 -1.57 55.88 -38.39
N ALA C 502 -0.71 55.42 -37.49
CA ALA C 502 -1.17 54.94 -36.19
C ALA C 502 -0.02 54.98 -35.17
N ILE C 503 1.07 54.31 -35.48
CA ILE C 503 2.24 54.27 -34.58
C ILE C 503 2.94 55.62 -34.56
N PRO C 504 3.25 56.25 -35.69
CA PRO C 504 3.89 57.58 -35.61
C PRO C 504 3.00 58.65 -35.03
N ASP C 505 1.68 58.49 -35.08
CA ASP C 505 0.78 59.49 -34.52
C ASP C 505 0.70 59.38 -33.00
N LEU C 506 0.60 58.16 -32.47
CA LEU C 506 0.51 57.95 -31.04
C LEU C 506 1.86 58.02 -30.35
N GLU C 507 2.96 58.08 -31.10
CA GLU C 507 4.28 58.14 -30.48
C GLU C 507 4.62 59.54 -29.99
N LYS C 508 4.14 60.58 -30.68
CA LYS C 508 4.43 61.94 -30.27
C LYS C 508 3.73 62.32 -28.97
N ARG C 509 2.63 61.65 -28.63
CA ARG C 509 1.93 61.95 -27.38
C ARG C 509 2.73 61.48 -26.17
N LEU C 510 3.46 60.38 -26.30
CA LEU C 510 4.26 59.88 -25.17
C LEU C 510 5.45 60.79 -24.90
N ALA C 511 6.01 61.41 -25.94
CA ALA C 511 7.14 62.31 -25.74
C ALA C 511 6.72 63.62 -25.11
N GLN C 512 5.45 64.00 -25.24
CA GLN C 512 4.97 65.23 -24.64
C GLN C 512 4.65 65.08 -23.16
N LEU C 513 4.20 63.89 -22.75
CA LEU C 513 3.87 63.65 -21.35
C LEU C 513 5.11 63.47 -20.48
N GLN C 514 6.25 63.06 -21.06
CA GLN C 514 7.46 62.89 -20.27
C GLN C 514 8.06 64.23 -19.88
N ALA C 515 7.84 65.27 -20.68
CA ALA C 515 8.37 66.59 -20.34
C ALA C 515 7.57 67.24 -19.21
N GLU C 516 6.26 67.04 -19.21
CA GLU C 516 5.42 67.60 -18.15
C GLU C 516 5.51 66.82 -16.85
N LYS C 517 6.00 65.59 -16.89
CA LYS C 517 6.14 64.81 -15.66
C LYS C 517 7.30 65.29 -14.80
N SER C 518 8.39 65.72 -15.43
CA SER C 518 9.54 66.21 -14.67
C SER C 518 9.25 67.55 -14.00
N GLN C 519 8.31 68.31 -14.54
CA GLN C 519 7.97 69.60 -13.94
C GLN C 519 7.18 69.41 -12.65
N ALA C 520 6.26 68.45 -12.63
CA ALA C 520 5.46 68.18 -11.45
C ALA C 520 6.24 67.47 -10.35
N ASP C 521 7.34 66.80 -10.71
CA ASP C 521 8.14 66.11 -9.69
C ASP C 521 8.94 67.09 -8.84
N ALA C 522 9.25 68.27 -9.38
CA ALA C 522 10.00 69.25 -8.60
C ALA C 522 9.14 69.90 -7.53
N GLU C 523 7.83 69.96 -7.74
CA GLU C 523 6.92 70.55 -6.76
C GLU C 523 6.48 69.56 -5.68
N ARG C 524 6.93 68.31 -5.77
CA ARG C 524 6.58 67.29 -4.79
C ARG C 524 7.79 66.73 -4.04
N ALA C 525 9.00 67.22 -4.33
CA ALA C 525 10.22 66.75 -3.68
C ALA C 525 10.43 65.25 -3.86
N ASP C 526 9.96 64.72 -4.98
CA ASP C 526 10.09 63.29 -5.28
C ASP C 526 10.56 63.13 -6.71
N GLY C 527 10.85 61.88 -7.07
CA GLY C 527 11.30 61.57 -8.42
C GLY C 527 12.52 60.67 -8.45
N LEU C 528 13.27 60.63 -7.36
CA LEU C 528 14.47 59.81 -7.28
C LEU C 528 14.18 58.38 -6.83
N LEU C 529 12.98 58.10 -6.30
CA LEU C 529 12.65 56.77 -5.85
C LEU C 529 11.15 56.54 -5.87
N ALA C 530 10.37 57.64 -5.77
CA ALA C 530 8.93 57.53 -5.77
C ALA C 530 8.36 57.14 -7.12
N GLU C 531 9.13 57.30 -8.20
CA GLU C 531 8.65 56.93 -9.53
C GLU C 531 9.73 56.28 -10.39
N VAL C 532 10.91 56.02 -9.84
CA VAL C 532 12.00 55.36 -10.56
C VAL C 532 12.39 54.11 -9.80
N VAL C 533 12.23 52.95 -10.44
CA VAL C 533 12.57 51.67 -9.82
C VAL C 533 14.07 51.46 -10.02
N GLY C 534 14.84 51.63 -8.94
CA GLY C 534 16.27 51.48 -8.99
C GLY C 534 16.76 50.42 -8.04
N PRO C 535 18.02 50.54 -7.59
CA PRO C 535 18.56 49.55 -6.66
C PRO C 535 17.96 49.63 -5.26
N ASP C 536 17.50 50.82 -4.86
CA ASP C 536 16.92 50.96 -3.52
C ASP C 536 15.53 50.33 -3.44
N GLN C 537 14.80 50.29 -4.56
CA GLN C 537 13.48 49.69 -4.55
C GLN C 537 13.53 48.17 -4.50
N ILE C 538 14.55 47.58 -5.13
CA ILE C 538 14.66 46.12 -5.13
C ILE C 538 15.07 45.61 -3.75
N MET C 539 15.92 46.37 -3.04
CA MET C 539 16.36 45.94 -1.72
C MET C 539 15.24 45.98 -0.68
N GLU C 540 14.19 46.78 -0.92
CA GLU C 540 13.09 46.83 0.04
C GLU C 540 12.23 45.58 -0.03
N VAL C 541 12.20 44.90 -1.18
CA VAL C 541 11.41 43.68 -1.30
C VAL C 541 12.10 42.52 -0.61
N VAL C 542 13.42 42.42 -0.75
CA VAL C 542 14.16 41.32 -0.11
C VAL C 542 14.17 41.50 1.40
N SER C 543 14.27 42.75 1.88
CA SER C 543 14.34 43.01 3.31
C SER C 543 13.02 42.74 4.02
N ARG C 544 11.92 42.62 3.28
CA ARG C 544 10.60 42.39 3.86
C ARG C 544 10.13 40.96 3.69
N TRP C 545 10.98 40.05 3.20
CA TRP C 545 10.63 38.66 3.02
C TRP C 545 11.46 37.69 3.85
N THR C 546 12.70 38.04 4.20
CA THR C 546 13.56 37.17 4.98
C THR C 546 13.87 37.72 6.37
N GLY C 547 13.29 38.86 6.74
CA GLY C 547 13.56 39.43 8.05
C GLY C 547 14.93 40.04 8.21
N ILE C 548 15.61 40.32 7.10
CA ILE C 548 16.95 40.92 7.14
C ILE C 548 16.81 42.43 7.08
N PRO C 549 17.46 43.17 7.97
CA PRO C 549 17.37 44.64 7.92
C PRO C 549 18.02 45.20 6.65
N VAL C 550 17.69 46.46 6.38
CA VAL C 550 18.21 47.13 5.18
C VAL C 550 19.67 47.52 5.30
N SER C 551 20.27 47.37 6.48
CA SER C 551 21.67 47.72 6.66
C SER C 551 22.62 46.69 6.03
N ASN C 552 22.13 45.50 5.72
CA ASN C 552 22.95 44.46 5.12
C ASN C 552 22.68 44.27 3.63
N LEU C 553 21.66 44.93 3.08
CA LEU C 553 21.35 44.78 1.67
C LEU C 553 22.15 45.73 0.79
N GLN C 554 22.46 46.94 1.28
CA GLN C 554 23.21 47.91 0.51
C GLN C 554 24.71 47.61 0.47
N ARG C 555 25.18 46.66 1.28
CA ARG C 555 26.59 46.31 1.34
C ARG C 555 26.84 45.01 0.57
N SER C 556 28.05 44.89 0.01
CA SER C 556 28.44 43.74 -0.77
C SER C 556 29.48 42.92 -0.01
N GLU C 557 30.08 41.95 -0.70
CA GLU C 557 31.08 41.10 -0.08
C GLU C 557 32.40 41.82 0.14
N LYS C 558 32.62 42.95 -0.53
CA LYS C 558 33.87 43.68 -0.37
C LYS C 558 33.94 44.37 0.97
N GLU C 559 32.81 44.90 1.45
CA GLU C 559 32.79 45.61 2.72
C GLU C 559 32.75 44.69 3.93
N LYS C 560 32.29 43.45 3.75
CA LYS C 560 32.23 42.51 4.87
C LYS C 560 33.59 41.87 5.14
N LEU C 561 34.31 41.49 4.09
CA LEU C 561 35.61 40.84 4.27
C LEU C 561 36.65 41.80 4.85
N LEU C 562 36.48 43.10 4.61
CA LEU C 562 37.41 44.08 5.18
C LEU C 562 37.17 44.31 6.66
N HIS C 563 35.97 44.02 7.15
CA HIS C 563 35.63 44.19 8.56
C HIS C 563 35.37 42.84 9.26
N MET C 564 35.91 41.75 8.71
CA MET C 564 35.69 40.45 9.33
C MET C 564 36.50 40.30 10.60
N GLU C 565 37.71 40.86 10.65
CA GLU C 565 38.54 40.79 11.83
C GLU C 565 38.02 41.67 12.97
N GLU C 566 37.23 42.70 12.65
CA GLU C 566 36.68 43.59 13.66
C GLU C 566 35.28 43.19 14.09
N TYR C 567 34.75 42.08 13.58
CA TYR C 567 33.41 41.62 13.92
C TYR C 567 33.41 40.39 14.80
N MET C 568 34.34 39.45 14.58
CA MET C 568 34.39 38.23 15.39
C MET C 568 35.17 38.41 16.67
N LYS C 569 36.12 39.35 16.72
CA LYS C 569 36.88 39.60 17.93
C LYS C 569 36.07 40.30 19.00
N GLN C 570 35.01 41.01 18.62
CA GLN C 570 34.18 41.69 19.61
C GLN C 570 33.31 40.72 20.40
N HIS C 571 32.96 39.57 19.82
CA HIS C 571 32.16 38.57 20.50
C HIS C 571 32.96 37.40 21.03
N VAL C 572 34.03 37.02 20.36
CA VAL C 572 34.88 35.90 20.77
C VAL C 572 36.22 36.49 21.21
N VAL C 573 36.49 36.42 22.51
CA VAL C 573 37.73 36.94 23.07
C VAL C 573 38.59 35.76 23.53
N GLY C 574 39.88 36.05 23.73
CA GLY C 574 40.82 35.04 24.16
C GLY C 574 41.35 34.13 23.08
N GLN C 575 40.92 34.32 21.82
CA GLN C 575 41.36 33.50 20.70
C GLN C 575 41.90 34.43 19.61
N ASP C 576 42.96 35.16 19.94
CA ASP C 576 43.57 36.08 18.98
C ASP C 576 44.31 35.36 17.86
N GLU C 577 44.73 34.11 18.08
CA GLU C 577 45.45 33.35 17.07
C GLU C 577 44.54 32.40 16.27
N ALA C 578 43.28 32.27 16.66
CA ALA C 578 42.35 31.40 15.95
C ALA C 578 41.42 32.15 15.01
N ILE C 579 41.08 33.40 15.32
CA ILE C 579 40.19 34.17 14.46
C ILE C 579 40.93 34.58 13.18
N LYS C 580 42.23 34.89 13.30
CA LYS C 580 43.00 35.30 12.13
C LYS C 580 43.13 34.15 11.12
N ALA C 581 43.23 32.91 11.62
CA ALA C 581 43.34 31.77 10.72
C ALA C 581 42.04 31.48 9.98
N ILE C 582 40.91 31.98 10.48
CA ILE C 582 39.63 31.76 9.80
C ILE C 582 39.57 32.59 8.53
N CYS C 583 40.09 33.82 8.57
CA CYS C 583 40.06 34.69 7.40
C CYS C 583 40.94 34.17 6.27
N ASP C 584 41.94 33.33 6.58
CA ASP C 584 42.80 32.78 5.54
C ASP C 584 42.07 31.73 4.70
N ALA C 585 41.03 31.11 5.25
CA ALA C 585 40.27 30.10 4.54
C ALA C 585 39.04 30.67 3.84
N ILE C 586 38.80 31.97 3.94
CA ILE C 586 37.66 32.63 3.32
C ILE C 586 38.09 33.58 2.21
N ARG C 587 39.13 34.38 2.46
CA ARG C 587 39.59 35.32 1.44
C ARG C 587 40.24 34.61 0.26
N LEU C 588 40.80 33.43 0.48
CA LEU C 588 41.44 32.69 -0.61
C LEU C 588 40.42 32.01 -1.51
N SER C 589 39.17 31.87 -1.07
CA SER C 589 38.14 31.24 -1.88
C SER C 589 37.22 32.22 -2.58
N ARG C 590 37.23 33.49 -2.17
CA ARG C 590 36.38 34.50 -2.78
C ARG C 590 37.09 35.33 -3.84
N THR C 591 38.42 35.41 -3.80
CA THR C 591 39.20 36.17 -4.76
C THR C 591 39.61 35.35 -5.98
N GLY C 592 39.13 34.11 -6.08
CA GLY C 592 39.46 33.28 -7.22
C GLY C 592 40.85 32.67 -7.18
N LEU C 593 41.30 32.24 -5.99
CA LEU C 593 42.61 31.64 -5.84
C LEU C 593 42.55 30.15 -5.53
N GLN C 594 41.36 29.57 -5.47
CA GLN C 594 41.19 28.15 -5.19
C GLN C 594 40.37 27.51 -6.30
N ASN C 595 40.33 26.18 -6.29
CA ASN C 595 39.56 25.44 -7.29
C ASN C 595 38.08 25.49 -6.99
N ARG C 596 37.27 25.46 -8.06
CA ARG C 596 35.82 25.51 -7.90
C ARG C 596 35.25 24.18 -7.40
N ASN C 597 35.96 23.07 -7.60
CA ASN C 597 35.48 21.77 -7.14
C ASN C 597 35.60 21.59 -5.64
N ARG C 598 36.34 22.46 -4.95
CA ARG C 598 36.51 22.39 -3.52
C ARG C 598 35.54 23.31 -2.80
N PRO C 599 35.13 22.97 -1.57
CA PRO C 599 34.21 23.85 -0.83
C PRO C 599 34.84 25.17 -0.45
N LEU C 600 34.09 26.02 0.25
CA LEU C 600 34.58 27.33 0.64
C LEU C 600 35.70 27.21 1.67
N ALA C 601 35.44 26.50 2.77
CA ALA C 601 36.43 26.33 3.82
C ALA C 601 36.17 25.03 4.55
N SER C 602 37.24 24.45 5.10
CA SER C 602 37.17 23.20 5.84
C SER C 602 38.01 23.35 7.11
N PHE C 603 37.34 23.48 8.25
CA PHE C 603 38.01 23.66 9.54
C PHE C 603 37.98 22.37 10.33
N LEU C 604 38.81 22.33 11.38
CA LEU C 604 38.89 21.16 12.27
C LEU C 604 39.26 21.69 13.66
N PHE C 605 38.24 22.05 14.44
CA PHE C 605 38.46 22.59 15.77
C PHE C 605 38.88 21.48 16.72
N LEU C 606 39.94 21.73 17.49
CA LEU C 606 40.47 20.78 18.46
C LEU C 606 40.65 21.49 19.80
N GLY C 607 41.22 20.76 20.76
CA GLY C 607 41.46 21.30 22.07
C GLY C 607 40.49 20.78 23.11
N PRO C 608 40.59 21.27 24.34
CA PRO C 608 39.68 20.82 25.40
C PRO C 608 38.29 21.40 25.26
N THR C 609 37.46 21.24 26.30
CA THR C 609 36.11 21.75 26.28
C THR C 609 36.07 23.20 26.77
N GLY C 610 34.98 23.89 26.41
CA GLY C 610 34.81 25.26 26.81
C GLY C 610 35.78 26.24 26.16
N CYS C 611 36.13 26.01 24.89
CA CYS C 611 37.06 26.87 24.18
C CYS C 611 36.36 27.85 23.24
N GLY C 612 35.41 27.37 22.44
CA GLY C 612 34.69 28.22 21.51
C GLY C 612 34.38 27.56 20.19
N LYS C 613 34.03 26.28 20.24
CA LYS C 613 33.71 25.52 19.04
C LYS C 613 32.27 25.72 18.58
N THR C 614 31.46 26.47 19.33
CA THR C 614 30.07 26.73 18.98
C THR C 614 29.78 28.20 18.76
N LEU C 615 30.33 29.08 19.59
CA LEU C 615 30.08 30.51 19.42
C LEU C 615 30.70 31.04 18.14
N CYS C 616 31.86 30.50 17.74
CA CYS C 616 32.49 30.93 16.51
C CYS C 616 31.71 30.49 15.28
N VAL C 617 30.95 29.40 15.40
CA VAL C 617 30.14 28.93 14.27
C VAL C 617 28.89 29.80 14.11
N LYS C 618 28.29 30.23 15.23
CA LYS C 618 27.09 31.05 15.15
C LYS C 618 27.40 32.45 14.62
N GLU C 619 28.65 32.92 14.78
CA GLU C 619 29.00 34.24 14.28
C GLU C 619 29.13 34.26 12.77
N LEU C 620 29.38 33.10 12.16
CA LEU C 620 29.50 33.03 10.71
C LEU C 620 28.16 32.95 10.00
N ALA C 621 27.06 32.76 10.76
CA ALA C 621 25.74 32.68 10.14
C ALA C 621 25.17 34.06 9.86
N ALA C 622 25.25 34.97 10.83
CA ALA C 622 24.76 36.33 10.69
C ALA C 622 25.80 37.26 10.06
N PHE C 623 26.84 36.72 9.44
CA PHE C 623 27.89 37.52 8.82
C PHE C 623 27.94 37.28 7.32
N LEU C 624 28.43 36.13 6.88
CA LEU C 624 28.50 35.84 5.45
C LEU C 624 27.11 35.52 4.88
N PHE C 625 26.25 34.89 5.67
CA PHE C 625 24.90 34.55 5.21
C PHE C 625 23.83 35.50 5.70
N ASN C 626 24.11 36.28 6.75
CA ASN C 626 23.17 37.25 7.31
C ASN C 626 21.87 36.57 7.73
N ASP C 627 21.99 35.40 8.36
CA ASP C 627 20.83 34.65 8.82
C ASP C 627 21.25 33.81 10.02
N PRO C 628 20.94 34.26 11.24
CA PRO C 628 21.34 33.47 12.42
C PRO C 628 20.67 32.12 12.50
N GLY C 629 19.38 32.04 12.16
CA GLY C 629 18.66 30.78 12.20
C GLY C 629 18.78 29.99 10.92
N ALA C 630 19.99 29.55 10.60
CA ALA C 630 20.23 28.77 9.39
C ALA C 630 21.46 27.89 9.60
N ILE C 631 21.53 27.21 10.74
CA ILE C 631 22.63 26.33 11.08
C ILE C 631 22.07 24.95 11.39
N VAL C 632 22.51 23.95 10.63
CA VAL C 632 22.09 22.58 10.85
C VAL C 632 23.14 21.87 11.71
N ARG C 633 22.72 20.81 12.38
CA ARG C 633 23.60 20.05 13.27
C ARG C 633 23.38 18.57 13.03
N ILE C 634 24.47 17.86 12.75
CA ILE C 634 24.46 16.42 12.51
C ILE C 634 25.28 15.77 13.61
N ASP C 635 24.61 15.16 14.57
CA ASP C 635 25.30 14.52 15.68
C ASP C 635 25.95 13.21 15.23
N MET C 636 26.79 12.65 16.10
CA MET C 636 27.48 11.41 15.81
C MET C 636 27.27 10.34 16.88
N SER C 637 26.51 10.63 17.94
CA SER C 637 26.28 9.64 18.97
C SER C 637 25.29 8.56 18.54
N GLU C 638 24.37 8.90 17.64
CA GLU C 638 23.38 7.93 17.16
C GLU C 638 23.79 7.28 15.85
N TYR C 639 24.75 7.83 15.14
CA TYR C 639 25.23 7.27 13.88
C TYR C 639 26.48 6.42 14.05
N MET C 640 26.75 5.95 15.28
CA MET C 640 27.92 5.13 15.52
C MET C 640 27.76 3.71 14.98
N GLU C 641 26.52 3.26 14.80
CA GLU C 641 26.28 1.91 14.30
C GLU C 641 26.64 1.82 12.82
N LYS C 642 26.50 0.61 12.27
CA LYS C 642 26.83 0.39 10.86
C LYS C 642 25.79 1.04 9.95
N HIS C 643 24.52 0.96 10.32
CA HIS C 643 23.45 1.55 9.52
C HIS C 643 23.49 3.08 9.58
N ALA C 644 24.31 3.68 8.73
CA ALA C 644 24.43 5.14 8.71
C ALA C 644 24.81 5.70 7.35
N VAL C 645 24.88 4.89 6.29
CA VAL C 645 25.24 5.40 4.98
C VAL C 645 24.05 6.06 4.30
N SER C 646 22.92 5.36 4.26
CA SER C 646 21.72 5.91 3.63
C SER C 646 21.02 6.95 4.48
N ARG C 647 21.36 7.03 5.78
CA ARG C 647 20.73 8.02 6.64
C ARG C 647 21.30 9.42 6.44
N LEU C 648 22.51 9.52 5.91
CA LEU C 648 23.13 10.81 5.66
C LEU C 648 22.85 11.30 4.25
N GLY C 662 19.43 11.20 2.46
CA GLY C 662 19.04 10.90 3.82
C GLY C 662 18.61 12.11 4.60
N GLN C 663 19.46 12.53 5.56
CA GLN C 663 19.20 13.68 6.39
C GLN C 663 20.05 14.89 6.05
N LEU C 664 21.35 14.70 5.81
CA LEU C 664 22.21 15.82 5.47
C LEU C 664 21.95 16.31 4.05
N THR C 665 21.58 15.42 3.14
CA THR C 665 21.33 15.83 1.76
C THR C 665 20.01 16.59 1.63
N GLU C 666 19.03 16.27 2.48
CA GLU C 666 17.73 16.94 2.43
C GLU C 666 17.70 18.22 3.26
N ALA C 667 18.61 18.37 4.23
CA ALA C 667 18.63 19.58 5.04
C ALA C 667 19.19 20.78 4.27
N VAL C 668 20.13 20.53 3.36
CA VAL C 668 20.72 21.61 2.57
C VAL C 668 20.04 21.77 1.22
N ARG C 669 19.05 20.94 0.90
CA ARG C 669 18.36 21.08 -0.38
C ARG C 669 17.39 22.25 -0.37
N ARG C 670 16.66 22.44 0.72
CA ARG C 670 15.73 23.55 0.81
C ARG C 670 16.45 24.88 0.96
N ARG C 671 17.65 24.88 1.54
CA ARG C 671 18.44 26.09 1.72
C ARG C 671 19.90 25.77 1.44
N PRO C 672 20.38 26.03 0.22
CA PRO C 672 21.77 25.73 -0.11
C PRO C 672 22.78 26.67 0.55
N TYR C 673 22.33 27.78 1.13
CA TYR C 673 23.21 28.74 1.78
C TYR C 673 23.01 28.66 3.30
N THR C 674 23.55 27.59 3.88
CA THR C 674 23.46 27.34 5.31
C THR C 674 24.83 26.94 5.84
N VAL C 675 24.91 26.72 7.15
CA VAL C 675 26.13 26.34 7.83
C VAL C 675 25.96 24.93 8.37
N VAL C 676 26.86 24.03 7.98
CA VAL C 676 26.83 22.63 8.41
C VAL C 676 27.76 22.47 9.60
N LEU C 677 27.23 21.94 10.70
CA LEU C 677 27.99 21.73 11.92
C LEU C 677 27.99 20.25 12.28
N PHE C 678 29.17 19.72 12.59
CA PHE C 678 29.34 18.33 12.98
C PHE C 678 29.70 18.29 14.46
N ASP C 679 28.70 18.02 15.30
CA ASP C 679 28.91 17.97 16.74
C ASP C 679 29.54 16.63 17.13
N GLU C 680 30.53 16.70 18.02
CA GLU C 680 31.24 15.52 18.52
C GLU C 680 31.86 14.73 17.36
N MET C 681 33.06 15.14 16.93
CA MET C 681 33.74 14.49 15.82
C MET C 681 34.72 13.42 16.27
N GLU C 682 35.12 13.44 17.55
CA GLU C 682 36.09 12.46 18.04
C GLU C 682 35.54 11.04 18.04
N LYS C 683 34.22 10.88 18.06
CA LYS C 683 33.59 9.56 18.07
C LYS C 683 32.67 9.47 16.85
N ALA C 684 33.17 8.89 15.77
CA ALA C 684 32.42 8.74 14.53
C ALA C 684 32.80 7.41 13.87
N HIS C 685 31.86 6.89 13.09
CA HIS C 685 32.08 5.63 12.40
C HIS C 685 32.97 5.85 11.17
N LYS C 686 33.63 4.77 10.74
CA LYS C 686 34.55 4.86 9.61
C LYS C 686 33.80 5.15 8.31
N ASP C 687 32.58 4.64 8.16
CA ASP C 687 31.82 4.88 6.94
C ASP C 687 31.40 6.34 6.81
N VAL C 688 31.33 7.06 7.94
CA VAL C 688 30.96 8.48 7.89
C VAL C 688 32.10 9.30 7.31
N SER C 689 33.34 8.96 7.66
CA SER C 689 34.49 9.70 7.15
C SER C 689 34.68 9.47 5.66
N ASN C 690 34.41 8.26 5.18
CA ASN C 690 34.56 7.96 3.75
C ASN C 690 33.45 8.61 2.94
N LEU C 691 32.29 8.84 3.53
CA LEU C 691 31.19 9.47 2.81
C LEU C 691 31.41 10.97 2.64
N LEU C 692 31.99 11.61 3.65
CA LEU C 692 32.27 13.04 3.61
C LEU C 692 33.55 13.38 2.85
N LEU C 693 34.31 12.36 2.42
CA LEU C 693 35.55 12.64 1.70
C LEU C 693 35.28 13.14 0.28
N GLN C 694 34.22 12.64 -0.36
CA GLN C 694 33.90 13.07 -1.72
C GLN C 694 33.39 14.51 -1.76
N ILE C 695 32.89 15.03 -0.66
CA ILE C 695 32.39 16.40 -0.64
C ILE C 695 33.53 17.41 -0.66
N LEU C 696 34.58 17.15 0.13
CA LEU C 696 35.73 18.05 0.18
C LEU C 696 36.61 17.97 -1.06
N ASP C 697 36.42 16.96 -1.91
CA ASP C 697 37.22 16.79 -3.11
C ASP C 697 36.41 17.06 -4.37
N ASP C 698 35.38 16.27 -4.65
CA ASP C 698 34.58 16.48 -5.86
C ASP C 698 33.65 17.69 -5.72
N GLY C 699 33.09 17.91 -4.54
CA GLY C 699 32.19 19.02 -4.33
C GLY C 699 30.72 18.66 -4.33
N HIS C 700 30.38 17.38 -4.39
CA HIS C 700 28.98 16.96 -4.40
C HIS C 700 28.89 15.57 -3.82
N CYS C 701 27.76 15.29 -3.18
CA CYS C 701 27.50 14.00 -2.56
C CYS C 701 26.50 13.20 -3.38
N THR C 702 26.63 11.88 -3.33
CA THR C 702 25.75 10.99 -4.08
C THR C 702 24.41 10.91 -3.35
N ASP C 703 23.37 11.50 -3.95
CA ASP C 703 22.04 11.48 -3.35
C ASP C 703 21.39 10.12 -3.52
N SER C 704 20.50 9.79 -2.58
CA SER C 704 19.82 8.50 -2.63
C SER C 704 18.84 8.43 -3.80
N LYS C 705 18.21 9.54 -4.16
CA LYS C 705 17.27 9.58 -5.27
C LYS C 705 17.95 9.69 -6.62
N GLY C 706 19.26 9.94 -6.66
CA GLY C 706 19.99 10.07 -7.90
C GLY C 706 20.32 11.48 -8.32
N ARG C 707 19.99 12.48 -7.50
CA ARG C 707 20.29 13.86 -7.83
C ARG C 707 21.72 14.20 -7.45
N ARG C 708 22.09 15.47 -7.67
CA ARG C 708 23.44 15.95 -7.36
C ARG C 708 23.31 17.23 -6.55
N VAL C 709 23.51 17.12 -5.24
CA VAL C 709 23.43 18.28 -4.34
C VAL C 709 24.76 19.03 -4.41
N ASP C 710 24.70 20.33 -4.71
CA ASP C 710 25.89 21.14 -4.83
C ASP C 710 26.40 21.57 -3.45
N PHE C 711 27.70 21.43 -3.23
CA PHE C 711 28.34 21.82 -1.99
C PHE C 711 29.49 22.80 -2.22
N LYS C 712 29.43 23.58 -3.30
CA LYS C 712 30.50 24.53 -3.60
C LYS C 712 30.42 25.79 -2.76
N ASN C 713 29.24 26.10 -2.21
CA ASN C 713 29.04 27.30 -1.40
C ASN C 713 28.58 26.94 0.01
N THR C 714 28.97 25.76 0.49
CA THR C 714 28.60 25.30 1.83
C THR C 714 29.88 25.06 2.63
N ILE C 715 30.03 25.80 3.73
CA ILE C 715 31.18 25.62 4.59
C ILE C 715 31.02 24.37 5.44
N ILE C 716 32.15 23.76 5.81
CA ILE C 716 32.16 22.53 6.59
C ILE C 716 33.10 22.74 7.78
N VAL C 717 32.57 22.64 8.99
CA VAL C 717 33.35 22.77 10.21
C VAL C 717 33.13 21.53 11.07
N MET C 718 34.14 21.20 11.88
CA MET C 718 34.08 20.03 12.75
C MET C 718 34.50 20.43 14.16
N THR C 719 33.85 19.82 15.14
CA THR C 719 34.13 20.08 16.55
C THR C 719 34.58 18.77 17.21
N SER C 720 35.85 18.69 17.55
CA SER C 720 36.42 17.50 18.17
C SER C 720 37.25 17.91 19.39
N ASN C 721 37.37 16.98 20.33
CA ASN C 721 38.13 17.19 21.56
C ASN C 721 39.44 16.43 21.58
N LEU C 722 39.99 16.15 20.39
CA LEU C 722 41.24 15.42 20.29
C LEU C 722 42.43 16.38 20.31
N THR C 739 52.74 20.96 23.84
CA THR C 739 51.34 21.00 24.20
C THR C 739 50.45 21.05 22.96
N LYS C 740 50.69 22.04 22.10
CA LYS C 740 49.91 22.19 20.88
C LYS C 740 50.37 21.26 19.77
N ASN C 741 51.55 20.66 19.89
CA ASN C 741 52.06 19.75 18.87
C ASN C 741 51.69 18.30 19.12
N ALA C 742 51.38 17.93 20.36
CA ALA C 742 51.02 16.56 20.69
C ALA C 742 49.52 16.29 20.57
N VAL C 743 48.71 17.33 20.34
CA VAL C 743 47.28 17.15 20.21
C VAL C 743 46.83 17.04 18.75
N LEU C 744 47.67 17.45 17.80
CA LEU C 744 47.30 17.36 16.39
C LEU C 744 47.56 15.98 15.81
N ALA C 745 48.48 15.21 16.38
CA ALA C 745 48.78 13.88 15.89
C ALA C 745 47.74 12.85 16.31
N THR C 746 46.87 13.17 17.26
CA THR C 746 45.84 12.23 17.68
C THR C 746 44.73 12.12 16.64
N ALA C 747 44.26 13.26 16.12
CA ALA C 747 43.20 13.24 15.12
C ALA C 747 43.68 12.70 13.78
N ARG C 748 44.98 12.79 13.49
CA ARG C 748 45.50 12.27 12.23
C ARG C 748 45.54 10.75 12.21
N ARG C 749 45.61 10.12 13.39
CA ARG C 749 45.65 8.67 13.47
C ARG C 749 44.27 8.04 13.54
N HIS C 750 43.25 8.78 13.99
CA HIS C 750 41.91 8.23 14.07
C HIS C 750 41.25 8.17 12.70
N PHE C 751 41.50 9.15 11.84
CA PHE C 751 40.93 9.16 10.50
C PHE C 751 41.86 8.47 9.51
N ALA C 752 41.86 8.94 8.26
CA ALA C 752 42.70 8.38 7.21
C ALA C 752 43.78 9.38 6.82
N ASN C 753 44.80 8.87 6.12
CA ASN C 753 45.89 9.72 5.68
C ASN C 753 45.46 10.64 4.55
N GLU C 754 44.49 10.22 3.74
CA GLU C 754 43.99 11.06 2.65
C GLU C 754 42.87 11.98 3.07
N PHE C 755 42.28 11.76 4.24
CA PHE C 755 41.19 12.61 4.71
C PHE C 755 41.71 13.89 5.38
N ILE C 756 42.89 13.82 6.01
CA ILE C 756 43.44 14.99 6.67
C ILE C 756 44.02 15.97 5.66
N ASN C 757 44.29 15.54 4.43
CA ASN C 757 44.84 16.42 3.41
C ASN C 757 43.78 17.32 2.78
N ARG C 758 42.52 16.89 2.77
CA ARG C 758 41.45 17.71 2.20
C ARG C 758 41.03 18.85 3.11
N ILE C 759 41.40 18.79 4.39
CA ILE C 759 41.03 19.86 5.31
C ILE C 759 41.92 21.07 5.05
N ASP C 760 41.29 22.25 4.95
CA ASP C 760 42.03 23.47 4.64
C ASP C 760 42.91 23.89 5.81
N GLU C 761 42.30 24.22 6.94
CA GLU C 761 43.01 24.68 8.12
C GLU C 761 42.70 23.78 9.31
N LEU C 762 43.71 23.55 10.13
CA LEU C 762 43.57 22.74 11.34
C LEU C 762 43.79 23.63 12.56
N ILE C 763 42.76 24.43 12.87
CA ILE C 763 42.84 25.35 13.99
C ILE C 763 42.70 24.58 15.29
N VAL C 764 43.69 24.71 16.16
CA VAL C 764 43.72 24.05 17.46
C VAL C 764 43.53 25.11 18.53
N PHE C 765 42.41 25.03 19.25
CA PHE C 765 42.13 26.00 20.30
C PHE C 765 43.04 25.77 21.51
N ASN C 766 43.34 26.85 22.21
CA ASN C 766 44.22 26.81 23.38
C ASN C 766 43.40 26.97 24.66
N ARG C 767 44.09 26.80 25.78
CA ARG C 767 43.45 26.94 27.09
C ARG C 767 43.20 28.40 27.41
N LEU C 768 42.07 28.67 28.07
CA LEU C 768 41.71 30.03 28.44
C LEU C 768 42.68 30.56 29.48
N THR C 769 43.50 31.53 29.09
CA THR C 769 44.47 32.09 30.00
C THR C 769 43.78 32.98 31.03
N PRO C 770 44.33 33.08 32.24
CA PRO C 770 43.71 33.95 33.26
C PRO C 770 43.71 35.42 32.88
N SER C 771 44.59 35.85 31.97
CA SER C 771 44.61 37.25 31.57
C SER C 771 43.45 37.60 30.65
N ASN C 772 42.90 36.60 29.95
CA ASN C 772 41.77 36.82 29.04
C ASN C 772 40.42 36.66 29.72
N ILE C 773 40.39 36.37 31.03
CA ILE C 773 39.12 36.23 31.72
C ILE C 773 38.43 37.58 31.87
N ARG C 774 39.20 38.66 31.97
CA ARG C 774 38.61 39.99 32.10
C ARG C 774 37.83 40.39 30.85
N LYS C 775 38.28 39.95 29.68
CA LYS C 775 37.59 40.25 28.43
C LYS C 775 36.37 39.37 28.21
N ILE C 776 36.21 38.29 28.97
CA ILE C 776 35.06 37.41 28.81
C ILE C 776 33.80 38.06 29.37
N VAL C 777 33.89 38.65 30.57
CA VAL C 777 32.72 39.27 31.17
C VAL C 777 32.33 40.56 30.47
N ASP C 778 33.23 41.14 29.66
CA ASP C 778 32.90 42.35 28.93
C ASP C 778 31.93 42.07 27.78
N VAL C 779 31.91 40.84 27.28
CA VAL C 779 31.01 40.49 26.19
C VAL C 779 29.61 40.18 26.73
N ARG C 780 29.54 39.54 27.90
CA ARG C 780 28.24 39.20 28.47
C ARG C 780 27.48 40.44 28.91
N LEU C 781 28.18 41.52 29.27
CA LEU C 781 27.50 42.74 29.68
C LEU C 781 26.85 43.47 28.51
N LYS C 782 27.29 43.19 27.27
CA LYS C 782 26.69 43.83 26.12
C LYS C 782 25.31 43.26 25.82
N GLU C 783 25.13 41.94 26.00
CA GLU C 783 23.84 41.33 25.77
C GLU C 783 22.81 41.70 26.82
N VAL C 784 23.26 42.09 28.02
CA VAL C 784 22.32 42.49 29.06
C VAL C 784 21.85 43.93 28.85
N GLN C 785 22.74 44.80 28.39
CA GLN C 785 22.37 46.20 28.20
C GLN C 785 21.41 46.37 27.03
N GLU C 786 21.56 45.57 25.98
CA GLU C 786 20.69 45.68 24.82
C GLU C 786 19.29 45.14 25.09
N ARG C 787 19.12 44.34 26.13
CA ARG C 787 17.79 43.83 26.49
C ARG C 787 17.04 44.80 27.40
N LEU C 788 17.75 45.59 28.20
CA LEU C 788 17.13 46.56 29.09
C LEU C 788 16.94 47.93 28.44
N ASP C 789 17.33 48.08 27.18
CA ASP C 789 17.16 49.38 26.51
C ASP C 789 15.69 49.65 26.18
N GLU C 790 14.90 48.59 25.99
CA GLU C 790 13.49 48.79 25.68
C GLU C 790 12.71 49.31 26.88
N LYS C 791 13.18 49.03 28.09
CA LYS C 791 12.53 49.48 29.31
C LYS C 791 13.21 50.70 29.92
N GLN C 792 14.14 51.32 29.18
CA GLN C 792 14.87 52.51 29.65
C GLN C 792 15.58 52.23 30.98
N ILE C 793 16.39 51.18 30.99
CA ILE C 793 17.14 50.77 32.17
C ILE C 793 18.62 50.76 31.80
N THR C 794 19.40 51.60 32.45
CA THR C 794 20.83 51.71 32.20
C THR C 794 21.58 50.91 33.26
N LEU C 795 22.34 49.91 32.82
CA LEU C 795 23.12 49.06 33.71
C LEU C 795 24.58 49.49 33.64
N ASP C 796 25.17 49.76 34.80
CA ASP C 796 26.56 50.19 34.90
C ASP C 796 27.32 49.26 35.83
N VAL C 797 28.55 48.91 35.43
CA VAL C 797 29.42 48.03 36.21
C VAL C 797 30.71 48.79 36.51
N ASP C 798 31.09 48.81 37.78
CA ASP C 798 32.31 49.49 38.21
C ASP C 798 33.52 48.60 37.95
N ASP C 799 34.68 49.01 38.44
CA ASP C 799 35.91 48.26 38.26
C ASP C 799 36.13 47.20 39.34
N LYS C 800 35.18 47.03 40.26
CA LYS C 800 35.31 46.04 41.33
C LYS C 800 34.45 44.80 41.11
N ALA C 801 33.37 44.91 40.33
CA ALA C 801 32.51 43.77 40.08
C ALA C 801 33.10 42.81 39.05
N LYS C 802 33.85 43.34 38.08
CA LYS C 802 34.46 42.49 37.06
C LYS C 802 35.67 41.74 37.58
N ASP C 803 36.36 42.30 38.59
CA ASP C 803 37.53 41.63 39.14
C ASP C 803 37.15 40.47 40.05
N LEU C 804 36.02 40.58 40.77
CA LEU C 804 35.60 39.51 41.66
C LEU C 804 35.06 38.31 40.89
N LEU C 805 34.33 38.57 39.80
CA LEU C 805 33.77 37.48 39.00
C LEU C 805 34.82 36.82 38.11
N ALA C 806 35.99 37.45 37.94
CA ALA C 806 37.03 36.86 37.10
C ALA C 806 37.80 35.79 37.83
N GLN C 807 38.10 36.00 39.11
CA GLN C 807 38.84 35.02 39.90
C GLN C 807 37.98 33.87 40.40
N GLN C 808 36.65 34.00 40.34
CA GLN C 808 35.76 32.94 40.80
C GLN C 808 35.25 32.06 39.66
N GLY C 809 35.12 32.60 38.45
CA GLY C 809 34.66 31.85 37.31
C GLY C 809 35.74 31.16 36.50
N PHE C 810 36.98 31.15 36.99
CA PHE C 810 38.07 30.51 36.26
C PHE C 810 37.97 28.99 36.43
N ASP C 811 37.78 28.29 35.30
CA ASP C 811 37.67 26.83 35.31
C ASP C 811 38.35 26.30 34.06
N PRO C 812 39.62 25.88 34.15
CA PRO C 812 40.33 25.43 32.96
C PRO C 812 39.92 24.05 32.47
N VAL C 813 39.33 23.21 33.33
CA VAL C 813 38.95 21.86 32.94
C VAL C 813 37.51 21.85 32.44
N TYR C 814 36.92 23.05 32.27
CA TYR C 814 35.58 23.17 31.72
C TYR C 814 35.38 24.37 30.83
N GLY C 815 36.19 25.42 30.92
CA GLY C 815 36.04 26.58 30.07
C GLY C 815 35.25 27.70 30.70
N ALA C 816 34.42 28.37 29.90
CA ALA C 816 33.60 29.48 30.36
C ALA C 816 32.19 29.05 30.75
N ARG C 817 32.00 27.76 31.06
CA ARG C 817 30.66 27.31 31.46
C ARG C 817 30.28 27.80 32.85
N PRO C 818 31.13 27.69 33.89
CA PRO C 818 30.74 28.25 35.20
C PRO C 818 30.61 29.76 35.20
N LEU C 819 31.26 30.46 34.26
CA LEU C 819 31.15 31.92 34.22
C LEU C 819 29.76 32.36 33.77
N ASN C 820 29.12 31.59 32.88
CA ASN C 820 27.79 31.96 32.42
C ASN C 820 26.74 31.74 33.51
N ARG C 821 26.97 30.79 34.41
CA ARG C 821 26.04 30.53 35.49
C ARG C 821 26.32 31.37 36.73
N LEU C 822 27.54 31.90 36.88
CA LEU C 822 27.85 32.72 38.04
C LEU C 822 27.27 34.13 37.91
N ILE C 823 27.28 34.69 36.70
CA ILE C 823 26.72 36.02 36.49
C ILE C 823 25.20 36.02 36.58
N GLN C 824 24.56 34.87 36.38
CA GLN C 824 23.12 34.76 36.47
C GLN C 824 22.64 34.45 37.88
N HIS C 825 23.40 33.66 38.63
CA HIS C 825 23.05 33.28 39.99
C HIS C 825 23.62 34.24 41.04
N ALA C 826 23.90 35.49 40.65
CA ALA C 826 24.45 36.46 41.59
C ALA C 826 24.10 37.88 41.17
N LEU C 827 24.36 38.22 39.91
CA LEU C 827 24.09 39.57 39.43
C LEU C 827 22.68 39.68 38.85
N LEU C 828 22.23 38.65 38.13
CA LEU C 828 20.91 38.66 37.52
C LEU C 828 19.81 38.18 38.46
N THR C 829 20.17 37.50 39.54
CA THR C 829 19.15 37.00 40.48
C THR C 829 18.56 38.14 41.30
N GLN C 830 19.41 38.94 41.93
CA GLN C 830 18.92 40.05 42.75
C GLN C 830 18.38 41.20 41.90
N LEU C 831 18.72 41.25 40.61
CA LEU C 831 18.23 42.31 39.75
C LEU C 831 16.78 42.09 39.34
N SER C 832 16.36 40.83 39.19
CA SER C 832 14.98 40.54 38.82
C SER C 832 14.01 40.74 39.98
N ARG C 833 14.49 40.69 41.22
CA ARG C 833 13.60 40.88 42.37
C ARG C 833 13.18 42.34 42.50
N LEU C 834 14.10 43.27 42.19
CA LEU C 834 13.78 44.69 42.31
C LEU C 834 12.83 45.17 41.21
N LEU C 835 12.74 44.43 40.10
CA LEU C 835 11.85 44.80 39.00
C LEU C 835 10.43 44.29 39.18
N LEU C 836 10.14 43.60 40.28
CA LEU C 836 8.81 43.07 40.54
C LEU C 836 8.10 43.71 41.72
N ASP C 837 8.83 44.38 42.63
CA ASP C 837 8.23 45.02 43.78
C ASP C 837 8.34 46.54 43.76
N GLY C 838 9.36 47.09 43.12
CA GLY C 838 9.51 48.54 43.06
C GLY C 838 10.89 48.99 43.48
N GLY C 839 11.91 48.20 43.17
CA GLY C 839 13.28 48.55 43.52
C GLY C 839 13.98 49.35 42.44
N VAL C 840 13.80 48.94 41.19
CA VAL C 840 14.40 49.62 40.04
C VAL C 840 13.27 50.08 39.14
N ARG C 841 13.06 51.41 39.07
CA ARG C 841 12.01 51.97 38.25
C ARG C 841 12.50 52.18 36.82
N PRO C 842 11.63 51.97 35.83
CA PRO C 842 12.04 52.16 34.42
C PRO C 842 12.32 53.61 34.09
N GLY C 843 13.58 54.01 34.17
CA GLY C 843 13.96 55.38 33.89
C GLY C 843 15.13 55.85 34.72
N GLU C 844 15.74 54.94 35.47
CA GLU C 844 16.88 55.24 36.32
C GLU C 844 18.12 54.52 35.81
N ILE C 845 19.21 54.60 36.57
CA ILE C 845 20.47 53.98 36.22
C ILE C 845 20.80 52.94 37.29
N ALA C 846 20.93 51.68 36.88
CA ALA C 846 21.24 50.61 37.81
C ALA C 846 22.73 50.58 38.11
N LYS C 847 23.06 50.48 39.39
CA LYS C 847 24.45 50.45 39.85
C LYS C 847 24.68 49.14 40.61
N VAL C 848 25.64 48.35 40.13
CA VAL C 848 26.00 47.07 40.74
C VAL C 848 27.45 47.17 41.19
N THR C 849 27.65 47.19 42.50
CA THR C 849 28.98 47.30 43.09
C THR C 849 29.20 46.14 44.07
N VAL C 850 30.41 46.07 44.60
CA VAL C 850 30.79 45.04 45.56
C VAL C 850 30.71 45.61 46.97
N ASP C 851 29.95 44.94 47.83
CA ASP C 851 29.79 45.40 49.21
C ASP C 851 30.99 44.97 50.05
N GLN C 852 30.92 45.26 51.36
CA GLN C 852 31.99 44.91 52.28
C GLN C 852 31.99 43.43 52.65
N GLU C 853 30.92 42.69 52.35
CA GLU C 853 30.88 41.27 52.70
C GLU C 853 31.65 40.44 51.68
N GLY C 854 31.47 40.71 50.40
CA GLY C 854 32.14 39.97 49.35
C GLY C 854 31.21 39.19 48.47
N GLU C 855 30.16 39.87 47.96
CA GLU C 855 29.19 39.23 47.10
C GLU C 855 28.62 40.26 46.14
N ILE C 856 28.41 39.86 44.89
CA ILE C 856 27.85 40.76 43.88
C ILE C 856 26.40 41.04 44.23
N ILE C 857 26.12 42.26 44.69
CA ILE C 857 24.78 42.67 45.07
C ILE C 857 24.35 43.81 44.17
N VAL C 858 23.03 43.93 44.00
CA VAL C 858 22.43 44.97 43.16
C VAL C 858 21.90 46.05 44.08
N ILE C 859 22.51 47.23 44.02
CA ILE C 859 22.09 48.36 44.85
C ILE C 859 20.88 49.02 44.22
N ARG C 860 19.79 49.11 44.97
CA ARG C 860 18.57 49.72 44.46
C ARG C 860 18.65 51.25 44.56
N ASN C 861 17.80 51.92 43.78
CA ASN C 861 17.73 53.37 43.75
C ASN C 861 16.31 53.85 43.96
N HIS C 862 15.59 53.21 44.89
CA HIS C 862 14.21 53.57 45.18
C HIS C 862 13.89 53.19 46.62
N GLY C 863 13.02 53.98 47.24
CA GLY C 863 12.65 53.72 48.61
C GLY C 863 11.75 52.50 48.73
N ILE C 864 11.82 51.86 49.89
CA ILE C 864 11.01 50.68 50.16
C ILE C 864 9.56 51.09 50.43
N SER D 3 -19.55 -0.41 -63.94
CA SER D 3 -19.19 0.98 -63.66
C SER D 3 -17.93 1.05 -62.79
N SER D 4 -17.79 2.14 -62.04
CA SER D 4 -16.64 2.34 -61.17
C SER D 4 -16.94 1.72 -59.80
N MET D 5 -16.64 0.44 -59.69
CA MET D 5 -16.86 -0.32 -58.47
C MET D 5 -15.52 -0.84 -57.95
N GLN D 6 -15.30 -0.68 -56.66
CA GLN D 6 -14.07 -1.12 -56.00
C GLN D 6 -14.39 -2.25 -55.03
N PHE D 7 -13.63 -3.34 -55.12
CA PHE D 7 -13.81 -4.50 -54.27
C PHE D 7 -12.64 -4.61 -53.29
N THR D 8 -12.74 -5.58 -52.39
CA THR D 8 -11.73 -5.84 -51.38
C THR D 8 -11.01 -7.15 -51.68
N ASP D 9 -10.17 -7.59 -50.75
CA ASP D 9 -9.44 -8.84 -50.92
C ASP D 9 -10.32 -10.06 -50.73
N LYS D 10 -11.45 -9.91 -50.03
CA LYS D 10 -12.36 -11.02 -49.80
C LYS D 10 -13.47 -11.11 -50.84
N ALA D 11 -13.93 -9.96 -51.35
CA ALA D 11 -14.99 -9.98 -52.35
C ALA D 11 -14.51 -10.57 -53.68
N THR D 12 -13.24 -10.32 -54.04
CA THR D 12 -12.71 -10.89 -55.27
C THR D 12 -12.48 -12.39 -55.16
N GLU D 13 -12.23 -12.88 -53.94
CA GLU D 13 -12.01 -14.31 -53.75
C GLU D 13 -13.32 -15.08 -53.86
N THR D 14 -14.43 -14.48 -53.42
CA THR D 14 -15.72 -15.15 -53.50
C THR D 14 -16.21 -15.23 -54.94
N LEU D 15 -16.06 -14.15 -55.70
CA LEU D 15 -16.50 -14.17 -57.10
C LEU D 15 -15.62 -15.05 -57.96
N ASN D 16 -14.34 -15.20 -57.61
CA ASN D 16 -13.45 -16.06 -58.37
C ASN D 16 -13.78 -17.53 -58.14
N ALA D 17 -14.17 -17.90 -56.91
CA ALA D 17 -14.52 -19.27 -56.63
C ALA D 17 -15.91 -19.62 -57.16
N ALA D 18 -16.76 -18.61 -57.35
CA ALA D 18 -18.09 -18.87 -57.89
C ALA D 18 -18.06 -19.18 -59.37
N ALA D 19 -17.09 -18.61 -60.10
CA ALA D 19 -16.99 -18.89 -61.53
C ALA D 19 -16.46 -20.30 -61.79
N LYS D 20 -15.54 -20.77 -60.94
CA LYS D 20 -15.02 -22.12 -61.10
C LYS D 20 -16.03 -23.18 -60.68
N TYR D 21 -16.94 -22.83 -59.77
CA TYR D 21 -17.94 -23.80 -59.34
C TYR D 21 -19.03 -23.99 -60.39
N ALA D 22 -19.31 -22.96 -61.18
CA ALA D 22 -20.33 -23.08 -62.22
C ALA D 22 -19.84 -23.93 -63.38
N ALA D 23 -18.55 -23.81 -63.72
CA ALA D 23 -18.00 -24.60 -64.82
C ALA D 23 -17.90 -26.08 -64.48
N GLU D 24 -17.86 -26.42 -63.18
CA GLU D 24 -17.78 -27.83 -62.79
C GLU D 24 -19.12 -28.52 -62.99
N ASN D 25 -20.22 -27.82 -62.73
CA ASN D 25 -21.56 -28.38 -62.87
C ASN D 25 -22.20 -28.03 -64.21
N SER D 26 -21.37 -27.75 -65.23
CA SER D 26 -21.84 -27.45 -66.58
C SER D 26 -22.74 -26.23 -66.62
N HIS D 27 -22.15 -25.05 -66.80
CA HIS D 27 -22.91 -23.82 -66.90
C HIS D 27 -22.29 -22.94 -67.99
N VAL D 28 -23.12 -22.07 -68.57
CA VAL D 28 -22.68 -21.18 -69.63
C VAL D 28 -22.18 -19.88 -69.03
N GLN D 29 -23.08 -19.12 -68.41
CA GLN D 29 -22.76 -17.84 -67.82
C GLN D 29 -22.76 -17.94 -66.30
N LEU D 30 -22.27 -16.88 -65.66
CA LEU D 30 -22.20 -16.83 -64.20
C LEU D 30 -23.57 -16.50 -63.64
N HIS D 31 -24.18 -17.45 -62.95
CA HIS D 31 -25.51 -17.24 -62.40
C HIS D 31 -25.39 -16.70 -60.96
N PRO D 32 -26.30 -15.81 -60.56
CA PRO D 32 -26.25 -15.27 -59.19
C PRO D 32 -26.49 -16.31 -58.11
N SER D 33 -27.06 -17.47 -58.45
CA SER D 33 -27.32 -18.50 -57.46
C SER D 33 -26.04 -19.18 -56.98
N HIS D 34 -24.96 -19.09 -57.75
CA HIS D 34 -23.69 -19.71 -57.35
C HIS D 34 -22.96 -18.92 -56.27
N VAL D 35 -23.39 -17.70 -55.98
CA VAL D 35 -22.71 -16.90 -54.96
C VAL D 35 -23.05 -17.42 -53.56
N ALA D 36 -24.33 -17.73 -53.32
CA ALA D 36 -24.74 -18.22 -52.01
C ALA D 36 -24.28 -19.65 -51.75
N VAL D 37 -23.92 -20.39 -52.79
CA VAL D 37 -23.49 -21.78 -52.60
C VAL D 37 -22.03 -21.83 -52.15
N VAL D 38 -21.19 -20.98 -52.72
CA VAL D 38 -19.77 -20.98 -52.36
C VAL D 38 -19.57 -20.46 -50.94
N MET D 39 -20.36 -19.46 -50.54
CA MET D 39 -20.22 -18.90 -49.20
C MET D 39 -20.60 -19.89 -48.12
N LEU D 40 -21.57 -20.77 -48.39
CA LEU D 40 -21.99 -21.77 -47.42
C LEU D 40 -21.03 -22.95 -47.33
N ASP D 41 -20.08 -23.06 -48.25
CA ASP D 41 -19.10 -24.15 -48.23
C ASP D 41 -17.67 -23.66 -48.00
N GLU D 42 -17.47 -22.36 -47.83
CA GLU D 42 -16.14 -21.81 -47.60
C GLU D 42 -15.93 -21.60 -46.11
N GLU D 43 -14.77 -22.03 -45.61
CA GLU D 43 -14.45 -21.87 -44.20
C GLU D 43 -14.12 -20.42 -43.88
N ASN D 44 -14.49 -20.00 -42.67
CA ASN D 44 -14.25 -18.64 -42.19
C ASN D 44 -14.88 -17.61 -43.13
N SER D 45 -16.17 -17.79 -43.40
CA SER D 45 -16.91 -16.90 -44.28
C SER D 45 -17.82 -15.98 -43.46
N LEU D 46 -18.11 -14.82 -44.03
CA LEU D 46 -18.96 -13.82 -43.38
C LEU D 46 -20.45 -14.07 -43.62
N PHE D 47 -20.80 -15.11 -44.37
CA PHE D 47 -22.19 -15.43 -44.66
C PHE D 47 -22.74 -16.57 -43.81
N ARG D 48 -21.89 -17.53 -43.41
CA ARG D 48 -22.36 -18.64 -42.59
C ARG D 48 -22.65 -18.22 -41.15
N SER D 49 -22.10 -17.09 -40.71
CA SER D 49 -22.34 -16.61 -39.35
C SER D 49 -23.63 -15.83 -39.20
N ILE D 50 -24.40 -15.68 -40.27
CA ILE D 50 -25.68 -14.97 -40.23
C ILE D 50 -26.86 -15.93 -40.18
N LEU D 51 -26.86 -16.94 -41.05
CA LEU D 51 -27.96 -17.91 -41.05
C LEU D 51 -27.92 -18.82 -39.83
N GLU D 52 -26.73 -19.14 -39.34
CA GLU D 52 -26.62 -20.00 -38.16
C GLU D 52 -26.98 -19.25 -36.89
N LYS D 53 -26.61 -17.97 -36.80
CA LYS D 53 -26.92 -17.20 -35.60
C LYS D 53 -28.40 -16.83 -35.55
N ALA D 54 -29.04 -16.63 -36.70
CA ALA D 54 -30.45 -16.28 -36.71
C ALA D 54 -31.34 -17.47 -36.35
N GLY D 55 -30.88 -18.69 -36.63
CA GLY D 55 -31.65 -19.87 -36.31
C GLY D 55 -32.27 -20.53 -37.52
N GLY D 56 -31.43 -21.06 -38.40
CA GLY D 56 -31.91 -21.73 -39.60
C GLY D 56 -30.98 -22.84 -40.01
N ASP D 57 -31.56 -23.88 -40.59
CA ASP D 57 -30.80 -25.04 -41.03
C ASP D 57 -30.02 -24.71 -42.29
N VAL D 58 -28.74 -25.09 -42.30
CA VAL D 58 -27.89 -24.81 -43.45
C VAL D 58 -28.26 -25.69 -44.64
N VAL D 59 -28.65 -26.95 -44.36
CA VAL D 59 -29.00 -27.86 -45.44
C VAL D 59 -30.29 -27.42 -46.14
N SER D 60 -31.26 -26.94 -45.36
CA SER D 60 -32.54 -26.53 -45.94
C SER D 60 -32.39 -25.27 -46.79
N ILE D 61 -31.42 -24.42 -46.48
CA ILE D 61 -31.21 -23.19 -47.23
C ILE D 61 -30.30 -23.42 -48.43
N GLU D 62 -29.26 -24.25 -48.28
CA GLU D 62 -28.34 -24.50 -49.38
C GLU D 62 -29.04 -25.26 -50.51
N ARG D 63 -29.96 -26.17 -50.17
CA ARG D 63 -30.69 -26.89 -51.20
C ARG D 63 -31.77 -26.04 -51.86
N GLY D 64 -32.10 -24.89 -51.28
CA GLY D 64 -33.11 -24.03 -51.88
C GLY D 64 -32.60 -23.26 -53.09
N PHE D 65 -31.32 -22.88 -53.07
CA PHE D 65 -30.74 -22.15 -54.18
C PHE D 65 -30.50 -23.05 -55.39
N LYS D 66 -30.50 -24.36 -55.22
CA LYS D 66 -30.27 -25.27 -56.34
C LYS D 66 -31.48 -25.37 -57.26
N LYS D 67 -32.69 -25.07 -56.75
CA LYS D 67 -33.88 -25.14 -57.60
C LYS D 67 -33.90 -24.01 -58.61
N ILE D 68 -33.41 -22.83 -58.24
CA ILE D 68 -33.38 -21.71 -59.18
C ILE D 68 -32.29 -21.91 -60.23
N MET D 69 -31.20 -22.56 -59.87
CA MET D 69 -30.11 -22.79 -60.83
C MET D 69 -30.54 -23.74 -61.94
N VAL D 70 -31.35 -24.74 -61.60
CA VAL D 70 -31.81 -25.69 -62.62
C VAL D 70 -32.81 -25.01 -63.55
N ARG D 71 -33.65 -24.12 -63.02
CA ARG D 71 -34.64 -23.44 -63.85
C ARG D 71 -33.96 -22.51 -64.85
N GLN D 72 -32.84 -21.90 -64.48
CA GLN D 72 -32.13 -21.01 -65.39
C GLN D 72 -31.40 -21.83 -66.46
N PRO D 73 -31.34 -21.31 -67.69
CA PRO D 73 -30.66 -22.06 -68.75
C PRO D 73 -29.16 -22.20 -68.48
N HIS D 84 -20.86 -12.31 -68.88
CA HIS D 84 -21.80 -11.51 -68.12
C HIS D 84 -23.23 -12.05 -68.28
N SER D 85 -24.00 -11.95 -67.21
CA SER D 85 -25.37 -12.44 -67.19
C SER D 85 -26.35 -11.28 -67.00
N PRO D 86 -27.51 -11.32 -67.65
CA PRO D 86 -28.49 -10.23 -67.45
C PRO D 86 -28.98 -10.12 -66.02
N GLU D 87 -29.16 -11.26 -65.33
CA GLU D 87 -29.58 -11.21 -63.94
C GLU D 87 -28.45 -10.74 -63.03
N LEU D 88 -27.20 -10.98 -63.42
CA LEU D 88 -26.07 -10.55 -62.61
C LEU D 88 -25.94 -9.02 -62.59
N ALA D 89 -26.42 -8.35 -63.63
CA ALA D 89 -26.35 -6.89 -63.67
C ALA D 89 -27.23 -6.27 -62.59
N LYS D 90 -28.38 -6.88 -62.30
CA LYS D 90 -29.23 -6.38 -61.24
C LYS D 90 -28.65 -6.66 -59.86
N LEU D 91 -27.96 -7.79 -59.70
CA LEU D 91 -27.34 -8.10 -58.42
C LEU D 91 -26.18 -7.15 -58.12
N LEU D 92 -25.39 -6.79 -59.14
CA LEU D 92 -24.30 -5.86 -58.93
C LEU D 92 -24.81 -4.44 -58.73
N HIS D 93 -25.97 -4.11 -59.30
CA HIS D 93 -26.53 -2.78 -59.10
C HIS D 93 -27.05 -2.60 -57.68
N TYR D 94 -27.57 -3.67 -57.07
CA TYR D 94 -28.05 -3.57 -55.70
C TYR D 94 -26.89 -3.50 -54.71
N ALA D 95 -25.72 -4.05 -55.08
CA ALA D 95 -24.56 -3.97 -54.20
C ALA D 95 -24.04 -2.54 -54.08
N HIS D 96 -24.23 -1.72 -55.12
CA HIS D 96 -23.79 -0.34 -55.05
C HIS D 96 -24.68 0.49 -54.13
N GLU D 97 -25.96 0.11 -54.00
CA GLU D 97 -26.85 0.82 -53.10
C GLU D 97 -26.52 0.52 -51.64
N HIS D 98 -26.22 -0.74 -51.33
CA HIS D 98 -25.83 -1.09 -49.97
C HIS D 98 -24.44 -0.59 -49.61
N MET D 99 -23.61 -0.29 -50.60
CA MET D 99 -22.28 0.26 -50.32
C MET D 99 -22.36 1.63 -49.67
N LYS D 100 -23.38 2.41 -50.02
CA LYS D 100 -23.58 3.74 -49.45
C LYS D 100 -24.49 3.73 -48.23
N LYS D 101 -24.52 2.62 -47.49
CA LYS D 101 -25.38 2.49 -46.31
C LYS D 101 -24.57 2.24 -45.05
N GLN D 102 -23.70 1.24 -45.03
CA GLN D 102 -22.89 0.93 -43.86
C GLN D 102 -21.62 1.78 -43.78
N ARG D 103 -21.54 2.86 -44.56
CA ARG D 103 -20.41 3.79 -44.52
C ARG D 103 -19.10 3.08 -44.82
N ASP D 104 -19.04 2.45 -46.00
CA ASP D 104 -17.87 1.73 -46.46
C ASP D 104 -17.47 2.23 -47.83
N LEU D 105 -16.21 2.65 -47.98
CA LEU D 105 -15.73 3.15 -49.26
C LEU D 105 -15.53 2.04 -50.29
N TYR D 106 -15.37 0.80 -49.85
CA TYR D 106 -15.17 -0.32 -50.74
C TYR D 106 -16.35 -1.29 -50.61
N ILE D 107 -16.28 -2.40 -51.35
CA ILE D 107 -17.31 -3.43 -51.34
C ILE D 107 -16.67 -4.74 -50.90
N ALA D 108 -17.15 -5.29 -49.78
CA ALA D 108 -16.64 -6.52 -49.22
C ALA D 108 -17.68 -7.63 -49.39
N GLN D 109 -17.57 -8.67 -48.55
CA GLN D 109 -18.50 -9.79 -48.63
C GLN D 109 -19.84 -9.45 -47.99
N ASP D 110 -19.85 -8.61 -46.96
CA ASP D 110 -21.10 -8.25 -46.29
C ASP D 110 -22.02 -7.41 -47.17
N HIS D 111 -21.48 -6.74 -48.19
CA HIS D 111 -22.32 -5.93 -49.07
C HIS D 111 -23.12 -6.80 -50.04
N LEU D 112 -22.57 -7.96 -50.41
CA LEU D 112 -23.26 -8.86 -51.32
C LEU D 112 -24.29 -9.74 -50.61
N ILE D 113 -24.31 -9.73 -49.29
CA ILE D 113 -25.28 -10.56 -48.56
C ILE D 113 -26.66 -9.92 -48.58
N LEU D 114 -26.74 -8.61 -48.34
CA LEU D 114 -28.03 -7.93 -48.33
C LEU D 114 -28.60 -7.76 -49.74
N ALA D 115 -27.79 -7.95 -50.78
CA ALA D 115 -28.28 -7.81 -52.14
C ALA D 115 -29.17 -8.97 -52.57
N LEU D 116 -28.99 -10.15 -51.96
CA LEU D 116 -29.80 -11.31 -52.32
C LEU D 116 -31.22 -11.22 -51.78
N ALA D 117 -31.44 -10.47 -50.70
CA ALA D 117 -32.78 -10.34 -50.13
C ALA D 117 -33.66 -9.40 -50.95
N ASP D 118 -33.08 -8.50 -51.74
CA ASP D 118 -33.88 -7.58 -52.54
C ASP D 118 -34.43 -8.21 -53.80
N LEU D 119 -33.89 -9.36 -54.22
CA LEU D 119 -34.38 -10.01 -55.42
C LEU D 119 -35.64 -10.80 -55.11
N PRO D 120 -36.67 -10.72 -55.96
CA PRO D 120 -37.90 -11.46 -55.70
C PRO D 120 -37.75 -12.96 -55.91
N SER D 121 -36.83 -13.39 -56.76
CA SER D 121 -36.61 -14.81 -57.02
C SER D 121 -35.59 -15.43 -56.08
N MET D 122 -35.00 -14.65 -55.17
CA MET D 122 -34.02 -15.15 -54.23
C MET D 122 -34.41 -14.98 -52.78
N ALA D 123 -35.36 -14.10 -52.46
CA ALA D 123 -35.78 -13.90 -51.07
C ALA D 123 -36.66 -15.02 -50.56
N GLN D 124 -37.24 -15.83 -51.45
CA GLN D 124 -38.10 -16.94 -51.01
C GLN D 124 -37.28 -18.06 -50.39
N VAL D 125 -36.03 -18.23 -50.82
CA VAL D 125 -35.19 -19.29 -50.28
C VAL D 125 -34.81 -18.99 -48.84
N LEU D 126 -34.48 -17.74 -48.53
CA LEU D 126 -34.12 -17.37 -47.17
C LEU D 126 -35.31 -17.44 -46.23
N LYS D 127 -36.51 -17.16 -46.74
CA LYS D 127 -37.72 -17.21 -45.92
C LYS D 127 -38.28 -18.62 -45.76
N GLU D 128 -37.69 -19.62 -46.42
CA GLU D 128 -38.16 -20.99 -46.31
C GLU D 128 -37.60 -21.69 -45.08
N GLY D 129 -36.34 -21.43 -44.74
CA GLY D 129 -35.76 -22.07 -43.58
C GLY D 129 -36.31 -21.54 -42.27
N GLY D 130 -36.32 -20.22 -42.10
CA GLY D 130 -36.83 -19.60 -40.91
C GLY D 130 -36.28 -18.22 -40.65
N VAL D 131 -35.83 -17.55 -41.71
CA VAL D 131 -35.26 -16.21 -41.62
C VAL D 131 -36.16 -15.30 -42.45
N THR D 132 -36.97 -14.48 -41.77
CA THR D 132 -37.87 -13.57 -42.44
C THR D 132 -37.14 -12.26 -42.74
N LYS D 133 -37.90 -11.23 -43.14
CA LYS D 133 -37.29 -9.94 -43.45
C LYS D 133 -36.84 -9.21 -42.20
N LYS D 134 -37.65 -9.25 -41.14
CA LYS D 134 -37.27 -8.59 -39.90
C LYS D 134 -36.16 -9.34 -39.18
N SER D 135 -36.17 -10.68 -39.25
CA SER D 135 -35.12 -11.46 -38.60
C SER D 135 -33.79 -11.35 -39.32
N LEU D 136 -33.78 -10.99 -40.60
CA LEU D 136 -32.53 -10.86 -41.33
C LEU D 136 -31.86 -9.51 -41.09
N GLU D 137 -32.65 -8.45 -40.87
CA GLU D 137 -32.06 -7.15 -40.63
C GLU D 137 -31.36 -7.07 -39.27
N ASN D 138 -31.86 -7.79 -38.27
CA ASN D 138 -31.25 -7.80 -36.96
C ASN D 138 -30.07 -8.76 -36.84
N ALA D 139 -29.79 -9.53 -37.90
CA ALA D 139 -28.67 -10.48 -37.88
C ALA D 139 -27.40 -9.93 -38.51
N VAL D 140 -27.52 -9.04 -39.50
CA VAL D 140 -26.35 -8.48 -40.16
C VAL D 140 -25.72 -7.35 -39.36
N THR D 141 -26.39 -6.85 -38.33
CA THR D 141 -25.83 -5.77 -37.53
C THR D 141 -24.81 -6.29 -36.52
N HIS D 142 -25.12 -7.40 -35.84
CA HIS D 142 -24.20 -7.95 -34.85
C HIS D 142 -22.95 -8.52 -35.49
N VAL D 143 -23.01 -8.95 -36.75
CA VAL D 143 -21.84 -9.52 -37.41
C VAL D 143 -20.83 -8.42 -37.72
N ARG D 144 -21.30 -7.30 -38.28
CA ARG D 144 -20.42 -6.19 -38.61
C ARG D 144 -19.95 -5.48 -37.35
N GLY D 145 -20.81 -4.66 -36.75
CA GLY D 145 -20.48 -3.94 -35.54
C GLY D 145 -19.82 -2.60 -35.81
N ALA D 157 -11.47 -12.28 -43.14
CA ALA D 157 -10.40 -11.74 -42.31
C ALA D 157 -10.68 -12.00 -40.83
N TYR D 158 -10.09 -11.17 -39.96
CA TYR D 158 -10.26 -11.28 -38.52
C TYR D 158 -10.52 -9.91 -37.92
N GLU D 159 -11.27 -9.89 -36.84
CA GLU D 159 -11.62 -8.66 -36.14
C GLU D 159 -10.71 -8.35 -34.96
N ALA D 160 -10.38 -9.37 -34.15
CA ALA D 160 -9.51 -9.15 -33.00
C ALA D 160 -8.06 -8.94 -33.40
N LEU D 161 -7.67 -9.34 -34.61
CA LEU D 161 -6.29 -9.16 -35.07
C LEU D 161 -6.07 -7.84 -35.78
N SER D 162 -7.13 -7.14 -36.18
CA SER D 162 -7.01 -5.86 -36.87
C SER D 162 -7.42 -4.69 -35.99
N LYS D 163 -7.83 -4.93 -34.75
CA LYS D 163 -8.24 -3.86 -33.86
C LYS D 163 -7.43 -3.81 -32.56
N TYR D 164 -6.63 -4.84 -32.26
CA TYR D 164 -5.84 -4.85 -31.04
C TYR D 164 -4.39 -5.26 -31.24
N CYS D 165 -4.01 -5.78 -32.40
CA CYS D 165 -2.64 -6.20 -32.67
C CYS D 165 -2.17 -5.59 -33.98
N ILE D 166 -0.88 -5.27 -34.04
CA ILE D 166 -0.26 -4.69 -35.22
C ILE D 166 0.47 -5.79 -35.97
N ASP D 167 0.07 -6.00 -37.23
CA ASP D 167 0.69 -7.04 -38.05
C ASP D 167 2.07 -6.58 -38.49
N LEU D 168 3.11 -7.28 -38.01
CA LEU D 168 4.48 -6.91 -38.38
C LEU D 168 4.80 -7.31 -39.81
N THR D 169 4.18 -8.37 -40.31
CA THR D 169 4.43 -8.82 -41.68
C THR D 169 3.85 -7.86 -42.73
N GLU D 170 2.92 -6.99 -42.33
CA GLU D 170 2.34 -6.05 -43.29
C GLU D 170 3.33 -4.94 -43.63
N LEU D 171 4.06 -4.45 -42.64
CA LEU D 171 5.04 -3.39 -42.90
C LEU D 171 6.27 -3.92 -43.62
N ALA D 172 6.59 -5.20 -43.45
CA ALA D 172 7.75 -5.78 -44.12
C ALA D 172 7.48 -6.06 -45.59
N ALA D 173 6.22 -6.30 -45.95
CA ALA D 173 5.89 -6.57 -47.35
C ALA D 173 5.83 -5.30 -48.18
N SER D 174 5.51 -4.16 -47.57
CA SER D 174 5.43 -2.89 -48.26
C SER D 174 6.72 -2.10 -48.21
N GLY D 175 7.79 -2.67 -47.63
CA GLY D 175 9.06 -1.97 -47.54
C GLY D 175 9.14 -0.90 -46.48
N LYS D 176 8.19 -0.87 -45.54
CA LYS D 176 8.19 0.13 -44.48
C LYS D 176 8.88 -0.36 -43.22
N LEU D 177 9.70 -1.40 -43.32
CA LEU D 177 10.43 -1.96 -42.19
C LEU D 177 11.92 -1.97 -42.49
N ASP D 178 12.71 -1.55 -41.50
CA ASP D 178 14.16 -1.53 -41.68
C ASP D 178 14.73 -2.93 -41.63
N PRO D 179 15.61 -3.29 -42.56
CA PRO D 179 16.20 -4.63 -42.55
C PRO D 179 17.20 -4.79 -41.41
N VAL D 180 17.60 -6.03 -41.17
CA VAL D 180 18.53 -6.38 -40.10
C VAL D 180 19.77 -6.98 -40.75
N ILE D 181 20.92 -6.35 -40.53
CA ILE D 181 22.19 -6.80 -41.09
C ILE D 181 23.13 -7.08 -39.92
N GLY D 182 23.60 -8.32 -39.81
CA GLY D 182 24.51 -8.73 -38.76
C GLY D 182 23.96 -9.80 -37.84
N ARG D 183 22.65 -10.05 -37.82
CA ARG D 183 22.04 -11.06 -36.96
C ARG D 183 21.72 -12.32 -37.73
N ASP D 184 22.66 -12.84 -38.52
CA ASP D 184 22.41 -14.05 -39.30
C ASP D 184 22.48 -15.30 -38.44
N GLU D 185 23.10 -15.23 -37.27
CA GLU D 185 23.22 -16.38 -36.38
C GLU D 185 22.18 -16.36 -35.27
N ILE D 186 21.32 -15.35 -35.21
CA ILE D 186 20.29 -15.25 -34.19
C ILE D 186 18.89 -15.35 -34.79
N ILE D 187 18.65 -14.66 -35.91
CA ILE D 187 17.35 -14.74 -36.56
C ILE D 187 17.09 -16.15 -37.09
N SER D 188 18.10 -16.75 -37.71
CA SER D 188 17.95 -18.12 -38.21
C SER D 188 17.88 -19.14 -37.08
N ARG D 189 18.33 -18.78 -35.88
CA ARG D 189 18.25 -19.71 -34.76
C ARG D 189 16.82 -19.88 -34.27
N VAL D 190 16.00 -18.83 -34.38
CA VAL D 190 14.62 -18.92 -33.92
C VAL D 190 13.83 -19.91 -34.79
N ILE D 191 14.15 -19.98 -36.08
CA ILE D 191 13.46 -20.91 -36.96
C ILE D 191 13.78 -22.35 -36.57
N ARG D 192 15.01 -22.61 -36.13
CA ARG D 192 15.44 -23.94 -35.74
C ARG D 192 14.93 -24.35 -34.35
N VAL D 193 14.05 -23.55 -33.74
CA VAL D 193 13.49 -23.86 -32.44
C VAL D 193 11.99 -24.12 -32.53
N LEU D 194 11.28 -23.36 -33.37
CA LEU D 194 9.84 -23.54 -33.51
C LEU D 194 9.47 -24.88 -34.12
N SER D 195 10.40 -25.54 -34.81
CA SER D 195 10.17 -26.85 -35.42
C SER D 195 10.44 -28.00 -34.47
N ARG D 196 10.31 -27.78 -33.16
CA ARG D 196 10.55 -28.81 -32.16
C ARG D 196 9.24 -29.31 -31.56
N ARG D 197 9.35 -30.34 -30.74
CA ARG D 197 8.21 -30.92 -30.04
C ARG D 197 8.07 -30.41 -28.62
N THR D 198 9.17 -30.31 -27.88
CA THR D 198 9.17 -29.80 -26.51
C THR D 198 9.97 -28.51 -26.45
N LYS D 199 9.49 -27.57 -25.63
CA LYS D 199 10.12 -26.26 -25.47
C LYS D 199 10.23 -25.52 -26.80
N ASN D 200 9.09 -25.43 -27.50
CA ASN D 200 9.02 -24.77 -28.80
C ASN D 200 8.69 -23.28 -28.68
N ASN D 201 9.11 -22.64 -27.60
CA ASN D 201 8.85 -21.21 -27.37
C ASN D 201 10.17 -20.53 -27.03
N PRO D 202 10.90 -20.06 -28.04
CA PRO D 202 12.17 -19.39 -27.76
C PRO D 202 11.95 -18.02 -27.14
N CYS D 203 12.75 -17.72 -26.12
CA CYS D 203 12.67 -16.45 -25.40
C CYS D 203 14.00 -15.72 -25.55
N LEU D 204 13.96 -14.52 -26.13
CA LEU D 204 15.16 -13.73 -26.32
C LEU D 204 15.62 -13.16 -24.97
N VAL D 205 16.89 -13.40 -24.64
CA VAL D 205 17.46 -12.95 -23.37
C VAL D 205 18.62 -12.01 -23.69
N GLY D 206 18.55 -10.80 -23.17
CA GLY D 206 19.61 -9.83 -23.42
C GLY D 206 19.32 -8.55 -22.67
N GLU D 207 20.36 -7.72 -22.55
CA GLU D 207 20.23 -6.45 -21.87
C GLU D 207 19.50 -5.44 -22.75
N PRO D 208 18.77 -4.51 -22.14
CA PRO D 208 18.06 -3.49 -22.93
C PRO D 208 19.01 -2.61 -23.72
N GLY D 209 19.45 -3.09 -24.88
CA GLY D 209 20.36 -2.33 -25.71
C GLY D 209 20.92 -3.15 -26.87
N VAL D 210 20.93 -4.47 -26.71
CA VAL D 210 21.43 -5.35 -27.76
C VAL D 210 20.47 -5.50 -28.92
N GLY D 211 19.21 -5.08 -28.75
CA GLY D 211 18.23 -5.17 -29.81
C GLY D 211 17.41 -6.45 -29.76
N LYS D 212 16.31 -6.42 -29.02
CA LYS D 212 15.40 -7.56 -28.91
C LYS D 212 14.20 -7.47 -29.84
N THR D 213 13.65 -6.27 -30.05
CA THR D 213 12.52 -6.12 -30.95
C THR D 213 12.95 -6.25 -32.40
N ALA D 214 14.15 -5.79 -32.74
CA ALA D 214 14.63 -5.87 -34.11
C ALA D 214 14.87 -7.31 -34.57
N ILE D 215 15.04 -8.24 -33.63
CA ILE D 215 15.22 -9.64 -34.00
C ILE D 215 13.95 -10.20 -34.64
N ALA D 216 12.79 -9.89 -34.06
CA ALA D 216 11.52 -10.34 -34.63
C ALA D 216 11.19 -9.60 -35.92
N GLU D 217 11.76 -8.40 -36.12
CA GLU D 217 11.50 -7.66 -37.35
C GLU D 217 12.18 -8.31 -38.54
N GLY D 218 13.40 -8.82 -38.35
CA GLY D 218 14.10 -9.50 -39.42
C GLY D 218 13.49 -10.83 -39.81
N LEU D 219 12.74 -11.46 -38.91
CA LEU D 219 12.09 -12.73 -39.24
C LEU D 219 10.94 -12.52 -40.21
N ALA D 220 10.23 -11.38 -40.09
CA ALA D 220 9.12 -11.10 -40.99
C ALA D 220 9.59 -10.81 -42.41
N ASN D 221 10.84 -10.38 -42.59
CA ASN D 221 11.35 -10.13 -43.93
C ASN D 221 11.57 -11.43 -44.70
N ARG D 222 11.99 -12.49 -43.99
CA ARG D 222 12.20 -13.77 -44.64
C ARG D 222 10.88 -14.48 -44.94
N ILE D 223 9.81 -14.13 -44.24
CA ILE D 223 8.51 -14.73 -44.52
C ILE D 223 7.91 -14.18 -45.81
N VAL D 224 8.05 -12.86 -46.03
CA VAL D 224 7.51 -12.26 -47.24
C VAL D 224 8.30 -12.70 -48.46
N LYS D 225 9.63 -12.75 -48.34
CA LYS D 225 10.46 -13.17 -49.47
C LYS D 225 10.27 -14.64 -49.78
N GLY D 226 10.64 -15.52 -48.86
CA GLY D 226 10.50 -16.95 -49.06
C GLY D 226 11.64 -17.75 -48.50
N ASP D 227 12.32 -17.21 -47.48
CA ASP D 227 13.44 -17.88 -46.84
C ASP D 227 13.02 -18.64 -45.59
N ILE D 228 11.79 -19.13 -45.54
CA ILE D 228 11.28 -19.87 -44.38
C ILE D 228 10.89 -21.27 -44.83
N PRO D 229 10.93 -22.27 -43.95
CA PRO D 229 10.50 -23.62 -44.32
C PRO D 229 9.02 -23.67 -44.65
N SER D 230 8.64 -24.72 -45.37
CA SER D 230 7.24 -24.88 -45.77
C SER D 230 6.35 -25.28 -44.60
N SER D 231 6.93 -25.81 -43.53
CA SER D 231 6.16 -26.23 -42.35
C SER D 231 6.01 -25.11 -41.33
N LEU D 232 6.49 -23.91 -41.64
CA LEU D 232 6.41 -22.76 -40.73
C LEU D 232 5.80 -21.57 -41.44
N GLN D 233 4.80 -21.80 -42.28
CA GLN D 233 4.12 -20.73 -43.01
C GLN D 233 3.11 -20.07 -42.07
N LYS D 234 3.64 -19.23 -41.18
CA LYS D 234 2.84 -18.54 -40.18
C LYS D 234 2.99 -17.02 -40.37
N LYS D 235 2.38 -16.27 -39.46
CA LYS D 235 2.43 -14.81 -39.50
C LYS D 235 2.90 -14.29 -38.15
N VAL D 236 3.59 -13.15 -38.18
CA VAL D 236 4.13 -12.52 -36.99
C VAL D 236 3.20 -11.40 -36.56
N TYR D 237 2.73 -11.47 -35.32
CA TYR D 237 1.83 -10.46 -34.76
C TYR D 237 2.47 -9.82 -33.54
N SER D 238 2.11 -8.56 -33.29
CA SER D 238 2.64 -7.79 -32.17
C SER D 238 1.51 -7.54 -31.19
N LEU D 239 1.54 -8.24 -30.05
CA LEU D 239 0.52 -8.09 -29.02
C LEU D 239 0.80 -6.82 -28.22
N ASP D 240 -0.11 -5.85 -28.29
CA ASP D 240 0.05 -4.60 -27.58
C ASP D 240 -0.60 -4.69 -26.20
N ILE D 241 0.04 -4.08 -25.22
CA ILE D 241 -0.47 -4.10 -23.85
C ILE D 241 -1.41 -2.94 -23.59
N GLY D 242 -1.01 -1.72 -23.99
CA GLY D 242 -1.84 -0.55 -23.76
C GLY D 242 -3.09 -0.50 -24.61
N SER D 243 -3.11 -1.22 -25.74
CA SER D 243 -4.27 -1.23 -26.62
C SER D 243 -5.42 -2.07 -26.07
N LEU D 244 -5.16 -2.94 -25.09
CA LEU D 244 -6.21 -3.78 -24.51
C LEU D 244 -6.94 -3.10 -23.37
N LEU D 245 -6.28 -2.22 -22.62
CA LEU D 245 -6.91 -1.52 -21.51
C LEU D 245 -7.77 -0.39 -22.07
N ALA D 246 -9.06 -0.42 -21.78
CA ALA D 246 -10.02 0.59 -22.24
C ALA D 246 -11.19 0.62 -21.25
N GLY D 247 -10.89 1.09 -20.04
CA GLY D 247 -11.92 1.18 -19.00
C GLY D 247 -12.05 -0.05 -18.14
N ALA D 248 -10.96 -0.77 -17.91
CA ALA D 248 -11.00 -1.98 -17.08
C ALA D 248 -11.13 -1.62 -15.60
N GLY D 252 -13.76 -8.47 -15.06
CA GLY D 252 -12.58 -7.83 -15.61
C GLY D 252 -12.62 -7.70 -17.12
N GLU D 253 -12.51 -6.46 -17.61
CA GLU D 253 -12.53 -6.23 -19.05
C GLU D 253 -11.24 -6.66 -19.72
N PHE D 254 -10.10 -6.55 -19.02
CA PHE D 254 -8.83 -6.96 -19.60
C PHE D 254 -8.76 -8.47 -19.79
N GLU D 255 -9.40 -9.23 -18.90
CA GLU D 255 -9.40 -10.69 -19.02
C GLU D 255 -10.43 -11.19 -20.03
N GLU D 256 -11.37 -10.35 -20.45
CA GLU D 256 -12.39 -10.78 -21.40
C GLU D 256 -11.88 -10.62 -22.83
N ARG D 257 -11.25 -9.49 -23.14
CA ARG D 257 -10.74 -9.26 -24.49
C ARG D 257 -9.46 -10.06 -24.76
N LEU D 258 -8.79 -10.54 -23.71
CA LEU D 258 -7.56 -11.31 -23.92
C LEU D 258 -7.87 -12.70 -24.47
N LYS D 259 -9.01 -13.29 -24.10
CA LYS D 259 -9.35 -14.62 -24.59
C LYS D 259 -9.78 -14.59 -26.05
N ALA D 260 -10.32 -13.45 -26.52
CA ALA D 260 -10.76 -13.36 -27.91
C ALA D 260 -9.59 -13.18 -28.87
N VAL D 261 -8.51 -12.54 -28.41
CA VAL D 261 -7.36 -12.32 -29.29
C VAL D 261 -6.54 -13.60 -29.43
N LEU D 262 -6.30 -14.29 -28.31
CA LEU D 262 -5.50 -15.51 -28.34
C LEU D 262 -6.24 -16.68 -28.99
N LYS D 263 -7.56 -16.61 -29.11
CA LYS D 263 -8.31 -17.70 -29.72
C LYS D 263 -8.11 -17.74 -31.23
N GLU D 264 -8.01 -16.57 -31.88
CA GLU D 264 -7.82 -16.52 -33.32
C GLU D 264 -6.39 -16.89 -33.72
N LEU D 265 -5.45 -16.88 -32.79
CA LEU D 265 -4.07 -17.22 -33.12
C LEU D 265 -3.87 -18.73 -33.21
N LYS D 266 -4.81 -19.52 -32.68
CA LYS D 266 -4.70 -20.97 -32.73
C LYS D 266 -5.38 -21.55 -33.97
N GLU D 267 -6.54 -20.99 -34.34
CA GLU D 267 -7.25 -21.49 -35.51
C GLU D 267 -6.62 -21.03 -36.82
N ALA D 268 -5.77 -20.00 -36.79
CA ALA D 268 -5.12 -19.49 -37.97
C ALA D 268 -3.67 -19.94 -38.12
N GLN D 269 -3.12 -20.60 -37.09
CA GLN D 269 -1.73 -21.07 -37.10
C GLN D 269 -0.76 -19.94 -37.34
N ALA D 270 -0.42 -19.19 -36.29
CA ALA D 270 0.50 -18.08 -36.41
C ALA D 270 1.16 -17.84 -35.06
N ILE D 271 2.32 -17.18 -35.09
CA ILE D 271 3.07 -16.86 -33.88
C ILE D 271 2.75 -15.44 -33.46
N VAL D 272 3.24 -15.04 -32.27
CA VAL D 272 3.01 -13.70 -31.74
C VAL D 272 4.25 -13.27 -30.97
N PHE D 273 4.56 -11.99 -31.03
CA PHE D 273 5.70 -11.40 -30.34
C PHE D 273 5.20 -10.50 -29.23
N ILE D 274 5.58 -10.81 -27.99
CA ILE D 274 5.20 -10.04 -26.82
C ILE D 274 6.42 -9.28 -26.33
N ASP D 275 6.32 -7.95 -26.29
CA ASP D 275 7.41 -7.11 -25.83
C ASP D 275 7.50 -7.18 -24.32
N GLU D 276 8.65 -7.65 -23.82
CA GLU D 276 8.91 -7.78 -22.38
C GLU D 276 7.86 -8.69 -21.73
N ILE D 277 8.14 -9.99 -21.69
CA ILE D 277 7.15 -10.96 -21.26
C ILE D 277 7.03 -11.07 -19.74
N HIS D 278 8.04 -10.61 -19.00
CA HIS D 278 8.00 -10.75 -17.54
C HIS D 278 6.97 -9.83 -16.90
N THR D 279 6.57 -8.77 -17.59
CA THR D 279 5.59 -7.84 -17.03
C THR D 279 4.18 -8.41 -17.10
N VAL D 280 3.79 -8.96 -18.24
CA VAL D 280 2.45 -9.54 -18.37
C VAL D 280 2.35 -10.84 -17.60
N LEU D 281 3.46 -11.54 -17.40
CA LEU D 281 3.48 -12.78 -16.63
C LEU D 281 3.72 -12.54 -15.14
N GLY D 282 3.39 -11.35 -14.64
CA GLY D 282 3.57 -11.05 -13.23
C GLY D 282 3.13 -9.64 -12.87
N ALA D 283 2.07 -9.15 -13.52
CA ALA D 283 1.56 -7.82 -13.25
C ALA D 283 0.78 -7.78 -11.95
N ALA D 289 -1.25 -3.87 -13.84
CA ALA D 289 -2.51 -3.69 -13.14
C ALA D 289 -3.21 -5.02 -12.92
N ILE D 290 -4.02 -5.44 -13.88
CA ILE D 290 -4.74 -6.71 -13.79
C ILE D 290 -3.79 -7.83 -14.15
N ASP D 291 -3.64 -8.80 -13.24
CA ASP D 291 -2.74 -9.92 -13.48
C ASP D 291 -3.39 -10.89 -14.47
N ALA D 292 -2.62 -11.29 -15.49
CA ALA D 292 -3.07 -12.22 -16.50
C ALA D 292 -2.06 -13.34 -16.74
N ALA D 293 -1.29 -13.68 -15.70
CA ALA D 293 -0.29 -14.74 -15.83
C ALA D 293 -0.90 -16.13 -15.76
N ASN D 294 -2.14 -16.24 -15.27
CA ASN D 294 -2.79 -17.54 -15.16
C ASN D 294 -3.50 -17.97 -16.43
N LEU D 295 -3.56 -17.11 -17.44
CA LEU D 295 -4.21 -17.43 -18.71
C LEU D 295 -3.23 -17.78 -19.82
N LEU D 296 -2.03 -17.20 -19.81
CA LEU D 296 -1.03 -17.48 -20.82
C LEU D 296 -0.08 -18.62 -20.44
N LYS D 297 -0.17 -19.12 -19.21
CA LYS D 297 0.70 -20.21 -18.76
C LYS D 297 0.20 -21.57 -19.26
N PRO D 298 -1.09 -21.91 -19.12
CA PRO D 298 -1.55 -23.20 -19.66
C PRO D 298 -1.47 -23.29 -21.18
N MET D 299 -1.54 -22.16 -21.90
CA MET D 299 -1.47 -22.20 -23.35
C MET D 299 -0.06 -22.47 -23.84
N LEU D 300 0.96 -22.02 -23.10
CA LEU D 300 2.35 -22.23 -23.50
C LEU D 300 2.94 -23.50 -22.93
N ALA D 301 2.28 -24.13 -21.96
CA ALA D 301 2.78 -25.36 -21.35
C ALA D 301 2.18 -26.62 -21.97
N ARG D 302 1.03 -26.50 -22.63
CA ARG D 302 0.37 -27.64 -23.25
C ARG D 302 0.61 -27.72 -24.76
N GLY D 303 1.45 -26.84 -25.30
CA GLY D 303 1.72 -26.86 -26.73
C GLY D 303 0.61 -26.32 -27.61
N GLU D 304 -0.29 -25.52 -27.05
CA GLU D 304 -1.40 -24.95 -27.80
C GLU D 304 -1.16 -23.51 -28.20
N LEU D 305 0.04 -22.98 -27.98
CA LEU D 305 0.35 -21.61 -28.32
C LEU D 305 1.84 -21.49 -28.60
N ARG D 306 2.19 -20.77 -29.68
CA ARG D 306 3.57 -20.56 -30.08
C ARG D 306 3.87 -19.08 -29.99
N CYS D 307 4.64 -18.68 -28.98
CA CYS D 307 5.00 -17.29 -28.75
C CYS D 307 6.51 -17.15 -28.67
N ILE D 308 6.99 -15.93 -28.92
CA ILE D 308 8.41 -15.61 -28.86
C ILE D 308 8.60 -14.55 -27.79
N GLY D 309 9.40 -14.89 -26.76
CA GLY D 309 9.65 -13.97 -25.68
C GLY D 309 10.89 -13.11 -25.90
N ALA D 310 10.93 -12.00 -25.18
CA ALA D 310 12.07 -11.07 -25.27
C ALA D 310 12.11 -10.28 -23.96
N THR D 311 12.76 -10.84 -22.95
CA THR D 311 12.85 -10.25 -21.63
C THR D 311 14.28 -9.78 -21.35
N THR D 312 14.48 -9.26 -20.15
CA THR D 312 15.77 -8.73 -19.73
C THR D 312 16.61 -9.85 -19.11
N LEU D 313 17.93 -9.76 -19.32
CA LEU D 313 18.84 -10.74 -18.74
C LEU D 313 18.74 -10.78 -17.23
N THR D 314 18.54 -9.61 -16.60
CA THR D 314 18.38 -9.57 -15.15
C THR D 314 17.04 -10.16 -14.72
N GLU D 315 15.98 -9.86 -15.48
CA GLU D 315 14.65 -10.37 -15.14
C GLU D 315 14.47 -11.84 -15.52
N TYR D 316 15.27 -12.35 -16.44
CA TYR D 316 15.14 -13.74 -16.85
C TYR D 316 15.68 -14.70 -15.79
N ARG D 317 16.60 -14.24 -14.95
CA ARG D 317 17.18 -15.11 -13.92
C ARG D 317 16.31 -15.15 -12.67
N GLN D 318 15.64 -14.05 -12.36
CA GLN D 318 14.86 -13.98 -11.12
C GLN D 318 13.54 -14.75 -11.24
N TYR D 319 12.96 -14.81 -12.43
CA TYR D 319 11.66 -15.44 -12.63
C TYR D 319 11.76 -16.79 -13.32
N VAL D 320 12.40 -16.86 -14.49
CA VAL D 320 12.42 -18.10 -15.26
C VAL D 320 13.40 -19.10 -14.63
N GLU D 321 14.64 -18.66 -14.39
CA GLU D 321 15.65 -19.58 -13.87
C GLU D 321 15.43 -19.93 -12.41
N LYS D 322 14.51 -19.25 -11.72
CA LYS D 322 14.18 -19.56 -10.33
C LYS D 322 12.82 -20.23 -10.21
N ASP D 323 12.35 -20.88 -11.29
CA ASP D 323 11.07 -21.56 -11.28
C ASP D 323 11.09 -22.70 -12.30
N PRO D 324 10.98 -23.96 -11.84
CA PRO D 324 10.98 -25.07 -12.80
C PRO D 324 9.80 -25.07 -13.75
N ALA D 325 8.69 -24.44 -13.36
CA ALA D 325 7.51 -24.39 -14.23
C ALA D 325 7.71 -23.45 -15.41
N PHE D 326 8.60 -22.45 -15.30
CA PHE D 326 8.85 -21.52 -16.38
C PHE D 326 9.91 -22.03 -17.36
N GLU D 327 10.96 -22.67 -16.84
CA GLU D 327 12.01 -23.19 -17.71
C GLU D 327 11.52 -24.37 -18.53
N ARG D 328 10.51 -25.11 -18.04
CA ARG D 328 10.00 -26.27 -18.76
C ARG D 328 9.25 -25.86 -20.02
N ARG D 329 8.65 -24.67 -20.04
CA ARG D 329 7.88 -24.19 -21.18
C ARG D 329 8.54 -23.01 -21.88
N PHE D 330 9.85 -22.82 -21.68
CA PHE D 330 10.60 -21.76 -22.34
C PHE D 330 12.00 -22.27 -22.64
N GLN D 331 12.80 -21.43 -23.31
CA GLN D 331 14.17 -21.77 -23.65
C GLN D 331 14.98 -20.49 -23.73
N LEU D 332 16.16 -20.49 -23.12
CA LEU D 332 17.02 -19.32 -23.12
C LEU D 332 17.72 -19.15 -24.46
N VAL D 333 17.91 -17.90 -24.85
CA VAL D 333 18.58 -17.54 -26.10
C VAL D 333 19.57 -16.43 -25.80
N MET D 334 20.86 -16.71 -25.97
CA MET D 334 21.90 -15.72 -25.71
C MET D 334 22.09 -14.83 -26.93
N VAL D 335 22.00 -13.51 -26.71
CA VAL D 335 22.18 -12.52 -27.76
C VAL D 335 23.50 -11.82 -27.51
N GLU D 336 24.48 -12.06 -28.37
CA GLU D 336 25.80 -11.46 -28.24
C GLU D 336 25.78 -10.00 -28.68
N GLU D 337 26.50 -9.16 -27.94
CA GLU D 337 26.57 -7.74 -28.25
C GLU D 337 27.66 -7.49 -29.29
N PRO D 338 27.37 -6.76 -30.36
CA PRO D 338 28.41 -6.49 -31.36
C PRO D 338 29.48 -5.56 -30.82
N SER D 339 30.71 -5.81 -31.25
CA SER D 339 31.86 -5.02 -30.82
C SER D 339 32.05 -3.80 -31.71
N VAL D 340 33.28 -3.32 -31.81
CA VAL D 340 33.57 -2.14 -32.63
C VAL D 340 33.59 -2.50 -34.11
N THR D 341 34.15 -3.68 -34.45
CA THR D 341 34.22 -4.09 -35.84
C THR D 341 32.84 -4.38 -36.41
N ASP D 342 32.00 -5.08 -35.64
CA ASP D 342 30.66 -5.42 -36.12
C ASP D 342 29.73 -4.20 -36.15
N THR D 343 30.09 -3.12 -35.44
CA THR D 343 29.24 -1.93 -35.44
C THR D 343 29.32 -1.21 -36.77
N ILE D 344 30.49 -1.22 -37.42
CA ILE D 344 30.64 -0.54 -38.71
C ILE D 344 29.77 -1.20 -39.77
N SER D 345 29.68 -2.52 -39.75
CA SER D 345 28.88 -3.24 -40.74
C SER D 345 27.39 -2.99 -40.56
N ILE D 346 26.95 -2.62 -39.36
CA ILE D 346 25.53 -2.36 -39.12
C ILE D 346 25.15 -0.97 -39.63
N LEU D 347 25.99 0.04 -39.39
CA LEU D 347 25.68 1.38 -39.84
C LEU D 347 25.73 1.51 -41.36
N ARG D 348 26.60 0.72 -42.01
CA ARG D 348 26.70 0.79 -43.47
C ARG D 348 25.53 0.08 -44.15
N GLY D 349 24.88 -0.85 -43.46
CA GLY D 349 23.75 -1.55 -44.05
C GLY D 349 22.49 -0.71 -44.10
N LEU D 350 22.30 0.18 -43.12
CA LEU D 350 21.14 1.05 -43.05
C LEU D 350 21.45 2.46 -43.54
N LYS D 351 22.57 2.65 -44.24
CA LYS D 351 22.91 3.97 -44.73
C LYS D 351 22.00 4.41 -45.86
N GLU D 352 21.47 3.46 -46.64
CA GLU D 352 20.60 3.80 -47.75
C GLU D 352 19.27 4.38 -47.26
N ARG D 353 18.75 3.84 -46.15
CA ARG D 353 17.49 4.33 -45.61
C ARG D 353 17.65 5.54 -44.70
N TYR D 354 18.83 5.72 -44.10
CA TYR D 354 19.06 6.89 -43.26
C TYR D 354 19.16 8.16 -44.08
N GLU D 355 19.59 8.05 -45.34
CA GLU D 355 19.71 9.21 -46.22
C GLU D 355 18.38 9.60 -46.85
N THR D 356 17.32 8.84 -46.62
CA THR D 356 16.01 9.13 -47.19
C THR D 356 15.19 10.05 -46.29
N HIS D 357 15.08 9.71 -45.01
CA HIS D 357 14.31 10.54 -44.08
C HIS D 357 15.03 11.84 -43.76
N HIS D 358 16.37 11.78 -43.60
CA HIS D 358 17.13 12.98 -43.30
C HIS D 358 17.42 13.80 -44.54
N GLY D 359 17.49 13.17 -45.71
CA GLY D 359 17.76 13.85 -46.96
C GLY D 359 19.23 14.01 -47.31
N VAL D 360 20.05 14.33 -46.31
CA VAL D 360 21.47 14.50 -46.55
C VAL D 360 22.15 13.14 -46.72
N ARG D 361 23.33 13.16 -47.31
CA ARG D 361 24.11 11.94 -47.53
C ARG D 361 25.15 11.77 -46.43
N ILE D 362 25.50 10.51 -46.16
CA ILE D 362 26.45 10.15 -45.12
C ILE D 362 27.72 9.66 -45.79
N ALA D 363 28.85 10.26 -45.43
CA ALA D 363 30.14 9.87 -45.99
C ALA D 363 30.68 8.65 -45.25
N ASP D 364 31.85 8.18 -45.69
CA ASP D 364 32.50 7.01 -45.10
C ASP D 364 33.38 7.37 -43.91
N ALA D 365 33.44 8.65 -43.54
CA ALA D 365 34.26 9.07 -42.41
C ALA D 365 33.48 9.19 -41.10
N ALA D 366 32.17 9.40 -41.17
CA ALA D 366 31.34 9.52 -39.99
C ALA D 366 30.79 8.18 -39.51
N ILE D 367 31.21 7.08 -40.11
CA ILE D 367 30.75 5.75 -39.73
C ILE D 367 31.78 5.03 -38.86
N VAL D 368 33.05 5.05 -39.27
CA VAL D 368 34.09 4.38 -38.50
C VAL D 368 34.39 5.14 -37.22
N ALA D 369 34.43 6.48 -37.29
CA ALA D 369 34.72 7.29 -36.12
C ALA D 369 33.57 7.26 -35.11
N ALA D 370 32.35 6.98 -35.56
CA ALA D 370 31.21 6.94 -34.63
C ALA D 370 31.21 5.66 -33.79
N ALA D 371 31.72 4.55 -34.34
CA ALA D 371 31.76 3.31 -33.59
C ALA D 371 32.80 3.32 -32.49
N GLN D 372 33.86 4.12 -32.65
CA GLN D 372 34.91 4.19 -31.64
C GLN D 372 34.56 5.13 -30.49
N LEU D 373 33.69 6.11 -30.74
CA LEU D 373 33.29 7.04 -29.69
C LEU D 373 32.07 6.58 -28.91
N ALA D 374 31.22 5.73 -29.49
CA ALA D 374 30.03 5.26 -28.79
C ALA D 374 30.38 4.23 -27.71
N ALA D 375 31.40 3.40 -27.94
CA ALA D 375 31.82 2.39 -26.99
C ALA D 375 32.92 2.88 -26.06
N ARG D 376 33.16 4.19 -26.02
CA ARG D 376 34.19 4.75 -25.16
C ARG D 376 33.74 5.95 -24.32
N TYR D 377 33.09 6.96 -24.91
CA TYR D 377 32.62 8.11 -24.17
C TYR D 377 31.15 8.05 -23.80
N ILE D 378 30.35 7.23 -24.47
CA ILE D 378 28.93 7.10 -24.21
C ILE D 378 28.73 5.82 -23.39
N THR D 379 28.42 5.99 -22.11
CA THR D 379 28.22 4.85 -21.23
C THR D 379 26.81 4.85 -20.65
N GLN D 380 25.81 4.95 -21.52
CA GLN D 380 24.41 4.95 -21.11
C GLN D 380 23.58 3.85 -21.77
N ARG D 381 23.98 3.35 -22.93
CA ARG D 381 23.23 2.30 -23.61
C ARG D 381 24.15 1.15 -23.99
N PHE D 382 23.81 0.45 -25.08
CA PHE D 382 24.60 -0.66 -25.57
C PHE D 382 24.59 -0.66 -27.09
N MET D 383 25.37 -1.57 -27.67
CA MET D 383 25.43 -1.68 -29.13
C MET D 383 24.27 -2.54 -29.64
N PRO D 384 23.68 -2.18 -30.79
CA PRO D 384 24.02 -0.99 -31.57
C PRO D 384 23.13 0.21 -31.24
N ASP D 385 22.52 0.20 -30.06
CA ASP D 385 21.60 1.27 -29.71
C ASP D 385 22.34 2.59 -29.45
N LYS D 386 23.49 2.52 -28.79
CA LYS D 386 24.27 3.72 -28.50
C LYS D 386 25.07 4.22 -29.69
N ALA D 387 25.07 3.49 -30.81
CA ALA D 387 25.77 3.91 -32.01
C ALA D 387 24.86 4.57 -33.04
N ILE D 388 23.61 4.14 -33.13
CA ILE D 388 22.68 4.76 -34.07
C ILE D 388 22.26 6.13 -33.58
N ASP D 389 22.21 6.33 -32.26
CA ASP D 389 21.83 7.64 -31.72
C ASP D 389 22.82 8.72 -32.11
N LEU D 390 24.10 8.38 -32.18
CA LEU D 390 25.10 9.36 -32.62
C LEU D 390 24.98 9.67 -34.10
N ILE D 391 24.50 8.71 -34.89
CA ILE D 391 24.31 8.95 -36.33
C ILE D 391 23.08 9.81 -36.56
N ASP D 392 22.01 9.58 -35.81
CA ASP D 392 20.79 10.38 -35.97
C ASP D 392 21.01 11.81 -35.49
N GLU D 393 21.77 11.99 -34.41
CA GLU D 393 22.04 13.34 -33.92
C GLU D 393 22.99 14.10 -34.85
N ALA D 394 23.87 13.37 -35.54
CA ALA D 394 24.78 14.03 -36.48
C ALA D 394 24.04 14.52 -37.71
N CYS D 395 23.14 13.70 -38.25
CA CYS D 395 22.34 14.12 -39.41
C CYS D 395 21.27 15.13 -39.04
N ALA D 396 20.91 15.22 -37.76
CA ALA D 396 19.90 16.19 -37.34
C ALA D 396 20.46 17.62 -37.39
N ASN D 397 21.69 17.80 -36.93
CA ASN D 397 22.31 19.13 -36.99
C ASN D 397 22.57 19.55 -38.43
N THR D 398 22.87 18.59 -39.31
CA THR D 398 23.10 18.92 -40.72
C THR D 398 21.79 19.33 -41.40
N ARG D 399 20.68 18.69 -41.02
CA ARG D 399 19.39 19.04 -41.61
C ARG D 399 18.94 20.44 -41.18
N VAL D 400 19.23 20.82 -39.95
CA VAL D 400 18.88 22.16 -39.49
C VAL D 400 19.70 23.21 -40.21
N GLN D 401 21.01 22.96 -40.38
CA GLN D 401 21.86 23.89 -41.11
C GLN D 401 21.54 23.93 -42.60
N LEU D 402 20.95 22.86 -43.14
CA LEU D 402 20.57 22.85 -44.55
C LEU D 402 19.22 23.52 -44.76
N ASP D 403 18.28 23.32 -43.84
CA ASP D 403 16.97 23.97 -43.96
C ASP D 403 17.06 25.46 -43.69
N SER D 404 17.97 25.89 -42.83
CA SER D 404 18.17 27.29 -42.52
C SER D 404 19.36 27.84 -43.31
N GLN D 405 19.60 29.14 -43.15
CA GLN D 405 20.70 29.78 -43.87
C GLN D 405 22.03 29.52 -43.15
N PRO D 406 23.12 29.38 -43.92
CA PRO D 406 24.43 29.14 -43.30
C PRO D 406 24.91 30.31 -42.45
N GLU D 407 26.07 30.14 -41.81
CA GLU D 407 26.60 31.19 -40.95
C GLU D 407 26.94 32.45 -41.74
N ALA D 408 27.43 32.29 -42.97
CA ALA D 408 27.77 33.42 -43.81
C ALA D 408 26.55 34.06 -44.47
N ILE D 409 25.36 33.51 -44.26
CA ILE D 409 24.13 34.03 -44.85
C ILE D 409 23.11 34.42 -43.78
N ASP D 410 22.93 33.58 -42.76
CA ASP D 410 21.97 33.87 -41.71
C ASP D 410 22.39 35.07 -40.86
N LYS D 411 23.68 35.43 -40.86
CA LYS D 411 24.11 36.58 -40.10
C LYS D 411 23.52 37.87 -40.65
N LEU D 412 23.39 37.96 -41.98
CA LEU D 412 22.79 39.14 -42.60
C LEU D 412 21.26 39.12 -42.54
N GLU D 413 20.65 37.96 -42.26
CA GLU D 413 19.20 37.88 -42.19
C GLU D 413 18.69 38.42 -40.86
N ARG D 414 19.38 38.11 -39.75
CA ARG D 414 18.97 38.61 -38.46
C ARG D 414 19.18 40.11 -38.34
N ARG D 415 20.21 40.64 -39.01
CA ARG D 415 20.45 42.08 -38.98
C ARG D 415 19.45 42.83 -39.85
N HIS D 416 19.04 42.23 -40.97
CA HIS D 416 18.08 42.90 -41.85
C HIS D 416 16.67 42.88 -41.27
N LEU D 417 16.36 41.90 -40.41
CA LEU D 417 15.04 41.83 -39.80
C LEU D 417 14.84 42.94 -38.78
N GLN D 418 15.89 43.27 -38.02
CA GLN D 418 15.80 44.33 -37.03
C GLN D 418 15.76 45.72 -37.66
N LEU D 419 16.25 45.86 -38.89
CA LEU D 419 16.25 47.15 -39.57
C LEU D 419 14.98 47.40 -40.38
N GLU D 420 14.26 46.34 -40.75
CA GLU D 420 13.03 46.52 -41.52
C GLU D 420 11.90 47.06 -40.66
N VAL D 421 11.82 46.64 -39.39
CA VAL D 421 10.76 47.13 -38.51
C VAL D 421 11.02 48.58 -38.12
N GLU D 422 12.27 48.93 -37.83
CA GLU D 422 12.60 50.30 -37.43
C GLU D 422 12.48 51.27 -38.59
N ALA D 423 12.64 50.80 -39.83
CA ALA D 423 12.52 51.70 -40.98
C ALA D 423 11.07 52.05 -41.29
N THR D 424 10.17 51.09 -41.10
CA THR D 424 8.75 51.33 -41.37
C THR D 424 8.02 51.97 -40.20
N ALA D 425 8.69 52.17 -39.06
CA ALA D 425 8.07 52.78 -37.89
C ALA D 425 8.58 54.18 -37.60
N LEU D 426 9.75 54.54 -38.12
CA LEU D 426 10.34 55.86 -37.91
C LEU D 426 10.67 56.53 -39.23
N GLU D 427 9.77 56.40 -40.20
CA GLU D 427 9.96 57.00 -41.52
C GLU D 427 9.39 58.41 -41.61
N LYS D 428 8.17 58.60 -41.11
CA LYS D 428 7.51 59.90 -41.14
C LYS D 428 7.33 60.47 -39.74
N GLU D 429 8.18 60.06 -38.80
CA GLU D 429 8.08 60.54 -37.43
C GLU D 429 8.53 62.00 -37.36
N LYS D 430 7.69 62.84 -36.75
CA LYS D 430 7.99 64.26 -36.60
C LYS D 430 8.74 64.49 -35.28
N ASP D 431 10.02 64.13 -35.31
CA ASP D 431 10.87 64.29 -34.14
C ASP D 431 12.29 64.60 -34.60
N ALA D 432 12.99 65.40 -33.80
CA ALA D 432 14.36 65.77 -34.14
C ALA D 432 15.32 64.60 -33.95
N ALA D 433 15.04 63.72 -32.99
CA ALA D 433 15.89 62.57 -32.71
C ALA D 433 15.55 61.37 -33.59
N SER D 434 14.50 61.47 -34.41
CA SER D 434 14.10 60.37 -35.29
C SER D 434 14.53 60.56 -36.73
N LYS D 435 14.68 61.81 -37.18
CA LYS D 435 15.10 62.05 -38.56
C LYS D 435 16.57 61.71 -38.76
N GLN D 436 17.39 61.89 -37.72
CA GLN D 436 18.82 61.55 -37.85
C GLN D 436 19.02 60.03 -37.87
N ARG D 437 18.21 59.29 -37.11
CA ARG D 437 18.33 57.84 -37.10
C ARG D 437 17.85 57.23 -38.41
N LEU D 438 16.88 57.86 -39.07
CA LEU D 438 16.36 57.33 -40.34
C LEU D 438 17.43 57.37 -41.42
N GLN D 439 18.30 58.39 -41.40
CA GLN D 439 19.36 58.47 -42.40
C GLN D 439 20.42 57.39 -42.22
N GLU D 440 20.53 56.81 -41.02
CA GLU D 440 21.49 55.75 -40.76
C GLU D 440 20.91 54.36 -40.94
N VAL D 441 19.61 54.18 -40.67
CA VAL D 441 18.99 52.87 -40.85
C VAL D 441 18.81 52.56 -42.33
N ARG D 442 18.33 53.54 -43.10
CA ARG D 442 18.13 53.32 -44.53
C ARG D 442 19.46 53.14 -45.26
N ALA D 443 20.51 53.82 -44.80
CA ALA D 443 21.83 53.64 -45.42
C ALA D 443 22.43 52.29 -45.08
N GLU D 444 22.12 51.75 -43.89
CA GLU D 444 22.63 50.44 -43.52
C GLU D 444 21.77 49.32 -44.13
N MET D 445 20.46 49.54 -44.23
CA MET D 445 19.59 48.52 -44.82
C MET D 445 19.87 48.32 -46.30
N ALA D 446 20.26 49.39 -47.00
CA ALA D 446 20.57 49.26 -48.42
C ALA D 446 21.87 48.49 -48.65
N ARG D 447 22.80 48.56 -47.71
CA ARG D 447 24.06 47.83 -47.86
C ARG D 447 23.88 46.34 -47.58
N ILE D 448 22.96 46.00 -46.66
CA ILE D 448 22.72 44.59 -46.36
C ILE D 448 22.04 43.90 -47.55
N GLN D 449 21.08 44.58 -48.17
CA GLN D 449 20.39 44.00 -49.33
C GLN D 449 21.32 43.79 -50.52
N GLU D 450 22.42 44.55 -50.60
CA GLU D 450 23.36 44.36 -51.70
C GLU D 450 24.12 43.06 -51.58
N GLU D 451 24.31 42.57 -50.35
CA GLU D 451 25.04 41.33 -50.11
C GLU D 451 24.15 40.16 -49.73
N LEU D 452 22.90 40.42 -49.33
CA LEU D 452 21.99 39.36 -48.93
C LEU D 452 21.15 38.85 -50.10
N ARG D 453 20.67 39.76 -50.96
CA ARG D 453 19.85 39.33 -52.09
C ARG D 453 20.58 38.43 -53.07
N PRO D 454 21.83 38.70 -53.49
CA PRO D 454 22.53 37.75 -54.35
C PRO D 454 22.78 36.40 -53.70
N LEU D 455 22.85 36.35 -52.37
CA LEU D 455 23.05 35.09 -51.67
C LEU D 455 21.74 34.40 -51.32
N LYS D 456 20.66 35.16 -51.12
CA LYS D 456 19.38 34.56 -50.80
C LYS D 456 18.75 33.91 -52.04
N MET D 457 18.89 34.55 -53.20
CA MET D 457 18.36 33.96 -54.42
C MET D 457 19.08 32.69 -54.81
N LYS D 458 20.39 32.60 -54.52
CA LYS D 458 21.13 31.38 -54.79
C LYS D 458 20.76 30.27 -53.81
N TYR D 459 20.46 30.63 -52.57
CA TYR D 459 20.07 29.63 -51.58
C TYR D 459 18.69 29.07 -51.86
N GLU D 460 17.81 29.87 -52.46
CA GLU D 460 16.47 29.38 -52.79
C GLU D 460 16.52 28.30 -53.86
N SER D 461 17.48 28.39 -54.79
CA SER D 461 17.63 27.35 -55.80
C SER D 461 18.24 26.08 -55.23
N GLU D 462 18.94 26.18 -54.10
CA GLU D 462 19.53 25.01 -53.46
C GLU D 462 18.63 24.41 -52.38
N LYS D 463 17.88 25.25 -51.66
CA LYS D 463 16.97 24.74 -50.64
C LYS D 463 15.81 23.97 -51.28
N GLY D 464 15.24 24.51 -52.36
CA GLY D 464 14.17 23.81 -53.05
C GLY D 464 14.65 22.58 -53.80
N ARG D 465 15.93 22.54 -54.15
CA ARG D 465 16.48 21.37 -54.84
C ARG D 465 16.67 20.21 -53.87
N LEU D 466 17.15 20.48 -52.65
CA LEU D 466 17.31 19.42 -51.67
C LEU D 466 15.97 18.90 -51.16
N ASP D 467 14.94 19.74 -51.18
CA ASP D 467 13.62 19.31 -50.76
C ASP D 467 13.00 18.33 -51.77
N GLU D 468 13.26 18.53 -53.05
CA GLU D 468 12.73 17.61 -54.06
C GLU D 468 13.44 16.27 -54.03
N ILE D 469 14.72 16.25 -53.65
CA ILE D 469 15.45 14.99 -53.56
C ILE D 469 14.89 14.13 -52.43
N ARG D 470 14.47 14.75 -51.33
CA ARG D 470 13.87 14.00 -50.23
C ARG D 470 12.58 13.32 -50.65
N ASN D 471 11.78 13.99 -51.49
CA ASN D 471 10.54 13.38 -51.97
C ASN D 471 10.83 12.29 -53.00
N LEU D 472 11.93 12.40 -53.74
CA LEU D 472 12.28 11.36 -54.70
C LEU D 472 12.77 10.10 -54.02
N SER D 473 13.54 10.26 -52.92
CA SER D 473 14.05 9.10 -52.21
C SER D 473 12.94 8.33 -51.49
N GLN D 474 11.86 9.02 -51.11
CA GLN D 474 10.75 8.35 -50.45
C GLN D 474 9.84 7.60 -51.42
N ARG D 475 9.86 7.96 -52.70
CA ARG D 475 9.03 7.29 -53.70
C ARG D 475 9.78 6.21 -54.47
N LEU D 476 11.10 6.34 -54.63
CA LEU D 476 11.86 5.30 -55.31
C LEU D 476 11.95 4.04 -54.46
N ASP D 477 12.04 4.19 -53.14
CA ASP D 477 12.08 3.03 -52.26
C ASP D 477 10.72 2.36 -52.14
N GLU D 478 9.64 3.10 -52.40
CA GLU D 478 8.31 2.51 -52.34
C GLU D 478 8.00 1.71 -53.59
N LEU D 479 8.48 2.17 -54.75
CA LEU D 479 8.24 1.45 -55.99
C LEU D 479 9.02 0.14 -56.05
N LYS D 480 10.18 0.09 -55.40
CA LYS D 480 10.97 -1.14 -55.40
C LYS D 480 10.34 -2.21 -54.52
N ALA D 481 9.57 -1.81 -53.49
CA ALA D 481 8.91 -2.78 -52.63
C ALA D 481 7.60 -3.26 -53.23
N LYS D 482 6.88 -2.40 -53.97
CA LYS D 482 5.64 -2.82 -54.58
C LYS D 482 5.87 -3.73 -55.78
N ALA D 483 6.97 -3.54 -56.50
CA ALA D 483 7.27 -4.39 -57.64
C ALA D 483 7.76 -5.78 -57.21
N GLU D 484 8.30 -5.90 -56.00
CA GLU D 484 8.75 -7.20 -55.52
C GLU D 484 7.57 -8.12 -55.22
N ASP D 485 6.46 -7.57 -54.74
CA ASP D 485 5.29 -8.40 -54.45
C ASP D 485 4.66 -8.94 -55.72
N ALA D 486 4.70 -8.18 -56.82
CA ALA D 486 4.12 -8.66 -58.07
C ALA D 486 4.95 -9.78 -58.68
N GLU D 487 6.27 -9.80 -58.42
CA GLU D 487 7.11 -10.86 -58.95
C GLU D 487 6.85 -12.19 -58.25
N ARG D 488 6.36 -12.14 -57.00
CA ARG D 488 6.07 -13.37 -56.28
C ARG D 488 4.67 -13.88 -56.57
N ARG D 489 3.72 -12.99 -56.87
CA ARG D 489 2.36 -13.37 -57.18
C ARG D 489 2.15 -13.74 -58.64
N TYR D 490 3.22 -13.78 -59.44
CA TYR D 490 3.18 -14.12 -60.86
C TYR D 490 2.22 -13.18 -61.61
N ASP D 491 2.62 -11.91 -61.64
CA ASP D 491 1.87 -10.85 -62.31
C ASP D 491 2.85 -10.06 -63.18
N LEU D 492 2.84 -10.32 -64.48
CA LEU D 492 3.72 -9.63 -65.41
C LEU D 492 3.16 -8.31 -65.90
N ALA D 493 1.85 -8.12 -65.87
CA ALA D 493 1.24 -6.88 -66.33
C ALA D 493 1.46 -5.72 -65.37
N ARG D 494 1.72 -6.01 -64.09
CA ARG D 494 1.94 -4.98 -63.09
C ARG D 494 3.41 -4.79 -62.72
N ALA D 495 4.20 -5.87 -62.71
CA ALA D 495 5.61 -5.75 -62.35
C ALA D 495 6.39 -5.04 -63.45
N ALA D 496 6.00 -5.24 -64.71
CA ALA D 496 6.69 -4.58 -65.81
C ALA D 496 6.38 -3.09 -65.89
N ASP D 497 5.24 -2.67 -65.33
CA ASP D 497 4.87 -1.26 -65.35
C ASP D 497 5.68 -0.43 -64.36
N ILE D 498 6.09 -1.01 -63.24
CA ILE D 498 6.85 -0.28 -62.22
C ILE D 498 8.35 -0.29 -62.53
N ARG D 499 8.89 -1.45 -62.88
CA ARG D 499 10.32 -1.59 -63.14
C ARG D 499 10.74 -1.02 -64.49
N TYR D 500 9.83 -0.43 -65.25
CA TYR D 500 10.18 0.11 -66.56
C TYR D 500 9.50 1.43 -66.85
N TYR D 501 8.23 1.60 -66.46
CA TYR D 501 7.48 2.82 -66.72
C TYR D 501 7.17 3.57 -65.43
N ALA D 502 8.08 3.52 -64.46
CA ALA D 502 7.90 4.23 -63.20
C ALA D 502 9.23 4.53 -62.55
N ILE D 503 10.02 3.50 -62.26
CA ILE D 503 11.34 3.67 -61.64
C ILE D 503 12.30 4.36 -62.59
N PRO D 504 12.44 3.92 -63.85
CA PRO D 504 13.34 4.65 -64.76
C PRO D 504 12.86 6.05 -65.09
N ASP D 505 11.56 6.34 -64.97
CA ASP D 505 11.06 7.68 -65.24
C ASP D 505 11.37 8.65 -64.12
N LEU D 506 11.26 8.20 -62.86
CA LEU D 506 11.55 9.07 -61.73
C LEU D 506 13.05 9.27 -61.53
N GLU D 507 13.87 8.33 -62.00
CA GLU D 507 15.32 8.48 -61.88
C GLU D 507 15.87 9.53 -62.84
N LYS D 508 15.14 9.86 -63.90
CA LYS D 508 15.60 10.90 -64.82
C LYS D 508 15.55 12.28 -64.18
N ARG D 509 14.58 12.52 -63.29
CA ARG D 509 14.51 13.80 -62.61
C ARG D 509 15.59 13.92 -61.54
N LEU D 510 15.90 12.81 -60.86
CA LEU D 510 16.95 12.84 -59.85
C LEU D 510 18.34 13.00 -60.48
N ALA D 511 18.53 12.44 -61.67
CA ALA D 511 19.82 12.58 -62.34
C ALA D 511 20.09 14.01 -62.78
N GLN D 512 19.03 14.75 -63.12
CA GLN D 512 19.20 16.15 -63.50
C GLN D 512 19.50 17.03 -62.30
N LEU D 513 19.02 16.65 -61.11
CA LEU D 513 19.29 17.42 -59.91
C LEU D 513 20.70 17.19 -59.39
N GLN D 514 21.26 16.01 -59.60
CA GLN D 514 22.62 15.74 -59.15
C GLN D 514 23.65 16.46 -60.03
N ALA D 515 23.31 16.73 -61.28
CA ALA D 515 24.24 17.45 -62.15
C ALA D 515 24.35 18.92 -61.74
N GLU D 516 23.23 19.53 -61.36
CA GLU D 516 23.24 20.93 -60.91
C GLU D 516 23.74 21.07 -59.48
N LYS D 517 23.74 19.98 -58.70
CA LYS D 517 24.22 20.05 -57.33
C LYS D 517 25.74 20.20 -57.28
N SER D 518 26.45 19.48 -58.14
CA SER D 518 27.91 19.59 -58.17
C SER D 518 28.36 20.92 -58.78
N GLN D 519 27.58 21.47 -59.70
CA GLN D 519 27.93 22.75 -60.30
C GLN D 519 27.72 23.91 -59.35
N ALA D 520 26.71 23.82 -58.48
CA ALA D 520 26.47 24.90 -57.52
C ALA D 520 27.48 24.87 -56.38
N ASP D 521 28.00 23.70 -56.03
CA ASP D 521 28.99 23.58 -54.97
C ASP D 521 30.37 24.05 -55.40
N ALA D 522 30.63 24.10 -56.70
CA ALA D 522 31.94 24.55 -57.18
C ALA D 522 32.11 26.06 -57.06
N GLU D 523 31.01 26.82 -57.09
CA GLU D 523 31.10 28.26 -56.97
C GLU D 523 31.42 28.72 -55.55
N ARG D 524 31.12 27.89 -54.54
CA ARG D 524 31.41 28.25 -53.16
C ARG D 524 32.87 28.02 -52.79
N ALA D 525 33.57 27.14 -53.52
CA ALA D 525 34.98 26.83 -53.27
C ALA D 525 35.21 26.34 -51.86
N ASP D 526 34.24 25.62 -51.30
CA ASP D 526 34.32 25.08 -49.95
C ASP D 526 33.95 23.61 -49.96
N GLY D 527 34.09 22.97 -48.80
CA GLY D 527 33.77 21.57 -48.63
C GLY D 527 32.34 21.27 -48.26
N LEU D 528 31.51 22.31 -48.08
CA LEU D 528 30.10 22.16 -47.72
C LEU D 528 29.94 21.34 -46.43
N LEU D 529 30.22 21.97 -45.29
CA LEU D 529 30.10 21.26 -44.01
C LEU D 529 28.64 21.06 -43.62
N ALA D 530 27.76 21.96 -44.05
CA ALA D 530 26.34 21.87 -43.73
C ALA D 530 25.57 20.92 -44.64
N GLU D 531 26.28 20.10 -45.43
CA GLU D 531 25.63 19.14 -46.31
C GLU D 531 26.22 17.74 -46.26
N VAL D 532 27.45 17.57 -45.75
CA VAL D 532 28.09 16.27 -45.66
C VAL D 532 28.37 15.97 -44.20
N VAL D 533 27.87 14.85 -43.72
CA VAL D 533 28.07 14.44 -42.32
C VAL D 533 29.42 13.74 -42.23
N GLY D 534 30.37 14.37 -41.53
CA GLY D 534 31.70 13.82 -41.37
C GLY D 534 32.12 13.71 -39.93
N PRO D 535 33.44 13.70 -39.68
CA PRO D 535 33.92 13.61 -38.29
C PRO D 535 33.57 14.83 -37.45
N ASP D 536 33.29 15.97 -38.07
CA ASP D 536 32.96 17.16 -37.29
C ASP D 536 31.58 17.05 -36.65
N GLN D 537 30.64 16.36 -37.30
CA GLN D 537 29.31 16.18 -36.76
C GLN D 537 29.24 15.09 -35.69
N ILE D 538 30.19 14.15 -35.70
CA ILE D 538 30.19 13.08 -34.71
C ILE D 538 30.75 13.57 -33.38
N MET D 539 31.86 14.32 -33.42
CA MET D 539 32.47 14.81 -32.19
C MET D 539 31.69 15.96 -31.57
N GLU D 540 30.80 16.59 -32.33
CA GLU D 540 30.02 17.71 -31.79
C GLU D 540 28.94 17.21 -30.84
N VAL D 541 28.39 16.03 -31.12
CA VAL D 541 27.34 15.48 -30.26
C VAL D 541 27.95 14.89 -28.99
N VAL D 542 29.11 14.24 -29.12
CA VAL D 542 29.76 13.65 -27.95
C VAL D 542 30.24 14.72 -26.99
N SER D 543 30.69 15.87 -27.52
CA SER D 543 31.19 16.94 -26.67
C SER D 543 30.08 17.58 -25.84
N ARG D 544 28.82 17.41 -26.22
CA ARG D 544 27.72 18.00 -25.48
C ARG D 544 27.14 17.05 -24.43
N TRP D 545 27.20 15.74 -24.67
CA TRP D 545 26.64 14.78 -23.72
C TRP D 545 27.63 14.46 -22.62
N THR D 546 28.92 14.36 -22.95
CA THR D 546 29.94 14.04 -21.95
C THR D 546 30.40 15.30 -21.21
N GLY D 547 30.86 16.30 -21.95
CA GLY D 547 31.34 17.53 -21.35
C GLY D 547 32.82 17.75 -21.56
N ILE D 548 33.36 17.19 -22.63
CA ILE D 548 34.78 17.30 -22.98
C ILE D 548 34.88 18.18 -24.21
N PRO D 549 35.74 19.21 -24.21
CA PRO D 549 35.86 20.07 -25.39
C PRO D 549 36.37 19.30 -26.60
N VAL D 550 36.30 19.96 -27.76
CA VAL D 550 36.71 19.36 -29.03
C VAL D 550 38.23 19.40 -29.14
N SER D 551 38.89 20.07 -28.19
CA SER D 551 40.34 20.16 -28.21
C SER D 551 41.00 18.83 -27.85
N ASN D 552 40.26 17.89 -27.26
CA ASN D 552 40.80 16.60 -26.88
C ASN D 552 40.23 15.45 -27.70
N LEU D 553 39.09 15.64 -28.38
CA LEU D 553 38.51 14.58 -29.18
C LEU D 553 39.29 14.33 -30.46
N GLN D 554 39.95 15.35 -31.00
CA GLN D 554 40.72 15.21 -32.22
C GLN D 554 42.12 14.65 -31.99
N ARG D 555 42.46 14.31 -30.74
CA ARG D 555 43.78 13.76 -30.45
C ARG D 555 43.84 12.29 -30.87
N SER D 556 44.82 11.94 -31.70
CA SER D 556 44.96 10.59 -32.17
C SER D 556 45.52 9.70 -31.06
N GLU D 557 45.32 8.38 -31.23
CA GLU D 557 45.81 7.43 -30.25
C GLU D 557 47.33 7.28 -30.30
N LYS D 558 47.91 7.32 -31.50
CA LYS D 558 49.35 7.19 -31.65
C LYS D 558 50.09 8.45 -31.22
N GLU D 559 49.41 9.59 -31.16
CA GLU D 559 50.04 10.84 -30.76
C GLU D 559 50.01 11.07 -29.25
N LYS D 560 49.05 10.45 -28.55
CA LYS D 560 48.98 10.62 -27.10
C LYS D 560 49.92 9.70 -26.35
N LEU D 561 50.17 8.49 -26.88
CA LEU D 561 51.06 7.56 -26.21
C LEU D 561 52.52 7.96 -26.35
N LEU D 562 52.89 8.55 -27.49
CA LEU D 562 54.28 8.98 -27.68
C LEU D 562 54.61 10.19 -26.83
N HIS D 563 53.65 11.11 -26.66
CA HIS D 563 53.85 12.31 -25.85
C HIS D 563 53.42 12.10 -24.40
N MET D 564 53.41 10.85 -23.93
CA MET D 564 53.01 10.59 -22.55
C MET D 564 54.11 10.95 -21.56
N GLU D 565 55.38 10.83 -21.97
CA GLU D 565 56.49 11.15 -21.09
C GLU D 565 56.81 12.64 -21.04
N GLU D 566 55.97 13.48 -21.65
CA GLU D 566 56.21 14.92 -21.65
C GLU D 566 55.21 15.66 -20.75
N TYR D 567 53.94 15.23 -20.75
CA TYR D 567 52.94 15.88 -19.93
C TYR D 567 52.99 15.43 -18.48
N MET D 568 53.46 14.20 -18.23
CA MET D 568 53.54 13.70 -16.86
C MET D 568 54.73 14.28 -16.10
N LYS D 569 55.86 14.48 -16.78
CA LYS D 569 57.04 15.03 -16.15
C LYS D 569 56.91 16.52 -15.85
N GLN D 570 55.93 17.20 -16.43
CA GLN D 570 55.74 18.62 -16.17
C GLN D 570 55.08 18.85 -14.81
N HIS D 571 54.04 18.08 -14.50
CA HIS D 571 53.35 18.24 -13.22
C HIS D 571 54.10 17.54 -12.10
N VAL D 572 54.39 16.25 -12.27
CA VAL D 572 55.10 15.47 -11.26
C VAL D 572 56.59 15.63 -11.51
N VAL D 573 57.28 16.33 -10.62
CA VAL D 573 58.71 16.57 -10.71
C VAL D 573 59.36 16.03 -9.43
N GLY D 574 60.29 15.10 -9.59
CA GLY D 574 60.98 14.52 -8.46
C GLY D 574 61.27 13.04 -8.63
N GLN D 575 60.52 12.38 -9.51
CA GLN D 575 60.66 10.96 -9.78
C GLN D 575 61.01 10.77 -11.26
N ASP D 576 62.23 11.15 -11.63
CA ASP D 576 62.65 11.02 -13.03
C ASP D 576 62.89 9.56 -13.40
N GLU D 577 63.22 8.72 -12.43
CA GLU D 577 63.45 7.30 -12.69
C GLU D 577 62.20 6.45 -12.52
N ALA D 578 61.05 7.07 -12.26
CA ALA D 578 59.80 6.34 -12.07
C ALA D 578 58.76 6.63 -13.13
N ILE D 579 58.74 7.84 -13.70
CA ILE D 579 57.76 8.16 -14.73
C ILE D 579 58.05 7.39 -16.02
N LYS D 580 59.33 7.15 -16.32
CA LYS D 580 59.69 6.42 -17.53
C LYS D 580 59.22 4.98 -17.46
N ALA D 581 59.32 4.34 -16.29
CA ALA D 581 58.89 2.97 -16.14
C ALA D 581 57.38 2.83 -16.16
N ILE D 582 56.65 3.87 -15.73
CA ILE D 582 55.19 3.81 -15.75
C ILE D 582 54.68 3.91 -17.19
N CYS D 583 55.25 4.80 -17.99
CA CYS D 583 54.81 4.97 -19.37
C CYS D 583 55.14 3.77 -20.25
N ASP D 584 56.10 2.94 -19.84
CA ASP D 584 56.44 1.77 -20.64
C ASP D 584 55.39 0.67 -20.51
N ALA D 585 54.78 0.53 -19.34
CA ALA D 585 53.75 -0.49 -19.15
C ALA D 585 52.44 -0.14 -19.84
N ILE D 586 52.25 1.12 -20.23
CA ILE D 586 51.02 1.52 -20.90
C ILE D 586 51.10 1.26 -22.39
N ARG D 587 52.27 1.49 -23.00
CA ARG D 587 52.42 1.29 -24.43
C ARG D 587 52.38 -0.19 -24.79
N LEU D 588 52.84 -1.07 -23.90
CA LEU D 588 52.83 -2.50 -24.18
C LEU D 588 51.43 -3.10 -24.11
N SER D 589 50.48 -2.41 -23.48
CA SER D 589 49.12 -2.90 -23.34
C SER D 589 48.17 -2.31 -24.37
N ARG D 590 48.65 -1.40 -25.23
CA ARG D 590 47.82 -0.78 -26.24
C ARG D 590 48.20 -1.15 -27.67
N THR D 591 49.39 -1.71 -27.88
CA THR D 591 49.85 -2.11 -29.20
C THR D 591 49.58 -3.57 -29.51
N GLY D 592 48.93 -4.30 -28.60
CA GLY D 592 48.64 -5.70 -28.84
C GLY D 592 49.77 -6.65 -28.53
N LEU D 593 50.63 -6.30 -27.56
CA LEU D 593 51.77 -7.14 -27.19
C LEU D 593 51.53 -7.87 -25.87
N GLN D 594 50.32 -7.80 -25.33
CA GLN D 594 49.99 -8.48 -24.08
C GLN D 594 48.71 -9.28 -24.26
N ASN D 595 48.53 -10.27 -23.38
CA ASN D 595 47.35 -11.12 -23.45
C ASN D 595 46.12 -10.36 -22.95
N ARG D 596 44.94 -10.80 -23.41
CA ARG D 596 43.69 -10.18 -23.02
C ARG D 596 43.21 -10.60 -21.64
N ASN D 597 43.82 -11.63 -21.05
CA ASN D 597 43.44 -12.09 -19.72
C ASN D 597 44.09 -11.30 -18.60
N ARG D 598 44.85 -10.25 -18.94
CA ARG D 598 45.52 -9.42 -17.94
C ARG D 598 45.06 -7.98 -18.06
N PRO D 599 45.06 -7.22 -16.95
CA PRO D 599 44.65 -5.81 -17.02
C PRO D 599 45.63 -4.95 -17.81
N LEU D 600 45.42 -3.63 -17.78
CA LEU D 600 46.29 -2.73 -18.52
C LEU D 600 47.70 -2.73 -17.94
N ALA D 601 47.85 -2.33 -16.68
CA ALA D 601 49.16 -2.29 -16.04
C ALA D 601 48.96 -2.39 -14.54
N SER D 602 49.41 -3.49 -13.95
CA SER D 602 49.32 -3.69 -12.50
C SER D 602 50.55 -3.09 -11.83
N PHE D 603 50.33 -2.07 -10.99
CA PHE D 603 51.41 -1.36 -10.34
C PHE D 603 51.37 -1.62 -8.84
N LEU D 604 52.42 -1.16 -8.15
CA LEU D 604 52.53 -1.30 -6.69
C LEU D 604 53.45 -0.19 -6.20
N PHE D 605 52.86 0.94 -5.83
CA PHE D 605 53.62 2.08 -5.37
C PHE D 605 54.20 1.80 -3.98
N LEU D 606 55.52 1.92 -3.86
CA LEU D 606 56.22 1.69 -2.60
C LEU D 606 57.15 2.86 -2.33
N GLY D 607 57.08 3.38 -1.11
CA GLY D 607 57.91 4.51 -0.71
C GLY D 607 57.27 5.34 0.37
N PRO D 608 58.02 6.30 0.91
CA PRO D 608 57.47 7.17 1.95
C PRO D 608 56.34 8.04 1.43
N THR D 609 55.58 8.60 2.37
CA THR D 609 54.45 9.45 2.02
C THR D 609 54.94 10.80 1.49
N GLY D 610 54.18 11.37 0.56
CA GLY D 610 54.51 12.64 -0.03
C GLY D 610 55.38 12.58 -1.26
N CYS D 611 55.71 11.37 -1.74
CA CYS D 611 56.55 11.26 -2.92
C CYS D 611 55.75 11.44 -4.21
N GLY D 612 54.55 10.85 -4.28
CA GLY D 612 53.72 10.98 -5.45
C GLY D 612 52.84 9.77 -5.70
N LYS D 613 52.16 9.30 -4.64
CA LYS D 613 51.27 8.15 -4.76
C LYS D 613 49.82 8.55 -5.05
N THR D 614 49.48 9.82 -4.85
CA THR D 614 48.12 10.30 -5.10
C THR D 614 48.03 11.15 -6.36
N LEU D 615 49.00 12.05 -6.57
CA LEU D 615 48.98 12.90 -7.74
C LEU D 615 49.22 12.10 -9.03
N CYS D 616 50.00 11.02 -8.95
CA CYS D 616 50.25 10.20 -10.12
C CYS D 616 48.99 9.46 -10.58
N VAL D 617 48.12 9.11 -9.64
CA VAL D 617 46.89 8.41 -10.01
C VAL D 617 45.93 9.36 -10.71
N LYS D 618 45.81 10.60 -10.23
CA LYS D 618 44.93 11.58 -10.86
C LYS D 618 45.48 12.03 -12.21
N GLU D 619 46.79 11.91 -12.41
CA GLU D 619 47.37 12.31 -13.69
C GLU D 619 47.08 11.29 -14.79
N LEU D 620 47.02 10.01 -14.45
CA LEU D 620 46.74 8.99 -15.45
C LEU D 620 45.30 9.06 -15.93
N ALA D 621 44.37 9.33 -15.01
CA ALA D 621 42.96 9.41 -15.37
C ALA D 621 42.62 10.69 -16.13
N ALA D 622 43.42 11.75 -15.97
CA ALA D 622 43.17 13.01 -16.67
C ALA D 622 43.73 13.05 -18.08
N PHE D 623 44.57 12.08 -18.45
CA PHE D 623 45.17 12.03 -19.78
C PHE D 623 44.72 10.81 -20.58
N LEU D 624 44.78 9.62 -19.98
CA LEU D 624 44.37 8.41 -20.68
C LEU D 624 42.85 8.32 -20.82
N PHE D 625 42.10 8.99 -19.95
CA PHE D 625 40.65 8.96 -20.00
C PHE D 625 40.01 10.33 -20.21
N ASN D 626 40.79 11.41 -20.16
CA ASN D 626 40.29 12.77 -20.35
C ASN D 626 39.18 13.10 -19.35
N ASP D 627 39.39 12.73 -18.09
CA ASP D 627 38.41 12.99 -17.05
C ASP D 627 39.11 13.11 -15.70
N PRO D 628 39.12 14.30 -15.10
CA PRO D 628 39.77 14.45 -13.78
C PRO D 628 39.09 13.64 -12.68
N GLY D 629 37.78 13.47 -12.75
CA GLY D 629 37.05 12.71 -11.76
C GLY D 629 36.89 11.25 -12.13
N ALA D 630 35.79 10.66 -11.66
CA ALA D 630 35.47 9.25 -11.91
C ALA D 630 36.61 8.33 -11.47
N ILE D 631 37.06 8.54 -10.24
CA ILE D 631 38.15 7.77 -9.65
C ILE D 631 37.57 6.91 -8.53
N VAL D 632 37.60 5.59 -8.73
CA VAL D 632 37.08 4.66 -7.73
C VAL D 632 38.10 4.57 -6.60
N ARG D 633 37.72 5.08 -5.42
CA ARG D 633 38.58 5.08 -4.24
C ARG D 633 38.05 4.05 -3.25
N ILE D 634 38.75 2.93 -3.13
CA ILE D 634 38.39 1.85 -2.22
C ILE D 634 39.39 1.85 -1.08
N ASP D 635 38.95 2.25 0.10
CA ASP D 635 39.81 2.31 1.28
C ASP D 635 39.79 0.95 1.98
N MET D 636 40.98 0.37 2.17
CA MET D 636 41.12 -0.92 2.83
C MET D 636 41.42 -0.79 4.32
N SER D 637 41.23 0.41 4.89
CA SER D 637 41.47 0.61 6.32
C SER D 637 40.38 0.00 7.19
N GLU D 638 39.22 -0.31 6.62
CA GLU D 638 38.12 -0.90 7.37
C GLU D 638 37.80 -2.33 6.98
N TYR D 639 38.25 -2.79 5.81
CA TYR D 639 37.98 -4.15 5.34
C TYR D 639 39.11 -5.06 5.81
N MET D 640 39.03 -5.47 7.07
CA MET D 640 40.01 -6.36 7.67
C MET D 640 39.26 -7.47 8.43
N GLU D 641 38.42 -8.20 7.69
CA GLU D 641 37.65 -9.30 8.25
C GLU D 641 37.63 -10.46 7.26
N LYS D 642 37.17 -11.61 7.73
CA LYS D 642 37.08 -12.79 6.88
C LYS D 642 35.91 -12.72 5.91
N HIS D 643 34.91 -11.88 6.20
CA HIS D 643 33.73 -11.73 5.34
C HIS D 643 33.81 -10.48 4.47
N ALA D 644 35.03 -10.04 4.15
CA ALA D 644 35.21 -8.85 3.32
C ALA D 644 35.13 -9.15 1.83
N VAL D 645 35.01 -10.43 1.43
CA VAL D 645 34.93 -10.77 0.02
C VAL D 645 33.53 -10.62 -0.55
N SER D 646 32.52 -10.40 0.30
CA SER D 646 31.15 -10.23 -0.17
C SER D 646 30.77 -8.77 -0.37
N ARG D 647 31.41 -7.85 0.35
CA ARG D 647 31.11 -6.44 0.22
C ARG D 647 31.89 -5.76 -0.90
N LEU D 648 32.84 -6.46 -1.53
CA LEU D 648 33.62 -5.88 -2.61
C LEU D 648 33.17 -6.43 -3.96
N GLY D 662 28.34 -6.10 -4.33
CA GLY D 662 29.65 -5.60 -3.95
C GLY D 662 29.81 -4.11 -4.22
N GLN D 663 30.90 -3.55 -3.70
CA GLN D 663 31.18 -2.13 -3.89
C GLN D 663 32.12 -1.87 -5.07
N LEU D 664 33.16 -2.68 -5.22
CA LEU D 664 34.10 -2.49 -6.32
C LEU D 664 33.51 -2.96 -7.64
N THR D 665 32.64 -3.98 -7.61
CA THR D 665 32.05 -4.48 -8.84
C THR D 665 30.99 -3.53 -9.39
N GLU D 666 30.31 -2.79 -8.52
CA GLU D 666 29.28 -1.85 -8.95
C GLU D 666 29.83 -0.44 -9.19
N ALA D 667 31.06 -0.16 -8.76
CA ALA D 667 31.62 1.16 -8.99
C ALA D 667 32.03 1.35 -10.45
N VAL D 668 32.58 0.31 -11.07
CA VAL D 668 33.01 0.38 -12.47
C VAL D 668 31.91 -0.08 -13.43
N ARG D 669 30.73 -0.41 -12.92
CA ARG D 669 29.65 -0.85 -13.81
C ARG D 669 29.05 0.32 -14.57
N ARG D 670 28.97 1.50 -13.94
CA ARG D 670 28.41 2.66 -14.61
C ARG D 670 29.33 3.15 -15.73
N ARG D 671 30.64 3.11 -15.50
CA ARG D 671 31.61 3.51 -16.51
C ARG D 671 32.75 2.51 -16.56
N PRO D 672 32.84 1.67 -17.60
CA PRO D 672 33.91 0.67 -17.65
C PRO D 672 35.29 1.27 -17.84
N TYR D 673 35.40 2.54 -18.21
CA TYR D 673 36.70 3.17 -18.46
C TYR D 673 37.02 4.13 -17.30
N THR D 674 37.31 3.53 -16.15
CA THR D 674 37.70 4.27 -14.96
C THR D 674 39.01 3.73 -14.39
N VAL D 675 39.41 4.24 -13.23
CA VAL D 675 40.63 3.80 -12.56
C VAL D 675 40.27 3.24 -11.20
N VAL D 676 41.12 2.37 -10.70
CA VAL D 676 40.94 1.72 -9.40
C VAL D 676 42.12 2.07 -8.52
N LEU D 677 41.83 2.54 -7.30
CA LEU D 677 42.87 2.95 -6.35
C LEU D 677 42.67 2.19 -5.05
N PHE D 678 43.76 1.67 -4.50
CA PHE D 678 43.75 0.95 -3.22
C PHE D 678 44.58 1.75 -2.23
N ASP D 679 43.90 2.40 -1.29
CA ASP D 679 44.56 3.20 -0.27
C ASP D 679 44.82 2.35 0.96
N GLU D 680 46.06 2.42 1.48
CA GLU D 680 46.48 1.68 2.65
C GLU D 680 46.25 0.18 2.48
N MET D 681 47.12 -0.48 1.71
CA MET D 681 47.00 -1.90 1.48
C MET D 681 47.45 -2.74 2.67
N GLU D 682 48.20 -2.14 3.60
CA GLU D 682 48.68 -2.89 4.76
C GLU D 682 47.54 -3.30 5.68
N LYS D 683 46.46 -2.52 5.72
CA LYS D 683 45.31 -2.81 6.58
C LYS D 683 44.31 -3.75 5.92
N ALA D 684 44.67 -4.36 4.81
CA ALA D 684 43.76 -5.28 4.12
C ALA D 684 43.88 -6.68 4.71
N HIS D 685 42.75 -7.38 4.73
CA HIS D 685 42.71 -8.74 5.24
C HIS D 685 43.35 -9.70 4.26
N LYS D 686 43.77 -10.86 4.78
CA LYS D 686 44.42 -11.87 3.95
C LYS D 686 43.47 -12.47 2.91
N ASP D 687 42.16 -12.39 3.15
CA ASP D 687 41.19 -12.90 2.19
C ASP D 687 40.86 -11.91 1.08
N VAL D 688 41.24 -10.64 1.22
CA VAL D 688 40.97 -9.65 0.20
C VAL D 688 41.92 -9.82 -0.98
N SER D 689 43.18 -10.18 -0.71
CA SER D 689 44.14 -10.35 -1.78
C SER D 689 43.83 -11.56 -2.65
N ASN D 690 43.09 -12.54 -2.12
CA ASN D 690 42.72 -13.70 -2.92
C ASN D 690 41.66 -13.35 -3.95
N LEU D 691 40.84 -12.34 -3.68
CA LEU D 691 39.82 -11.95 -4.64
C LEU D 691 40.42 -11.20 -5.84
N LEU D 692 41.50 -10.46 -5.61
CA LEU D 692 42.16 -9.73 -6.69
C LEU D 692 43.04 -10.62 -7.55
N LEU D 693 43.25 -11.89 -7.17
CA LEU D 693 44.09 -12.77 -7.96
C LEU D 693 43.39 -13.18 -9.25
N GLN D 694 42.06 -13.35 -9.21
CA GLN D 694 41.31 -13.74 -10.41
C GLN D 694 41.25 -12.62 -11.44
N ILE D 695 41.42 -11.37 -11.02
CA ILE D 695 41.38 -10.27 -11.97
C ILE D 695 42.68 -10.18 -12.75
N LEU D 696 43.82 -10.32 -12.08
CA LEU D 696 45.12 -10.26 -12.74
C LEU D 696 45.46 -11.51 -13.52
N ASP D 697 44.65 -12.57 -13.41
CA ASP D 697 44.89 -13.83 -14.11
C ASP D 697 43.86 -14.09 -15.21
N ASP D 698 42.58 -13.98 -14.90
CA ASP D 698 41.53 -14.23 -15.88
C ASP D 698 41.08 -12.98 -16.62
N GLY D 699 41.23 -11.81 -16.01
CA GLY D 699 40.82 -10.57 -16.64
C GLY D 699 39.47 -10.04 -16.22
N HIS D 700 38.73 -10.77 -15.39
CA HIS D 700 37.42 -10.34 -14.94
C HIS D 700 37.16 -10.94 -13.55
N CYS D 701 36.01 -10.58 -12.98
CA CYS D 701 35.62 -11.07 -11.66
C CYS D 701 34.17 -11.51 -11.71
N THR D 702 33.91 -12.70 -11.19
CA THR D 702 32.56 -13.26 -11.16
C THR D 702 31.76 -12.57 -10.07
N ASP D 703 30.82 -11.72 -10.47
CA ASP D 703 29.99 -11.00 -9.51
C ASP D 703 28.88 -11.91 -8.98
N SER D 704 28.45 -11.62 -7.75
CA SER D 704 27.39 -12.40 -7.12
C SER D 704 26.00 -12.06 -7.63
N LYS D 705 25.86 -11.02 -8.45
CA LYS D 705 24.57 -10.62 -8.99
C LYS D 705 24.27 -11.26 -10.34
N GLY D 706 24.95 -12.37 -10.67
CA GLY D 706 24.70 -13.04 -11.93
C GLY D 706 25.25 -12.34 -13.15
N ARG D 707 26.17 -11.39 -12.97
CA ARG D 707 26.76 -10.65 -14.07
C ARG D 707 28.27 -10.86 -14.08
N ARG D 708 28.89 -10.51 -15.20
CA ARG D 708 30.34 -10.65 -15.39
C ARG D 708 30.91 -9.25 -15.62
N VAL D 709 31.51 -8.68 -14.58
CA VAL D 709 32.11 -7.35 -14.68
C VAL D 709 33.50 -7.49 -15.26
N ASP D 710 33.76 -6.78 -16.35
CA ASP D 710 35.06 -6.85 -17.03
C ASP D 710 36.04 -5.89 -16.39
N PHE D 711 37.33 -6.26 -16.46
CA PHE D 711 38.41 -5.46 -15.91
C PHE D 711 39.61 -5.41 -16.86
N LYS D 712 39.35 -5.59 -18.15
CA LYS D 712 40.41 -5.60 -19.16
C LYS D 712 40.87 -4.20 -19.54
N ASN D 713 40.20 -3.15 -19.07
CA ASN D 713 40.58 -1.80 -19.42
C ASN D 713 40.67 -0.90 -18.19
N THR D 714 40.87 -1.46 -17.00
CA THR D 714 40.97 -0.70 -15.76
C THR D 714 42.31 -1.00 -15.10
N ILE D 715 43.08 0.05 -14.82
CA ILE D 715 44.37 -0.13 -14.17
C ILE D 715 44.16 -0.44 -12.69
N ILE D 716 45.14 -1.11 -12.09
CA ILE D 716 45.09 -1.51 -10.69
C ILE D 716 46.37 -1.01 -10.03
N VAL D 717 46.25 -0.03 -9.15
CA VAL D 717 47.38 0.52 -8.42
C VAL D 717 47.09 0.44 -6.92
N MET D 718 48.16 0.36 -6.14
CA MET D 718 48.06 0.26 -4.69
C MET D 718 48.92 1.34 -4.04
N THR D 719 48.46 1.85 -2.89
CA THR D 719 49.15 2.88 -2.15
C THR D 719 49.58 2.30 -0.80
N SER D 720 50.88 2.06 -0.66
CA SER D 720 51.42 1.50 0.57
C SER D 720 52.87 1.94 0.72
N ASN D 721 53.43 1.72 1.91
CA ASN D 721 54.80 2.07 2.22
C ASN D 721 55.54 0.88 2.81
N LEU D 722 55.42 -0.27 2.15
CA LEU D 722 56.10 -1.49 2.59
C LEU D 722 57.60 -1.41 2.31
N THR D 739 69.29 1.50 -1.42
CA THR D 739 68.23 1.56 -0.43
C THR D 739 66.91 1.03 -1.01
N LYS D 740 66.85 0.93 -2.34
CA LYS D 740 65.66 0.45 -3.01
C LYS D 740 65.59 -1.07 -3.09
N ASN D 741 66.64 -1.77 -2.68
CA ASN D 741 66.62 -3.23 -2.74
C ASN D 741 65.81 -3.81 -1.59
N ALA D 742 65.90 -3.21 -0.41
CA ALA D 742 65.17 -3.70 0.75
C ALA D 742 63.70 -3.28 0.74
N VAL D 743 63.31 -2.36 -0.13
CA VAL D 743 61.92 -1.93 -0.19
C VAL D 743 61.06 -2.95 -0.93
N LEU D 744 61.54 -3.40 -2.10
CA LEU D 744 60.78 -4.37 -2.88
C LEU D 744 60.83 -5.76 -2.25
N ALA D 745 61.88 -6.06 -1.50
CA ALA D 745 62.00 -7.36 -0.85
C ALA D 745 61.10 -7.47 0.37
N THR D 746 60.75 -6.34 0.99
CA THR D 746 59.88 -6.37 2.17
C THR D 746 58.42 -6.61 1.79
N ALA D 747 57.98 -6.03 0.66
CA ALA D 747 56.60 -6.21 0.23
C ALA D 747 56.33 -7.64 -0.22
N ARG D 748 57.36 -8.37 -0.66
CA ARG D 748 57.17 -9.74 -1.10
C ARG D 748 57.01 -10.70 0.07
N ARG D 749 57.30 -10.26 1.30
CA ARG D 749 57.14 -11.15 2.45
C ARG D 749 55.77 -11.00 3.10
N HIS D 750 55.11 -9.85 2.90
CA HIS D 750 53.79 -9.67 3.50
C HIS D 750 52.71 -10.36 2.69
N PHE D 751 52.85 -10.38 1.37
CA PHE D 751 51.87 -11.01 0.50
C PHE D 751 52.36 -12.41 0.10
N ALA D 752 51.56 -13.10 -0.70
CA ALA D 752 51.91 -14.43 -1.15
C ALA D 752 52.97 -14.36 -2.26
N ASN D 753 53.62 -15.50 -2.49
CA ASN D 753 54.65 -15.59 -3.52
C ASN D 753 54.05 -15.55 -4.92
N GLU D 754 52.83 -16.04 -5.10
CA GLU D 754 52.18 -16.05 -6.40
C GLU D 754 51.48 -14.74 -6.73
N PHE D 755 50.94 -14.06 -5.72
CA PHE D 755 50.23 -12.82 -5.97
C PHE D 755 51.17 -11.72 -6.47
N ILE D 756 52.41 -11.71 -6.00
CA ILE D 756 53.37 -10.70 -6.43
C ILE D 756 53.92 -10.99 -7.82
N ASN D 757 53.79 -12.22 -8.30
CA ASN D 757 54.30 -12.56 -9.62
C ASN D 757 53.41 -12.03 -10.75
N ARG D 758 52.13 -11.80 -10.46
CA ARG D 758 51.21 -11.27 -11.47
C ARG D 758 51.35 -9.77 -11.66
N ILE D 759 52.15 -9.09 -10.85
CA ILE D 759 52.33 -7.65 -10.99
C ILE D 759 53.18 -7.36 -12.22
N ASP D 760 52.70 -6.47 -13.08
CA ASP D 760 53.43 -6.13 -14.29
C ASP D 760 54.69 -5.34 -13.97
N GLU D 761 54.52 -4.19 -13.32
CA GLU D 761 55.63 -3.32 -12.97
C GLU D 761 55.53 -2.95 -11.49
N LEU D 762 56.66 -2.98 -10.79
CA LEU D 762 56.74 -2.64 -9.37
C LEU D 762 57.56 -1.36 -9.27
N ILE D 763 56.89 -0.24 -9.07
CA ILE D 763 57.54 1.07 -8.99
C ILE D 763 57.94 1.34 -7.56
N VAL D 764 59.18 1.78 -7.36
CA VAL D 764 59.71 2.12 -6.05
C VAL D 764 60.01 3.61 -6.03
N PHE D 765 59.39 4.32 -5.10
CA PHE D 765 59.60 5.75 -4.96
C PHE D 765 60.77 6.05 -4.03
N ASN D 766 61.36 7.23 -4.21
CA ASN D 766 62.49 7.68 -3.41
C ASN D 766 62.19 9.04 -2.83
N ARG D 767 62.95 9.40 -1.80
CA ARG D 767 62.76 10.69 -1.15
C ARG D 767 63.15 11.83 -2.09
N LEU D 768 62.60 13.02 -1.81
CA LEU D 768 62.85 14.18 -2.63
C LEU D 768 64.26 14.71 -2.39
N THR D 769 65.00 14.93 -3.48
CA THR D 769 66.37 15.45 -3.41
C THR D 769 66.35 16.97 -3.30
N PRO D 770 67.35 17.54 -2.61
CA PRO D 770 67.39 19.01 -2.49
C PRO D 770 67.54 19.73 -3.82
N SER D 771 68.11 19.09 -4.83
CA SER D 771 68.27 19.72 -6.14
C SER D 771 66.96 19.78 -6.91
N ASN D 772 65.96 18.99 -6.53
CA ASN D 772 64.67 18.97 -7.20
C ASN D 772 63.60 19.80 -6.48
N ILE D 773 63.93 20.37 -5.32
CA ILE D 773 62.95 21.17 -4.59
C ILE D 773 62.69 22.49 -5.30
N ARG D 774 63.71 23.05 -5.97
CA ARG D 774 63.52 24.31 -6.68
C ARG D 774 62.56 24.16 -7.85
N LYS D 775 62.54 23.00 -8.51
CA LYS D 775 61.64 22.77 -9.62
C LYS D 775 60.21 22.48 -9.18
N ILE D 776 59.98 22.23 -7.88
CA ILE D 776 58.63 21.96 -7.41
C ILE D 776 57.82 23.25 -7.34
N VAL D 777 58.40 24.31 -6.79
CA VAL D 777 57.72 25.59 -6.68
C VAL D 777 57.60 26.31 -8.02
N ASP D 778 58.33 25.85 -9.04
CA ASP D 778 58.25 26.50 -10.35
C ASP D 778 56.95 26.16 -11.06
N VAL D 779 56.48 24.92 -10.93
CA VAL D 779 55.24 24.52 -11.57
C VAL D 779 54.01 24.88 -10.73
N ARG D 780 54.20 25.14 -9.43
CA ARG D 780 53.07 25.53 -8.59
C ARG D 780 52.65 26.97 -8.87
N LEU D 781 53.59 27.83 -9.25
CA LEU D 781 53.25 29.22 -9.57
C LEU D 781 52.54 29.33 -10.91
N LYS D 782 52.68 28.33 -11.79
CA LYS D 782 51.99 28.37 -13.07
C LYS D 782 50.49 28.14 -12.91
N GLU D 783 50.10 27.30 -11.94
CA GLU D 783 48.67 27.08 -11.70
C GLU D 783 47.99 28.33 -11.16
N VAL D 784 48.72 29.12 -10.37
CA VAL D 784 48.16 30.37 -9.86
C VAL D 784 48.00 31.37 -10.99
N GLN D 785 48.93 31.38 -11.94
CA GLN D 785 48.84 32.29 -13.08
C GLN D 785 47.65 31.94 -13.96
N GLU D 786 47.36 30.65 -14.12
CA GLU D 786 46.23 30.25 -14.96
C GLU D 786 44.90 30.60 -14.31
N ARG D 787 44.82 30.57 -12.98
CA ARG D 787 43.59 30.89 -12.27
C ARG D 787 43.39 32.39 -12.11
N LEU D 788 44.33 33.22 -12.53
CA LEU D 788 44.22 34.67 -12.43
C LEU D 788 44.15 35.35 -13.79
N ASP D 789 44.13 34.60 -14.89
CA ASP D 789 44.05 35.21 -16.21
C ASP D 789 42.65 35.72 -16.53
N GLU D 790 41.63 35.31 -15.77
CA GLU D 790 40.28 35.78 -16.01
C GLU D 790 40.06 37.22 -15.58
N LYS D 791 40.92 37.73 -14.69
CA LYS D 791 40.81 39.11 -14.21
C LYS D 791 41.94 39.99 -14.73
N GLN D 792 42.71 39.52 -15.71
CA GLN D 792 43.82 40.27 -16.29
C GLN D 792 44.82 40.68 -15.22
N ILE D 793 45.33 39.70 -14.49
CA ILE D 793 46.30 39.92 -13.42
C ILE D 793 47.60 39.22 -13.81
N THR D 794 48.68 39.98 -13.88
CA THR D 794 50.00 39.47 -14.25
C THR D 794 50.78 39.19 -12.97
N LEU D 795 51.12 37.93 -12.74
CA LEU D 795 51.87 37.50 -11.57
C LEU D 795 53.30 37.19 -11.99
N ASP D 796 54.26 37.94 -11.46
CA ASP D 796 55.67 37.77 -11.78
C ASP D 796 56.45 37.50 -10.50
N VAL D 797 57.29 36.48 -10.53
CA VAL D 797 58.12 36.09 -9.40
C VAL D 797 59.58 36.09 -9.84
N ASP D 798 60.42 36.81 -9.10
CA ASP D 798 61.83 36.89 -9.42
C ASP D 798 62.57 35.63 -8.97
N ASP D 799 63.88 35.62 -9.19
CA ASP D 799 64.69 34.46 -8.80
C ASP D 799 65.01 34.43 -7.32
N LYS D 800 64.86 35.55 -6.61
CA LYS D 800 65.15 35.57 -5.18
C LYS D 800 64.05 34.92 -4.36
N ALA D 801 62.79 35.00 -4.81
CA ALA D 801 61.69 34.39 -4.09
C ALA D 801 61.57 32.89 -4.35
N LYS D 802 62.18 32.39 -5.42
CA LYS D 802 62.10 30.97 -5.71
C LYS D 802 63.07 30.15 -4.85
N ASP D 803 64.20 30.73 -4.45
CA ASP D 803 65.17 30.03 -3.64
C ASP D 803 64.81 30.05 -2.15
N LEU D 804 64.02 31.03 -1.71
CA LEU D 804 63.65 31.09 -0.30
C LEU D 804 62.59 30.05 0.05
N LEU D 805 61.64 29.82 -0.86
CA LEU D 805 60.59 28.83 -0.60
C LEU D 805 61.10 27.41 -0.74
N ALA D 806 62.27 27.20 -1.33
CA ALA D 806 62.80 25.85 -1.50
C ALA D 806 63.62 25.42 -0.29
N GLN D 807 64.37 26.35 0.30
CA GLN D 807 65.19 26.03 1.47
C GLN D 807 64.41 26.07 2.77
N GLN D 808 63.23 26.69 2.78
CA GLN D 808 62.41 26.77 3.98
C GLN D 808 61.42 25.62 4.08
N GLY D 809 60.82 25.22 2.96
CA GLY D 809 59.86 24.14 2.96
C GLY D 809 60.47 22.80 2.67
N PHE D 810 61.78 22.67 2.91
CA PHE D 810 62.48 21.41 2.67
C PHE D 810 62.15 20.43 3.79
N ASP D 811 61.35 19.41 3.47
CA ASP D 811 60.95 18.41 4.46
C ASP D 811 60.91 17.05 3.78
N PRO D 812 62.05 16.35 3.73
CA PRO D 812 62.07 15.05 3.05
C PRO D 812 61.37 13.93 3.80
N VAL D 813 61.07 14.11 5.09
CA VAL D 813 60.41 13.05 5.86
C VAL D 813 58.94 12.91 5.54
N TYR D 814 58.32 13.94 4.93
CA TYR D 814 56.92 13.85 4.53
C TYR D 814 56.71 14.17 3.06
N GLY D 815 57.76 14.27 2.26
CA GLY D 815 57.61 14.57 0.85
C GLY D 815 57.31 16.04 0.60
N ALA D 816 56.50 16.28 -0.42
CA ALA D 816 56.11 17.63 -0.82
C ALA D 816 54.81 18.08 -0.15
N ARG D 817 54.46 17.51 1.00
CA ARG D 817 53.22 17.92 1.67
C ARG D 817 53.37 19.25 2.41
N PRO D 818 54.42 19.47 3.22
CA PRO D 818 54.55 20.79 3.86
C PRO D 818 54.85 21.92 2.88
N LEU D 819 55.23 21.62 1.64
CA LEU D 819 55.53 22.68 0.68
C LEU D 819 54.25 23.41 0.25
N ASN D 820 53.13 22.70 0.17
CA ASN D 820 51.88 23.34 -0.22
C ASN D 820 51.30 24.20 0.89
N ARG D 821 51.66 23.93 2.15
CA ARG D 821 51.15 24.72 3.26
C ARG D 821 51.98 25.97 3.51
N LEU D 822 53.26 25.97 3.13
CA LEU D 822 54.10 27.15 3.35
C LEU D 822 53.72 28.28 2.40
N ILE D 823 53.29 27.94 1.17
CA ILE D 823 52.91 28.97 0.21
C ILE D 823 51.60 29.63 0.62
N GLN D 824 50.66 28.86 1.16
CA GLN D 824 49.37 29.41 1.54
C GLN D 824 49.49 30.35 2.73
N HIS D 825 50.38 30.02 3.68
CA HIS D 825 50.58 30.83 4.87
C HIS D 825 51.67 31.89 4.70
N ALA D 826 51.97 32.28 3.46
CA ALA D 826 52.99 33.29 3.21
C ALA D 826 52.73 34.02 1.90
N LEU D 827 52.81 33.29 0.78
CA LEU D 827 52.60 33.91 -0.52
C LEU D 827 51.13 34.17 -0.80
N LEU D 828 50.30 33.14 -0.65
CA LEU D 828 48.87 33.27 -0.91
C LEU D 828 48.13 34.07 0.16
N THR D 829 48.75 34.30 1.32
CA THR D 829 48.09 35.06 2.38
C THR D 829 48.16 36.56 2.11
N GLN D 830 49.35 37.07 1.85
CA GLN D 830 49.52 38.51 1.60
C GLN D 830 48.99 38.91 0.23
N LEU D 831 49.10 38.03 -0.77
CA LEU D 831 48.62 38.36 -2.11
C LEU D 831 47.09 38.47 -2.15
N SER D 832 46.40 37.67 -1.34
CA SER D 832 44.95 37.73 -1.30
C SER D 832 44.44 38.98 -0.60
N ARG D 833 45.24 39.55 0.30
CA ARG D 833 44.81 40.76 1.01
C ARG D 833 44.87 41.98 0.10
N LEU D 834 45.86 42.05 -0.79
CA LEU D 834 45.97 43.19 -1.70
C LEU D 834 44.85 43.18 -2.74
N LEU D 835 44.31 42.01 -3.06
CA LEU D 835 43.22 41.90 -4.02
C LEU D 835 41.86 42.16 -3.38
N LEU D 836 41.82 42.54 -2.11
CA LEU D 836 40.57 42.79 -1.39
C LEU D 836 40.36 44.27 -1.09
N ASP D 837 41.32 44.91 -0.42
CA ASP D 837 41.17 46.32 -0.08
C ASP D 837 41.34 47.24 -1.30
N GLY D 838 42.19 46.84 -2.24
CA GLY D 838 42.42 47.64 -3.42
C GLY D 838 43.89 47.89 -3.70
N GLY D 839 44.76 47.04 -3.14
CA GLY D 839 46.18 47.21 -3.38
C GLY D 839 46.59 46.84 -4.79
N VAL D 840 46.04 45.74 -5.32
CA VAL D 840 46.32 45.28 -6.67
C VAL D 840 45.00 45.24 -7.43
N ARG D 841 44.82 46.17 -8.36
CA ARG D 841 43.58 46.23 -9.13
C ARG D 841 43.67 45.29 -10.33
N PRO D 842 42.54 44.70 -10.73
CA PRO D 842 42.54 43.79 -11.89
C PRO D 842 42.96 44.49 -13.18
N GLY D 843 44.26 44.55 -13.44
CA GLY D 843 44.76 45.20 -14.64
C GLY D 843 46.19 45.66 -14.49
N GLU D 844 46.83 45.32 -13.37
CA GLU D 844 48.21 45.69 -13.10
C GLU D 844 49.08 44.44 -13.12
N ILE D 845 50.30 44.57 -12.61
CA ILE D 845 51.27 43.47 -12.56
C ILE D 845 51.63 43.23 -11.10
N ALA D 846 51.38 42.02 -10.61
CA ALA D 846 51.68 41.64 -9.24
C ALA D 846 53.11 41.11 -9.18
N LYS D 847 53.98 41.81 -8.46
CA LYS D 847 55.38 41.43 -8.32
C LYS D 847 55.62 40.86 -6.94
N VAL D 848 56.33 39.73 -6.89
CA VAL D 848 56.67 39.05 -5.64
C VAL D 848 58.18 39.02 -5.51
N THR D 849 58.70 39.57 -4.42
CA THR D 849 60.13 39.62 -4.16
C THR D 849 60.38 39.33 -2.69
N VAL D 850 61.65 39.42 -2.28
CA VAL D 850 62.06 39.20 -0.90
C VAL D 850 62.51 40.53 -0.31
N ASP D 851 61.90 40.89 0.82
CA ASP D 851 62.24 42.14 1.50
C ASP D 851 63.47 41.94 2.38
N GLN D 852 63.82 42.95 3.16
CA GLN D 852 64.97 42.88 4.03
C GLN D 852 64.71 42.09 5.31
N GLU D 853 63.44 41.78 5.62
CA GLU D 853 63.13 41.03 6.83
C GLU D 853 63.38 39.54 6.64
N GLY D 854 63.31 39.04 5.41
CA GLY D 854 63.53 37.64 5.14
C GLY D 854 62.28 36.82 4.93
N GLU D 855 61.16 37.43 4.57
CA GLU D 855 59.91 36.73 4.34
C GLU D 855 59.41 37.03 2.92
N ILE D 856 58.29 36.40 2.57
CA ILE D 856 57.70 36.58 1.25
C ILE D 856 56.81 37.82 1.27
N ILE D 857 57.14 38.80 0.44
CA ILE D 857 56.39 40.04 0.35
C ILE D 857 55.96 40.25 -1.09
N VAL D 858 54.82 40.91 -1.26
CA VAL D 858 54.24 41.20 -2.57
C VAL D 858 54.24 42.71 -2.76
N ILE D 859 54.88 43.17 -3.83
CA ILE D 859 54.95 44.60 -4.12
C ILE D 859 53.57 45.06 -4.60
N ARG D 860 52.89 45.87 -3.80
CA ARG D 860 51.57 46.37 -4.16
C ARG D 860 51.68 47.52 -5.15
N ASN D 861 50.63 47.69 -5.96
CA ASN D 861 50.59 48.74 -6.96
C ASN D 861 49.93 50.02 -6.45
N HIS D 862 48.80 49.89 -5.76
CA HIS D 862 48.07 51.03 -5.23
C HIS D 862 48.16 51.02 -3.71
N GLY D 863 48.28 52.20 -3.13
CA GLY D 863 48.38 52.36 -1.69
C GLY D 863 47.06 52.45 -0.95
N ILE D 864 45.94 52.37 -1.66
CA ILE D 864 44.63 52.44 -1.03
C ILE D 864 44.17 51.04 -0.62
N SER E 3 -30.12 -17.40 -2.06
CA SER E 3 -29.42 -18.68 -2.12
C SER E 3 -28.15 -18.58 -2.93
N SER E 4 -27.14 -19.34 -2.53
CA SER E 4 -25.84 -19.35 -3.22
C SER E 4 -25.98 -20.12 -4.52
N MET E 5 -26.24 -19.40 -5.61
CA MET E 5 -26.43 -20.00 -6.93
C MET E 5 -25.23 -19.60 -7.79
N GLN E 6 -24.06 -20.13 -7.46
CA GLN E 6 -22.85 -19.85 -8.21
C GLN E 6 -22.85 -20.61 -9.53
N PHE E 7 -22.20 -20.01 -10.54
CA PHE E 7 -22.11 -20.59 -11.86
C PHE E 7 -20.65 -20.87 -12.22
N THR E 8 -20.47 -21.76 -13.19
CA THR E 8 -19.14 -22.12 -13.66
C THR E 8 -18.80 -21.32 -14.91
N ASP E 9 -17.63 -21.62 -15.49
CA ASP E 9 -17.18 -20.90 -16.68
C ASP E 9 -18.01 -21.29 -17.90
N LYS E 10 -18.41 -22.56 -17.99
CA LYS E 10 -19.17 -23.01 -19.15
C LYS E 10 -20.63 -22.60 -19.07
N ALA E 11 -21.18 -22.46 -17.86
CA ALA E 11 -22.58 -22.08 -17.73
C ALA E 11 -22.79 -20.60 -18.09
N THR E 12 -21.81 -19.75 -17.80
CA THR E 12 -21.95 -18.34 -18.14
C THR E 12 -21.87 -18.11 -19.65
N GLU E 13 -21.20 -19.01 -20.38
CA GLU E 13 -21.11 -18.87 -21.82
C GLU E 13 -22.40 -19.24 -22.54
N THR E 14 -23.34 -19.90 -21.85
CA THR E 14 -24.60 -20.28 -22.45
C THR E 14 -25.71 -19.27 -22.16
N LEU E 15 -25.80 -18.82 -20.91
CA LEU E 15 -26.84 -17.85 -20.56
C LEU E 15 -26.57 -16.49 -21.20
N ASN E 16 -25.30 -16.10 -21.32
CA ASN E 16 -24.97 -14.83 -21.96
C ASN E 16 -25.22 -14.90 -23.46
N ALA E 17 -24.97 -16.05 -24.08
CA ALA E 17 -25.23 -16.20 -25.50
C ALA E 17 -26.72 -16.34 -25.80
N ALA E 18 -27.52 -16.79 -24.83
CA ALA E 18 -28.95 -16.92 -25.05
C ALA E 18 -29.63 -15.56 -25.10
N ALA E 19 -29.09 -14.56 -24.39
CA ALA E 19 -29.67 -13.22 -24.43
C ALA E 19 -29.43 -12.57 -25.79
N LYS E 20 -28.24 -12.77 -26.37
CA LYS E 20 -27.95 -12.23 -27.68
C LYS E 20 -28.56 -13.05 -28.80
N TYR E 21 -28.93 -14.30 -28.54
CA TYR E 21 -29.55 -15.13 -29.57
C TYR E 21 -30.96 -14.66 -29.88
N ALA E 22 -31.65 -14.07 -28.90
CA ALA E 22 -33.01 -13.61 -29.10
C ALA E 22 -33.09 -12.30 -29.88
N ALA E 23 -31.94 -11.65 -30.14
CA ALA E 23 -31.96 -10.40 -30.90
C ALA E 23 -32.25 -10.66 -32.38
N GLU E 24 -31.73 -11.75 -32.93
CA GLU E 24 -31.96 -12.07 -34.33
C GLU E 24 -33.37 -12.63 -34.57
N ASN E 25 -33.96 -13.27 -33.57
CA ASN E 25 -35.30 -13.82 -33.70
C ASN E 25 -36.39 -12.83 -33.30
N SER E 26 -36.06 -11.55 -33.17
CA SER E 26 -37.00 -10.51 -32.82
C SER E 26 -37.69 -10.80 -31.49
N HIS E 27 -36.99 -10.59 -30.38
CA HIS E 27 -37.54 -10.79 -29.05
C HIS E 27 -37.05 -9.68 -28.14
N VAL E 28 -37.88 -9.33 -27.14
CA VAL E 28 -37.57 -8.29 -26.18
C VAL E 28 -37.51 -8.81 -24.76
N GLN E 29 -37.49 -10.14 -24.59
CA GLN E 29 -37.43 -10.74 -23.27
C GLN E 29 -36.55 -11.98 -23.31
N LEU E 30 -36.10 -12.39 -22.14
CA LEU E 30 -35.23 -13.57 -21.99
C LEU E 30 -36.08 -14.70 -21.41
N HIS E 31 -36.64 -15.52 -22.31
CA HIS E 31 -37.48 -16.63 -21.89
C HIS E 31 -36.64 -17.90 -21.73
N PRO E 32 -36.95 -18.73 -20.72
CA PRO E 32 -36.15 -19.94 -20.51
C PRO E 32 -36.21 -20.92 -21.68
N SER E 33 -37.18 -20.80 -22.58
CA SER E 33 -37.25 -21.70 -23.72
C SER E 33 -36.14 -21.45 -24.73
N HIS E 34 -35.50 -20.29 -24.69
CA HIS E 34 -34.40 -19.98 -25.59
C HIS E 34 -33.10 -20.67 -25.22
N VAL E 35 -33.02 -21.25 -24.02
CA VAL E 35 -31.79 -21.92 -23.60
C VAL E 35 -31.62 -23.23 -24.35
N ALA E 36 -32.69 -24.01 -24.49
CA ALA E 36 -32.61 -25.29 -25.19
C ALA E 36 -32.40 -25.12 -26.69
N VAL E 37 -32.76 -23.96 -27.25
CA VAL E 37 -32.59 -23.74 -28.68
C VAL E 37 -31.12 -23.49 -29.02
N VAL E 38 -30.41 -22.75 -28.16
CA VAL E 38 -29.01 -22.44 -28.43
C VAL E 38 -28.16 -23.71 -28.29
N MET E 39 -28.47 -24.55 -27.31
CA MET E 39 -27.69 -25.76 -27.09
C MET E 39 -27.85 -26.76 -28.24
N LEU E 40 -29.01 -26.75 -28.90
CA LEU E 40 -29.24 -27.65 -30.03
C LEU E 40 -28.64 -27.13 -31.33
N ASP E 41 -28.29 -25.85 -31.39
CA ASP E 41 -27.69 -25.27 -32.59
C ASP E 41 -26.18 -25.41 -32.63
N GLU E 42 -25.56 -25.94 -31.57
CA GLU E 42 -24.12 -26.12 -31.51
C GLU E 42 -23.77 -27.57 -31.80
N GLU E 43 -22.76 -27.78 -32.63
CA GLU E 43 -22.34 -29.14 -32.98
C GLU E 43 -21.52 -29.73 -31.84
N ASN E 44 -21.86 -30.97 -31.45
CA ASN E 44 -21.20 -31.69 -30.37
C ASN E 44 -21.23 -30.88 -29.08
N SER E 45 -22.45 -30.66 -28.58
CA SER E 45 -22.67 -29.91 -27.36
C SER E 45 -22.94 -30.87 -26.19
N LEU E 46 -23.10 -30.30 -25.00
CA LEU E 46 -23.38 -31.11 -23.82
C LEU E 46 -24.83 -31.57 -23.76
N PHE E 47 -25.76 -30.73 -24.22
CA PHE E 47 -27.17 -31.10 -24.20
C PHE E 47 -27.49 -32.19 -25.23
N ARG E 48 -26.72 -32.24 -26.32
CA ARG E 48 -26.96 -33.25 -27.35
C ARG E 48 -26.43 -34.61 -26.95
N SER E 49 -25.31 -34.66 -26.22
CA SER E 49 -24.74 -35.94 -25.80
C SER E 49 -25.59 -36.62 -24.75
N ILE E 50 -26.36 -35.86 -23.98
CA ILE E 50 -27.19 -36.45 -22.94
C ILE E 50 -28.40 -37.16 -23.55
N LEU E 51 -29.01 -36.55 -24.57
CA LEU E 51 -30.18 -37.14 -25.21
C LEU E 51 -29.83 -38.41 -25.98
N GLU E 52 -28.58 -38.56 -26.43
CA GLU E 52 -28.20 -39.76 -27.16
C GLU E 52 -28.06 -40.97 -26.25
N LYS E 53 -27.69 -40.77 -24.98
CA LYS E 53 -27.54 -41.88 -24.06
C LYS E 53 -28.88 -42.30 -23.46
N ALA E 54 -29.80 -41.36 -23.26
CA ALA E 54 -31.11 -41.66 -22.70
C ALA E 54 -32.11 -42.15 -23.73
N GLY E 55 -31.74 -42.15 -25.01
CA GLY E 55 -32.66 -42.58 -26.05
C GLY E 55 -33.75 -41.58 -26.34
N GLY E 56 -33.39 -40.46 -26.94
CA GLY E 56 -34.35 -39.42 -27.26
C GLY E 56 -34.12 -38.78 -28.61
N ASP E 57 -35.20 -38.57 -29.36
CA ASP E 57 -35.10 -37.95 -30.69
C ASP E 57 -34.87 -36.45 -30.53
N VAL E 58 -33.75 -35.96 -31.06
CA VAL E 58 -33.42 -34.55 -30.93
C VAL E 58 -34.24 -33.69 -31.87
N VAL E 59 -34.88 -34.29 -32.88
CA VAL E 59 -35.67 -33.52 -33.82
C VAL E 59 -37.03 -33.15 -33.22
N SER E 60 -37.68 -34.10 -32.55
CA SER E 60 -38.98 -33.83 -31.94
C SER E 60 -38.87 -32.89 -30.76
N ILE E 61 -37.73 -32.92 -30.06
CA ILE E 61 -37.55 -32.02 -28.91
C ILE E 61 -37.35 -30.59 -29.37
N GLU E 62 -36.60 -30.40 -30.46
CA GLU E 62 -36.38 -29.05 -30.99
C GLU E 62 -37.68 -28.42 -31.48
N ARG E 63 -38.60 -29.23 -32.01
CA ARG E 63 -39.87 -28.69 -32.48
C ARG E 63 -40.76 -28.27 -31.31
N GLY E 64 -40.61 -28.92 -30.16
CA GLY E 64 -41.44 -28.56 -29.01
C GLY E 64 -41.08 -27.20 -28.45
N PHE E 65 -39.79 -26.93 -28.30
CA PHE E 65 -39.36 -25.62 -27.79
C PHE E 65 -39.51 -24.53 -28.83
N LYS E 66 -39.60 -24.87 -30.11
CA LYS E 66 -39.78 -23.86 -31.15
C LYS E 66 -41.20 -23.30 -31.15
N LYS E 67 -42.20 -24.14 -30.87
CA LYS E 67 -43.58 -23.68 -30.84
C LYS E 67 -43.84 -22.75 -29.67
N ILE E 68 -43.17 -22.96 -28.54
CA ILE E 68 -43.35 -22.09 -27.39
C ILE E 68 -42.77 -20.71 -27.67
N MET E 69 -41.66 -20.65 -28.40
CA MET E 69 -41.04 -19.37 -28.71
C MET E 69 -41.91 -18.52 -29.62
N VAL E 70 -42.69 -19.15 -30.51
CA VAL E 70 -43.55 -18.41 -31.42
C VAL E 70 -44.69 -17.76 -30.65
N ARG E 71 -45.25 -18.45 -29.66
CA ARG E 71 -46.37 -17.92 -28.88
C ARG E 71 -45.94 -16.79 -27.95
N GLN E 72 -44.65 -16.58 -27.75
CA GLN E 72 -44.20 -15.50 -26.88
C GLN E 72 -44.42 -14.14 -27.56
N PRO E 73 -44.70 -13.10 -26.77
CA PRO E 73 -44.91 -11.77 -27.37
C PRO E 73 -43.66 -11.25 -28.07
N HIS E 84 -35.95 -9.51 -18.47
CA HIS E 84 -35.87 -10.84 -17.88
C HIS E 84 -37.27 -11.33 -17.55
N SER E 85 -37.62 -12.50 -18.07
CA SER E 85 -38.94 -13.08 -17.82
C SER E 85 -39.01 -13.64 -16.41
N PRO E 86 -40.18 -13.53 -15.75
CA PRO E 86 -40.32 -14.08 -14.40
C PRO E 86 -40.15 -15.59 -14.34
N GLU E 87 -40.33 -16.30 -15.47
CA GLU E 87 -40.16 -17.75 -15.48
C GLU E 87 -38.71 -18.16 -15.26
N LEU E 88 -37.75 -17.31 -15.64
CA LEU E 88 -36.34 -17.63 -15.45
C LEU E 88 -35.98 -17.73 -13.96
N ALA E 89 -36.64 -16.94 -13.11
CA ALA E 89 -36.37 -17.02 -11.68
C ALA E 89 -36.82 -18.34 -11.08
N LYS E 90 -37.89 -18.93 -11.63
CA LYS E 90 -38.35 -20.23 -11.15
C LYS E 90 -37.49 -21.38 -11.65
N LEU E 91 -36.90 -21.23 -12.85
CA LEU E 91 -36.05 -22.28 -13.40
C LEU E 91 -34.76 -22.43 -12.59
N LEU E 92 -34.21 -21.32 -12.09
CA LEU E 92 -32.99 -21.38 -11.29
C LEU E 92 -33.22 -21.98 -9.91
N HIS E 93 -34.47 -22.00 -9.44
CA HIS E 93 -34.75 -22.58 -8.13
C HIS E 93 -34.66 -24.11 -8.17
N TYR E 94 -35.26 -24.73 -9.20
CA TYR E 94 -35.21 -26.17 -9.32
C TYR E 94 -33.84 -26.68 -9.78
N ALA E 95 -33.06 -25.83 -10.47
CA ALA E 95 -31.74 -26.26 -10.92
C ALA E 95 -30.75 -26.32 -9.76
N HIS E 96 -30.97 -25.51 -8.72
CA HIS E 96 -30.07 -25.52 -7.57
C HIS E 96 -30.25 -26.77 -6.72
N GLU E 97 -31.41 -27.42 -6.80
CA GLU E 97 -31.62 -28.64 -6.03
C GLU E 97 -30.81 -29.81 -6.59
N HIS E 98 -30.56 -29.83 -7.90
CA HIS E 98 -29.77 -30.89 -8.50
C HIS E 98 -28.28 -30.75 -8.17
N MET E 99 -27.85 -29.57 -7.69
CA MET E 99 -26.45 -29.39 -7.33
C MET E 99 -26.11 -30.19 -6.07
N LYS E 100 -27.04 -30.26 -5.12
CA LYS E 100 -26.82 -31.01 -3.89
C LYS E 100 -27.15 -32.49 -4.02
N LYS E 101 -27.85 -32.88 -5.08
CA LYS E 101 -28.20 -34.29 -5.27
C LYS E 101 -27.03 -35.10 -5.80
N GLN E 102 -26.25 -34.51 -6.72
CA GLN E 102 -25.10 -35.19 -7.31
C GLN E 102 -23.84 -35.06 -6.47
N ARG E 103 -23.97 -34.60 -5.22
CA ARG E 103 -22.82 -34.44 -4.32
C ARG E 103 -21.76 -33.53 -4.92
N ASP E 104 -22.19 -32.43 -5.52
CA ASP E 104 -21.30 -31.46 -6.13
C ASP E 104 -21.48 -30.11 -5.44
N LEU E 105 -20.58 -29.17 -5.77
CA LEU E 105 -20.60 -27.83 -5.19
C LEU E 105 -20.97 -26.75 -6.19
N TYR E 106 -20.45 -26.82 -7.42
CA TYR E 106 -20.75 -25.83 -8.44
C TYR E 106 -21.94 -26.26 -9.28
N ILE E 107 -22.40 -25.35 -10.13
CA ILE E 107 -23.52 -25.59 -11.03
C ILE E 107 -22.99 -25.56 -12.45
N ALA E 108 -22.97 -26.72 -13.10
CA ALA E 108 -22.48 -26.84 -14.46
C ALA E 108 -23.66 -26.72 -15.44
N GLN E 109 -23.47 -27.19 -16.67
CA GLN E 109 -24.54 -27.12 -17.66
C GLN E 109 -25.56 -28.23 -17.48
N ASP E 110 -25.14 -29.40 -17.02
CA ASP E 110 -26.07 -30.51 -16.83
C ASP E 110 -27.05 -30.25 -15.71
N HIS E 111 -26.68 -29.39 -14.74
CA HIS E 111 -27.60 -29.07 -13.65
C HIS E 111 -28.78 -28.23 -14.14
N LEU E 112 -28.55 -27.36 -15.14
CA LEU E 112 -29.63 -26.58 -15.70
C LEU E 112 -30.53 -27.39 -16.63
N ILE E 113 -30.04 -28.54 -17.13
CA ILE E 113 -30.85 -29.37 -18.01
C ILE E 113 -31.87 -30.17 -17.21
N LEU E 114 -31.48 -30.65 -16.02
CA LEU E 114 -32.39 -31.46 -15.21
C LEU E 114 -33.57 -30.65 -14.69
N ALA E 115 -33.47 -29.32 -14.65
CA ALA E 115 -34.55 -28.49 -14.18
C ALA E 115 -35.68 -28.34 -15.19
N LEU E 116 -35.47 -28.76 -16.44
CA LEU E 116 -36.52 -28.66 -17.44
C LEU E 116 -37.64 -29.67 -17.22
N ALA E 117 -37.36 -30.77 -16.51
CA ALA E 117 -38.38 -31.79 -16.25
C ALA E 117 -39.22 -31.48 -15.02
N ASP E 118 -38.92 -30.40 -14.30
CA ASP E 118 -39.67 -30.03 -13.10
C ASP E 118 -40.78 -29.02 -13.37
N LEU E 119 -40.65 -28.22 -14.42
CA LEU E 119 -41.67 -27.22 -14.72
C LEU E 119 -42.83 -27.88 -15.46
N PRO E 120 -44.08 -27.49 -15.14
CA PRO E 120 -45.22 -28.10 -15.83
C PRO E 120 -45.35 -27.66 -17.28
N SER E 121 -44.85 -26.48 -17.63
CA SER E 121 -44.92 -25.96 -18.99
C SER E 121 -43.71 -26.35 -19.84
N MET E 122 -42.76 -27.09 -19.26
CA MET E 122 -41.56 -27.50 -19.98
C MET E 122 -41.36 -29.01 -20.01
N ALA E 123 -42.05 -29.77 -19.17
CA ALA E 123 -41.90 -31.22 -19.14
C ALA E 123 -42.70 -31.92 -20.24
N GLN E 124 -43.59 -31.20 -20.92
CA GLN E 124 -44.39 -31.83 -21.98
C GLN E 124 -43.54 -32.16 -23.21
N VAL E 125 -42.51 -31.36 -23.47
CA VAL E 125 -41.64 -31.62 -24.62
C VAL E 125 -40.81 -32.88 -24.39
N LEU E 126 -40.38 -33.11 -23.15
CA LEU E 126 -39.57 -34.29 -22.86
C LEU E 126 -40.38 -35.57 -22.94
N LYS E 127 -41.69 -35.49 -22.70
CA LYS E 127 -42.54 -36.68 -22.76
C LYS E 127 -42.79 -37.11 -24.20
N GLU E 128 -43.06 -36.16 -25.10
CA GLU E 128 -43.33 -36.47 -26.49
C GLU E 128 -42.06 -36.82 -27.27
N GLY E 129 -40.88 -36.53 -26.72
CA GLY E 129 -39.64 -36.84 -27.40
C GLY E 129 -39.03 -38.16 -26.95
N GLY E 130 -39.48 -38.67 -25.81
CA GLY E 130 -38.97 -39.91 -25.30
C GLY E 130 -37.90 -39.74 -24.24
N VAL E 131 -38.09 -38.79 -23.34
CA VAL E 131 -37.14 -38.50 -22.26
C VAL E 131 -37.86 -38.78 -20.95
N THR E 132 -37.42 -39.81 -20.25
CA THR E 132 -38.01 -40.18 -18.96
C THR E 132 -37.27 -39.46 -17.83
N LYS E 133 -38.04 -38.94 -16.87
CA LYS E 133 -37.45 -38.24 -15.75
C LYS E 133 -36.58 -39.18 -14.90
N LYS E 134 -37.00 -40.44 -14.77
CA LYS E 134 -36.20 -41.39 -14.02
C LYS E 134 -34.97 -41.83 -14.80
N SER E 135 -35.03 -41.81 -16.12
CA SER E 135 -33.89 -42.18 -16.96
C SER E 135 -32.97 -41.01 -17.25
N LEU E 136 -33.46 -39.77 -17.12
CA LEU E 136 -32.60 -38.62 -17.38
C LEU E 136 -31.57 -38.43 -16.29
N GLU E 137 -31.88 -38.85 -15.06
CA GLU E 137 -30.92 -38.73 -13.97
C GLU E 137 -29.73 -39.67 -14.17
N ASN E 138 -29.95 -40.85 -14.75
CA ASN E 138 -28.87 -41.78 -15.00
C ASN E 138 -28.00 -41.37 -16.19
N ALA E 139 -28.48 -40.44 -17.02
CA ALA E 139 -27.70 -40.00 -18.17
C ALA E 139 -26.55 -39.10 -17.74
N VAL E 140 -26.81 -38.15 -16.84
CA VAL E 140 -25.75 -37.26 -16.36
C VAL E 140 -24.81 -37.94 -15.38
N THR E 141 -25.16 -39.11 -14.88
CA THR E 141 -24.27 -39.82 -13.95
C THR E 141 -23.09 -40.42 -14.70
N HIS E 142 -23.31 -40.89 -15.93
CA HIS E 142 -22.23 -41.48 -16.71
C HIS E 142 -21.17 -40.44 -17.10
N VAL E 143 -21.53 -39.17 -17.16
CA VAL E 143 -20.56 -38.14 -17.49
C VAL E 143 -19.54 -37.97 -16.38
N ARG E 144 -20.01 -37.88 -15.13
CA ARG E 144 -19.12 -37.75 -13.98
C ARG E 144 -18.56 -39.10 -13.58
N GLY E 145 -19.36 -39.90 -12.87
CA GLY E 145 -18.92 -41.22 -12.42
C GLY E 145 -18.87 -42.24 -13.54
N ALA E 157 -15.97 -37.06 -16.50
CA ALA E 157 -15.51 -36.72 -15.16
C ALA E 157 -16.32 -35.57 -14.58
N TYR E 158 -15.88 -35.07 -13.42
CA TYR E 158 -16.57 -33.97 -12.78
C TYR E 158 -16.28 -32.66 -13.50
N GLU E 159 -17.01 -31.62 -13.10
CA GLU E 159 -16.84 -30.30 -13.73
C GLU E 159 -15.54 -29.65 -13.27
N ALA E 160 -15.28 -29.67 -11.96
CA ALA E 160 -14.06 -29.04 -11.44
C ALA E 160 -12.82 -29.82 -11.83
N LEU E 161 -12.94 -31.13 -12.05
CA LEU E 161 -11.80 -31.96 -12.44
C LEU E 161 -11.48 -31.86 -13.93
N SER E 162 -12.39 -31.30 -14.73
CA SER E 162 -12.16 -31.15 -16.16
C SER E 162 -11.76 -29.74 -16.55
N LYS E 163 -11.76 -28.80 -15.61
CA LYS E 163 -11.39 -27.41 -15.89
C LYS E 163 -9.98 -27.13 -15.37
N TYR E 164 -9.77 -27.20 -14.05
CA TYR E 164 -8.46 -26.89 -13.48
C TYR E 164 -7.53 -28.09 -13.50
N CYS E 165 -8.05 -29.30 -13.32
CA CYS E 165 -7.25 -30.50 -13.30
C CYS E 165 -7.17 -31.11 -14.70
N ILE E 166 -6.08 -31.82 -14.97
CA ILE E 166 -5.84 -32.49 -16.24
C ILE E 166 -5.82 -33.98 -15.97
N ASP E 167 -6.81 -34.70 -16.49
CA ASP E 167 -6.91 -36.14 -16.29
C ASP E 167 -5.82 -36.85 -17.10
N LEU E 168 -4.85 -37.43 -16.41
CA LEU E 168 -3.76 -38.13 -17.08
C LEU E 168 -4.17 -39.53 -17.55
N THR E 169 -5.25 -40.08 -17.00
CA THR E 169 -5.70 -41.42 -17.40
C THR E 169 -6.15 -41.43 -18.86
N GLU E 170 -6.96 -40.43 -19.26
CA GLU E 170 -7.41 -40.36 -20.64
C GLU E 170 -6.29 -40.00 -21.60
N LEU E 171 -5.22 -39.37 -21.12
CA LEU E 171 -4.12 -39.01 -22.00
C LEU E 171 -3.29 -40.23 -22.37
N ALA E 172 -3.15 -41.20 -21.46
CA ALA E 172 -2.38 -42.40 -21.76
C ALA E 172 -3.20 -43.43 -22.54
N ALA E 173 -4.51 -43.42 -22.38
CA ALA E 173 -5.35 -44.38 -23.12
C ALA E 173 -5.53 -43.96 -24.57
N SER E 174 -5.44 -42.66 -24.87
CA SER E 174 -5.59 -42.16 -26.22
C SER E 174 -4.26 -42.00 -26.94
N GLY E 175 -3.16 -42.43 -26.33
CA GLY E 175 -1.86 -42.32 -26.97
C GLY E 175 -1.28 -40.92 -27.00
N LYS E 176 -1.72 -40.04 -26.10
CA LYS E 176 -1.23 -38.68 -26.03
C LYS E 176 -0.24 -38.47 -24.90
N LEU E 177 0.32 -39.55 -24.36
CA LEU E 177 1.29 -39.48 -23.27
C LEU E 177 2.55 -40.23 -23.66
N ASP E 178 3.70 -39.63 -23.38
CA ASP E 178 4.97 -40.25 -23.72
C ASP E 178 5.28 -41.37 -22.73
N PRO E 179 5.67 -42.55 -23.21
CA PRO E 179 5.99 -43.65 -22.29
C PRO E 179 7.29 -43.40 -21.55
N VAL E 180 7.47 -44.12 -20.45
CA VAL E 180 8.64 -44.01 -19.60
C VAL E 180 9.34 -45.36 -19.58
N ILE E 181 10.58 -45.39 -20.05
CA ILE E 181 11.39 -46.60 -20.09
C ILE E 181 12.65 -46.35 -19.26
N GLY E 182 12.85 -47.16 -18.23
CA GLY E 182 14.00 -47.05 -17.36
C GLY E 182 13.69 -46.68 -15.93
N ARG E 183 12.43 -46.48 -15.56
CA ARG E 183 12.04 -46.12 -14.20
C ARG E 183 11.17 -47.21 -13.58
N ASP E 184 11.50 -48.48 -13.87
CA ASP E 184 10.73 -49.59 -13.32
C ASP E 184 10.99 -49.80 -11.83
N GLU E 185 12.15 -49.39 -11.33
CA GLU E 185 12.47 -49.55 -9.92
C GLU E 185 11.86 -48.47 -9.04
N ILE E 186 11.28 -47.42 -9.63
CA ILE E 186 10.66 -46.34 -8.88
C ILE E 186 9.14 -46.45 -8.88
N ILE E 187 8.56 -46.80 -10.02
CA ILE E 187 7.10 -46.91 -10.11
C ILE E 187 6.61 -48.10 -9.29
N SER E 188 7.39 -49.18 -9.26
CA SER E 188 6.99 -50.37 -8.50
C SER E 188 6.98 -50.10 -7.00
N ARG E 189 7.79 -49.15 -6.54
CA ARG E 189 7.83 -48.81 -5.12
C ARG E 189 6.70 -47.90 -4.68
N VAL E 190 5.97 -47.31 -5.63
CA VAL E 190 4.85 -46.43 -5.28
C VAL E 190 3.69 -47.25 -4.76
N ILE E 191 3.49 -48.45 -5.30
CA ILE E 191 2.39 -49.31 -4.85
C ILE E 191 2.59 -49.74 -3.41
N ARG E 192 3.84 -49.99 -3.01
CA ARG E 192 4.14 -50.41 -1.64
C ARG E 192 3.91 -49.31 -0.63
N VAL E 193 3.89 -48.04 -1.06
CA VAL E 193 3.69 -46.92 -0.16
C VAL E 193 2.21 -46.63 0.05
N LEU E 194 1.43 -46.62 -1.03
CA LEU E 194 0.01 -46.32 -0.93
C LEU E 194 -0.79 -47.43 -0.26
N SER E 195 -0.25 -48.63 -0.16
CA SER E 195 -0.94 -49.76 0.46
C SER E 195 -0.61 -49.90 1.94
N ARG E 196 -0.56 -48.79 2.67
CA ARG E 196 -0.25 -48.81 4.09
C ARG E 196 -1.19 -47.87 4.83
N ARG E 197 -1.32 -48.10 6.14
CA ARG E 197 -2.16 -47.23 6.96
C ARG E 197 -1.51 -45.88 7.17
N THR E 198 -0.24 -45.86 7.53
CA THR E 198 0.53 -44.62 7.71
C THR E 198 1.63 -44.54 6.66
N LYS E 199 2.14 -43.32 6.47
CA LYS E 199 3.19 -43.04 5.50
C LYS E 199 2.79 -43.48 4.10
N ASN E 200 1.63 -42.99 3.65
CA ASN E 200 1.10 -43.37 2.35
C ASN E 200 1.09 -42.18 1.39
N ASN E 201 2.20 -41.43 1.36
CA ASN E 201 2.33 -40.28 0.47
C ASN E 201 3.71 -40.32 -0.17
N PRO E 202 3.81 -40.89 -1.37
CA PRO E 202 5.12 -40.94 -2.05
C PRO E 202 5.65 -39.57 -2.41
N CYS E 203 6.29 -38.90 -1.45
CA CYS E 203 6.85 -37.57 -1.67
C CYS E 203 8.14 -37.71 -2.49
N LEU E 204 8.07 -37.35 -3.77
CA LEU E 204 9.23 -37.46 -4.64
C LEU E 204 10.23 -36.35 -4.32
N VAL E 205 11.48 -36.74 -4.08
CA VAL E 205 12.54 -35.79 -3.78
C VAL E 205 13.66 -35.94 -4.80
N GLY E 206 14.75 -35.22 -4.60
CA GLY E 206 15.90 -35.27 -5.48
C GLY E 206 16.21 -33.90 -6.08
N GLU E 207 17.24 -33.91 -6.93
CA GLU E 207 17.65 -32.67 -7.59
C GLU E 207 16.62 -32.27 -8.64
N PRO E 208 16.18 -31.00 -8.67
CA PRO E 208 15.20 -30.59 -9.69
C PRO E 208 15.77 -30.64 -11.10
N GLY E 209 15.80 -31.83 -11.68
CA GLY E 209 16.34 -32.02 -13.01
C GLY E 209 16.55 -33.48 -13.36
N VAL E 210 16.17 -34.37 -12.45
CA VAL E 210 16.32 -35.81 -12.69
C VAL E 210 15.12 -36.41 -13.38
N GLY E 211 13.99 -35.73 -13.41
CA GLY E 211 12.80 -36.24 -14.07
C GLY E 211 11.74 -36.74 -13.11
N LYS E 212 11.14 -35.83 -12.34
CA LYS E 212 10.08 -36.20 -11.42
C LYS E 212 8.71 -36.22 -12.07
N THR E 213 8.54 -35.53 -13.19
CA THR E 213 7.25 -35.53 -13.88
C THR E 213 6.98 -36.87 -14.55
N ALA E 214 8.03 -37.51 -15.07
CA ALA E 214 7.86 -38.81 -15.73
C ALA E 214 7.48 -39.92 -14.76
N ILE E 215 7.69 -39.71 -13.46
CA ILE E 215 7.32 -40.72 -12.47
C ILE E 215 5.80 -40.85 -12.40
N ALA E 216 5.10 -39.73 -12.39
CA ALA E 216 3.64 -39.77 -12.38
C ALA E 216 3.07 -40.14 -13.74
N GLU E 217 3.79 -39.82 -14.82
CA GLU E 217 3.32 -40.17 -16.16
C GLU E 217 3.44 -41.67 -16.40
N GLY E 218 4.50 -42.30 -15.89
CA GLY E 218 4.66 -43.73 -16.06
C GLY E 218 3.68 -44.54 -15.23
N LEU E 219 3.19 -43.97 -14.13
CA LEU E 219 2.21 -44.67 -13.30
C LEU E 219 0.86 -44.77 -13.99
N ALA E 220 0.50 -43.78 -14.80
CA ALA E 220 -0.77 -43.82 -15.50
C ALA E 220 -0.79 -44.87 -16.61
N ASN E 221 0.38 -45.27 -17.11
CA ASN E 221 0.43 -46.31 -18.14
C ASN E 221 0.02 -47.66 -17.57
N ARG E 222 0.40 -47.94 -16.32
CA ARG E 222 0.00 -49.18 -15.67
C ARG E 222 -1.48 -49.20 -15.31
N ILE E 223 -2.11 -48.03 -15.17
CA ILE E 223 -3.53 -47.98 -14.87
C ILE E 223 -4.36 -48.35 -16.09
N VAL E 224 -3.96 -47.86 -17.26
CA VAL E 224 -4.70 -48.15 -18.48
C VAL E 224 -4.53 -49.60 -18.89
N LYS E 225 -3.30 -50.12 -18.81
CA LYS E 225 -3.01 -51.50 -19.17
C LYS E 225 -3.63 -52.46 -18.17
N GLY E 226 -2.96 -52.67 -17.03
CA GLY E 226 -3.47 -53.55 -16.01
C GLY E 226 -2.38 -54.26 -15.23
N ASP E 227 -1.42 -53.48 -14.72
CA ASP E 227 -0.31 -54.05 -13.94
C ASP E 227 -0.46 -53.81 -12.44
N ILE E 228 -1.14 -52.74 -12.04
CA ILE E 228 -1.35 -52.44 -10.62
C ILE E 228 -2.51 -53.30 -10.11
N PRO E 229 -2.58 -53.57 -8.80
CA PRO E 229 -3.70 -54.35 -8.28
C PRO E 229 -5.03 -53.63 -8.48
N SER E 230 -6.11 -54.41 -8.41
CA SER E 230 -7.45 -53.86 -8.60
C SER E 230 -7.87 -52.93 -7.46
N SER E 231 -7.24 -53.05 -6.29
CA SER E 231 -7.57 -52.21 -5.16
C SER E 231 -7.01 -50.80 -5.29
N LEU E 232 -6.15 -50.54 -6.27
CA LEU E 232 -5.56 -49.22 -6.47
C LEU E 232 -5.81 -48.68 -7.88
N GLN E 233 -6.67 -49.32 -8.66
CA GLN E 233 -7.01 -48.84 -10.01
C GLN E 233 -7.85 -47.58 -9.88
N LYS E 234 -7.16 -46.46 -9.73
CA LYS E 234 -7.77 -45.16 -9.52
C LYS E 234 -7.40 -44.22 -10.67
N LYS E 235 -8.01 -43.04 -10.67
CA LYS E 235 -7.76 -42.04 -11.69
C LYS E 235 -6.66 -41.07 -11.23
N VAL E 236 -6.07 -40.37 -12.20
CA VAL E 236 -5.00 -39.42 -11.95
C VAL E 236 -5.48 -38.05 -12.41
N TYR E 237 -5.44 -37.07 -11.50
CA TYR E 237 -5.85 -35.70 -11.79
C TYR E 237 -4.70 -34.78 -11.42
N SER E 238 -4.12 -34.12 -12.41
CA SER E 238 -3.00 -33.20 -12.20
C SER E 238 -3.56 -31.86 -11.72
N LEU E 239 -3.50 -31.64 -10.41
CA LEU E 239 -4.00 -30.40 -9.82
C LEU E 239 -3.06 -29.25 -10.18
N ASP E 240 -3.55 -28.32 -10.99
CA ASP E 240 -2.75 -27.17 -11.42
C ASP E 240 -2.84 -26.07 -10.38
N ILE E 241 -1.69 -25.57 -9.95
CA ILE E 241 -1.66 -24.52 -8.93
C ILE E 241 -2.00 -23.16 -9.56
N GLY E 242 -1.45 -22.87 -10.73
CA GLY E 242 -1.71 -21.60 -11.39
C GLY E 242 -3.13 -21.44 -11.89
N SER E 243 -3.83 -22.55 -12.14
CA SER E 243 -5.20 -22.47 -12.63
C SER E 243 -6.16 -22.01 -11.53
N LEU E 244 -5.89 -22.38 -10.28
CA LEU E 244 -6.74 -21.97 -9.17
C LEU E 244 -6.42 -20.57 -8.68
N LEU E 245 -5.28 -20.00 -9.07
CA LEU E 245 -4.93 -18.66 -8.62
C LEU E 245 -5.74 -17.58 -9.33
N ALA E 246 -6.25 -17.89 -10.53
CA ALA E 246 -7.03 -16.91 -11.28
C ALA E 246 -8.36 -16.65 -10.60
N GLY E 247 -8.97 -15.53 -10.95
CA GLY E 247 -10.25 -15.14 -10.39
C GLY E 247 -10.13 -13.84 -9.59
N ALA E 248 -11.18 -13.03 -9.66
CA ALA E 248 -11.21 -11.75 -8.96
C ALA E 248 -11.88 -11.90 -7.60
N GLY E 252 -11.29 -15.42 -0.83
CA GLY E 252 -12.68 -15.41 -1.26
C GLY E 252 -13.01 -16.49 -2.27
N GLU E 253 -12.67 -16.24 -3.53
CA GLU E 253 -12.94 -17.22 -4.58
C GLU E 253 -11.98 -18.40 -4.53
N PHE E 254 -10.75 -18.17 -4.06
CA PHE E 254 -9.78 -19.26 -3.98
C PHE E 254 -10.17 -20.28 -2.91
N GLU E 255 -10.87 -19.85 -1.87
CA GLU E 255 -11.30 -20.77 -0.82
C GLU E 255 -12.40 -21.71 -1.31
N GLU E 256 -13.25 -21.23 -2.22
CA GLU E 256 -14.33 -22.07 -2.74
C GLU E 256 -13.83 -23.05 -3.79
N ARG E 257 -12.75 -22.72 -4.50
CA ARG E 257 -12.21 -23.61 -5.51
C ARG E 257 -11.40 -24.75 -4.89
N LEU E 258 -10.78 -24.52 -3.74
CA LEU E 258 -9.98 -25.56 -3.09
C LEU E 258 -10.87 -26.62 -2.46
N LYS E 259 -11.99 -26.20 -1.85
CA LYS E 259 -12.90 -27.15 -1.23
C LYS E 259 -13.70 -27.96 -2.24
N ALA E 260 -13.81 -27.49 -3.48
CA ALA E 260 -14.56 -28.22 -4.50
C ALA E 260 -13.73 -29.35 -5.11
N VAL E 261 -12.42 -29.15 -5.26
CA VAL E 261 -11.57 -30.18 -5.85
C VAL E 261 -11.34 -31.32 -4.87
N LEU E 262 -11.08 -30.99 -3.60
CA LEU E 262 -10.80 -32.02 -2.61
C LEU E 262 -12.05 -32.85 -2.28
N LYS E 263 -13.24 -32.27 -2.43
CA LYS E 263 -14.46 -33.01 -2.15
C LYS E 263 -14.77 -34.01 -3.26
N GLU E 264 -14.44 -33.66 -4.51
CA GLU E 264 -14.70 -34.56 -5.62
C GLU E 264 -13.72 -35.72 -5.67
N LEU E 265 -12.55 -35.61 -5.02
CA LEU E 265 -11.57 -36.68 -5.03
C LEU E 265 -11.91 -37.77 -4.02
N LYS E 266 -12.44 -37.40 -2.85
CA LYS E 266 -12.80 -38.38 -1.84
C LYS E 266 -14.05 -39.17 -2.18
N GLU E 267 -14.85 -38.69 -3.12
CA GLU E 267 -16.08 -39.38 -3.52
C GLU E 267 -15.93 -40.19 -4.80
N ALA E 268 -14.89 -39.93 -5.59
CA ALA E 268 -14.66 -40.65 -6.84
C ALA E 268 -13.53 -41.67 -6.76
N GLN E 269 -12.81 -41.72 -5.64
CA GLN E 269 -11.68 -42.65 -5.45
C GLN E 269 -10.63 -42.47 -6.54
N ALA E 270 -9.77 -41.48 -6.38
CA ALA E 270 -8.73 -41.20 -7.36
C ALA E 270 -7.45 -40.80 -6.64
N ILE E 271 -6.36 -40.70 -7.40
CA ILE E 271 -5.05 -40.31 -6.89
C ILE E 271 -4.67 -38.98 -7.53
N VAL E 272 -4.48 -37.97 -6.70
CA VAL E 272 -4.13 -36.64 -7.16
C VAL E 272 -2.62 -36.48 -7.16
N PHE E 273 -2.10 -35.73 -8.12
CA PHE E 273 -0.67 -35.46 -8.24
C PHE E 273 -0.47 -33.96 -8.34
N ILE E 274 -0.05 -33.34 -7.23
CA ILE E 274 0.17 -31.90 -7.18
C ILE E 274 1.60 -31.61 -7.64
N ASP E 275 1.73 -30.94 -8.78
CA ASP E 275 3.04 -30.57 -9.29
C ASP E 275 3.63 -29.45 -8.45
N GLU E 276 4.91 -29.59 -8.10
CA GLU E 276 5.63 -28.64 -7.25
C GLU E 276 4.90 -28.43 -5.93
N ILE E 277 4.96 -29.48 -5.10
CA ILE E 277 4.27 -29.46 -3.81
C ILE E 277 4.95 -28.58 -2.78
N HIS E 278 6.20 -28.15 -3.04
CA HIS E 278 6.90 -27.30 -2.10
C HIS E 278 6.29 -25.91 -1.98
N THR E 279 5.52 -25.49 -2.99
CA THR E 279 4.87 -24.18 -2.96
C THR E 279 3.53 -24.20 -2.25
N VAL E 280 2.85 -25.35 -2.22
CA VAL E 280 1.56 -25.44 -1.57
C VAL E 280 1.67 -26.02 -0.15
N LEU E 281 2.65 -26.89 0.10
CA LEU E 281 2.87 -27.47 1.42
C LEU E 281 3.98 -26.72 2.15
N GLY E 282 3.76 -25.42 2.33
CA GLY E 282 4.72 -24.57 3.00
C GLY E 282 4.78 -23.16 2.44
N ALA E 283 5.97 -22.57 2.46
CA ALA E 283 6.15 -21.22 1.94
C ALA E 283 6.49 -21.25 0.46
N ALA E 289 4.30 -18.25 -0.24
CA ALA E 289 3.28 -18.39 -1.26
C ALA E 289 1.93 -18.74 -0.64
N ILE E 290 1.25 -19.71 -1.24
CA ILE E 290 -0.05 -20.15 -0.75
C ILE E 290 0.18 -21.01 0.49
N ASP E 291 -0.32 -20.54 1.63
CA ASP E 291 -0.18 -21.25 2.90
C ASP E 291 -1.32 -22.25 3.02
N ALA E 292 -1.12 -23.43 2.42
CA ALA E 292 -2.11 -24.50 2.45
C ALA E 292 -1.51 -25.79 3.00
N ALA E 293 -0.55 -25.68 3.91
CA ALA E 293 0.10 -26.83 4.50
C ALA E 293 -0.60 -27.34 5.76
N ASN E 294 -1.80 -26.83 6.05
CA ASN E 294 -2.55 -27.24 7.24
C ASN E 294 -3.93 -27.79 6.92
N LEU E 295 -4.59 -27.32 5.86
CA LEU E 295 -5.90 -27.83 5.51
C LEU E 295 -5.81 -29.25 4.93
N LEU E 296 -4.66 -29.60 4.36
CA LEU E 296 -4.44 -30.93 3.79
C LEU E 296 -3.68 -31.84 4.75
N LYS E 297 -3.87 -31.68 6.06
CA LYS E 297 -3.16 -32.47 7.06
C LYS E 297 -4.03 -33.55 7.68
N PRO E 298 -5.23 -33.25 8.19
CA PRO E 298 -6.03 -34.30 8.84
C PRO E 298 -6.60 -35.33 7.87
N MET E 299 -6.48 -35.13 6.56
CA MET E 299 -7.00 -36.07 5.58
C MET E 299 -5.95 -37.04 5.05
N LEU E 300 -4.67 -36.75 5.25
CA LEU E 300 -3.60 -37.63 4.80
C LEU E 300 -3.26 -38.72 5.81
N ALA E 301 -3.61 -38.53 7.08
CA ALA E 301 -3.34 -39.51 8.12
C ALA E 301 -4.51 -40.46 8.38
N ARG E 302 -5.70 -40.13 7.91
CA ARG E 302 -6.88 -40.96 8.10
C ARG E 302 -7.23 -41.78 6.87
N GLY E 303 -6.51 -41.62 5.77
CA GLY E 303 -6.79 -42.36 4.56
C GLY E 303 -7.82 -41.75 3.64
N GLU E 304 -8.03 -40.44 3.71
CA GLU E 304 -9.02 -39.77 2.87
C GLU E 304 -8.41 -39.27 1.56
N LEU E 305 -7.22 -38.69 1.61
CA LEU E 305 -6.54 -38.17 0.43
C LEU E 305 -5.30 -39.00 0.14
N ARG E 306 -5.09 -39.33 -1.13
CA ARG E 306 -3.94 -40.12 -1.58
C ARG E 306 -3.14 -39.25 -2.56
N CYS E 307 -2.43 -38.27 -2.02
CA CYS E 307 -1.64 -37.36 -2.83
C CYS E 307 -0.21 -37.86 -2.99
N ILE E 308 0.44 -37.40 -4.06
CA ILE E 308 1.82 -37.77 -4.37
C ILE E 308 2.64 -36.50 -4.44
N GLY E 309 3.63 -36.39 -3.55
CA GLY E 309 4.47 -35.21 -3.52
C GLY E 309 5.47 -35.17 -4.66
N ALA E 310 5.97 -33.97 -4.93
CA ALA E 310 6.95 -33.74 -5.99
C ALA E 310 7.76 -32.48 -5.65
N THR E 311 8.61 -32.60 -4.64
CA THR E 311 9.44 -31.50 -4.18
C THR E 311 10.91 -31.79 -4.51
N THR E 312 11.79 -30.90 -4.08
CA THR E 312 13.23 -31.05 -4.30
C THR E 312 13.89 -31.71 -3.09
N LEU E 313 15.21 -31.79 -3.14
CA LEU E 313 15.98 -32.40 -2.06
C LEU E 313 16.53 -31.36 -1.08
N THR E 314 16.94 -30.21 -1.60
CA THR E 314 17.49 -29.17 -0.72
C THR E 314 16.40 -28.51 0.12
N GLU E 315 15.16 -28.49 -0.38
CA GLU E 315 14.05 -27.89 0.34
C GLU E 315 13.26 -28.89 1.18
N TYR E 316 13.55 -30.19 1.05
CA TYR E 316 12.84 -31.20 1.81
C TYR E 316 13.24 -31.21 3.28
N ARG E 317 14.41 -30.68 3.63
CA ARG E 317 14.90 -30.69 4.99
C ARG E 317 14.35 -29.54 5.84
N GLN E 318 13.50 -28.68 5.27
CA GLN E 318 12.98 -27.53 6.00
C GLN E 318 11.46 -27.46 5.91
N TYR E 319 10.93 -27.55 4.70
CA TYR E 319 9.48 -27.43 4.51
C TYR E 319 8.75 -28.63 5.09
N VAL E 320 9.12 -29.84 4.66
CA VAL E 320 8.47 -31.04 5.16
C VAL E 320 8.93 -31.36 6.57
N GLU E 321 10.24 -31.37 6.81
CA GLU E 321 10.80 -31.67 8.12
C GLU E 321 10.60 -30.45 9.03
N LYS E 322 9.44 -30.40 9.65
CA LYS E 322 9.09 -29.31 10.56
C LYS E 322 8.57 -29.81 11.91
N ASP E 323 7.71 -30.82 11.92
CA ASP E 323 7.16 -31.38 13.14
C ASP E 323 7.36 -32.89 13.15
N PRO E 324 7.54 -33.48 14.33
CA PRO E 324 7.70 -34.94 14.39
C PRO E 324 6.48 -35.71 13.90
N ALA E 325 5.29 -35.13 14.02
CA ALA E 325 4.07 -35.79 13.56
C ALA E 325 3.73 -35.46 12.11
N PHE E 326 4.22 -34.34 11.59
CA PHE E 326 3.92 -33.96 10.21
C PHE E 326 4.74 -34.79 9.21
N GLU E 327 5.93 -35.25 9.61
CA GLU E 327 6.76 -36.04 8.72
C GLU E 327 6.16 -37.42 8.46
N ARG E 328 5.35 -37.95 9.37
CA ARG E 328 4.76 -39.26 9.19
C ARG E 328 3.75 -39.28 8.04
N ARG E 329 3.16 -38.13 7.70
CA ARG E 329 2.19 -38.10 6.62
C ARG E 329 2.84 -38.40 5.27
N PHE E 330 4.03 -37.87 5.04
CA PHE E 330 4.75 -38.07 3.79
C PHE E 330 5.73 -39.23 3.91
N GLN E 331 6.33 -39.58 2.77
CA GLN E 331 7.30 -40.68 2.70
C GLN E 331 8.41 -40.28 1.76
N LEU E 332 9.65 -40.46 2.20
CA LEU E 332 10.81 -40.12 1.37
C LEU E 332 11.00 -41.17 0.28
N VAL E 333 10.96 -40.72 -0.98
CA VAL E 333 11.13 -41.60 -2.14
C VAL E 333 12.32 -41.07 -2.92
N MET E 334 13.45 -41.77 -2.84
CA MET E 334 14.67 -41.35 -3.53
C MET E 334 14.56 -41.68 -5.02
N VAL E 335 14.92 -40.72 -5.86
CA VAL E 335 14.88 -40.87 -7.31
C VAL E 335 16.32 -40.90 -7.81
N GLU E 336 16.68 -41.96 -8.51
CA GLU E 336 18.04 -42.09 -9.03
C GLU E 336 18.23 -41.19 -10.25
N GLU E 337 19.49 -40.86 -10.51
CA GLU E 337 19.86 -40.00 -11.63
C GLU E 337 20.58 -40.82 -12.69
N PRO E 338 20.18 -40.71 -13.95
CA PRO E 338 20.86 -41.46 -15.01
C PRO E 338 22.30 -41.01 -15.19
N SER E 339 23.12 -41.91 -15.71
CA SER E 339 24.53 -41.63 -15.94
C SER E 339 24.85 -41.63 -17.43
N VAL E 340 25.59 -42.65 -17.88
CA VAL E 340 25.97 -42.80 -19.27
C VAL E 340 25.33 -44.04 -19.91
N THR E 341 25.41 -45.18 -19.23
CA THR E 341 24.83 -46.40 -19.77
C THR E 341 23.30 -46.35 -19.71
N ASP E 342 22.74 -45.92 -18.58
CA ASP E 342 21.29 -45.85 -18.45
C ASP E 342 20.69 -44.72 -19.27
N THR E 343 21.49 -43.73 -19.66
CA THR E 343 20.96 -42.63 -20.46
C THR E 343 20.62 -43.07 -21.88
N ILE E 344 21.42 -43.97 -22.45
CA ILE E 344 21.16 -44.44 -23.81
C ILE E 344 19.85 -45.22 -23.88
N SER E 345 19.56 -46.01 -22.84
CA SER E 345 18.32 -46.79 -22.83
C SER E 345 17.09 -45.90 -22.73
N ILE E 346 17.23 -44.71 -22.16
CA ILE E 346 16.09 -43.81 -22.05
C ILE E 346 15.80 -43.15 -23.39
N LEU E 347 16.84 -42.77 -24.13
CA LEU E 347 16.64 -42.13 -25.42
C LEU E 347 16.06 -43.09 -26.45
N ARG E 348 16.29 -44.40 -26.28
CA ARG E 348 15.76 -45.38 -27.22
C ARG E 348 14.27 -45.63 -27.04
N GLY E 349 13.71 -45.27 -25.88
CA GLY E 349 12.29 -45.46 -25.64
C GLY E 349 11.43 -44.49 -26.40
N LEU E 350 11.82 -43.22 -26.43
CA LEU E 350 11.10 -42.18 -27.14
C LEU E 350 11.60 -41.97 -28.56
N LYS E 351 12.34 -42.95 -29.11
CA LYS E 351 12.86 -42.80 -30.47
C LYS E 351 11.76 -42.94 -31.51
N GLU E 352 10.73 -43.76 -31.24
CA GLU E 352 9.65 -43.94 -32.20
C GLU E 352 8.78 -42.69 -32.29
N ARG E 353 8.59 -41.99 -31.17
CA ARG E 353 7.76 -40.79 -31.18
C ARG E 353 8.51 -39.57 -31.71
N TYR E 354 9.82 -39.52 -31.50
CA TYR E 354 10.60 -38.39 -32.00
C TYR E 354 10.75 -38.43 -33.52
N GLU E 355 10.73 -39.63 -34.10
CA GLU E 355 10.81 -39.76 -35.55
C GLU E 355 9.45 -39.64 -36.23
N THR E 356 8.37 -39.54 -35.46
CA THR E 356 7.02 -39.40 -35.99
C THR E 356 6.57 -37.95 -36.09
N HIS E 357 6.74 -37.19 -35.01
CA HIS E 357 6.34 -35.78 -35.03
C HIS E 357 7.24 -34.95 -35.94
N HIS E 358 8.50 -35.36 -36.08
CA HIS E 358 9.45 -34.64 -36.94
C HIS E 358 9.60 -35.27 -38.32
N GLY E 359 9.33 -36.56 -38.46
CA GLY E 359 9.45 -37.22 -39.75
C GLY E 359 10.88 -37.41 -40.23
N VAL E 360 11.83 -37.53 -39.31
CA VAL E 360 13.23 -37.71 -39.66
C VAL E 360 13.70 -39.09 -39.20
N ARG E 361 14.99 -39.38 -39.39
CA ARG E 361 15.57 -40.64 -38.99
C ARG E 361 16.76 -40.38 -38.07
N ILE E 362 16.85 -41.18 -37.01
CA ILE E 362 17.92 -41.07 -36.02
C ILE E 362 18.81 -42.30 -36.13
N ALA E 363 20.11 -42.07 -36.31
CA ALA E 363 21.06 -43.17 -36.42
C ALA E 363 21.47 -43.67 -35.04
N ASP E 364 22.20 -44.77 -35.02
CA ASP E 364 22.67 -45.36 -33.77
C ASP E 364 23.90 -44.65 -33.21
N ALA E 365 24.57 -43.83 -34.01
CA ALA E 365 25.76 -43.14 -33.53
C ALA E 365 25.42 -41.80 -32.90
N ALA E 366 24.26 -41.23 -33.21
CA ALA E 366 23.86 -39.95 -32.63
C ALA E 366 23.25 -40.11 -31.24
N ILE E 367 22.97 -41.35 -30.81
CA ILE E 367 22.40 -41.57 -29.49
C ILE E 367 23.49 -41.79 -28.46
N VAL E 368 24.51 -42.58 -28.80
CA VAL E 368 25.59 -42.85 -27.86
C VAL E 368 26.46 -41.62 -27.68
N ALA E 369 26.75 -40.90 -28.77
CA ALA E 369 27.58 -39.71 -28.68
C ALA E 369 26.87 -38.56 -27.97
N ALA E 370 25.55 -38.58 -27.90
CA ALA E 370 24.82 -37.51 -27.23
C ALA E 370 24.95 -37.61 -25.72
N ALA E 371 24.95 -38.83 -25.18
CA ALA E 371 25.07 -39.00 -23.73
C ALA E 371 26.50 -38.79 -23.27
N GLN E 372 27.47 -38.91 -24.17
CA GLN E 372 28.87 -38.72 -23.79
C GLN E 372 29.25 -37.25 -23.78
N LEU E 373 28.71 -36.47 -24.71
CA LEU E 373 29.02 -35.04 -24.76
C LEU E 373 28.22 -34.24 -23.74
N ALA E 374 27.09 -34.78 -23.29
CA ALA E 374 26.28 -34.05 -22.31
C ALA E 374 26.85 -34.18 -20.91
N ALA E 375 27.48 -35.31 -20.60
CA ALA E 375 28.06 -35.55 -19.28
C ALA E 375 29.50 -35.07 -19.18
N ARG E 376 30.00 -34.35 -20.18
CA ARG E 376 31.36 -33.83 -20.17
C ARG E 376 31.47 -32.34 -20.49
N TYR E 377 30.37 -31.69 -20.88
CA TYR E 377 30.42 -30.27 -21.19
C TYR E 377 29.28 -29.52 -20.52
N ILE E 378 28.05 -29.98 -20.74
CA ILE E 378 26.87 -29.35 -20.15
C ILE E 378 26.80 -29.74 -18.68
N THR E 379 27.04 -28.76 -17.81
CA THR E 379 27.03 -29.00 -16.36
C THR E 379 25.92 -28.24 -15.64
N GLN E 380 25.24 -27.31 -16.32
CA GLN E 380 24.17 -26.56 -15.66
C GLN E 380 22.92 -27.41 -15.49
N ARG E 381 22.62 -28.26 -16.47
CA ARG E 381 21.45 -29.13 -16.40
C ARG E 381 21.86 -30.50 -15.87
N PHE E 382 20.94 -31.46 -15.91
CA PHE E 382 21.20 -32.80 -15.41
C PHE E 382 20.52 -33.81 -16.33
N MET E 383 20.79 -35.09 -16.08
CA MET E 383 20.20 -36.16 -16.86
C MET E 383 18.77 -36.44 -16.38
N PRO E 384 17.86 -36.78 -17.30
CA PRO E 384 18.09 -36.84 -18.75
C PRO E 384 17.74 -35.54 -19.47
N ASP E 385 17.64 -34.45 -18.71
CA ASP E 385 17.23 -33.18 -19.32
C ASP E 385 18.30 -32.63 -20.27
N LYS E 386 19.56 -32.81 -19.93
CA LYS E 386 20.65 -32.32 -20.77
C LYS E 386 21.01 -33.28 -21.90
N ALA E 387 20.31 -34.40 -22.01
CA ALA E 387 20.56 -35.37 -23.09
C ALA E 387 19.44 -35.40 -24.13
N ILE E 388 18.19 -35.17 -23.72
CA ILE E 388 17.09 -35.16 -24.69
C ILE E 388 17.14 -33.91 -25.55
N ASP E 389 17.60 -32.79 -24.99
CA ASP E 389 17.67 -31.55 -25.76
C ASP E 389 18.67 -31.64 -26.90
N LEU E 390 19.70 -32.50 -26.76
CA LEU E 390 20.66 -32.67 -27.85
C LEU E 390 20.07 -33.46 -29.00
N ILE E 391 19.05 -34.27 -28.74
CA ILE E 391 18.41 -35.05 -29.79
C ILE E 391 17.24 -34.31 -30.40
N ASP E 392 16.43 -33.63 -29.56
CA ASP E 392 15.28 -32.91 -30.06
C ASP E 392 15.69 -31.71 -30.92
N GLU E 393 16.82 -31.09 -30.60
CA GLU E 393 17.30 -29.96 -31.40
C GLU E 393 17.86 -30.43 -32.74
N ALA E 394 18.51 -31.60 -32.77
CA ALA E 394 19.07 -32.11 -34.02
C ALA E 394 17.99 -32.56 -34.98
N CYS E 395 16.84 -33.01 -34.46
CA CYS E 395 15.75 -33.43 -35.33
C CYS E 395 15.09 -32.24 -36.02
N ALA E 396 15.04 -31.08 -35.36
CA ALA E 396 14.46 -29.90 -35.96
C ALA E 396 15.35 -29.26 -37.01
N ASN E 397 16.67 -29.49 -36.93
CA ASN E 397 17.58 -28.91 -37.93
C ASN E 397 17.43 -29.61 -39.28
N THR E 398 16.97 -30.87 -39.29
CA THR E 398 16.80 -31.58 -40.54
C THR E 398 15.55 -31.12 -41.28
N ARG E 399 14.46 -30.87 -40.55
CA ARG E 399 13.22 -30.43 -41.20
C ARG E 399 13.39 -29.06 -41.83
N VAL E 400 14.18 -28.18 -41.21
CA VAL E 400 14.40 -26.85 -41.78
C VAL E 400 15.25 -26.94 -43.04
N GLN E 401 16.26 -27.82 -43.03
CA GLN E 401 17.14 -27.94 -44.18
C GLN E 401 16.43 -28.61 -45.36
N LEU E 402 15.56 -29.58 -45.09
CA LEU E 402 14.86 -30.26 -46.18
C LEU E 402 13.83 -29.35 -46.82
N ASP E 403 13.12 -28.54 -46.04
CA ASP E 403 12.12 -27.64 -46.59
C ASP E 403 12.75 -26.41 -47.24
N SER E 404 13.99 -26.10 -46.91
CA SER E 404 14.66 -24.94 -47.50
C SER E 404 15.09 -25.25 -48.93
N GLN E 405 15.11 -24.21 -49.77
CA GLN E 405 15.51 -24.38 -51.16
C GLN E 405 17.04 -24.45 -51.25
N PRO E 406 17.59 -25.50 -51.84
CA PRO E 406 19.06 -25.59 -51.96
C PRO E 406 19.63 -24.48 -52.81
N GLU E 407 20.92 -24.21 -52.60
CA GLU E 407 21.59 -23.15 -53.34
C GLU E 407 21.76 -23.52 -54.82
N ALA E 408 21.96 -24.81 -55.10
CA ALA E 408 22.12 -25.25 -56.49
C ALA E 408 20.81 -25.19 -57.27
N ILE E 409 19.67 -25.08 -56.59
CA ILE E 409 18.38 -24.99 -57.24
C ILE E 409 17.83 -23.57 -57.23
N ASP E 410 18.00 -22.86 -56.11
CA ASP E 410 17.53 -21.49 -56.01
C ASP E 410 18.28 -20.54 -56.94
N LYS E 411 19.51 -20.87 -57.32
CA LYS E 411 20.26 -20.01 -58.23
C LYS E 411 19.63 -20.01 -59.62
N LEU E 412 19.11 -21.15 -60.06
CA LEU E 412 18.46 -21.20 -61.37
C LEU E 412 17.11 -20.49 -61.36
N GLU E 413 16.40 -20.54 -60.24
CA GLU E 413 15.12 -19.86 -60.15
C GLU E 413 15.28 -18.34 -60.05
N ARG E 414 16.42 -17.89 -59.52
CA ARG E 414 16.66 -16.45 -59.43
C ARG E 414 16.95 -15.86 -60.80
N ARG E 415 17.71 -16.57 -61.64
CA ARG E 415 18.03 -16.07 -62.97
C ARG E 415 16.86 -16.23 -63.92
N HIS E 416 16.00 -17.23 -63.71
CA HIS E 416 14.86 -17.43 -64.60
C HIS E 416 13.79 -16.37 -64.38
N LEU E 417 13.60 -15.92 -63.15
CA LEU E 417 12.59 -14.90 -62.88
C LEU E 417 13.01 -13.54 -63.44
N GLN E 418 14.32 -13.26 -63.47
CA GLN E 418 14.79 -12.00 -64.02
C GLN E 418 14.65 -11.95 -65.54
N LEU E 419 14.81 -13.08 -66.21
CA LEU E 419 14.67 -13.11 -67.66
C LEU E 419 13.21 -13.00 -68.08
N GLU E 420 12.28 -13.43 -67.23
CA GLU E 420 10.86 -13.30 -67.56
C GLU E 420 10.40 -11.85 -67.51
N VAL E 421 10.96 -11.06 -66.58
CA VAL E 421 10.60 -9.66 -66.51
C VAL E 421 11.17 -8.88 -67.70
N GLU E 422 12.37 -9.25 -68.13
CA GLU E 422 12.99 -8.57 -69.27
C GLU E 422 12.23 -8.84 -70.56
N ALA E 423 11.71 -10.07 -70.74
CA ALA E 423 10.95 -10.39 -71.94
C ALA E 423 9.55 -9.78 -71.93
N THR E 424 9.03 -9.42 -70.77
CA THR E 424 7.70 -8.83 -70.70
C THR E 424 7.71 -7.39 -71.18
N ALA E 425 8.74 -6.62 -70.82
CA ALA E 425 8.81 -5.23 -71.25
C ALA E 425 9.09 -5.10 -72.74
N LEU E 426 9.68 -6.13 -73.35
CA LEU E 426 9.95 -6.09 -74.79
C LEU E 426 8.69 -6.23 -75.63
N GLU E 427 7.62 -6.79 -75.07
CA GLU E 427 6.38 -6.94 -75.82
C GLU E 427 5.64 -5.61 -75.97
N LYS E 428 5.82 -4.69 -75.02
CA LYS E 428 5.16 -3.40 -75.07
C LYS E 428 5.96 -2.35 -75.84
N GLU E 429 7.29 -2.47 -75.86
CA GLU E 429 8.14 -1.51 -76.57
C GLU E 429 8.17 -1.88 -78.05
N LYS E 430 7.55 -1.04 -78.88
CA LYS E 430 7.50 -1.27 -80.33
C LYS E 430 8.67 -0.54 -80.98
N ASP E 431 9.86 -1.12 -80.82
CA ASP E 431 11.08 -0.57 -81.36
C ASP E 431 11.77 -1.63 -82.22
N ALA E 432 12.76 -1.18 -82.99
CA ALA E 432 13.49 -2.09 -83.87
C ALA E 432 14.50 -2.92 -83.07
N ALA E 433 15.14 -2.33 -82.07
CA ALA E 433 16.12 -3.05 -81.26
C ALA E 433 15.47 -3.97 -80.25
N SER E 434 14.18 -3.78 -79.94
CA SER E 434 13.51 -4.64 -78.98
C SER E 434 13.17 -6.00 -79.57
N LYS E 435 12.91 -6.06 -80.88
CA LYS E 435 12.58 -7.34 -81.52
C LYS E 435 13.81 -8.21 -81.70
N GLN E 436 14.98 -7.61 -81.90
CA GLN E 436 16.20 -8.40 -82.08
C GLN E 436 16.66 -8.99 -80.75
N ARG E 437 16.55 -8.23 -79.66
CA ARG E 437 16.95 -8.73 -78.35
C ARG E 437 15.99 -9.79 -77.81
N LEU E 438 14.72 -9.75 -78.23
CA LEU E 438 13.76 -10.74 -77.75
C LEU E 438 14.11 -12.14 -78.23
N GLN E 439 14.76 -12.26 -79.39
CA GLN E 439 15.15 -13.58 -79.88
C GLN E 439 16.24 -14.20 -79.01
N GLU E 440 17.04 -13.37 -78.32
CA GLU E 440 18.08 -13.87 -77.44
C GLU E 440 17.59 -14.11 -76.02
N VAL E 441 16.57 -13.37 -75.58
CA VAL E 441 16.03 -13.57 -74.24
C VAL E 441 15.19 -14.83 -74.18
N ARG E 442 14.34 -15.06 -75.19
CA ARG E 442 13.51 -16.25 -75.22
C ARG E 442 14.34 -17.52 -75.43
N ALA E 443 15.46 -17.40 -76.15
CA ALA E 443 16.33 -18.56 -76.35
C ALA E 443 17.09 -18.92 -75.09
N GLU E 444 17.42 -17.92 -74.26
CA GLU E 444 18.13 -18.20 -73.01
C GLU E 444 17.21 -18.85 -71.98
N MET E 445 15.92 -18.52 -72.00
CA MET E 445 14.98 -19.12 -71.06
C MET E 445 14.77 -20.60 -71.35
N ALA E 446 14.94 -21.02 -72.61
CA ALA E 446 14.79 -22.43 -72.93
C ALA E 446 15.93 -23.27 -72.36
N ARG E 447 17.14 -22.69 -72.27
CA ARG E 447 18.26 -23.42 -71.70
C ARG E 447 18.13 -23.54 -70.19
N ILE E 448 17.56 -22.54 -69.53
CA ILE E 448 17.37 -22.60 -68.08
C ILE E 448 16.31 -23.65 -67.73
N GLN E 449 15.21 -23.68 -68.48
CA GLN E 449 14.16 -24.66 -68.24
C GLN E 449 14.60 -26.07 -68.58
N GLU E 450 15.62 -26.23 -69.44
CA GLU E 450 16.12 -27.56 -69.77
C GLU E 450 16.84 -28.18 -68.58
N GLU E 451 17.39 -27.37 -67.68
CA GLU E 451 18.08 -27.85 -66.49
C GLU E 451 17.29 -27.67 -65.21
N LEU E 452 16.43 -26.65 -65.13
CA LEU E 452 15.68 -26.43 -63.91
C LEU E 452 14.61 -27.49 -63.70
N ARG E 453 13.95 -27.92 -64.77
CA ARG E 453 12.90 -28.92 -64.65
C ARG E 453 13.41 -30.27 -64.15
N PRO E 454 14.53 -30.83 -64.64
CA PRO E 454 15.03 -32.07 -64.04
C PRO E 454 15.49 -31.91 -62.60
N LEU E 455 15.73 -30.69 -62.13
CA LEU E 455 16.15 -30.43 -60.75
C LEU E 455 15.00 -30.02 -59.85
N LYS E 456 14.05 -29.22 -60.36
CA LYS E 456 12.92 -28.80 -59.54
C LYS E 456 11.92 -29.94 -59.34
N MET E 457 11.65 -30.71 -60.40
CA MET E 457 10.75 -31.84 -60.26
C MET E 457 11.34 -32.95 -59.41
N LYS E 458 12.66 -33.11 -59.44
CA LYS E 458 13.31 -34.12 -58.61
C LYS E 458 13.28 -33.72 -57.14
N TYR E 459 13.50 -32.43 -56.86
CA TYR E 459 13.43 -31.96 -55.47
C TYR E 459 12.00 -31.97 -54.95
N GLU E 460 11.02 -31.66 -55.80
CA GLU E 460 9.63 -31.70 -55.38
C GLU E 460 9.17 -33.13 -55.13
N SER E 461 9.64 -34.08 -55.93
CA SER E 461 9.28 -35.49 -55.71
C SER E 461 9.88 -36.01 -54.42
N GLU E 462 11.10 -35.58 -54.08
CA GLU E 462 11.71 -36.00 -52.83
C GLU E 462 11.05 -35.32 -51.64
N LYS E 463 10.62 -34.07 -51.81
CA LYS E 463 9.96 -33.36 -50.72
C LYS E 463 8.55 -33.88 -50.50
N GLY E 464 7.84 -34.21 -51.59
CA GLY E 464 6.49 -34.74 -51.44
C GLY E 464 6.46 -36.16 -50.92
N ARG E 465 7.47 -36.97 -51.26
CA ARG E 465 7.51 -38.34 -50.77
C ARG E 465 7.91 -38.37 -49.29
N LEU E 466 8.85 -37.52 -48.88
CA LEU E 466 9.26 -37.49 -47.49
C LEU E 466 8.18 -36.90 -46.60
N ASP E 467 7.42 -35.92 -47.11
CA ASP E 467 6.32 -35.35 -46.32
C ASP E 467 5.15 -36.32 -46.21
N GLU E 468 4.97 -37.19 -47.20
CA GLU E 468 3.89 -38.18 -47.14
C GLU E 468 4.17 -39.23 -46.08
N ILE E 469 5.44 -39.59 -45.88
CA ILE E 469 5.79 -40.55 -44.84
C ILE E 469 5.48 -39.98 -43.46
N ARG E 470 5.70 -38.68 -43.29
CA ARG E 470 5.39 -38.04 -42.01
C ARG E 470 3.89 -38.09 -41.73
N ASN E 471 3.06 -37.89 -42.76
CA ASN E 471 1.62 -37.96 -42.57
C ASN E 471 1.16 -39.39 -42.30
N LEU E 472 1.87 -40.38 -42.82
CA LEU E 472 1.50 -41.77 -42.57
C LEU E 472 1.88 -42.20 -41.16
N SER E 473 3.03 -41.73 -40.66
CA SER E 473 3.46 -42.12 -39.32
C SER E 473 2.61 -41.47 -38.23
N GLN E 474 2.12 -40.25 -38.49
CA GLN E 474 1.30 -39.57 -37.48
C GLN E 474 -0.09 -40.18 -37.37
N ARG E 475 -0.55 -40.90 -38.40
CA ARG E 475 -1.86 -41.52 -38.36
C ARG E 475 -1.82 -42.97 -37.90
N LEU E 476 -0.68 -43.65 -38.04
CA LEU E 476 -0.58 -45.03 -37.57
C LEU E 476 -0.56 -45.08 -36.05
N ASP E 477 0.03 -44.06 -35.41
CA ASP E 477 0.06 -44.04 -33.96
C ASP E 477 -1.30 -43.66 -33.37
N GLU E 478 -2.12 -42.95 -34.14
CA GLU E 478 -3.45 -42.58 -33.66
C GLU E 478 -4.46 -43.72 -33.81
N LEU E 479 -4.35 -44.50 -34.89
CA LEU E 479 -5.27 -45.62 -35.08
C LEU E 479 -4.99 -46.75 -34.10
N LYS E 480 -3.72 -46.98 -33.76
CA LYS E 480 -3.40 -48.04 -32.81
C LYS E 480 -3.78 -47.64 -31.39
N ALA E 481 -3.83 -46.34 -31.10
CA ALA E 481 -4.21 -45.89 -29.77
C ALA E 481 -5.72 -45.86 -29.59
N LYS E 482 -6.46 -45.50 -30.64
CA LYS E 482 -7.91 -45.47 -30.55
C LYS E 482 -8.51 -46.86 -30.58
N ALA E 483 -7.81 -47.82 -31.20
CA ALA E 483 -8.32 -49.19 -31.27
C ALA E 483 -8.20 -49.88 -29.92
N GLU E 484 -7.16 -49.57 -29.14
CA GLU E 484 -7.00 -50.19 -27.83
C GLU E 484 -8.02 -49.65 -26.84
N ASP E 485 -8.49 -48.41 -27.04
CA ASP E 485 -9.47 -47.83 -26.12
C ASP E 485 -10.84 -48.48 -26.32
N ALA E 486 -11.19 -48.84 -27.56
CA ALA E 486 -12.47 -49.47 -27.81
C ALA E 486 -12.52 -50.89 -27.28
N GLU E 487 -11.35 -51.55 -27.17
CA GLU E 487 -11.33 -52.91 -26.65
C GLU E 487 -11.55 -52.93 -25.14
N ARG E 488 -11.01 -51.93 -24.43
CA ARG E 488 -11.17 -51.88 -22.98
C ARG E 488 -12.57 -51.39 -22.58
N ARG E 489 -13.22 -50.60 -23.44
CA ARG E 489 -14.56 -50.09 -23.16
C ARG E 489 -15.66 -51.03 -23.66
N TYR E 490 -15.32 -52.26 -24.02
CA TYR E 490 -16.27 -53.25 -24.51
C TYR E 490 -17.02 -52.73 -25.74
N ASP E 491 -16.27 -52.54 -26.82
CA ASP E 491 -16.82 -52.04 -28.09
C ASP E 491 -16.16 -52.84 -29.21
N LEU E 492 -16.86 -53.84 -29.72
CA LEU E 492 -16.35 -54.67 -30.80
C LEU E 492 -16.61 -54.09 -32.18
N ALA E 493 -17.49 -53.09 -32.30
CA ALA E 493 -17.81 -52.48 -33.57
C ALA E 493 -16.84 -51.35 -33.94
N ARG E 494 -15.85 -51.07 -33.10
CA ARG E 494 -14.88 -50.02 -33.35
C ARG E 494 -13.45 -50.53 -33.39
N ALA E 495 -13.07 -51.42 -32.47
CA ALA E 495 -11.70 -51.94 -32.46
C ALA E 495 -11.45 -52.88 -33.63
N ALA E 496 -12.45 -53.67 -34.01
CA ALA E 496 -12.29 -54.59 -35.13
C ALA E 496 -12.33 -53.89 -36.48
N ASP E 497 -12.90 -52.69 -36.56
CA ASP E 497 -12.98 -51.94 -37.81
C ASP E 497 -11.74 -51.08 -38.05
N ILE E 498 -10.76 -51.12 -37.15
CA ILE E 498 -9.54 -50.32 -37.27
C ILE E 498 -8.31 -51.22 -37.38
N ARG E 499 -8.21 -52.23 -36.53
CA ARG E 499 -7.02 -53.08 -36.52
C ARG E 499 -6.93 -53.94 -37.78
N TYR E 500 -8.07 -54.35 -38.34
CA TYR E 500 -8.07 -55.20 -39.52
C TYR E 500 -8.70 -54.51 -40.73
N TYR E 501 -8.78 -53.18 -40.72
CA TYR E 501 -9.33 -52.44 -41.85
C TYR E 501 -8.57 -51.13 -42.04
N ALA E 502 -8.47 -50.33 -40.99
CA ALA E 502 -7.78 -49.04 -41.10
C ALA E 502 -6.26 -49.22 -41.10
N ILE E 503 -5.75 -50.10 -40.24
CA ILE E 503 -4.30 -50.34 -40.15
C ILE E 503 -3.77 -51.03 -41.41
N PRO E 504 -4.40 -52.10 -41.92
CA PRO E 504 -3.86 -52.72 -43.14
C PRO E 504 -3.90 -51.80 -44.36
N ASP E 505 -4.92 -50.95 -44.47
CA ASP E 505 -5.00 -50.05 -45.61
C ASP E 505 -3.97 -48.93 -45.55
N LEU E 506 -3.53 -48.54 -44.36
CA LEU E 506 -2.53 -47.49 -44.21
C LEU E 506 -1.10 -48.01 -44.27
N GLU E 507 -0.86 -49.25 -43.85
CA GLU E 507 0.48 -49.82 -43.89
C GLU E 507 0.91 -50.20 -45.31
N LYS E 508 -0.04 -50.54 -46.18
CA LYS E 508 0.31 -50.89 -47.55
C LYS E 508 0.76 -49.66 -48.34
N ARG E 509 0.27 -48.48 -47.97
CA ARG E 509 0.69 -47.27 -48.66
C ARG E 509 2.13 -46.89 -48.31
N LEU E 510 2.54 -47.16 -47.06
CA LEU E 510 3.91 -46.87 -46.66
C LEU E 510 4.90 -47.84 -47.30
N ALA E 511 4.48 -49.08 -47.55
CA ALA E 511 5.36 -50.05 -48.16
C ALA E 511 5.68 -49.68 -49.61
N GLN E 512 4.77 -48.98 -50.29
CA GLN E 512 5.03 -48.56 -51.66
C GLN E 512 6.06 -47.43 -51.71
N LEU E 513 6.14 -46.62 -50.66
CA LEU E 513 7.10 -45.54 -50.62
C LEU E 513 8.48 -45.99 -50.14
N GLN E 514 8.54 -47.11 -49.41
CA GLN E 514 9.83 -47.59 -48.94
C GLN E 514 10.68 -48.15 -50.09
N ALA E 515 10.03 -48.80 -51.06
CA ALA E 515 10.76 -49.34 -52.20
C ALA E 515 11.25 -48.23 -53.12
N GLU E 516 10.56 -47.09 -53.17
CA GLU E 516 10.99 -45.99 -54.02
C GLU E 516 12.21 -45.28 -53.43
N LYS E 517 12.40 -45.35 -52.11
CA LYS E 517 13.56 -44.71 -51.50
C LYS E 517 14.83 -45.53 -51.74
N SER E 518 14.72 -46.85 -51.74
CA SER E 518 15.88 -47.69 -51.98
C SER E 518 16.33 -47.64 -53.43
N GLN E 519 15.39 -47.53 -54.37
CA GLN E 519 15.74 -47.45 -55.78
C GLN E 519 16.33 -46.10 -56.15
N ALA E 520 15.92 -45.03 -55.45
CA ALA E 520 16.46 -43.71 -55.75
C ALA E 520 17.88 -43.55 -55.24
N ASP E 521 18.25 -44.24 -54.16
CA ASP E 521 19.59 -44.14 -53.61
C ASP E 521 20.61 -44.93 -54.41
N ALA E 522 20.16 -45.91 -55.22
CA ALA E 522 21.11 -46.68 -56.03
C ALA E 522 21.62 -45.88 -57.22
N GLU E 523 20.77 -45.03 -57.80
CA GLU E 523 21.21 -44.22 -58.94
C GLU E 523 22.14 -43.10 -58.49
N ARG E 524 21.89 -42.54 -57.30
CA ARG E 524 22.74 -41.46 -56.80
C ARG E 524 24.04 -41.99 -56.23
N ALA E 525 24.06 -43.23 -55.73
CA ALA E 525 25.25 -43.89 -55.21
C ALA E 525 25.89 -43.12 -54.06
N ASP E 526 25.08 -42.39 -53.29
CA ASP E 526 25.58 -41.67 -52.12
C ASP E 526 24.43 -41.35 -51.16
N GLY E 527 23.22 -41.25 -51.68
CA GLY E 527 22.07 -40.95 -50.86
C GLY E 527 22.03 -39.50 -50.42
N LEU E 528 21.14 -39.23 -49.48
CA LEU E 528 20.94 -37.90 -48.92
C LEU E 528 21.50 -37.89 -47.50
N LEU E 529 22.58 -37.15 -47.29
CA LEU E 529 23.20 -37.04 -45.98
C LEU E 529 22.54 -36.02 -45.08
N ALA E 530 21.53 -35.30 -45.57
CA ALA E 530 20.83 -34.29 -44.80
C ALA E 530 19.45 -34.78 -44.37
N GLU E 531 19.34 -36.07 -44.08
CA GLU E 531 18.07 -36.66 -43.64
C GLU E 531 18.22 -37.51 -42.38
N VAL E 532 19.32 -38.24 -42.25
CA VAL E 532 19.55 -39.10 -41.09
C VAL E 532 20.34 -38.31 -40.05
N VAL E 533 19.81 -38.25 -38.83
CA VAL E 533 20.47 -37.53 -37.75
C VAL E 533 21.67 -38.34 -37.28
N GLY E 534 22.86 -37.79 -37.45
CA GLY E 534 24.08 -38.45 -37.05
C GLY E 534 24.93 -37.58 -36.15
N PRO E 535 26.22 -37.92 -36.04
CA PRO E 535 27.12 -37.13 -35.19
C PRO E 535 27.33 -35.71 -35.68
N ASP E 536 27.05 -35.42 -36.94
CA ASP E 536 27.24 -34.07 -37.46
C ASP E 536 26.23 -33.09 -36.87
N GLN E 537 24.99 -33.55 -36.68
CA GLN E 537 23.95 -32.70 -36.12
C GLN E 537 24.03 -32.58 -34.60
N ILE E 538 24.82 -33.44 -33.95
CA ILE E 538 24.95 -33.38 -32.50
C ILE E 538 26.05 -32.39 -32.08
N MET E 539 27.16 -32.37 -32.80
CA MET E 539 28.25 -31.46 -32.46
C MET E 539 27.90 -30.01 -32.73
N GLU E 540 26.93 -29.74 -33.61
CA GLU E 540 26.55 -28.36 -33.88
C GLU E 540 25.75 -27.75 -32.73
N VAL E 541 24.97 -28.57 -32.02
CA VAL E 541 24.18 -28.05 -30.92
C VAL E 541 25.08 -27.66 -29.75
N VAL E 542 26.11 -28.48 -29.47
CA VAL E 542 27.01 -28.18 -28.37
C VAL E 542 27.87 -26.97 -28.69
N SER E 543 28.24 -26.80 -29.96
CA SER E 543 29.09 -25.68 -30.35
C SER E 543 28.38 -24.33 -30.22
N ARG E 544 27.05 -24.33 -30.21
CA ARG E 544 26.29 -23.09 -30.09
C ARG E 544 26.01 -22.70 -28.66
N TRP E 545 25.96 -23.67 -27.74
CA TRP E 545 25.66 -23.39 -26.35
C TRP E 545 26.90 -23.15 -25.50
N THR E 546 28.06 -23.64 -25.93
CA THR E 546 29.30 -23.48 -25.18
C THR E 546 30.36 -22.66 -25.90
N GLY E 547 30.20 -22.40 -27.20
CA GLY E 547 31.18 -21.65 -27.95
C GLY E 547 32.41 -22.43 -28.37
N ILE E 548 32.48 -23.71 -28.07
CA ILE E 548 33.64 -24.52 -28.46
C ILE E 548 33.56 -24.80 -29.97
N PRO E 549 34.65 -24.62 -30.71
CA PRO E 549 34.60 -24.87 -32.16
C PRO E 549 34.28 -26.33 -32.48
N VAL E 550 33.85 -26.55 -33.72
CA VAL E 550 33.48 -27.89 -34.15
C VAL E 550 34.70 -28.79 -34.25
N SER E 551 35.87 -28.22 -34.55
CA SER E 551 37.08 -29.02 -34.68
C SER E 551 37.49 -29.69 -33.37
N ASN E 552 37.04 -29.16 -32.23
CA ASN E 552 37.36 -29.74 -30.94
C ASN E 552 36.36 -30.81 -30.50
N LEU E 553 35.16 -30.83 -31.08
CA LEU E 553 34.17 -31.84 -30.70
C LEU E 553 34.46 -33.19 -31.35
N GLN E 554 34.94 -33.19 -32.60
CA GLN E 554 35.23 -34.42 -33.30
C GLN E 554 36.50 -35.11 -32.79
N ARG E 555 37.32 -34.40 -32.02
CA ARG E 555 38.55 -34.99 -31.48
C ARG E 555 38.20 -35.97 -30.36
N SER E 556 38.47 -37.25 -30.59
CA SER E 556 38.13 -38.28 -29.62
C SER E 556 39.12 -38.25 -28.44
N GLU E 557 38.81 -39.07 -27.44
CA GLU E 557 39.66 -39.14 -26.25
C GLU E 557 40.92 -39.95 -26.50
N LYS E 558 40.83 -41.01 -27.31
CA LYS E 558 42.00 -41.85 -27.55
C LYS E 558 43.05 -41.14 -28.40
N GLU E 559 42.63 -40.21 -29.25
CA GLU E 559 43.57 -39.48 -30.09
C GLU E 559 44.28 -38.36 -29.36
N LYS E 560 43.85 -38.01 -28.15
CA LYS E 560 44.48 -36.94 -27.38
C LYS E 560 45.63 -37.46 -26.52
N LEU E 561 45.45 -38.61 -25.88
CA LEU E 561 46.50 -39.16 -25.02
C LEU E 561 47.74 -39.56 -25.79
N LEU E 562 47.60 -39.86 -27.09
CA LEU E 562 48.76 -40.23 -27.89
C LEU E 562 49.66 -39.04 -28.21
N HIS E 563 49.16 -37.82 -28.09
CA HIS E 563 49.93 -36.61 -28.36
C HIS E 563 49.91 -35.67 -27.16
N MET E 564 49.87 -36.22 -25.95
CA MET E 564 49.85 -35.39 -24.76
C MET E 564 51.19 -34.74 -24.49
N GLU E 565 52.29 -35.43 -24.83
CA GLU E 565 53.62 -34.86 -24.60
C GLU E 565 53.91 -33.67 -25.50
N GLU E 566 53.24 -33.57 -26.65
CA GLU E 566 53.46 -32.46 -27.56
C GLU E 566 52.75 -31.19 -27.11
N TYR E 567 51.59 -31.33 -26.44
CA TYR E 567 50.84 -30.17 -25.98
C TYR E 567 51.42 -29.57 -24.72
N MET E 568 52.13 -30.36 -23.90
CA MET E 568 52.72 -29.85 -22.67
C MET E 568 54.03 -29.11 -22.89
N LYS E 569 54.61 -29.20 -24.09
CA LYS E 569 55.86 -28.52 -24.39
C LYS E 569 55.65 -27.18 -25.08
N GLN E 570 54.41 -26.67 -25.09
CA GLN E 570 54.14 -25.39 -25.73
C GLN E 570 54.58 -24.22 -24.86
N HIS E 571 54.47 -24.36 -23.54
CA HIS E 571 54.85 -23.31 -22.61
C HIS E 571 55.71 -23.78 -21.44
N VAL E 572 55.72 -25.08 -21.13
CA VAL E 572 56.51 -25.61 -20.03
C VAL E 572 57.55 -26.56 -20.63
N VAL E 573 58.80 -26.10 -20.68
CA VAL E 573 59.90 -26.90 -21.23
C VAL E 573 60.98 -27.04 -20.17
N GLY E 574 62.03 -27.80 -20.50
CA GLY E 574 63.12 -28.04 -19.59
C GLY E 574 62.92 -29.16 -18.61
N GLN E 575 61.69 -29.64 -18.43
CA GLN E 575 61.39 -30.74 -17.51
C GLN E 575 61.09 -32.00 -18.32
N ASP E 576 62.15 -32.58 -18.90
CA ASP E 576 61.99 -33.78 -19.68
C ASP E 576 61.68 -34.99 -18.81
N GLU E 577 62.09 -34.96 -17.55
CA GLU E 577 61.83 -36.06 -16.62
C GLU E 577 60.52 -35.89 -15.85
N ALA E 578 59.79 -34.81 -16.09
CA ALA E 578 58.53 -34.56 -15.40
C ALA E 578 57.30 -34.67 -16.30
N ILE E 579 57.46 -34.45 -17.61
CA ILE E 579 56.32 -34.55 -18.52
C ILE E 579 55.91 -36.01 -18.70
N LYS E 580 56.90 -36.91 -18.77
CA LYS E 580 56.59 -38.33 -18.92
C LYS E 580 55.90 -38.89 -17.68
N ALA E 581 56.17 -38.33 -16.51
CA ALA E 581 55.54 -38.80 -15.28
C ALA E 581 54.09 -38.35 -15.18
N ILE E 582 53.73 -37.24 -15.82
CA ILE E 582 52.35 -36.77 -15.79
C ILE E 582 51.48 -37.64 -16.67
N CYS E 583 51.98 -38.03 -17.85
CA CYS E 583 51.19 -38.84 -18.76
C CYS E 583 50.95 -40.25 -18.25
N ASP E 584 51.71 -40.69 -17.24
CA ASP E 584 51.53 -42.04 -16.72
C ASP E 584 50.28 -42.15 -15.84
N ALA E 585 50.08 -41.18 -14.95
CA ALA E 585 48.94 -41.22 -14.05
C ALA E 585 47.62 -40.89 -14.74
N ILE E 586 47.68 -40.28 -15.92
CA ILE E 586 46.45 -39.94 -16.63
C ILE E 586 45.93 -41.12 -17.43
N ARG E 587 46.83 -41.91 -18.03
CA ARG E 587 46.41 -43.04 -18.84
C ARG E 587 45.81 -44.16 -17.99
N LEU E 588 46.13 -44.20 -16.70
CA LEU E 588 45.56 -45.22 -15.83
C LEU E 588 44.09 -44.96 -15.55
N SER E 589 43.68 -43.70 -15.47
CA SER E 589 42.30 -43.35 -15.18
C SER E 589 41.41 -43.38 -16.41
N ARG E 590 41.93 -43.76 -17.57
CA ARG E 590 41.15 -43.82 -18.81
C ARG E 590 41.07 -45.21 -19.41
N THR E 591 42.10 -46.04 -19.25
CA THR E 591 42.09 -47.39 -19.80
C THR E 591 41.35 -48.39 -18.92
N GLY E 592 40.88 -47.96 -17.74
CA GLY E 592 40.17 -48.84 -16.84
C GLY E 592 41.03 -49.72 -15.96
N LEU E 593 42.36 -49.58 -16.05
CA LEU E 593 43.22 -50.42 -15.21
C LEU E 593 43.21 -49.95 -13.76
N GLN E 594 43.16 -48.64 -13.55
CA GLN E 594 43.12 -48.10 -12.19
C GLN E 594 41.74 -48.31 -11.58
N ASN E 595 41.71 -48.47 -10.25
CA ASN E 595 40.46 -48.67 -9.55
C ASN E 595 39.55 -47.46 -9.70
N ARG E 596 38.24 -47.72 -9.82
CA ARG E 596 37.28 -46.63 -10.01
C ARG E 596 37.04 -45.85 -8.73
N ASN E 597 37.45 -46.37 -7.57
CA ASN E 597 37.26 -45.65 -6.32
C ASN E 597 38.21 -44.47 -6.19
N ARG E 598 39.32 -44.46 -6.95
CA ARG E 598 40.27 -43.37 -6.90
C ARG E 598 39.94 -42.33 -7.96
N PRO E 599 40.29 -41.06 -7.73
CA PRO E 599 40.03 -40.02 -8.72
C PRO E 599 40.91 -40.13 -9.95
N LEU E 600 41.13 -38.99 -10.63
CA LEU E 600 41.95 -38.97 -11.83
C LEU E 600 43.40 -39.26 -11.52
N ALA E 601 44.09 -38.29 -10.93
CA ALA E 601 45.51 -38.45 -10.59
C ALA E 601 45.83 -37.62 -9.36
N SER E 602 46.87 -38.04 -8.64
CA SER E 602 47.33 -37.36 -7.44
C SER E 602 48.81 -37.05 -7.60
N PHE E 603 49.15 -35.76 -7.61
CA PHE E 603 50.52 -35.32 -7.79
C PHE E 603 51.03 -34.62 -6.53
N LEU E 604 52.35 -34.53 -6.42
CA LEU E 604 53.00 -33.88 -5.27
C LEU E 604 54.27 -33.22 -5.80
N PHE E 605 54.13 -31.99 -6.29
CA PHE E 605 55.25 -31.26 -6.85
C PHE E 605 56.17 -30.77 -5.74
N LEU E 606 57.47 -30.98 -5.94
CA LEU E 606 58.48 -30.53 -4.98
C LEU E 606 59.60 -29.78 -5.67
N GLY E 607 60.81 -29.86 -5.12
CA GLY E 607 61.95 -29.20 -5.71
C GLY E 607 62.02 -27.73 -5.33
N PRO E 608 63.10 -27.06 -5.74
CA PRO E 608 63.26 -25.64 -5.42
C PRO E 608 62.23 -24.79 -6.15
N THR E 609 62.23 -23.50 -5.82
CA THR E 609 61.31 -22.56 -6.43
C THR E 609 61.79 -22.17 -7.83
N GLY E 610 60.85 -21.67 -8.63
CA GLY E 610 61.18 -21.25 -9.98
C GLY E 610 61.41 -22.38 -10.96
N CYS E 611 60.88 -23.56 -10.68
CA CYS E 611 61.05 -24.71 -11.56
C CYS E 611 59.85 -24.96 -12.46
N GLY E 612 58.71 -24.33 -12.18
CA GLY E 612 57.52 -24.52 -12.99
C GLY E 612 56.45 -25.33 -12.30
N LYS E 613 55.96 -24.84 -11.17
CA LYS E 613 54.91 -25.51 -10.41
C LYS E 613 53.53 -24.91 -10.63
N THR E 614 53.43 -23.58 -10.74
CA THR E 614 52.14 -22.95 -10.97
C THR E 614 51.73 -23.02 -12.43
N LEU E 615 52.68 -22.77 -13.34
CA LEU E 615 52.36 -22.81 -14.77
C LEU E 615 52.02 -24.22 -15.23
N CYS E 616 52.58 -25.24 -14.58
CA CYS E 616 52.28 -26.62 -14.96
C CYS E 616 50.84 -26.98 -14.65
N VAL E 617 50.25 -26.38 -13.61
CA VAL E 617 48.86 -26.66 -13.28
C VAL E 617 47.93 -26.05 -14.32
N LYS E 618 48.28 -24.86 -14.84
CA LYS E 618 47.45 -24.21 -15.84
C LYS E 618 47.45 -24.99 -17.15
N GLU E 619 48.52 -25.72 -17.45
CA GLU E 619 48.59 -26.50 -18.67
C GLU E 619 47.81 -27.80 -18.59
N LEU E 620 47.50 -28.28 -17.38
CA LEU E 620 46.73 -29.51 -17.25
C LEU E 620 45.26 -29.32 -17.59
N ALA E 621 44.71 -28.14 -17.30
CA ALA E 621 43.30 -27.88 -17.58
C ALA E 621 43.05 -27.59 -19.05
N ALA E 622 44.08 -27.26 -19.81
CA ALA E 622 43.95 -26.98 -21.24
C ALA E 622 44.09 -28.23 -22.11
N PHE E 623 43.94 -29.41 -21.53
CA PHE E 623 44.07 -30.66 -22.28
C PHE E 623 42.90 -31.60 -21.97
N LEU E 624 42.88 -32.14 -20.75
CA LEU E 624 41.81 -33.06 -20.38
C LEU E 624 40.49 -32.33 -20.19
N PHE E 625 40.52 -31.06 -19.77
CA PHE E 625 39.32 -30.29 -19.55
C PHE E 625 38.99 -29.32 -20.69
N ASN E 626 39.97 -29.02 -21.55
CA ASN E 626 39.78 -28.11 -22.69
C ASN E 626 39.29 -26.74 -22.22
N ASP E 627 39.92 -26.22 -21.18
CA ASP E 627 39.55 -24.92 -20.63
C ASP E 627 40.74 -24.30 -19.91
N PRO E 628 41.30 -23.20 -20.43
CA PRO E 628 42.45 -22.58 -19.76
C PRO E 628 42.11 -21.91 -18.44
N GLY E 629 40.83 -21.62 -18.19
CA GLY E 629 40.44 -20.98 -16.95
C GLY E 629 39.60 -21.88 -16.07
N ALA E 630 38.77 -21.28 -15.20
CA ALA E 630 37.91 -22.01 -14.28
C ALA E 630 38.71 -22.97 -13.40
N ILE E 631 39.70 -22.42 -12.71
CA ILE E 631 40.57 -23.18 -11.82
C ILE E 631 40.50 -22.56 -10.45
N VAL E 632 40.06 -23.34 -9.45
CA VAL E 632 39.95 -22.86 -8.08
C VAL E 632 41.28 -23.04 -7.38
N ARG E 633 41.45 -22.35 -6.25
CA ARG E 633 42.67 -22.43 -5.47
C ARG E 633 42.32 -22.40 -3.99
N ILE E 634 42.87 -23.36 -3.24
CA ILE E 634 42.63 -23.47 -1.80
C ILE E 634 43.99 -23.37 -1.13
N ASP E 635 44.31 -22.20 -0.56
CA ASP E 635 45.57 -21.98 0.12
C ASP E 635 45.45 -22.40 1.58
N MET E 636 46.23 -23.39 1.98
CA MET E 636 46.20 -23.89 3.35
C MET E 636 46.96 -22.99 4.32
N SER E 637 47.65 -21.95 3.83
CA SER E 637 48.40 -21.07 4.71
C SER E 637 47.49 -20.12 5.48
N GLU E 638 46.28 -19.88 5.00
CA GLU E 638 45.34 -18.99 5.68
C GLU E 638 44.28 -19.73 6.48
N TYR E 639 44.15 -21.04 6.29
CA TYR E 639 43.18 -21.85 7.03
C TYR E 639 43.85 -22.66 8.15
N MET E 640 44.94 -22.13 8.71
CA MET E 640 45.66 -22.80 9.79
C MET E 640 44.87 -22.61 11.08
N GLU E 641 43.85 -23.46 11.25
CA GLU E 641 42.98 -23.40 12.41
C GLU E 641 42.29 -24.75 12.58
N LYS E 642 42.06 -25.12 13.84
CA LYS E 642 41.40 -26.39 14.12
C LYS E 642 39.94 -26.39 13.71
N HIS E 643 39.33 -25.22 13.52
CA HIS E 643 37.94 -25.11 13.12
C HIS E 643 37.78 -24.90 11.62
N ALA E 644 38.78 -25.27 10.83
CA ALA E 644 38.73 -25.11 9.38
C ALA E 644 38.06 -26.29 8.67
N VAL E 645 37.61 -27.31 9.42
CA VAL E 645 36.95 -28.46 8.81
C VAL E 645 35.52 -28.16 8.41
N SER E 646 34.93 -27.05 8.88
CA SER E 646 33.57 -26.70 8.53
C SER E 646 33.49 -25.77 7.33
N ARG E 647 34.50 -24.92 7.13
CA ARG E 647 34.49 -24.00 6.01
C ARG E 647 34.95 -24.66 4.71
N LEU E 648 35.61 -25.81 4.79
CA LEU E 648 36.09 -26.51 3.60
C LEU E 648 35.28 -27.76 3.35
N GLY E 662 31.95 -27.50 2.39
CA GLY E 662 32.17 -26.09 2.65
C GLY E 662 32.43 -25.27 1.41
N GLN E 663 33.56 -24.55 1.40
CA GLN E 663 33.91 -23.74 0.25
C GLN E 663 34.39 -24.60 -0.92
N LEU E 664 35.15 -25.65 -0.64
CA LEU E 664 35.66 -26.51 -1.69
C LEU E 664 34.54 -27.35 -2.32
N THR E 665 33.51 -27.68 -1.54
CA THR E 665 32.41 -28.49 -2.08
C THR E 665 31.54 -27.67 -3.03
N GLU E 666 31.19 -26.45 -2.63
CA GLU E 666 30.34 -25.61 -3.47
C GLU E 666 31.08 -25.07 -4.68
N ALA E 667 32.41 -25.05 -4.65
CA ALA E 667 33.18 -24.55 -5.79
C ALA E 667 33.20 -25.56 -6.93
N VAL E 668 33.21 -26.85 -6.62
CA VAL E 668 33.22 -27.88 -7.65
C VAL E 668 31.83 -28.39 -7.98
N ARG E 669 30.79 -27.94 -7.27
CA ARG E 669 29.44 -28.39 -7.58
C ARG E 669 28.91 -27.75 -8.85
N ARG E 670 29.22 -26.47 -9.06
CA ARG E 670 28.76 -25.80 -10.28
C ARG E 670 29.52 -26.30 -11.50
N ARG E 671 30.83 -26.50 -11.37
CA ARG E 671 31.67 -26.99 -12.46
C ARG E 671 32.38 -28.24 -11.99
N PRO E 672 31.81 -29.43 -12.23
CA PRO E 672 32.48 -30.67 -11.81
C PRO E 672 33.78 -30.93 -12.54
N TYR E 673 33.99 -30.35 -13.72
CA TYR E 673 35.20 -30.53 -14.50
C TYR E 673 36.09 -29.30 -14.28
N THR E 674 36.85 -29.32 -13.19
CA THR E 674 37.74 -28.23 -12.83
C THR E 674 39.00 -28.80 -12.21
N VAL E 675 39.94 -27.93 -11.88
CA VAL E 675 41.22 -28.31 -11.27
C VAL E 675 41.30 -27.65 -9.90
N VAL E 676 41.51 -28.46 -8.87
CA VAL E 676 41.63 -27.98 -7.50
C VAL E 676 43.12 -27.92 -7.14
N LEU E 677 43.59 -26.74 -6.77
CA LEU E 677 44.99 -26.53 -6.43
C LEU E 677 45.14 -26.49 -4.91
N PHE E 678 46.18 -27.15 -4.42
CA PHE E 678 46.47 -27.19 -2.98
C PHE E 678 47.82 -26.53 -2.73
N ASP E 679 47.88 -25.23 -3.01
CA ASP E 679 49.10 -24.46 -2.81
C ASP E 679 49.32 -24.19 -1.33
N GLU E 680 50.59 -23.96 -0.97
CA GLU E 680 51.01 -23.68 0.40
C GLU E 680 50.58 -24.81 1.34
N MET E 681 51.09 -26.01 1.04
CA MET E 681 50.76 -27.19 1.84
C MET E 681 51.62 -27.29 3.10
N GLU E 682 52.73 -26.54 3.17
CA GLU E 682 53.59 -26.62 4.35
C GLU E 682 52.91 -26.05 5.59
N LYS E 683 52.09 -25.02 5.42
CA LYS E 683 51.38 -24.39 6.54
C LYS E 683 50.00 -24.99 6.78
N ALA E 684 49.82 -26.28 6.47
CA ALA E 684 48.55 -26.94 6.67
C ALA E 684 48.47 -27.56 8.05
N HIS E 685 47.25 -27.69 8.57
CA HIS E 685 47.00 -28.25 9.88
C HIS E 685 46.67 -29.74 9.77
N LYS E 686 46.88 -30.46 10.87
CA LYS E 686 46.62 -31.90 10.90
C LYS E 686 45.15 -32.24 10.85
N ASP E 687 44.26 -31.28 11.10
CA ASP E 687 42.82 -31.56 11.06
C ASP E 687 42.30 -31.62 9.63
N VAL E 688 42.73 -30.68 8.77
CA VAL E 688 42.28 -30.67 7.39
C VAL E 688 42.97 -31.72 6.53
N SER E 689 44.02 -32.35 7.04
CA SER E 689 44.72 -33.38 6.28
C SER E 689 43.94 -34.69 6.27
N ASN E 690 43.17 -34.98 7.32
CA ASN E 690 42.39 -36.21 7.37
C ASN E 690 41.15 -36.15 6.50
N LEU E 691 40.64 -34.95 6.22
CA LEU E 691 39.46 -34.83 5.37
C LEU E 691 39.78 -35.12 3.91
N LEU E 692 40.97 -34.71 3.45
CA LEU E 692 41.36 -34.97 2.07
C LEU E 692 41.71 -36.44 1.83
N LEU E 693 42.17 -37.13 2.87
CA LEU E 693 42.52 -38.54 2.71
C LEU E 693 41.29 -39.41 2.48
N GLN E 694 40.15 -39.04 3.08
CA GLN E 694 38.92 -39.81 2.88
C GLN E 694 38.40 -39.70 1.46
N ILE E 695 38.71 -38.61 0.75
CA ILE E 695 38.26 -38.46 -0.63
C ILE E 695 39.07 -39.34 -1.56
N LEU E 696 40.39 -39.46 -1.32
CA LEU E 696 41.23 -40.29 -2.16
C LEU E 696 40.91 -41.78 -2.00
N ASP E 697 40.50 -42.19 -0.81
CA ASP E 697 40.19 -43.60 -0.58
C ASP E 697 38.79 -43.97 -1.05
N ASP E 698 37.80 -43.11 -0.83
CA ASP E 698 36.42 -43.37 -1.22
C ASP E 698 36.10 -42.88 -2.62
N GLY E 699 36.23 -41.58 -2.87
CA GLY E 699 35.93 -41.00 -4.17
C GLY E 699 34.94 -39.85 -4.14
N HIS E 700 34.43 -39.45 -2.99
CA HIS E 700 33.47 -38.36 -2.89
C HIS E 700 33.64 -37.69 -1.54
N CYS E 701 32.66 -36.87 -1.14
CA CYS E 701 32.70 -36.18 0.13
C CYS E 701 31.28 -35.98 0.63
N THR E 702 31.05 -36.27 1.90
CA THR E 702 29.73 -36.12 2.49
C THR E 702 29.48 -34.66 2.84
N ASP E 703 28.50 -34.05 2.18
CA ASP E 703 28.18 -32.65 2.42
C ASP E 703 27.27 -32.51 3.64
N SER E 704 27.36 -31.36 4.30
CA SER E 704 26.55 -31.13 5.49
C SER E 704 25.07 -30.99 5.16
N LYS E 705 24.75 -30.42 4.00
CA LYS E 705 23.35 -30.25 3.60
C LYS E 705 22.71 -31.56 3.15
N GLY E 706 23.51 -32.53 2.71
CA GLY E 706 22.96 -33.81 2.27
C GLY E 706 23.17 -34.06 0.79
N ARG E 707 24.37 -33.77 0.29
CA ARG E 707 24.72 -33.97 -1.11
C ARG E 707 25.96 -34.83 -1.21
N ARG E 708 26.16 -35.41 -2.38
CA ARG E 708 27.31 -36.27 -2.68
C ARG E 708 27.96 -35.78 -3.97
N VAL E 709 29.10 -35.11 -3.84
CA VAL E 709 29.84 -34.60 -4.98
C VAL E 709 30.94 -35.60 -5.31
N ASP E 710 30.82 -36.24 -6.47
CA ASP E 710 31.79 -37.24 -6.90
C ASP E 710 33.03 -36.53 -7.46
N PHE E 711 34.20 -36.85 -6.89
CA PHE E 711 35.46 -36.27 -7.32
C PHE E 711 36.20 -37.17 -8.30
N LYS E 712 35.48 -38.01 -9.04
CA LYS E 712 36.13 -38.91 -10.00
C LYS E 712 36.59 -38.18 -11.25
N ASN E 713 36.09 -36.97 -11.50
CA ASN E 713 36.45 -36.19 -12.67
C ASN E 713 37.29 -34.96 -12.31
N THR E 714 37.86 -34.94 -11.12
CA THR E 714 38.69 -33.83 -10.65
C THR E 714 40.09 -34.32 -10.37
N ILE E 715 41.09 -33.60 -10.88
CA ILE E 715 42.49 -33.95 -10.69
C ILE E 715 42.96 -33.34 -9.37
N ILE E 716 43.87 -34.03 -8.70
CA ILE E 716 44.41 -33.61 -7.41
C ILE E 716 45.89 -33.25 -7.61
N VAL E 717 46.22 -31.98 -7.45
CA VAL E 717 47.58 -31.49 -7.58
C VAL E 717 47.98 -30.79 -6.29
N MET E 718 49.27 -30.84 -5.98
CA MET E 718 49.82 -30.22 -4.78
C MET E 718 51.08 -29.45 -5.15
N THR E 719 51.17 -28.20 -4.69
CA THR E 719 52.32 -27.34 -4.95
C THR E 719 53.08 -27.14 -3.65
N SER E 720 54.24 -27.78 -3.54
CA SER E 720 55.08 -27.69 -2.36
C SER E 720 56.52 -27.47 -2.78
N ASN E 721 57.37 -27.12 -1.81
CA ASN E 721 58.78 -26.88 -2.07
C ASN E 721 59.61 -27.21 -0.83
N LEU E 722 59.27 -28.30 -0.17
CA LEU E 722 59.99 -28.72 1.03
C LEU E 722 61.06 -29.75 0.70
N THR E 739 70.40 -35.17 -4.16
CA THR E 739 69.72 -33.97 -4.60
C THR E 739 68.20 -34.12 -4.50
N LYS E 740 67.66 -35.05 -5.28
CA LYS E 740 66.22 -35.30 -5.27
C LYS E 740 65.78 -36.10 -4.05
N ASN E 741 66.67 -36.94 -3.51
CA ASN E 741 66.34 -37.75 -2.35
C ASN E 741 66.43 -36.96 -1.04
N ALA E 742 67.07 -35.80 -1.06
CA ALA E 742 67.21 -35.00 0.16
C ALA E 742 65.90 -34.28 0.47
N VAL E 743 65.28 -33.66 -0.53
CA VAL E 743 64.02 -32.94 -0.31
C VAL E 743 62.81 -33.86 -0.34
N LEU E 744 62.97 -35.12 -0.73
CA LEU E 744 61.84 -36.04 -0.77
C LEU E 744 61.51 -36.58 0.61
N ALA E 745 62.54 -36.87 1.41
CA ALA E 745 62.30 -37.40 2.75
C ALA E 745 61.78 -36.35 3.72
N THR E 746 62.02 -35.06 3.43
CA THR E 746 61.54 -34.00 4.31
C THR E 746 60.03 -33.80 4.18
N ALA E 747 59.50 -33.95 2.97
CA ALA E 747 58.07 -33.76 2.76
C ALA E 747 57.25 -34.96 3.23
N ARG E 748 57.88 -36.11 3.44
CA ARG E 748 57.16 -37.29 3.89
C ARG E 748 57.06 -37.39 5.41
N ARG E 749 58.02 -36.82 6.13
CA ARG E 749 58.00 -36.84 7.59
C ARG E 749 57.05 -35.82 8.20
N HIS E 750 56.47 -34.93 7.39
CA HIS E 750 55.55 -33.93 7.90
C HIS E 750 54.15 -34.47 8.11
N PHE E 751 53.69 -35.38 7.26
CA PHE E 751 52.36 -35.96 7.36
C PHE E 751 52.45 -37.32 8.07
N ALA E 752 51.43 -38.16 7.87
CA ALA E 752 51.38 -39.48 8.47
C ALA E 752 51.75 -40.54 7.44
N ASN E 753 51.90 -41.78 7.93
CA ASN E 753 52.25 -42.90 7.06
C ASN E 753 51.09 -43.34 6.18
N GLU E 754 49.86 -43.00 6.55
CA GLU E 754 48.68 -43.38 5.77
C GLU E 754 48.28 -42.33 4.75
N PHE E 755 49.11 -41.32 4.55
CA PHE E 755 48.83 -40.26 3.58
C PHE E 755 49.96 -40.04 2.59
N ILE E 756 51.21 -40.23 3.01
CA ILE E 756 52.35 -40.04 2.12
C ILE E 756 52.54 -41.19 1.15
N ASN E 757 51.89 -42.33 1.40
CA ASN E 757 52.02 -43.50 0.54
C ASN E 757 50.80 -43.76 -0.33
N ARG E 758 49.67 -43.13 -0.04
CA ARG E 758 48.47 -43.31 -0.85
C ARG E 758 48.54 -42.57 -2.17
N ILE E 759 49.47 -41.63 -2.32
CA ILE E 759 49.62 -40.90 -3.58
C ILE E 759 50.26 -41.81 -4.61
N ASP E 760 49.65 -41.88 -5.80
CA ASP E 760 50.10 -42.79 -6.84
C ASP E 760 51.24 -42.23 -7.68
N GLU E 761 51.63 -40.97 -7.48
CA GLU E 761 52.70 -40.37 -8.28
C GLU E 761 53.31 -39.21 -7.51
N LEU E 762 54.60 -39.32 -7.21
CA LEU E 762 55.35 -38.26 -6.53
C LEU E 762 56.41 -37.74 -7.50
N ILE E 763 56.13 -36.61 -8.13
CA ILE E 763 57.02 -36.00 -9.10
C ILE E 763 57.93 -35.01 -8.38
N VAL E 764 59.23 -35.20 -8.52
CA VAL E 764 60.24 -34.34 -7.89
C VAL E 764 60.93 -33.54 -8.98
N PHE E 765 60.76 -32.22 -8.95
CA PHE E 765 61.37 -31.36 -9.93
C PHE E 765 62.86 -31.20 -9.66
N ASN E 766 63.60 -30.87 -10.71
CA ASN E 766 65.04 -30.67 -10.63
C ASN E 766 65.39 -29.20 -10.88
N ARG E 767 66.66 -28.88 -10.66
CA ARG E 767 67.13 -27.52 -10.87
C ARG E 767 67.28 -27.21 -12.35
N LEU E 768 67.57 -25.94 -12.64
CA LEU E 768 67.75 -25.50 -14.02
C LEU E 768 69.08 -25.99 -14.56
N THR E 769 69.03 -27.02 -15.41
CA THR E 769 70.24 -27.58 -15.98
C THR E 769 70.78 -26.66 -17.08
N PRO E 770 72.10 -26.58 -17.23
CA PRO E 770 72.67 -25.73 -18.29
C PRO E 770 72.33 -26.18 -19.69
N SER E 771 72.00 -27.46 -19.89
CA SER E 771 71.66 -27.95 -21.21
C SER E 771 70.24 -27.60 -21.64
N ASN E 772 69.40 -27.17 -20.71
CA ASN E 772 68.02 -26.79 -21.00
C ASN E 772 67.81 -25.29 -21.00
N ILE E 773 68.87 -24.49 -20.88
CA ILE E 773 68.72 -23.04 -20.88
C ILE E 773 68.34 -22.54 -22.28
N ARG E 774 68.90 -23.17 -23.32
CA ARG E 774 68.60 -22.76 -24.68
C ARG E 774 67.13 -23.00 -25.03
N LYS E 775 66.53 -24.07 -24.50
CA LYS E 775 65.14 -24.35 -24.81
C LYS E 775 64.17 -23.41 -24.08
N ILE E 776 64.65 -22.68 -23.08
CA ILE E 776 63.78 -21.75 -22.36
C ILE E 776 63.56 -20.48 -23.16
N VAL E 777 64.63 -19.91 -23.71
CA VAL E 777 64.52 -18.68 -24.49
C VAL E 777 63.90 -18.89 -25.86
N ASP E 778 63.74 -20.15 -26.29
CA ASP E 778 63.14 -20.42 -27.59
C ASP E 778 61.62 -20.32 -27.53
N VAL E 779 61.01 -20.87 -26.48
CA VAL E 779 59.55 -20.83 -26.36
C VAL E 779 59.05 -19.45 -25.94
N ARG E 780 59.91 -18.62 -25.36
CA ARG E 780 59.50 -17.28 -24.96
C ARG E 780 59.40 -16.35 -26.17
N LEU E 781 60.33 -16.49 -27.13
CA LEU E 781 60.30 -15.68 -28.34
C LEU E 781 59.21 -16.11 -29.31
N LYS E 782 58.72 -17.35 -29.20
CA LYS E 782 57.67 -17.81 -30.10
C LYS E 782 56.33 -17.19 -29.74
N GLU E 783 56.07 -16.96 -28.45
CA GLU E 783 54.81 -16.35 -28.05
C GLU E 783 54.72 -14.90 -28.50
N VAL E 784 55.84 -14.17 -28.48
CA VAL E 784 55.84 -12.80 -28.94
C VAL E 784 55.65 -12.73 -30.45
N GLN E 785 56.29 -13.63 -31.19
CA GLN E 785 56.14 -13.63 -32.64
C GLN E 785 54.75 -14.10 -33.05
N GLU E 786 54.14 -15.00 -32.28
CA GLU E 786 52.79 -15.48 -32.62
C GLU E 786 51.75 -14.38 -32.47
N ARG E 787 51.87 -13.55 -31.42
CA ARG E 787 50.93 -12.47 -31.21
C ARG E 787 51.07 -11.33 -32.21
N LEU E 788 52.20 -11.27 -32.93
CA LEU E 788 52.42 -10.23 -33.93
C LEU E 788 52.08 -10.69 -35.34
N ASP E 789 51.80 -11.97 -35.55
CA ASP E 789 51.46 -12.47 -36.88
C ASP E 789 50.08 -12.02 -37.32
N GLU E 790 49.22 -11.59 -36.39
CA GLU E 790 47.89 -11.13 -36.77
C GLU E 790 47.95 -9.79 -37.50
N LYS E 791 48.87 -8.92 -37.09
CA LYS E 791 49.04 -7.61 -37.71
C LYS E 791 50.07 -7.63 -38.84
N GLN E 792 50.37 -8.81 -39.40
CA GLN E 792 51.33 -8.96 -40.48
C GLN E 792 52.70 -8.42 -40.09
N ILE E 793 53.15 -8.77 -38.89
CA ILE E 793 54.42 -8.34 -38.35
C ILE E 793 55.23 -9.59 -38.00
N THR E 794 56.37 -9.77 -38.66
CA THR E 794 57.25 -10.91 -38.44
C THR E 794 58.52 -10.43 -37.74
N LEU E 795 58.77 -10.95 -36.54
CA LEU E 795 59.94 -10.58 -35.75
C LEU E 795 60.84 -11.81 -35.65
N ASP E 796 62.09 -11.64 -36.07
CA ASP E 796 63.08 -12.72 -36.03
C ASP E 796 64.23 -12.34 -35.12
N VAL E 797 64.72 -13.31 -34.35
CA VAL E 797 65.81 -13.12 -33.42
C VAL E 797 66.95 -14.06 -33.82
N ASP E 798 68.15 -13.49 -33.98
CA ASP E 798 69.32 -14.28 -34.36
C ASP E 798 69.97 -14.92 -33.15
N ASP E 799 71.20 -15.40 -33.31
CA ASP E 799 71.93 -16.03 -32.22
C ASP E 799 72.68 -15.05 -31.34
N LYS E 800 72.81 -13.78 -31.77
CA LYS E 800 73.53 -12.80 -30.96
C LYS E 800 72.69 -12.29 -29.80
N ALA E 801 71.38 -12.08 -30.03
CA ALA E 801 70.51 -11.60 -28.98
C ALA E 801 70.16 -12.67 -27.96
N LYS E 802 70.23 -13.95 -28.35
CA LYS E 802 69.91 -15.03 -27.43
C LYS E 802 71.02 -15.29 -26.41
N ASP E 803 72.25 -14.86 -26.69
CA ASP E 803 73.34 -15.07 -25.76
C ASP E 803 73.27 -14.14 -24.56
N LEU E 804 72.77 -12.91 -24.75
CA LEU E 804 72.67 -11.98 -23.63
C LEU E 804 71.53 -12.35 -22.69
N LEU E 805 70.42 -12.86 -23.24
CA LEU E 805 69.29 -13.24 -22.41
C LEU E 805 69.52 -14.55 -21.68
N ALA E 806 70.50 -15.35 -22.11
CA ALA E 806 70.78 -16.63 -21.48
C ALA E 806 71.81 -16.53 -20.36
N GLN E 807 72.36 -15.34 -20.11
CA GLN E 807 73.34 -15.14 -19.06
C GLN E 807 72.97 -14.00 -18.11
N GLN E 808 71.75 -13.50 -18.18
CA GLN E 808 71.30 -12.42 -17.31
C GLN E 808 69.95 -12.68 -16.68
N GLY E 809 69.00 -13.25 -17.43
CA GLY E 809 67.68 -13.53 -16.90
C GLY E 809 67.54 -14.92 -16.35
N PHE E 810 68.60 -15.42 -15.69
CA PHE E 810 68.60 -16.75 -15.10
C PHE E 810 69.37 -16.70 -13.79
N ASP E 811 68.68 -17.01 -12.69
CA ASP E 811 69.30 -17.00 -11.38
C ASP E 811 69.04 -18.33 -10.68
N PRO E 812 70.04 -18.88 -9.98
CA PRO E 812 69.82 -20.16 -9.28
C PRO E 812 68.90 -20.04 -8.08
N VAL E 813 68.78 -18.86 -7.49
CA VAL E 813 67.91 -18.67 -6.33
C VAL E 813 66.45 -18.59 -6.76
N TYR E 814 66.13 -17.65 -7.64
CA TYR E 814 64.76 -17.48 -8.12
C TYR E 814 64.46 -18.47 -9.25
N GLY E 815 64.79 -18.10 -10.48
CA GLY E 815 64.54 -18.96 -11.62
C GLY E 815 64.10 -18.21 -12.86
N ALA E 816 62.81 -18.27 -13.17
CA ALA E 816 62.24 -17.60 -14.33
C ALA E 816 61.61 -16.25 -13.98
N ARG E 817 61.85 -15.75 -12.76
CA ARG E 817 61.27 -14.46 -12.38
C ARG E 817 61.98 -13.28 -13.06
N PRO E 818 63.32 -13.19 -13.07
CA PRO E 818 63.95 -12.07 -13.78
C PRO E 818 63.76 -12.13 -15.29
N LEU E 819 63.38 -13.28 -15.84
CA LEU E 819 63.18 -13.38 -17.29
C LEU E 819 61.97 -12.57 -17.75
N ASN E 820 60.93 -12.50 -16.92
CA ASN E 820 59.73 -11.74 -17.28
C ASN E 820 59.95 -10.24 -17.18
N ARG E 821 60.96 -9.80 -16.44
CA ARG E 821 61.24 -8.38 -16.28
C ARG E 821 62.38 -7.89 -17.16
N LEU E 822 63.21 -8.79 -17.67
CA LEU E 822 64.32 -8.38 -18.53
C LEU E 822 63.87 -8.18 -19.97
N ILE E 823 62.91 -8.99 -20.42
CA ILE E 823 62.42 -8.86 -21.80
C ILE E 823 61.58 -7.58 -21.95
N GLN E 824 60.74 -7.29 -20.96
CA GLN E 824 59.90 -6.10 -21.02
C GLN E 824 60.68 -4.81 -20.80
N HIS E 825 61.94 -4.88 -20.38
CA HIS E 825 62.76 -3.71 -20.14
C HIS E 825 63.93 -3.59 -21.11
N ALA E 826 64.08 -4.54 -22.04
CA ALA E 826 65.17 -4.49 -22.99
C ALA E 826 64.81 -5.03 -24.38
N LEU E 827 63.63 -5.60 -24.55
CA LEU E 827 63.23 -6.13 -25.85
C LEU E 827 61.85 -5.61 -26.24
N LEU E 828 60.85 -5.85 -25.41
CA LEU E 828 59.49 -5.40 -25.69
C LEU E 828 59.31 -3.90 -25.54
N THR E 829 60.26 -3.21 -24.90
CA THR E 829 60.14 -1.76 -24.74
C THR E 829 60.40 -1.03 -26.05
N GLN E 830 61.42 -1.47 -26.80
CA GLN E 830 61.74 -0.80 -28.06
C GLN E 830 60.71 -1.08 -29.14
N LEU E 831 59.98 -2.19 -29.02
CA LEU E 831 58.95 -2.50 -30.02
C LEU E 831 57.73 -1.61 -29.87
N SER E 832 57.54 -1.02 -28.69
CA SER E 832 56.39 -0.14 -28.48
C SER E 832 56.63 1.26 -29.02
N ARG E 833 57.89 1.69 -29.08
CA ARG E 833 58.22 3.02 -29.60
C ARG E 833 58.43 3.03 -31.11
N LEU E 834 58.86 1.90 -31.69
CA LEU E 834 59.08 1.82 -33.12
C LEU E 834 57.82 1.45 -33.90
N LEU E 835 56.69 1.24 -33.22
CA LEU E 835 55.44 0.88 -33.86
C LEU E 835 54.43 2.02 -33.89
N LEU E 836 54.44 2.88 -32.86
CA LEU E 836 53.48 3.97 -32.80
C LEU E 836 53.91 5.13 -33.69
N ASP E 837 55.21 5.28 -33.92
CA ASP E 837 55.71 6.38 -34.74
C ASP E 837 55.58 6.06 -36.23
N GLY E 838 55.77 4.80 -36.59
CA GLY E 838 55.68 4.39 -37.99
C GLY E 838 56.92 3.67 -38.47
N GLY E 839 57.80 3.29 -37.55
CA GLY E 839 59.01 2.58 -37.94
C GLY E 839 58.76 1.13 -38.31
N VAL E 840 57.78 0.49 -37.67
CA VAL E 840 57.42 -0.89 -37.94
C VAL E 840 56.10 -0.89 -38.70
N ARG E 841 56.14 -1.34 -39.95
CA ARG E 841 54.96 -1.38 -40.79
C ARG E 841 54.53 -2.83 -41.03
N PRO E 842 53.22 -3.07 -41.21
CA PRO E 842 52.76 -4.44 -41.47
C PRO E 842 53.33 -5.01 -42.76
N GLY E 843 54.46 -5.70 -42.66
CA GLY E 843 55.11 -6.28 -43.82
C GLY E 843 56.61 -6.09 -43.82
N GLU E 844 57.15 -5.66 -42.69
CA GLU E 844 58.59 -5.42 -42.54
C GLU E 844 59.17 -6.46 -41.60
N ILE E 845 60.23 -7.13 -42.04
CA ILE E 845 60.89 -8.16 -41.24
C ILE E 845 61.71 -7.47 -40.15
N ALA E 846 61.21 -7.54 -38.91
CA ALA E 846 61.91 -6.91 -37.79
C ALA E 846 63.15 -7.73 -37.44
N LYS E 847 64.33 -7.15 -37.64
CA LYS E 847 65.59 -7.83 -37.36
C LYS E 847 66.14 -7.31 -36.04
N VAL E 848 66.36 -8.21 -35.09
CA VAL E 848 66.86 -7.88 -33.77
C VAL E 848 68.26 -8.45 -33.63
N THR E 849 69.22 -7.60 -33.28
CA THR E 849 70.61 -8.01 -33.12
C THR E 849 71.24 -7.20 -32.00
N VAL E 850 72.51 -7.49 -31.71
CA VAL E 850 73.26 -6.82 -30.66
C VAL E 850 74.27 -5.89 -31.33
N ASP E 851 74.28 -4.63 -30.92
CA ASP E 851 75.18 -3.63 -31.48
C ASP E 851 76.51 -3.67 -30.71
N GLN E 852 77.26 -2.58 -30.74
CA GLN E 852 78.54 -2.49 -30.05
C GLN E 852 78.42 -1.89 -28.66
N GLU E 853 77.21 -1.72 -28.14
CA GLU E 853 76.98 -1.16 -26.81
C GLU E 853 76.52 -2.19 -25.80
N GLY E 854 76.38 -3.46 -26.20
CA GLY E 854 75.94 -4.49 -25.28
C GLY E 854 74.47 -4.44 -24.94
N GLU E 855 73.66 -3.68 -25.68
CA GLU E 855 72.23 -3.57 -25.42
C GLU E 855 71.46 -4.12 -26.62
N ILE E 856 70.36 -4.80 -26.34
CA ILE E 856 69.53 -5.38 -27.39
C ILE E 856 68.85 -4.24 -28.14
N ILE E 857 69.26 -4.03 -29.39
CA ILE E 857 68.71 -2.97 -30.23
C ILE E 857 67.91 -3.60 -31.36
N VAL E 858 66.93 -2.84 -31.86
CA VAL E 858 66.06 -3.28 -32.94
C VAL E 858 66.36 -2.40 -34.16
N ILE E 859 66.75 -3.04 -35.26
CA ILE E 859 67.06 -2.31 -36.48
C ILE E 859 65.76 -1.96 -37.21
N ARG E 860 65.55 -0.68 -37.45
CA ARG E 860 64.37 -0.20 -38.15
C ARG E 860 64.67 0.07 -39.62
N ASN E 861 63.61 0.04 -40.43
CA ASN E 861 63.73 0.26 -41.87
C ASN E 861 62.77 1.33 -42.37
N HIS E 862 62.22 2.13 -41.47
CA HIS E 862 61.29 3.19 -41.86
C HIS E 862 61.59 4.44 -41.03
N GLY E 863 61.10 5.58 -41.53
CA GLY E 863 61.31 6.85 -40.86
C GLY E 863 60.15 7.22 -39.95
N ILE E 864 60.33 8.34 -39.26
CA ILE E 864 59.33 8.84 -38.33
C ILE E 864 58.18 9.48 -39.09
N SER F 3 -41.94 -43.36 2.86
CA SER F 3 -40.80 -44.25 2.80
C SER F 3 -40.09 -44.31 4.16
N SER F 4 -38.86 -44.81 4.15
CA SER F 4 -38.09 -44.93 5.37
C SER F 4 -37.49 -43.58 5.77
N MET F 5 -37.15 -43.46 7.05
CA MET F 5 -36.56 -42.25 7.61
C MET F 5 -35.17 -42.58 8.14
N GLN F 6 -34.17 -41.88 7.61
CA GLN F 6 -32.77 -42.08 8.01
C GLN F 6 -32.24 -40.77 8.58
N PHE F 7 -31.77 -40.82 9.83
CA PHE F 7 -31.23 -39.66 10.50
C PHE F 7 -29.71 -39.63 10.38
N THR F 8 -29.13 -38.54 10.88
CA THR F 8 -27.69 -38.34 10.87
C THR F 8 -27.13 -38.43 12.29
N ASP F 9 -25.94 -37.86 12.48
CA ASP F 9 -25.32 -37.88 13.80
C ASP F 9 -25.69 -36.66 14.62
N LYS F 10 -25.85 -35.51 13.97
CA LYS F 10 -26.21 -34.29 14.70
C LYS F 10 -27.68 -34.30 15.07
N ALA F 11 -28.55 -34.80 14.19
CA ALA F 11 -29.97 -34.86 14.48
C ALA F 11 -30.31 -35.93 15.51
N THR F 12 -29.47 -36.94 15.68
CA THR F 12 -29.73 -37.98 16.66
C THR F 12 -29.50 -37.48 18.08
N GLU F 13 -28.37 -36.80 18.32
CA GLU F 13 -28.07 -36.27 19.64
C GLU F 13 -28.96 -35.10 20.00
N THR F 14 -29.60 -34.45 19.02
CA THR F 14 -30.48 -33.33 19.32
C THR F 14 -31.77 -33.80 19.98
N LEU F 15 -32.33 -34.91 19.49
CA LEU F 15 -33.57 -35.42 20.08
C LEU F 15 -33.34 -35.96 21.48
N ASN F 16 -32.18 -36.59 21.73
CA ASN F 16 -31.88 -37.11 23.05
C ASN F 16 -31.59 -35.99 24.04
N ALA F 17 -31.04 -34.87 23.56
CA ALA F 17 -30.76 -33.75 24.46
C ALA F 17 -32.03 -32.99 24.83
N ALA F 18 -33.07 -33.08 24.00
CA ALA F 18 -34.32 -32.39 24.31
C ALA F 18 -35.09 -33.10 25.42
N ALA F 19 -34.85 -34.40 25.61
CA ALA F 19 -35.55 -35.13 26.66
C ALA F 19 -35.03 -34.77 28.05
N LYS F 20 -33.73 -34.45 28.16
CA LYS F 20 -33.18 -34.07 29.45
C LYS F 20 -33.59 -32.66 29.85
N TYR F 21 -33.83 -31.79 28.86
CA TYR F 21 -34.25 -30.42 29.17
C TYR F 21 -35.69 -30.38 29.64
N ALA F 22 -36.53 -31.27 29.10
CA ALA F 22 -37.93 -31.31 29.51
C ALA F 22 -38.11 -31.99 30.86
N ALA F 23 -37.15 -32.80 31.30
CA ALA F 23 -37.26 -33.45 32.60
C ALA F 23 -37.01 -32.48 33.74
N GLU F 24 -36.25 -31.41 33.49
CA GLU F 24 -35.99 -30.43 34.54
C GLU F 24 -37.23 -29.58 34.83
N ASN F 25 -38.02 -29.28 33.81
CA ASN F 25 -39.24 -28.51 33.97
C ASN F 25 -40.45 -29.37 34.32
N SER F 26 -40.29 -30.70 34.33
CA SER F 26 -41.36 -31.65 34.65
C SER F 26 -42.56 -31.46 33.73
N HIS F 27 -42.40 -31.95 32.51
CA HIS F 27 -43.43 -31.89 31.49
C HIS F 27 -44.06 -33.26 31.29
N VAL F 28 -45.33 -33.27 30.89
CA VAL F 28 -46.08 -34.52 30.76
C VAL F 28 -45.72 -35.29 29.49
N GLN F 29 -44.97 -34.69 28.57
CA GLN F 29 -44.62 -35.35 27.32
C GLN F 29 -43.33 -34.73 26.81
N LEU F 30 -43.05 -34.91 25.52
CA LEU F 30 -41.87 -34.36 24.86
C LEU F 30 -42.35 -33.29 23.89
N HIS F 31 -42.47 -32.07 24.38
CA HIS F 31 -42.95 -30.97 23.56
C HIS F 31 -41.88 -30.58 22.54
N PRO F 32 -42.18 -30.61 21.24
CA PRO F 32 -41.16 -30.23 20.24
C PRO F 32 -40.69 -28.79 20.35
N SER F 33 -41.38 -27.94 21.11
CA SER F 33 -40.95 -26.56 21.26
C SER F 33 -39.63 -26.45 22.04
N HIS F 34 -39.32 -27.44 22.88
CA HIS F 34 -38.08 -27.43 23.63
C HIS F 34 -36.87 -27.78 22.78
N VAL F 35 -37.09 -28.29 21.56
CA VAL F 35 -35.96 -28.64 20.69
C VAL F 35 -35.27 -27.38 20.19
N ALA F 36 -36.05 -26.34 19.86
CA ALA F 36 -35.47 -25.09 19.38
C ALA F 36 -34.70 -24.36 20.47
N VAL F 37 -35.06 -24.57 21.74
CA VAL F 37 -34.34 -23.90 22.83
C VAL F 37 -32.96 -24.52 23.01
N VAL F 38 -32.86 -25.85 22.87
CA VAL F 38 -31.58 -26.52 23.03
C VAL F 38 -30.64 -26.18 21.88
N MET F 39 -31.17 -26.07 20.66
CA MET F 39 -30.34 -25.75 19.51
C MET F 39 -29.80 -24.32 19.58
N LEU F 40 -30.54 -23.41 20.21
CA LEU F 40 -30.07 -22.04 20.35
C LEU F 40 -29.08 -21.86 21.49
N ASP F 41 -28.94 -22.86 22.36
CA ASP F 41 -27.98 -22.78 23.46
C ASP F 41 -26.56 -23.10 23.04
N GLU F 42 -26.37 -23.68 21.86
CA GLU F 42 -25.03 -24.01 21.38
C GLU F 42 -24.39 -22.80 20.72
N GLU F 43 -23.06 -22.78 20.75
CA GLU F 43 -22.29 -21.69 20.16
C GLU F 43 -22.18 -21.90 18.66
N ASN F 44 -22.78 -20.99 17.89
CA ASN F 44 -22.75 -21.04 16.43
C ASN F 44 -23.31 -22.37 15.91
N SER F 45 -24.62 -22.55 16.02
CA SER F 45 -25.29 -23.77 15.57
C SER F 45 -25.95 -23.53 14.23
N LEU F 46 -26.49 -24.61 13.66
CA LEU F 46 -27.15 -24.52 12.36
C LEU F 46 -28.53 -23.87 12.46
N PHE F 47 -29.15 -23.92 13.65
CA PHE F 47 -30.47 -23.33 13.81
C PHE F 47 -30.41 -21.82 13.99
N ARG F 48 -29.25 -21.28 14.36
CA ARG F 48 -29.11 -19.83 14.57
C ARG F 48 -28.75 -19.09 13.29
N SER F 49 -27.91 -19.70 12.44
CA SER F 49 -27.49 -19.02 11.21
C SER F 49 -28.64 -18.93 10.20
N ILE F 50 -29.59 -19.87 10.25
CA ILE F 50 -30.70 -19.84 9.31
C ILE F 50 -31.69 -18.74 9.67
N LEU F 51 -31.94 -18.55 10.96
CA LEU F 51 -32.88 -17.51 11.39
C LEU F 51 -32.36 -16.11 11.07
N GLU F 52 -31.05 -15.94 11.01
CA GLU F 52 -30.46 -14.64 10.69
C GLU F 52 -30.39 -14.36 9.20
N LYS F 53 -30.82 -15.31 8.36
CA LYS F 53 -30.78 -15.12 6.90
C LYS F 53 -32.10 -14.60 6.36
N ALA F 54 -33.22 -15.14 6.84
CA ALA F 54 -34.53 -14.69 6.37
C ALA F 54 -34.89 -13.30 6.86
N GLY F 55 -34.29 -12.85 7.97
CA GLY F 55 -34.58 -11.55 8.51
C GLY F 55 -35.29 -11.59 9.84
N GLY F 56 -34.57 -11.94 10.90
CA GLY F 56 -35.15 -12.01 12.23
C GLY F 56 -34.12 -12.23 13.32
N ASP F 57 -34.21 -11.45 14.38
CA ASP F 57 -33.28 -11.57 15.50
C ASP F 57 -33.61 -12.80 16.33
N VAL F 58 -32.56 -13.45 16.86
CA VAL F 58 -32.75 -14.65 17.68
C VAL F 58 -33.19 -14.35 19.09
N VAL F 59 -33.28 -13.07 19.47
CA VAL F 59 -33.71 -12.71 20.82
C VAL F 59 -35.21 -12.90 20.98
N SER F 60 -36.00 -12.38 20.04
CA SER F 60 -37.44 -12.52 20.12
C SER F 60 -37.90 -13.92 19.74
N ILE F 61 -37.09 -14.65 18.95
CA ILE F 61 -37.47 -16.00 18.57
C ILE F 61 -37.29 -16.97 19.73
N GLU F 62 -36.18 -16.83 20.47
CA GLU F 62 -35.94 -17.71 21.60
C GLU F 62 -36.97 -17.50 22.70
N ARG F 63 -37.40 -16.26 22.91
CA ARG F 63 -38.41 -15.97 23.92
C ARG F 63 -39.80 -16.44 23.50
N GLY F 64 -40.05 -16.56 22.19
CA GLY F 64 -41.37 -17.00 21.74
C GLY F 64 -41.66 -18.44 22.10
N PHE F 65 -40.64 -19.30 22.10
CA PHE F 65 -40.84 -20.70 22.45
C PHE F 65 -41.08 -20.88 23.95
N LYS F 66 -40.68 -19.92 24.78
CA LYS F 66 -40.91 -20.03 26.21
C LYS F 66 -42.37 -19.77 26.57
N LYS F 67 -43.06 -18.93 25.79
CA LYS F 67 -44.46 -18.64 26.05
C LYS F 67 -45.38 -19.81 25.71
N ILE F 68 -44.97 -20.69 24.79
CA ILE F 68 -45.79 -21.83 24.43
C ILE F 68 -45.78 -22.88 25.55
N MET F 69 -44.66 -23.01 26.27
CA MET F 69 -44.58 -23.96 27.36
C MET F 69 -45.47 -23.57 28.54
N VAL F 70 -45.80 -22.28 28.67
CA VAL F 70 -46.62 -21.82 29.79
C VAL F 70 -48.04 -22.37 29.66
N ARG F 71 -48.64 -22.23 28.46
CA ARG F 71 -50.00 -22.71 28.26
C ARG F 71 -50.08 -24.23 28.23
N GLN F 72 -48.97 -24.92 27.98
CA GLN F 72 -48.96 -26.37 27.96
C GLN F 72 -48.77 -26.93 29.37
N PRO F 73 -49.39 -28.08 29.68
CA PRO F 73 -49.22 -28.67 31.01
C PRO F 73 -47.79 -29.05 31.31
N HIS F 84 -43.94 -39.68 24.31
CA HIS F 84 -44.05 -38.99 23.04
C HIS F 84 -45.19 -37.97 23.09
N SER F 85 -45.25 -37.14 22.04
CA SER F 85 -46.26 -36.10 21.93
C SER F 85 -46.99 -36.20 20.59
N PRO F 86 -48.28 -35.88 20.54
CA PRO F 86 -49.00 -35.92 19.26
C PRO F 86 -48.44 -34.95 18.23
N GLU F 87 -47.89 -33.82 18.67
CA GLU F 87 -47.30 -32.87 17.74
C GLU F 87 -45.90 -33.28 17.29
N LEU F 88 -45.28 -34.24 17.99
CA LEU F 88 -43.95 -34.69 17.60
C LEU F 88 -44.00 -35.57 16.36
N ALA F 89 -45.08 -36.33 16.19
CA ALA F 89 -45.21 -37.20 15.02
C ALA F 89 -45.33 -36.39 13.74
N LYS F 90 -46.05 -35.26 13.78
CA LYS F 90 -46.19 -34.42 12.60
C LYS F 90 -44.89 -33.72 12.23
N LEU F 91 -43.97 -33.57 13.19
CA LEU F 91 -42.70 -32.92 12.88
C LEU F 91 -41.80 -33.82 12.05
N LEU F 92 -41.90 -35.13 12.22
CA LEU F 92 -41.05 -36.05 11.47
C LEU F 92 -41.61 -36.34 10.09
N HIS F 93 -42.93 -36.45 9.96
CA HIS F 93 -43.52 -36.73 8.66
C HIS F 93 -43.45 -35.53 7.73
N TYR F 94 -43.57 -34.31 8.27
CA TYR F 94 -43.47 -33.11 7.45
C TYR F 94 -42.03 -32.86 7.00
N ALA F 95 -41.05 -33.32 7.77
CA ALA F 95 -39.65 -33.15 7.38
C ALA F 95 -39.27 -34.07 6.24
N HIS F 96 -39.91 -35.24 6.14
CA HIS F 96 -39.61 -36.17 5.06
C HIS F 96 -40.16 -35.70 3.73
N GLU F 97 -41.21 -34.88 3.73
CA GLU F 97 -41.78 -34.37 2.49
C GLU F 97 -40.85 -33.35 1.83
N HIS F 98 -40.23 -32.48 2.64
CA HIS F 98 -39.30 -31.51 2.10
C HIS F 98 -37.99 -32.14 1.64
N MET F 99 -37.65 -33.32 2.16
CA MET F 99 -36.43 -33.99 1.72
C MET F 99 -36.58 -34.55 0.31
N LYS F 100 -37.75 -35.08 -0.01
CA LYS F 100 -37.98 -35.59 -1.36
C LYS F 100 -38.15 -34.46 -2.37
N LYS F 101 -38.65 -33.30 -1.93
CA LYS F 101 -38.80 -32.17 -2.84
C LYS F 101 -37.45 -31.56 -3.20
N GLN F 102 -36.56 -31.42 -2.22
CA GLN F 102 -35.23 -30.88 -2.48
C GLN F 102 -34.29 -31.90 -3.09
N ARG F 103 -34.68 -33.18 -3.16
CA ARG F 103 -33.88 -34.23 -3.74
C ARG F 103 -32.52 -34.34 -3.06
N ASP F 104 -32.49 -34.92 -1.86
CA ASP F 104 -31.25 -35.10 -1.12
C ASP F 104 -31.00 -36.57 -0.82
N LEU F 105 -30.69 -36.88 0.44
CA LEU F 105 -30.43 -38.26 0.84
C LEU F 105 -30.74 -38.46 2.32
N TYR F 106 -29.95 -37.83 3.18
CA TYR F 106 -30.12 -37.94 4.62
C TYR F 106 -30.90 -36.74 5.17
N ILE F 107 -31.51 -36.95 6.33
CA ILE F 107 -32.28 -35.91 7.00
C ILE F 107 -31.35 -35.17 7.94
N ALA F 108 -30.97 -33.95 7.56
CA ALA F 108 -30.06 -33.13 8.34
C ALA F 108 -30.86 -32.29 9.34
N GLN F 109 -30.23 -31.29 9.94
CA GLN F 109 -30.91 -30.45 10.92
C GLN F 109 -31.83 -29.44 10.25
N ASP F 110 -31.48 -28.98 9.05
CA ASP F 110 -32.31 -28.00 8.35
C ASP F 110 -33.65 -28.58 7.90
N HIS F 111 -33.75 -29.90 7.77
CA HIS F 111 -35.02 -30.51 7.37
C HIS F 111 -36.05 -30.43 8.48
N LEU F 112 -35.62 -30.40 9.74
CA LEU F 112 -36.52 -30.29 10.87
C LEU F 112 -36.88 -28.85 11.20
N ILE F 113 -36.55 -27.90 10.33
CA ILE F 113 -36.84 -26.49 10.59
C ILE F 113 -37.99 -26.00 9.73
N LEU F 114 -38.09 -26.50 8.48
CA LEU F 114 -39.16 -26.06 7.59
C LEU F 114 -40.54 -26.51 8.06
N ALA F 115 -40.61 -27.52 8.93
CA ALA F 115 -41.88 -28.02 9.44
C ALA F 115 -42.44 -27.18 10.58
N LEU F 116 -41.73 -26.13 11.00
CA LEU F 116 -42.23 -25.30 12.10
C LEU F 116 -43.35 -24.38 11.63
N ALA F 117 -43.23 -23.82 10.42
CA ALA F 117 -44.26 -22.93 9.90
C ALA F 117 -45.49 -23.70 9.43
N ASP F 118 -45.37 -25.00 9.17
CA ASP F 118 -46.51 -25.79 8.73
C ASP F 118 -47.47 -26.12 9.87
N LEU F 119 -47.02 -26.01 11.12
CA LEU F 119 -47.89 -26.30 12.25
C LEU F 119 -48.67 -25.06 12.67
N PRO F 120 -49.96 -25.21 13.00
CA PRO F 120 -50.74 -24.04 13.41
C PRO F 120 -50.36 -23.51 14.78
N SER F 121 -49.82 -24.36 15.65
CA SER F 121 -49.43 -23.95 16.99
C SER F 121 -47.99 -23.45 17.07
N MET F 122 -47.22 -23.58 15.99
CA MET F 122 -45.83 -23.14 15.98
C MET F 122 -45.57 -22.00 15.01
N ALA F 123 -46.56 -21.57 14.22
CA ALA F 123 -46.36 -20.48 13.29
C ALA F 123 -46.39 -19.11 13.96
N GLN F 124 -46.96 -19.02 15.16
CA GLN F 124 -47.01 -17.73 15.85
C GLN F 124 -45.64 -17.31 16.35
N VAL F 125 -44.79 -18.26 16.72
CA VAL F 125 -43.45 -17.91 17.21
C VAL F 125 -42.59 -17.39 16.07
N LEU F 126 -42.71 -17.97 14.88
CA LEU F 126 -41.89 -17.53 13.75
C LEU F 126 -42.30 -16.15 13.27
N LYS F 127 -43.60 -15.83 13.32
CA LYS F 127 -44.07 -14.52 12.87
C LYS F 127 -43.77 -13.41 13.88
N GLU F 128 -43.33 -13.75 15.09
CA GLU F 128 -43.02 -12.72 16.07
C GLU F 128 -41.71 -12.01 15.73
N GLY F 129 -40.70 -12.76 15.30
CA GLY F 129 -39.42 -12.17 14.95
C GLY F 129 -39.39 -11.64 13.53
N GLY F 130 -39.91 -12.41 12.58
CA GLY F 130 -39.93 -12.00 11.19
C GLY F 130 -39.57 -13.10 10.23
N VAL F 131 -40.00 -14.32 10.54
CA VAL F 131 -39.73 -15.48 9.69
C VAL F 131 -40.92 -15.69 8.76
N THR F 132 -40.68 -15.58 7.46
CA THR F 132 -41.70 -15.74 6.44
C THR F 132 -41.57 -17.12 5.79
N LYS F 133 -42.70 -17.78 5.58
CA LYS F 133 -42.69 -19.09 4.94
C LYS F 133 -42.13 -19.02 3.52
N LYS F 134 -42.45 -17.94 2.80
CA LYS F 134 -41.94 -17.77 1.45
C LYS F 134 -40.44 -17.49 1.43
N SER F 135 -39.88 -17.01 2.54
CA SER F 135 -38.45 -16.73 2.64
C SER F 135 -37.70 -17.78 3.45
N LEU F 136 -38.40 -18.65 4.18
CA LEU F 136 -37.72 -19.67 4.96
C LEU F 136 -37.14 -20.76 4.08
N GLU F 137 -37.75 -21.01 2.92
CA GLU F 137 -37.22 -22.03 2.00
C GLU F 137 -35.88 -21.61 1.44
N ASN F 138 -35.69 -20.31 1.17
CA ASN F 138 -34.43 -19.82 0.64
C ASN F 138 -33.36 -19.67 1.72
N ALA F 139 -33.74 -19.64 3.00
CA ALA F 139 -32.77 -19.52 4.08
C ALA F 139 -32.02 -20.82 4.30
N VAL F 140 -32.73 -21.96 4.30
CA VAL F 140 -32.08 -23.25 4.48
C VAL F 140 -31.30 -23.71 3.27
N THR F 141 -31.49 -23.05 2.12
CA THR F 141 -30.77 -23.43 0.91
C THR F 141 -29.40 -22.78 0.85
N HIS F 142 -29.31 -21.50 1.23
CA HIS F 142 -28.03 -20.80 1.21
C HIS F 142 -27.06 -21.35 2.25
N VAL F 143 -27.58 -21.83 3.38
CA VAL F 143 -26.71 -22.37 4.43
C VAL F 143 -26.18 -23.75 4.03
N ARG F 144 -27.06 -24.61 3.53
CA ARG F 144 -26.66 -25.96 3.12
C ARG F 144 -25.83 -25.90 1.85
N GLY F 145 -26.47 -25.61 0.72
CA GLY F 145 -25.78 -25.54 -0.55
C GLY F 145 -25.15 -24.18 -0.82
N ALA F 157 -17.52 -23.22 24.26
CA ALA F 157 -17.91 -24.56 24.68
C ALA F 157 -16.97 -25.62 24.10
N TYR F 158 -17.35 -26.16 22.93
CA TYR F 158 -16.53 -27.17 22.27
C TYR F 158 -16.43 -26.95 20.77
N GLU F 159 -16.58 -25.70 20.30
CA GLU F 159 -16.50 -25.42 18.87
C GLU F 159 -15.06 -25.25 18.42
N ALA F 160 -14.28 -24.46 19.15
CA ALA F 160 -12.88 -24.24 18.78
C ALA F 160 -12.00 -25.43 19.10
N LEU F 161 -12.45 -26.32 19.99
CA LEU F 161 -11.66 -27.49 20.35
C LEU F 161 -11.79 -28.63 19.34
N SER F 162 -12.82 -28.61 18.51
CA SER F 162 -13.02 -29.64 17.51
C SER F 162 -12.56 -29.24 16.11
N LYS F 163 -12.37 -27.95 15.86
CA LYS F 163 -11.92 -27.46 14.57
C LYS F 163 -10.42 -27.22 14.51
N TYR F 164 -9.86 -26.57 15.54
CA TYR F 164 -8.43 -26.30 15.58
C TYR F 164 -7.64 -27.43 16.24
N CYS F 165 -8.23 -28.11 17.21
CA CYS F 165 -7.58 -29.20 17.92
C CYS F 165 -8.29 -30.51 17.59
N ILE F 166 -7.67 -31.62 18.00
CA ILE F 166 -8.19 -32.96 17.77
C ILE F 166 -8.37 -33.62 19.14
N ASP F 167 -9.61 -34.02 19.43
CA ASP F 167 -9.90 -34.68 20.70
C ASP F 167 -9.38 -36.10 20.69
N LEU F 168 -8.41 -36.39 21.56
CA LEU F 168 -7.83 -37.72 21.61
C LEU F 168 -8.77 -38.74 22.26
N THR F 169 -9.62 -38.29 23.19
CA THR F 169 -10.56 -39.20 23.83
C THR F 169 -11.65 -39.67 22.88
N GLU F 170 -11.91 -38.93 21.80
CA GLU F 170 -12.92 -39.35 20.84
C GLU F 170 -12.46 -40.57 20.04
N LEU F 171 -11.17 -40.62 19.71
CA LEU F 171 -10.65 -41.78 18.98
C LEU F 171 -10.51 -43.00 19.89
N ALA F 172 -10.30 -42.80 21.19
CA ALA F 172 -10.18 -43.92 22.10
C ALA F 172 -11.54 -44.51 22.44
N ALA F 173 -12.57 -43.68 22.57
CA ALA F 173 -13.91 -44.15 22.88
C ALA F 173 -14.62 -44.74 21.67
N SER F 174 -14.08 -44.58 20.46
CA SER F 174 -14.67 -45.11 19.25
C SER F 174 -13.87 -46.26 18.65
N GLY F 175 -12.77 -46.67 19.28
CA GLY F 175 -11.97 -47.75 18.78
C GLY F 175 -11.05 -47.39 17.63
N LYS F 176 -10.73 -46.11 17.45
CA LYS F 176 -9.85 -45.67 16.37
C LYS F 176 -8.47 -45.26 16.86
N LEU F 177 -8.17 -45.48 18.14
CA LEU F 177 -6.88 -45.15 18.72
C LEU F 177 -6.12 -46.41 19.05
N ASP F 178 -4.83 -46.44 18.70
CA ASP F 178 -4.00 -47.60 18.98
C ASP F 178 -3.66 -47.69 20.45
N PRO F 179 -3.74 -48.87 21.05
CA PRO F 179 -3.42 -49.02 22.47
C PRO F 179 -1.93 -48.89 22.72
N VAL F 180 -1.59 -48.60 23.97
CA VAL F 180 -0.21 -48.43 24.42
C VAL F 180 0.06 -49.45 25.51
N ILE F 181 0.96 -50.39 25.24
CA ILE F 181 1.35 -51.44 26.18
C ILE F 181 2.84 -51.33 26.41
N GLY F 182 3.23 -51.14 27.67
CA GLY F 182 4.63 -51.03 28.04
C GLY F 182 5.00 -49.73 28.73
N ARG F 183 4.10 -48.76 28.82
CA ARG F 183 4.36 -47.47 29.46
C ARG F 183 3.62 -47.34 30.79
N ASP F 184 3.62 -48.42 31.58
CA ASP F 184 2.92 -48.40 32.86
C ASP F 184 3.66 -47.60 33.91
N GLU F 185 4.97 -47.42 33.76
CA GLU F 185 5.79 -46.67 34.71
C GLU F 185 5.84 -45.19 34.40
N ILE F 186 5.13 -44.73 33.36
CA ILE F 186 5.11 -43.32 32.99
C ILE F 186 3.72 -42.72 33.16
N ILE F 187 2.68 -43.47 32.80
CA ILE F 187 1.31 -42.96 32.94
C ILE F 187 0.97 -42.71 34.39
N SER F 188 1.38 -43.63 35.28
CA SER F 188 1.11 -43.46 36.69
C SER F 188 1.90 -42.31 37.31
N ARG F 189 2.98 -41.87 36.67
CA ARG F 189 3.76 -40.76 37.18
C ARG F 189 3.17 -39.41 36.79
N VAL F 190 2.56 -39.32 35.62
CA VAL F 190 1.97 -38.05 35.18
C VAL F 190 0.80 -37.66 36.08
N ILE F 191 0.04 -38.65 36.54
CA ILE F 191 -1.10 -38.36 37.42
C ILE F 191 -0.62 -37.80 38.76
N ARG F 192 0.50 -38.32 39.26
CA ARG F 192 1.02 -37.85 40.54
C ARG F 192 1.57 -36.42 40.44
N VAL F 193 2.02 -36.01 39.25
CA VAL F 193 2.56 -34.67 39.08
C VAL F 193 1.44 -33.64 39.12
N LEU F 194 0.30 -33.93 38.50
CA LEU F 194 -0.80 -32.98 38.46
C LEU F 194 -1.47 -32.80 39.83
N SER F 195 -1.20 -33.69 40.78
CA SER F 195 -1.79 -33.57 42.12
C SER F 195 -0.76 -33.10 43.12
N ARG F 196 0.03 -32.08 42.75
CA ARG F 196 1.05 -31.53 43.62
C ARG F 196 0.98 -30.00 43.56
N ARG F 197 1.87 -29.35 44.30
CA ARG F 197 1.94 -27.89 44.34
C ARG F 197 3.08 -27.36 43.49
N THR F 198 4.32 -27.72 43.82
CA THR F 198 5.49 -27.28 43.07
C THR F 198 5.75 -28.25 41.92
N LYS F 199 5.99 -27.69 40.73
CA LYS F 199 6.26 -28.47 39.53
C LYS F 199 5.10 -29.42 39.21
N ASN F 200 3.94 -28.83 38.95
CA ASN F 200 2.72 -29.57 38.64
C ASN F 200 2.45 -29.63 37.14
N ASN F 201 3.50 -29.55 36.32
CA ASN F 201 3.36 -29.60 34.87
C ASN F 201 4.39 -30.57 34.31
N PRO F 202 3.98 -31.78 33.92
CA PRO F 202 4.94 -32.75 33.38
C PRO F 202 5.40 -32.35 31.98
N CYS F 203 6.69 -32.57 31.71
CA CYS F 203 7.29 -32.25 30.42
C CYS F 203 8.05 -33.48 29.94
N LEU F 204 7.55 -34.10 28.87
CA LEU F 204 8.19 -35.30 28.33
C LEU F 204 9.53 -34.94 27.71
N VAL F 205 10.58 -35.61 28.17
CA VAL F 205 11.95 -35.39 27.70
C VAL F 205 12.46 -36.71 27.13
N GLY F 206 12.89 -36.69 25.87
CA GLY F 206 13.41 -37.89 25.24
C GLY F 206 13.94 -37.57 23.87
N GLU F 207 14.43 -38.61 23.21
CA GLU F 207 14.97 -38.46 21.87
C GLU F 207 13.84 -38.26 20.86
N PRO F 208 14.08 -37.49 19.80
CA PRO F 208 13.03 -37.29 18.78
C PRO F 208 12.65 -38.58 18.07
N GLY F 209 11.81 -39.38 18.72
CA GLY F 209 11.38 -40.64 18.13
C GLY F 209 11.28 -41.76 19.15
N VAL F 210 10.84 -41.43 20.36
CA VAL F 210 10.69 -42.41 21.42
C VAL F 210 9.23 -42.71 21.75
N GLY F 211 8.29 -41.87 21.34
CA GLY F 211 6.89 -42.10 21.61
C GLY F 211 6.29 -41.10 22.57
N LYS F 212 6.40 -39.81 22.24
CA LYS F 212 5.84 -38.78 23.11
C LYS F 212 4.32 -38.74 23.00
N THR F 213 3.78 -39.04 21.82
CA THR F 213 2.33 -39.03 21.65
C THR F 213 1.67 -40.22 22.35
N ALA F 214 2.35 -41.37 22.39
CA ALA F 214 1.78 -42.55 23.02
C ALA F 214 1.63 -42.39 24.53
N ILE F 215 2.32 -41.42 25.14
CA ILE F 215 2.18 -41.20 26.57
C ILE F 215 0.79 -40.68 26.90
N ALA F 216 0.28 -39.75 26.09
CA ALA F 216 -1.06 -39.22 26.30
C ALA F 216 -2.15 -40.16 25.77
N GLU F 217 -1.80 -41.08 24.87
CA GLU F 217 -2.79 -42.01 24.35
C GLU F 217 -3.19 -43.04 25.40
N GLY F 218 -2.23 -43.52 26.18
CA GLY F 218 -2.54 -44.49 27.23
C GLY F 218 -3.31 -43.92 28.38
N LEU F 219 -3.14 -42.62 28.67
CA LEU F 219 -3.88 -42.00 29.76
C LEU F 219 -5.35 -41.84 29.40
N ALA F 220 -5.65 -41.56 28.13
CA ALA F 220 -7.03 -41.42 27.69
C ALA F 220 -7.77 -42.76 27.64
N ASN F 221 -7.03 -43.87 27.53
CA ASN F 221 -7.67 -45.18 27.51
C ASN F 221 -8.22 -45.56 28.88
N ARG F 222 -7.52 -45.17 29.95
CA ARG F 222 -7.98 -45.48 31.30
C ARG F 222 -9.17 -44.62 31.71
N ILE F 223 -9.36 -43.47 31.07
CA ILE F 223 -10.50 -42.62 31.38
C ILE F 223 -11.79 -43.25 30.86
N VAL F 224 -11.74 -43.86 29.67
CA VAL F 224 -12.92 -44.50 29.10
C VAL F 224 -13.30 -45.74 29.92
N LYS F 225 -12.30 -46.48 30.41
CA LYS F 225 -12.55 -47.68 31.19
C LYS F 225 -13.13 -47.33 32.55
N GLY F 226 -12.27 -47.12 33.54
CA GLY F 226 -12.73 -46.79 34.88
C GLY F 226 -11.62 -46.73 35.91
N ASP F 227 -10.38 -46.71 35.44
CA ASP F 227 -9.22 -46.63 36.31
C ASP F 227 -8.81 -45.21 36.64
N ILE F 228 -9.63 -44.23 36.31
CA ILE F 228 -9.36 -42.82 36.57
C ILE F 228 -10.50 -42.27 37.42
N PRO F 229 -10.21 -41.57 38.52
CA PRO F 229 -11.29 -40.99 39.32
C PRO F 229 -12.08 -39.95 38.52
N SER F 230 -13.32 -39.73 38.95
CA SER F 230 -14.19 -38.78 38.26
C SER F 230 -13.66 -37.35 38.37
N SER F 231 -12.88 -37.06 39.40
CA SER F 231 -12.28 -35.74 39.55
C SER F 231 -11.11 -35.52 38.60
N LEU F 232 -10.60 -36.57 37.97
CA LEU F 232 -9.47 -36.45 37.05
C LEU F 232 -9.84 -36.80 35.61
N GLN F 233 -11.05 -37.28 35.37
CA GLN F 233 -11.48 -37.60 34.01
C GLN F 233 -11.65 -36.34 33.17
N LYS F 234 -10.54 -35.83 32.62
CA LYS F 234 -10.54 -34.62 31.83
C LYS F 234 -10.41 -34.95 30.35
N LYS F 235 -10.95 -34.06 29.52
CA LYS F 235 -10.89 -34.26 28.07
C LYS F 235 -9.47 -34.01 27.57
N VAL F 236 -8.95 -34.92 26.76
CA VAL F 236 -7.61 -34.84 26.22
C VAL F 236 -7.68 -34.26 24.81
N TYR F 237 -6.90 -33.21 24.56
CA TYR F 237 -6.86 -32.57 23.26
C TYR F 237 -5.41 -32.48 22.78
N SER F 238 -5.24 -32.21 21.49
CA SER F 238 -3.94 -32.06 20.86
C SER F 238 -3.83 -30.64 20.34
N LEU F 239 -3.15 -29.78 21.10
CA LEU F 239 -2.99 -28.38 20.72
C LEU F 239 -1.98 -28.28 19.58
N ASP F 240 -2.50 -28.11 18.36
CA ASP F 240 -1.66 -28.00 17.18
C ASP F 240 -1.36 -26.52 16.93
N ILE F 241 -0.09 -26.15 17.01
CA ILE F 241 0.30 -24.76 16.79
C ILE F 241 0.22 -24.39 15.31
N GLY F 242 0.27 -25.37 14.41
CA GLY F 242 0.18 -25.06 12.99
C GLY F 242 -1.22 -24.85 12.49
N SER F 243 -2.22 -25.43 13.16
CA SER F 243 -3.60 -25.28 12.74
C SER F 243 -4.12 -23.86 12.94
N LEU F 244 -3.49 -23.08 13.81
CA LEU F 244 -3.93 -21.71 14.04
C LEU F 244 -3.54 -20.77 12.90
N LEU F 245 -2.58 -21.17 12.08
CA LEU F 245 -2.13 -20.37 10.95
C LEU F 245 -2.61 -20.95 9.62
N ALA F 246 -3.83 -21.50 9.61
CA ALA F 246 -4.38 -22.09 8.40
C ALA F 246 -4.82 -21.01 7.43
N GLY F 247 -4.58 -21.24 6.14
CA GLY F 247 -4.95 -20.30 5.11
C GLY F 247 -3.82 -19.33 4.79
N ALA F 248 -3.89 -18.78 3.58
CA ALA F 248 -2.90 -17.82 3.11
C ALA F 248 -3.13 -16.45 3.75
N GLY F 252 -2.66 -10.01 15.42
CA GLY F 252 -3.88 -9.77 14.68
C GLY F 252 -4.80 -10.98 14.62
N GLU F 253 -4.69 -11.75 13.54
CA GLU F 253 -5.52 -12.94 13.39
C GLU F 253 -5.05 -14.08 14.28
N PHE F 254 -3.74 -14.22 14.47
CA PHE F 254 -3.23 -15.29 15.32
C PHE F 254 -3.56 -15.05 16.79
N GLU F 255 -3.64 -13.79 17.22
CA GLU F 255 -3.97 -13.49 18.60
C GLU F 255 -5.43 -13.78 18.93
N GLU F 256 -6.32 -13.76 17.94
CA GLU F 256 -7.72 -14.03 18.19
C GLU F 256 -8.00 -15.52 18.25
N ARG F 257 -7.36 -16.31 17.38
CA ARG F 257 -7.56 -17.75 17.38
C ARG F 257 -6.91 -18.41 18.59
N LEU F 258 -5.81 -17.82 19.09
CA LEU F 258 -5.14 -18.39 20.25
C LEU F 258 -5.96 -18.20 21.53
N LYS F 259 -6.66 -17.07 21.64
CA LYS F 259 -7.45 -16.82 22.84
C LYS F 259 -8.73 -17.66 22.87
N ALA F 260 -9.31 -17.96 21.71
CA ALA F 260 -10.54 -18.74 21.68
C ALA F 260 -10.30 -20.19 22.07
N VAL F 261 -9.10 -20.73 21.77
CA VAL F 261 -8.81 -22.11 22.11
C VAL F 261 -8.42 -22.24 23.58
N LEU F 262 -7.64 -21.27 24.08
CA LEU F 262 -7.18 -21.30 25.47
C LEU F 262 -8.24 -20.84 26.46
N LYS F 263 -9.47 -20.60 26.02
CA LYS F 263 -10.56 -20.17 26.89
C LYS F 263 -11.54 -21.27 27.22
N GLU F 264 -11.87 -22.13 26.24
CA GLU F 264 -12.83 -23.20 26.49
C GLU F 264 -12.25 -24.27 27.41
N LEU F 265 -10.93 -24.41 27.44
CA LEU F 265 -10.31 -25.41 28.32
C LEU F 265 -10.27 -24.94 29.77
N LYS F 266 -10.26 -23.62 30.00
CA LYS F 266 -10.23 -23.13 31.38
C LYS F 266 -11.59 -23.23 32.03
N GLU F 267 -12.67 -22.90 31.30
CA GLU F 267 -14.01 -22.97 31.86
C GLU F 267 -14.51 -24.41 32.01
N ALA F 268 -13.89 -25.37 31.32
CA ALA F 268 -14.28 -26.76 31.41
C ALA F 268 -13.30 -27.62 32.20
N GLN F 269 -12.12 -27.09 32.53
CA GLN F 269 -11.10 -27.81 33.28
C GLN F 269 -10.72 -29.12 32.61
N ALA F 270 -9.80 -29.06 31.65
CA ALA F 270 -9.36 -30.24 30.92
C ALA F 270 -7.89 -30.09 30.57
N ILE F 271 -7.22 -31.23 30.44
CA ILE F 271 -5.80 -31.26 30.10
C ILE F 271 -5.66 -31.12 28.58
N VAL F 272 -4.42 -31.01 28.11
CA VAL F 272 -4.14 -30.87 26.69
C VAL F 272 -2.72 -31.36 26.43
N PHE F 273 -2.51 -31.96 25.27
CA PHE F 273 -1.21 -32.47 24.85
C PHE F 273 -0.61 -31.53 23.82
N ILE F 274 0.49 -30.89 24.17
CA ILE F 274 1.19 -29.94 23.30
C ILE F 274 2.37 -30.67 22.66
N ASP F 275 2.24 -30.97 21.37
CA ASP F 275 3.32 -31.63 20.65
C ASP F 275 4.36 -30.59 20.22
N GLU F 276 5.63 -30.88 20.54
CA GLU F 276 6.74 -29.99 20.24
C GLU F 276 6.51 -28.62 20.87
N ILE F 277 6.88 -28.48 22.14
CA ILE F 277 6.54 -27.28 22.92
C ILE F 277 7.51 -26.13 22.72
N HIS F 278 8.65 -26.36 22.08
CA HIS F 278 9.64 -25.29 21.92
C HIS F 278 9.17 -24.21 20.96
N THR F 279 8.13 -24.48 20.16
CA THR F 279 7.64 -23.48 19.22
C THR F 279 6.68 -22.50 19.90
N VAL F 280 5.80 -23.01 20.77
CA VAL F 280 4.84 -22.15 21.45
C VAL F 280 5.49 -21.35 22.58
N LEU F 281 6.60 -21.83 23.13
CA LEU F 281 7.28 -21.14 24.21
C LEU F 281 8.26 -20.07 23.74
N GLY F 282 8.36 -19.87 22.42
CA GLY F 282 9.28 -18.87 21.88
C GLY F 282 10.06 -19.36 20.68
N ALA F 283 9.39 -19.46 19.55
CA ALA F 283 10.04 -19.92 18.31
C ALA F 283 10.88 -18.81 17.70
N ALA F 289 5.54 -20.71 16.16
CA ALA F 289 4.99 -19.43 15.75
C ALA F 289 5.72 -18.27 16.44
N ILE F 290 5.04 -17.62 17.38
CA ILE F 290 5.61 -16.51 18.12
C ILE F 290 5.75 -16.88 19.58
N ASP F 291 6.19 -15.94 20.41
CA ASP F 291 6.37 -16.18 21.83
C ASP F 291 5.01 -16.10 22.52
N ALA F 292 4.52 -17.24 23.02
CA ALA F 292 3.24 -17.30 23.71
C ALA F 292 3.38 -17.77 25.15
N ALA F 293 4.59 -17.67 25.71
CA ALA F 293 4.80 -18.10 27.10
C ALA F 293 4.35 -17.06 28.12
N ASN F 294 4.12 -15.81 27.69
CA ASN F 294 3.67 -14.79 28.63
C ASN F 294 2.21 -14.99 29.01
N LEU F 295 1.38 -15.43 28.05
CA LEU F 295 -0.03 -15.66 28.32
C LEU F 295 -0.29 -17.00 28.99
N LEU F 296 0.68 -17.91 29.00
CA LEU F 296 0.52 -19.21 29.62
C LEU F 296 1.16 -19.30 31.02
N LYS F 297 1.90 -18.27 31.44
CA LYS F 297 2.52 -18.32 32.76
C LYS F 297 1.50 -18.19 33.89
N PRO F 298 0.56 -17.23 33.87
CA PRO F 298 -0.43 -17.19 34.96
C PRO F 298 -1.36 -18.39 34.97
N MET F 299 -1.56 -19.05 33.82
CA MET F 299 -2.44 -20.21 33.78
C MET F 299 -1.78 -21.43 34.42
N LEU F 300 -0.50 -21.65 34.14
CA LEU F 300 0.23 -22.78 34.70
C LEU F 300 0.59 -22.58 36.17
N ALA F 301 0.70 -21.34 36.63
CA ALA F 301 1.04 -21.08 38.02
C ALA F 301 -0.18 -21.17 38.94
N ARG F 302 -1.29 -20.55 38.54
CA ARG F 302 -2.52 -20.58 39.34
C ARG F 302 -3.30 -21.87 39.18
N GLY F 303 -2.89 -22.76 38.28
CA GLY F 303 -3.62 -24.00 38.06
C GLY F 303 -4.91 -23.84 37.28
N GLU F 304 -5.09 -22.71 36.60
CA GLU F 304 -6.30 -22.51 35.82
C GLU F 304 -6.32 -23.35 34.56
N LEU F 305 -5.16 -23.53 33.92
CA LEU F 305 -5.09 -24.32 32.69
C LEU F 305 -3.72 -24.99 32.66
N ARG F 306 -3.70 -26.30 32.91
CA ARG F 306 -2.46 -27.06 32.91
C ARG F 306 -2.17 -27.61 31.52
N CYS F 307 -0.90 -27.93 31.28
CA CYS F 307 -0.45 -28.45 30.00
C CYS F 307 0.60 -29.53 30.24
N ILE F 308 0.82 -30.35 29.21
CA ILE F 308 1.80 -31.42 29.24
C ILE F 308 2.84 -31.14 28.17
N GLY F 309 4.10 -31.00 28.59
CA GLY F 309 5.17 -30.71 27.67
C GLY F 309 5.77 -31.95 27.04
N ALA F 310 6.34 -31.77 25.85
CA ALA F 310 6.98 -32.87 25.13
C ALA F 310 7.96 -32.26 24.13
N THR F 311 9.24 -32.26 24.47
CA THR F 311 10.28 -31.68 23.63
C THR F 311 11.53 -32.53 23.72
N THR F 312 12.57 -32.11 23.01
CA THR F 312 13.84 -32.82 22.97
C THR F 312 14.75 -32.31 24.09
N LEU F 313 15.57 -33.22 24.63
CA LEU F 313 16.50 -32.85 25.69
C LEU F 313 17.47 -31.76 25.22
N THR F 314 17.84 -31.76 23.94
CA THR F 314 18.69 -30.70 23.42
C THR F 314 17.99 -29.34 23.45
N GLU F 315 16.71 -29.32 23.08
CA GLU F 315 15.94 -28.08 23.11
C GLU F 315 15.36 -27.78 24.49
N TYR F 316 15.34 -28.75 25.40
CA TYR F 316 14.82 -28.52 26.73
C TYR F 316 15.75 -27.65 27.56
N ARG F 317 17.05 -27.66 27.25
CA ARG F 317 18.01 -26.87 28.02
C ARG F 317 18.01 -25.41 27.57
N GLN F 318 17.80 -25.15 26.28
CA GLN F 318 17.85 -23.81 25.73
C GLN F 318 16.52 -23.06 25.85
N TYR F 319 15.53 -23.64 26.54
CA TYR F 319 14.22 -22.98 26.68
C TYR F 319 13.57 -23.15 28.03
N VAL F 320 14.07 -24.03 28.91
CA VAL F 320 13.48 -24.27 30.22
C VAL F 320 14.51 -24.07 31.33
N GLU F 321 15.68 -24.71 31.20
CA GLU F 321 16.71 -24.59 32.23
C GLU F 321 17.37 -23.23 32.25
N LYS F 322 17.28 -22.47 31.16
CA LYS F 322 17.86 -21.13 31.11
C LYS F 322 16.96 -20.06 31.70
N ASP F 323 15.76 -20.42 32.14
CA ASP F 323 14.82 -19.48 32.74
C ASP F 323 14.43 -19.98 34.11
N PRO F 324 14.69 -19.22 35.19
CA PRO F 324 14.31 -19.69 36.53
C PRO F 324 12.80 -19.84 36.71
N ALA F 325 12.00 -19.02 36.01
CA ALA F 325 10.55 -19.11 36.14
C ALA F 325 9.97 -20.33 35.45
N PHE F 326 10.67 -20.90 34.47
CA PHE F 326 10.16 -22.07 33.76
C PHE F 326 10.59 -23.37 34.41
N GLU F 327 11.73 -23.39 35.11
CA GLU F 327 12.19 -24.61 35.76
C GLU F 327 11.39 -24.93 37.01
N ARG F 328 10.92 -23.91 37.73
CA ARG F 328 10.17 -24.14 38.96
C ARG F 328 8.76 -24.67 38.70
N ARG F 329 8.29 -24.67 37.45
CA ARG F 329 6.96 -25.14 37.13
C ARG F 329 6.94 -26.40 36.27
N PHE F 330 8.02 -26.70 35.55
CA PHE F 330 8.12 -27.91 34.73
C PHE F 330 9.07 -28.89 35.41
N GLN F 331 8.58 -30.11 35.64
CA GLN F 331 9.37 -31.16 36.27
C GLN F 331 9.97 -32.06 35.21
N LEU F 332 11.20 -32.51 35.44
CA LEU F 332 11.92 -33.35 34.49
C LEU F 332 11.29 -34.73 34.45
N VAL F 333 10.67 -35.07 33.33
CA VAL F 333 10.04 -36.37 33.12
C VAL F 333 10.81 -37.08 32.02
N MET F 334 11.54 -38.13 32.37
CA MET F 334 12.33 -38.89 31.41
C MET F 334 11.50 -40.02 30.80
N VAL F 335 11.69 -40.24 29.50
CA VAL F 335 10.98 -41.28 28.76
C VAL F 335 11.97 -42.38 28.43
N GLU F 336 11.68 -43.60 28.88
CA GLU F 336 12.56 -44.73 28.62
C GLU F 336 12.43 -45.20 27.18
N GLU F 337 13.56 -45.60 26.59
CA GLU F 337 13.57 -46.07 25.21
C GLU F 337 13.55 -47.60 25.19
N PRO F 338 12.68 -48.22 24.40
CA PRO F 338 12.65 -49.68 24.34
C PRO F 338 13.94 -50.24 23.76
N SER F 339 14.28 -51.46 24.21
CA SER F 339 15.48 -52.14 23.77
C SER F 339 15.06 -53.32 22.91
N VAL F 340 15.16 -54.56 23.40
CA VAL F 340 14.77 -55.75 22.65
C VAL F 340 13.60 -56.46 23.29
N THR F 341 13.65 -56.66 24.60
CA THR F 341 12.56 -57.34 25.29
C THR F 341 11.30 -56.48 25.34
N ASP F 342 11.46 -55.19 25.66
CA ASP F 342 10.29 -54.30 25.73
C ASP F 342 9.75 -54.00 24.34
N THR F 343 10.59 -54.11 23.30
CA THR F 343 10.13 -53.83 21.95
C THR F 343 9.17 -54.91 21.45
N ILE F 344 9.40 -56.16 21.85
CA ILE F 344 8.53 -57.25 21.41
C ILE F 344 7.15 -57.10 22.01
N SER F 345 7.07 -56.67 23.28
CA SER F 345 5.78 -56.50 23.94
C SER F 345 4.96 -55.37 23.32
N ILE F 346 5.60 -54.41 22.65
CA ILE F 346 4.87 -53.33 22.01
C ILE F 346 4.19 -53.82 20.74
N LEU F 347 4.88 -54.65 19.95
CA LEU F 347 4.31 -55.15 18.71
C LEU F 347 3.18 -56.13 18.97
N ARG F 348 3.17 -56.80 20.13
CA ARG F 348 2.09 -57.73 20.43
C ARG F 348 0.79 -57.00 20.72
N GLY F 349 0.84 -55.83 21.35
CA GLY F 349 -0.36 -55.07 21.62
C GLY F 349 -0.93 -54.37 20.41
N LEU F 350 -0.12 -54.17 19.36
CA LEU F 350 -0.56 -53.52 18.14
C LEU F 350 -0.83 -54.50 17.01
N LYS F 351 -0.87 -55.81 17.31
CA LYS F 351 -1.11 -56.79 16.26
C LYS F 351 -2.57 -56.78 15.81
N GLU F 352 -3.50 -56.57 16.75
CA GLU F 352 -4.92 -56.54 16.41
C GLU F 352 -5.34 -55.25 15.72
N ARG F 353 -4.45 -54.28 15.59
CA ARG F 353 -4.81 -53.02 14.94
C ARG F 353 -4.49 -53.06 13.45
N TYR F 354 -3.34 -53.66 13.08
CA TYR F 354 -2.96 -53.73 11.68
C TYR F 354 -3.68 -54.86 10.95
N GLU F 355 -4.15 -55.88 11.66
CA GLU F 355 -4.89 -56.97 11.02
C GLU F 355 -6.32 -56.58 10.67
N THR F 356 -6.80 -55.44 11.16
CA THR F 356 -8.16 -54.98 10.85
C THR F 356 -8.18 -54.00 9.68
N HIS F 357 -7.25 -53.03 9.67
CA HIS F 357 -7.22 -52.06 8.59
C HIS F 357 -6.66 -52.70 7.32
N HIS F 358 -5.51 -53.36 7.40
CA HIS F 358 -4.91 -54.00 6.24
C HIS F 358 -5.61 -55.30 5.88
N GLY F 359 -6.17 -55.99 6.86
CA GLY F 359 -6.86 -57.25 6.60
C GLY F 359 -5.93 -58.42 6.37
N VAL F 360 -4.80 -58.45 7.06
CA VAL F 360 -3.85 -59.55 6.91
C VAL F 360 -3.77 -60.34 8.21
N ARG F 361 -2.85 -61.29 8.28
CA ARG F 361 -2.65 -62.12 9.47
C ARG F 361 -1.19 -62.02 9.88
N ILE F 362 -0.93 -61.32 10.98
CA ILE F 362 0.43 -61.15 11.48
C ILE F 362 0.77 -62.35 12.36
N ALA F 363 1.76 -63.14 11.95
CA ALA F 363 2.15 -64.31 12.70
C ALA F 363 3.07 -63.92 13.85
N ASP F 364 3.34 -64.89 14.72
CA ASP F 364 4.20 -64.65 15.87
C ASP F 364 5.68 -64.64 15.50
N ALA F 365 6.05 -65.21 14.36
CA ALA F 365 7.45 -65.23 13.95
C ALA F 365 7.91 -63.87 13.45
N ALA F 366 6.99 -63.06 12.92
CA ALA F 366 7.36 -61.73 12.42
C ALA F 366 7.52 -60.70 13.53
N ILE F 367 7.10 -61.02 14.76
CA ILE F 367 7.24 -60.08 15.85
C ILE F 367 8.65 -60.11 16.41
N VAL F 368 9.21 -61.30 16.61
CA VAL F 368 10.57 -61.41 17.14
C VAL F 368 11.59 -60.96 16.10
N ALA F 369 11.37 -61.31 14.83
CA ALA F 369 12.31 -60.93 13.78
C ALA F 369 12.29 -59.43 13.50
N ALA F 370 11.21 -58.73 13.85
CA ALA F 370 11.16 -57.29 13.64
C ALA F 370 12.03 -56.54 14.63
N ALA F 371 11.98 -56.94 15.91
CA ALA F 371 12.78 -56.26 16.92
C ALA F 371 14.26 -56.64 16.84
N GLN F 372 14.58 -57.76 16.19
CA GLN F 372 15.97 -58.17 16.07
C GLN F 372 16.66 -57.48 14.90
N LEU F 373 15.96 -57.34 13.77
CA LEU F 373 16.53 -56.69 12.60
C LEU F 373 16.47 -55.17 12.67
N ALA F 374 15.84 -54.61 13.70
CA ALA F 374 15.73 -53.16 13.83
C ALA F 374 16.91 -52.56 14.59
N ALA F 375 17.34 -53.21 15.68
CA ALA F 375 18.45 -52.72 16.49
C ALA F 375 19.81 -53.24 16.03
N ARG F 376 20.00 -53.38 14.71
CA ARG F 376 21.26 -53.86 14.17
C ARG F 376 21.49 -53.33 12.77
N TYR F 377 20.41 -53.21 11.98
CA TYR F 377 20.50 -52.71 10.61
C TYR F 377 19.95 -51.31 10.43
N ILE F 378 19.19 -50.80 11.39
CA ILE F 378 18.61 -49.46 11.32
C ILE F 378 19.13 -48.67 12.51
N THR F 379 19.96 -47.67 12.25
CA THR F 379 20.53 -46.84 13.31
C THR F 379 20.16 -45.37 13.20
N GLN F 380 19.56 -44.94 12.09
CA GLN F 380 19.20 -43.53 11.92
C GLN F 380 17.93 -43.16 12.68
N ARG F 381 17.16 -44.13 13.15
CA ARG F 381 15.93 -43.85 13.89
C ARG F 381 16.04 -44.34 15.32
N PHE F 382 14.90 -44.45 16.01
CA PHE F 382 14.86 -44.88 17.39
C PHE F 382 13.64 -45.76 17.63
N MET F 383 13.65 -46.47 18.75
CA MET F 383 12.52 -47.32 19.10
C MET F 383 11.36 -46.47 19.60
N PRO F 384 10.11 -46.87 19.31
CA PRO F 384 9.78 -48.03 18.47
C PRO F 384 9.52 -47.66 17.02
N ASP F 385 9.96 -46.46 16.61
CA ASP F 385 9.69 -46.01 15.24
C ASP F 385 10.43 -46.86 14.22
N LYS F 386 11.63 -47.32 14.56
CA LYS F 386 12.41 -48.16 13.65
C LYS F 386 12.02 -49.63 13.73
N ALA F 387 11.03 -49.98 14.54
CA ALA F 387 10.54 -51.35 14.67
C ALA F 387 9.10 -51.52 14.22
N ILE F 388 8.25 -50.51 14.44
CA ILE F 388 6.87 -50.61 14.00
C ILE F 388 6.76 -50.47 12.49
N ASP F 389 7.60 -49.63 11.88
CA ASP F 389 7.57 -49.44 10.44
C ASP F 389 7.97 -50.71 9.69
N LEU F 390 8.70 -51.63 10.33
CA LEU F 390 9.05 -52.88 9.67
C LEU F 390 7.84 -53.76 9.47
N ILE F 391 6.85 -53.69 10.37
CA ILE F 391 5.64 -54.48 10.22
C ILE F 391 4.66 -53.80 9.28
N ASP F 392 4.55 -52.47 9.36
CA ASP F 392 3.64 -51.75 8.49
C ASP F 392 4.07 -51.83 7.02
N GLU F 393 5.38 -51.93 6.77
CA GLU F 393 5.86 -52.06 5.40
C GLU F 393 5.73 -53.49 4.89
N ALA F 394 5.93 -54.48 5.77
CA ALA F 394 5.81 -55.88 5.34
C ALA F 394 4.37 -56.25 5.04
N CYS F 395 3.40 -55.63 5.73
CA CYS F 395 2.00 -55.92 5.47
C CYS F 395 1.53 -55.35 4.14
N ALA F 396 2.27 -54.40 3.57
CA ALA F 396 1.89 -53.83 2.28
C ALA F 396 2.10 -54.84 1.16
N ASN F 397 3.21 -55.58 1.19
CA ASN F 397 3.48 -56.57 0.15
C ASN F 397 2.49 -57.72 0.20
N THR F 398 1.89 -57.97 1.37
CA THR F 398 0.90 -59.05 1.48
C THR F 398 -0.42 -58.66 0.83
N ARG F 399 -0.90 -57.45 1.10
CA ARG F 399 -2.16 -57.02 0.51
C ARG F 399 -2.05 -56.80 -0.99
N VAL F 400 -0.90 -56.33 -1.46
CA VAL F 400 -0.72 -56.12 -2.89
C VAL F 400 -0.71 -57.45 -3.63
N GLN F 401 -0.05 -58.47 -3.06
CA GLN F 401 -0.02 -59.77 -3.71
C GLN F 401 -1.39 -60.41 -3.75
N LEU F 402 -2.21 -60.18 -2.73
CA LEU F 402 -3.55 -60.74 -2.69
C LEU F 402 -4.54 -59.97 -3.56
N ASP F 403 -4.19 -58.76 -3.98
CA ASP F 403 -5.06 -57.95 -4.82
C ASP F 403 -4.62 -57.90 -6.27
N SER F 404 -3.33 -58.03 -6.54
CA SER F 404 -2.83 -57.99 -7.91
C SER F 404 -3.16 -59.29 -8.64
N GLN F 405 -3.45 -59.15 -9.92
CA GLN F 405 -3.76 -60.32 -10.75
C GLN F 405 -2.48 -61.09 -11.06
N PRO F 406 -2.46 -62.41 -10.87
CA PRO F 406 -1.24 -63.17 -11.13
C PRO F 406 -0.87 -63.15 -12.60
N GLU F 407 0.40 -63.48 -12.87
CA GLU F 407 0.89 -63.48 -14.25
C GLU F 407 0.26 -64.60 -15.05
N ALA F 408 -0.01 -65.75 -14.42
CA ALA F 408 -0.65 -66.87 -15.11
C ALA F 408 -2.11 -66.61 -15.43
N ILE F 409 -2.75 -65.64 -14.78
CA ILE F 409 -4.14 -65.32 -15.02
C ILE F 409 -4.29 -64.08 -15.89
N ASP F 410 -3.45 -63.07 -15.68
CA ASP F 410 -3.54 -61.85 -16.49
C ASP F 410 -3.11 -62.09 -17.93
N LYS F 411 -2.21 -63.06 -18.15
CA LYS F 411 -1.78 -63.36 -19.52
C LYS F 411 -2.90 -64.04 -20.31
N LEU F 412 -3.66 -64.92 -19.66
CA LEU F 412 -4.77 -65.58 -20.34
C LEU F 412 -5.95 -64.65 -20.55
N GLU F 413 -6.12 -63.67 -19.67
CA GLU F 413 -7.23 -62.72 -19.81
C GLU F 413 -6.94 -61.69 -20.89
N ARG F 414 -5.67 -61.28 -21.03
CA ARG F 414 -5.32 -60.30 -22.06
C ARG F 414 -5.41 -60.92 -23.45
N ARG F 415 -4.99 -62.18 -23.59
CA ARG F 415 -5.07 -62.85 -24.88
C ARG F 415 -6.50 -63.23 -25.25
N HIS F 416 -7.39 -63.35 -24.26
CA HIS F 416 -8.78 -63.69 -24.55
C HIS F 416 -9.52 -62.52 -25.18
N LEU F 417 -9.24 -61.30 -24.73
CA LEU F 417 -9.90 -60.12 -25.30
C LEU F 417 -9.37 -59.80 -26.70
N GLN F 418 -8.13 -60.17 -27.00
CA GLN F 418 -7.58 -59.91 -28.33
C GLN F 418 -8.18 -60.84 -29.37
N LEU F 419 -8.50 -62.08 -28.99
CA LEU F 419 -9.12 -63.00 -29.93
C LEU F 419 -10.58 -62.66 -30.22
N GLU F 420 -11.24 -61.97 -29.29
CA GLU F 420 -12.62 -61.57 -29.53
C GLU F 420 -12.71 -60.45 -30.56
N VAL F 421 -11.74 -59.54 -30.57
CA VAL F 421 -11.74 -58.45 -31.55
C VAL F 421 -11.44 -59.00 -32.94
N GLU F 422 -10.53 -59.97 -33.03
CA GLU F 422 -10.20 -60.55 -34.33
C GLU F 422 -11.38 -61.36 -34.89
N ALA F 423 -12.12 -62.05 -34.01
CA ALA F 423 -13.26 -62.84 -34.46
C ALA F 423 -14.43 -61.97 -34.91
N THR F 424 -14.46 -60.70 -34.50
CA THR F 424 -15.55 -59.82 -34.90
C THR F 424 -15.40 -59.39 -36.35
N ALA F 425 -14.18 -59.02 -36.77
CA ALA F 425 -13.97 -58.58 -38.14
C ALA F 425 -14.06 -59.74 -39.13
N LEU F 426 -13.83 -60.97 -38.69
CA LEU F 426 -13.92 -62.11 -39.60
C LEU F 426 -15.35 -62.47 -39.93
N GLU F 427 -16.32 -62.06 -39.10
CA GLU F 427 -17.72 -62.37 -39.39
C GLU F 427 -18.30 -61.46 -40.46
N LYS F 428 -17.67 -60.32 -40.72
CA LYS F 428 -18.17 -59.41 -41.73
C LYS F 428 -17.76 -59.84 -43.14
N GLU F 429 -16.65 -60.56 -43.26
CA GLU F 429 -16.16 -61.04 -44.55
C GLU F 429 -16.59 -62.49 -44.74
N LYS F 430 -17.15 -62.79 -45.91
CA LYS F 430 -17.63 -64.11 -46.27
C LYS F 430 -16.91 -64.54 -47.55
N ASP F 431 -15.80 -65.26 -47.39
CA ASP F 431 -15.03 -65.75 -48.52
C ASP F 431 -14.33 -67.04 -48.10
N ALA F 432 -13.34 -67.45 -48.89
CA ALA F 432 -12.58 -68.67 -48.62
C ALA F 432 -11.37 -68.42 -47.72
N ALA F 433 -11.28 -67.25 -47.10
CA ALA F 433 -10.16 -66.92 -46.22
C ALA F 433 -10.58 -66.49 -44.83
N SER F 434 -11.86 -66.23 -44.59
CA SER F 434 -12.34 -65.81 -43.28
C SER F 434 -13.06 -66.91 -42.52
N LYS F 435 -13.68 -67.85 -43.22
CA LYS F 435 -14.39 -68.93 -42.54
C LYS F 435 -13.42 -69.93 -41.92
N GLN F 436 -12.28 -70.16 -42.59
CA GLN F 436 -11.29 -71.08 -42.03
C GLN F 436 -10.54 -70.47 -40.86
N ARG F 437 -10.26 -69.17 -40.93
CA ARG F 437 -9.54 -68.51 -39.84
C ARG F 437 -10.44 -68.33 -38.62
N LEU F 438 -11.75 -68.15 -38.82
CA LEU F 438 -12.67 -67.98 -37.70
C LEU F 438 -12.78 -69.25 -36.87
N GLN F 439 -12.67 -70.43 -37.51
CA GLN F 439 -12.73 -71.67 -36.77
C GLN F 439 -11.50 -71.88 -35.89
N GLU F 440 -10.36 -71.32 -36.29
CA GLU F 440 -9.15 -71.44 -35.48
C GLU F 440 -9.15 -70.49 -34.30
N VAL F 441 -9.81 -69.33 -34.42
CA VAL F 441 -9.88 -68.39 -33.32
C VAL F 441 -10.81 -68.91 -32.23
N ARG F 442 -11.96 -69.46 -32.62
CA ARG F 442 -12.90 -69.99 -31.63
C ARG F 442 -12.35 -71.24 -30.95
N ALA F 443 -11.52 -72.01 -31.66
CA ALA F 443 -10.93 -73.19 -31.04
C ALA F 443 -9.84 -72.82 -30.04
N GLU F 444 -9.14 -71.70 -30.27
CA GLU F 444 -8.12 -71.26 -29.32
C GLU F 444 -8.74 -70.68 -28.05
N MET F 445 -9.91 -70.03 -28.18
CA MET F 445 -10.56 -69.46 -27.01
C MET F 445 -11.09 -70.54 -26.07
N ALA F 446 -11.38 -71.72 -26.60
CA ALA F 446 -11.88 -72.80 -25.75
C ALA F 446 -10.76 -73.42 -24.91
N ARG F 447 -9.53 -73.41 -25.42
CA ARG F 447 -8.40 -73.95 -24.67
C ARG F 447 -7.85 -72.97 -23.65
N ILE F 448 -8.04 -71.67 -23.87
CA ILE F 448 -7.57 -70.68 -22.90
C ILE F 448 -8.43 -70.72 -21.65
N GLN F 449 -9.75 -70.76 -21.82
CA GLN F 449 -10.65 -70.83 -20.68
C GLN F 449 -10.60 -72.18 -19.96
N GLU F 450 -10.06 -73.21 -20.62
CA GLU F 450 -9.96 -74.51 -19.97
C GLU F 450 -8.95 -74.48 -18.83
N GLU F 451 -7.84 -73.77 -19.01
CA GLU F 451 -6.82 -73.64 -17.98
C GLU F 451 -6.98 -72.37 -17.15
N LEU F 452 -8.00 -71.56 -17.43
CA LEU F 452 -8.24 -70.32 -16.70
C LEU F 452 -9.32 -70.47 -15.63
N ARG F 453 -10.33 -71.28 -15.87
CA ARG F 453 -11.39 -71.46 -14.88
C ARG F 453 -10.90 -72.06 -13.56
N PRO F 454 -10.05 -73.09 -13.54
CA PRO F 454 -9.52 -73.56 -12.25
C PRO F 454 -8.63 -72.55 -11.54
N LEU F 455 -8.20 -71.49 -12.22
CA LEU F 455 -7.36 -70.46 -11.60
C LEU F 455 -8.10 -69.16 -11.35
N LYS F 456 -9.05 -68.79 -12.21
CA LYS F 456 -9.78 -67.55 -12.02
C LYS F 456 -10.80 -67.68 -10.88
N MET F 457 -11.57 -68.76 -10.89
CA MET F 457 -12.56 -68.97 -9.82
C MET F 457 -11.89 -69.27 -8.49
N LYS F 458 -10.68 -69.83 -8.52
CA LYS F 458 -9.97 -70.10 -7.27
C LYS F 458 -9.42 -68.82 -6.67
N TYR F 459 -8.97 -67.88 -7.51
CA TYR F 459 -8.46 -66.61 -7.00
C TYR F 459 -9.59 -65.72 -6.50
N GLU F 460 -10.75 -65.75 -7.18
CA GLU F 460 -11.87 -64.95 -6.74
C GLU F 460 -12.51 -65.50 -5.47
N SER F 461 -12.42 -66.81 -5.25
CA SER F 461 -12.97 -67.39 -4.04
C SER F 461 -12.15 -67.03 -2.82
N GLU F 462 -10.81 -67.01 -2.96
CA GLU F 462 -9.96 -66.63 -1.84
C GLU F 462 -10.01 -65.12 -1.59
N LYS F 463 -10.09 -64.32 -2.66
CA LYS F 463 -10.17 -62.87 -2.49
C LYS F 463 -11.54 -62.45 -1.97
N GLY F 464 -12.60 -63.12 -2.42
CA GLY F 464 -13.94 -62.76 -1.96
C GLY F 464 -14.18 -63.11 -0.51
N ARG F 465 -13.52 -64.15 0.00
CA ARG F 465 -13.69 -64.53 1.40
C ARG F 465 -12.76 -63.78 2.32
N LEU F 466 -11.55 -63.43 1.84
CA LEU F 466 -10.62 -62.68 2.68
C LEU F 466 -11.06 -61.23 2.86
N ASP F 467 -11.69 -60.64 1.84
CA ASP F 467 -12.17 -59.27 1.96
C ASP F 467 -13.36 -59.18 2.91
N GLU F 468 -14.17 -60.24 3.01
CA GLU F 468 -15.29 -60.23 3.93
C GLU F 468 -14.83 -60.28 5.38
N ILE F 469 -13.70 -60.92 5.66
CA ILE F 469 -13.18 -60.98 7.02
C ILE F 469 -12.75 -59.59 7.47
N ARG F 470 -12.21 -58.79 6.56
CA ARG F 470 -11.79 -57.43 6.92
C ARG F 470 -12.99 -56.57 7.30
N ASN F 471 -14.11 -56.72 6.59
CA ASN F 471 -15.30 -55.95 6.92
C ASN F 471 -15.91 -56.39 8.24
N LEU F 472 -15.70 -57.65 8.63
CA LEU F 472 -16.23 -58.12 9.92
C LEU F 472 -15.40 -57.57 11.08
N SER F 473 -14.09 -57.48 10.91
CA SER F 473 -13.23 -56.98 11.99
C SER F 473 -13.41 -55.48 12.19
N GLN F 474 -13.78 -54.74 11.14
CA GLN F 474 -13.98 -53.31 11.27
C GLN F 474 -15.27 -52.96 12.02
N ARG F 475 -16.23 -53.89 12.07
CA ARG F 475 -17.48 -53.65 12.78
C ARG F 475 -17.50 -54.23 14.19
N LEU F 476 -16.58 -55.14 14.51
CA LEU F 476 -16.52 -55.68 15.86
C LEU F 476 -16.04 -54.62 16.85
N ASP F 477 -15.05 -53.81 16.46
CA ASP F 477 -14.56 -52.76 17.34
C ASP F 477 -15.56 -51.61 17.44
N GLU F 478 -16.37 -51.40 16.39
CA GLU F 478 -17.35 -50.32 16.43
C GLU F 478 -18.52 -50.67 17.35
N LEU F 479 -18.94 -51.93 17.37
CA LEU F 479 -20.04 -52.34 18.24
C LEU F 479 -19.61 -52.35 19.71
N LYS F 480 -18.38 -52.78 19.98
CA LYS F 480 -17.90 -52.81 21.35
C LYS F 480 -17.61 -51.41 21.89
N ALA F 481 -17.27 -50.45 21.02
CA ALA F 481 -17.03 -49.09 21.48
C ALA F 481 -18.32 -48.37 21.83
N LYS F 482 -19.38 -48.60 21.05
CA LYS F 482 -20.66 -47.96 21.35
C LYS F 482 -21.35 -48.59 22.56
N ALA F 483 -21.00 -49.83 22.92
CA ALA F 483 -21.60 -50.46 24.08
C ALA F 483 -21.07 -49.85 25.37
N GLU F 484 -19.80 -49.44 25.38
CA GLU F 484 -19.24 -48.82 26.57
C GLU F 484 -19.75 -47.39 26.74
N ASP F 485 -20.07 -46.72 25.64
CA ASP F 485 -20.60 -45.36 25.73
C ASP F 485 -22.04 -45.33 26.22
N ALA F 486 -22.83 -46.36 25.90
CA ALA F 486 -24.22 -46.40 26.35
C ALA F 486 -24.31 -46.69 27.85
N GLU F 487 -23.32 -47.39 28.41
CA GLU F 487 -23.34 -47.68 29.83
C GLU F 487 -23.02 -46.43 30.66
N ARG F 488 -22.16 -45.55 30.15
CA ARG F 488 -21.82 -44.33 30.86
C ARG F 488 -22.92 -43.28 30.76
N ARG F 489 -23.65 -43.26 29.65
CA ARG F 489 -24.76 -42.32 29.45
C ARG F 489 -26.08 -42.84 30.00
N TYR F 490 -26.06 -43.97 30.71
CA TYR F 490 -27.26 -44.57 31.29
C TYR F 490 -28.30 -44.87 30.22
N ASP F 491 -27.92 -45.77 29.30
CA ASP F 491 -28.79 -46.19 28.20
C ASP F 491 -28.84 -47.72 28.20
N LEU F 492 -29.72 -48.26 29.03
CA LEU F 492 -29.88 -49.71 29.13
C LEU F 492 -30.68 -50.30 27.99
N ALA F 493 -31.37 -49.46 27.20
CA ALA F 493 -32.16 -49.97 26.08
C ALA F 493 -31.31 -50.15 24.83
N ARG F 494 -30.10 -49.60 24.79
CA ARG F 494 -29.22 -49.73 23.64
C ARG F 494 -28.05 -50.66 23.91
N ALA F 495 -27.51 -50.64 25.13
CA ALA F 495 -26.38 -51.49 25.46
C ALA F 495 -26.80 -52.96 25.58
N ALA F 496 -28.08 -53.21 25.88
CA ALA F 496 -28.56 -54.58 26.01
C ALA F 496 -28.82 -55.23 24.66
N ASP F 497 -29.02 -54.45 23.60
CA ASP F 497 -29.28 -54.97 22.27
C ASP F 497 -28.01 -55.06 21.42
N ILE F 498 -26.84 -54.93 22.03
CA ILE F 498 -25.58 -55.00 21.29
C ILE F 498 -24.72 -56.12 21.87
N ARG F 499 -24.49 -56.09 23.18
CA ARG F 499 -23.66 -57.10 23.82
C ARG F 499 -24.35 -58.45 23.96
N TYR F 500 -25.66 -58.52 23.69
CA TYR F 500 -26.40 -59.77 23.79
C TYR F 500 -27.13 -60.12 22.51
N TYR F 501 -26.94 -59.37 21.44
CA TYR F 501 -27.61 -59.65 20.18
C TYR F 501 -26.68 -59.39 18.99
N ALA F 502 -25.90 -58.32 19.05
CA ALA F 502 -25.00 -58.00 17.96
C ALA F 502 -23.68 -58.75 18.08
N ILE F 503 -23.17 -58.89 19.30
CA ILE F 503 -21.91 -59.60 19.54
C ILE F 503 -22.07 -61.10 19.28
N PRO F 504 -23.10 -61.78 19.81
CA PRO F 504 -23.24 -63.21 19.51
C PRO F 504 -23.54 -63.50 18.04
N ASP F 505 -24.05 -62.52 17.29
CA ASP F 505 -24.35 -62.75 15.88
C ASP F 505 -23.12 -62.53 15.01
N LEU F 506 -22.36 -61.47 15.28
CA LEU F 506 -21.18 -61.18 14.46
C LEU F 506 -20.04 -62.16 14.75
N GLU F 507 -19.92 -62.62 15.99
CA GLU F 507 -18.86 -63.57 16.32
C GLU F 507 -19.14 -64.95 15.73
N LYS F 508 -20.42 -65.29 15.54
CA LYS F 508 -20.75 -66.59 14.96
C LYS F 508 -20.46 -66.62 13.47
N ARG F 509 -20.64 -65.48 12.78
CA ARG F 509 -20.35 -65.44 11.35
C ARG F 509 -18.86 -65.41 11.08
N LEU F 510 -18.08 -64.77 11.96
CA LEU F 510 -16.63 -64.72 11.77
C LEU F 510 -15.99 -66.09 11.95
N ALA F 511 -16.52 -66.91 12.85
CA ALA F 511 -15.97 -68.24 13.07
C ALA F 511 -16.19 -69.17 11.89
N GLN F 512 -17.18 -68.88 11.04
CA GLN F 512 -17.42 -69.73 9.88
C GLN F 512 -16.38 -69.50 8.80
N LEU F 513 -15.96 -68.25 8.61
CA LEU F 513 -14.94 -67.96 7.59
C LEU F 513 -13.56 -68.40 8.03
N GLN F 514 -13.30 -68.40 9.35
CA GLN F 514 -11.99 -68.82 9.84
C GLN F 514 -11.80 -70.33 9.69
N ALA F 515 -12.87 -71.11 9.81
CA ALA F 515 -12.76 -72.56 9.66
C ALA F 515 -12.65 -72.97 8.20
N GLU F 516 -13.22 -72.18 7.29
CA GLU F 516 -13.14 -72.48 5.87
C GLU F 516 -11.89 -71.94 5.20
N LYS F 517 -11.24 -70.93 5.80
CA LYS F 517 -10.03 -70.39 5.21
C LYS F 517 -8.84 -71.34 5.39
N SER F 518 -8.78 -72.01 6.54
CA SER F 518 -7.69 -72.95 6.79
C SER F 518 -7.82 -74.20 5.94
N GLN F 519 -9.04 -74.55 5.53
CA GLN F 519 -9.23 -75.73 4.70
C GLN F 519 -8.79 -75.48 3.26
N ALA F 520 -8.89 -74.24 2.79
CA ALA F 520 -8.48 -73.91 1.43
C ALA F 520 -6.98 -73.82 1.27
N ASP F 521 -6.24 -73.62 2.36
CA ASP F 521 -4.78 -73.55 2.28
C ASP F 521 -4.17 -74.92 2.03
N ALA F 522 -4.80 -75.98 2.53
CA ALA F 522 -4.27 -77.33 2.33
C ALA F 522 -4.55 -77.86 0.93
N GLU F 523 -5.48 -77.26 0.20
CA GLU F 523 -5.78 -77.71 -1.16
C GLU F 523 -4.70 -77.31 -2.15
N ARG F 524 -3.97 -76.22 -1.86
CA ARG F 524 -2.91 -75.79 -2.76
C ARG F 524 -1.67 -76.65 -2.64
N ALA F 525 -1.35 -77.09 -1.42
CA ALA F 525 -0.18 -77.94 -1.16
C ALA F 525 1.11 -77.27 -1.63
N ASP F 526 1.43 -76.14 -0.99
CA ASP F 526 2.63 -75.39 -1.33
C ASP F 526 3.18 -74.67 -0.12
N GLY F 527 2.31 -74.21 0.77
CA GLY F 527 2.74 -73.52 1.97
C GLY F 527 3.30 -72.13 1.71
N LEU F 528 2.89 -71.48 0.64
CA LEU F 528 3.37 -70.15 0.33
C LEU F 528 2.71 -69.11 1.24
N LEU F 529 3.53 -68.18 1.74
CA LEU F 529 3.05 -67.13 2.63
C LEU F 529 2.42 -66.03 1.78
N ALA F 530 1.16 -66.25 1.41
CA ALA F 530 0.42 -65.28 0.59
C ALA F 530 -0.44 -64.35 1.42
N GLU F 531 -0.96 -64.82 2.56
CA GLU F 531 -1.80 -64.01 3.42
C GLU F 531 -1.31 -63.94 4.87
N VAL F 532 -0.19 -64.57 5.18
CA VAL F 532 0.36 -64.59 6.54
C VAL F 532 1.72 -63.91 6.49
N VAL F 533 1.89 -62.85 7.27
CA VAL F 533 3.15 -62.12 7.33
C VAL F 533 4.12 -62.88 8.22
N GLY F 534 5.24 -63.32 7.63
CA GLY F 534 6.24 -64.07 8.36
C GLY F 534 7.63 -63.50 8.17
N PRO F 535 8.65 -64.31 8.44
CA PRO F 535 10.03 -63.83 8.27
C PRO F 535 10.41 -63.53 6.83
N ASP F 536 9.66 -64.02 5.85
CA ASP F 536 9.99 -63.76 4.45
C ASP F 536 9.71 -62.30 4.09
N GLN F 537 8.60 -61.74 4.57
CA GLN F 537 8.26 -60.36 4.27
C GLN F 537 9.12 -59.37 5.04
N ILE F 538 9.67 -59.77 6.19
CA ILE F 538 10.52 -58.86 6.95
C ILE F 538 11.89 -58.71 6.29
N MET F 539 12.40 -59.78 5.67
CA MET F 539 13.70 -59.70 5.02
C MET F 539 13.68 -58.77 3.82
N GLU F 540 12.57 -58.72 3.09
CA GLU F 540 12.49 -57.85 1.92
C GLU F 540 12.48 -56.37 2.32
N VAL F 541 11.92 -56.05 3.49
CA VAL F 541 11.88 -54.66 3.93
C VAL F 541 13.27 -54.18 4.32
N VAL F 542 14.06 -55.06 4.94
CA VAL F 542 15.41 -54.67 5.37
C VAL F 542 16.31 -54.44 4.16
N SER F 543 16.19 -55.28 3.13
CA SER F 543 17.02 -55.14 1.94
C SER F 543 16.64 -53.93 1.11
N ARG F 544 15.46 -53.34 1.35
CA ARG F 544 15.04 -52.17 0.58
C ARG F 544 15.51 -50.87 1.22
N TRP F 545 15.53 -50.82 2.56
CA TRP F 545 15.97 -49.61 3.24
C TRP F 545 17.48 -49.56 3.41
N THR F 546 18.11 -50.71 3.69
CA THR F 546 19.57 -50.74 3.86
C THR F 546 20.27 -50.75 2.51
N GLY F 547 19.97 -51.74 1.68
CA GLY F 547 20.59 -51.86 0.37
C GLY F 547 21.39 -53.13 0.16
N ILE F 548 21.77 -53.82 1.23
CA ILE F 548 22.55 -55.06 1.12
C ILE F 548 21.64 -56.17 0.60
N PRO F 549 22.17 -57.16 -0.11
CA PRO F 549 21.33 -58.25 -0.62
C PRO F 549 20.76 -59.08 0.53
N VAL F 550 19.80 -59.94 0.16
CA VAL F 550 19.14 -60.80 1.14
C VAL F 550 19.97 -62.01 1.53
N SER F 551 21.15 -62.19 0.92
CA SER F 551 22.00 -63.32 1.27
C SER F 551 22.64 -63.17 2.63
N ASN F 552 22.75 -61.94 3.15
CA ASN F 552 23.34 -61.68 4.45
C ASN F 552 22.31 -61.47 5.54
N LEU F 553 21.04 -61.80 5.27
CA LEU F 553 19.97 -61.61 6.24
C LEU F 553 19.40 -62.92 6.77
N GLN F 554 19.34 -63.97 5.94
CA GLN F 554 18.78 -65.24 6.39
C GLN F 554 19.73 -66.01 7.30
N ARG F 555 21.00 -65.66 7.33
CA ARG F 555 21.99 -66.33 8.17
C ARG F 555 22.17 -65.56 9.47
N SER F 556 22.36 -66.29 10.57
CA SER F 556 22.53 -65.69 11.87
C SER F 556 23.97 -65.17 12.03
N GLU F 557 24.23 -64.52 13.16
CA GLU F 557 25.55 -63.97 13.43
C GLU F 557 26.57 -65.04 13.76
N LYS F 558 26.13 -66.20 14.26
CA LYS F 558 27.07 -67.28 14.58
C LYS F 558 27.62 -67.94 13.32
N GLU F 559 26.78 -68.05 12.28
CA GLU F 559 27.24 -68.66 11.04
C GLU F 559 28.23 -67.76 10.30
N LYS F 560 28.09 -66.45 10.44
CA LYS F 560 29.00 -65.52 9.76
C LYS F 560 30.41 -65.59 10.32
N LEU F 561 30.57 -65.95 11.59
CA LEU F 561 31.89 -66.04 12.20
C LEU F 561 32.58 -67.38 11.96
N LEU F 562 31.83 -68.42 11.59
CA LEU F 562 32.44 -69.72 11.35
C LEU F 562 33.17 -69.75 10.00
N HIS F 563 32.75 -68.91 9.06
CA HIS F 563 33.37 -68.85 7.74
C HIS F 563 34.23 -67.59 7.57
N MET F 564 34.64 -66.96 8.68
CA MET F 564 35.46 -65.77 8.58
C MET F 564 36.92 -66.11 8.31
N GLU F 565 37.38 -67.30 8.72
CA GLU F 565 38.76 -67.68 8.49
C GLU F 565 39.07 -67.85 7.02
N GLU F 566 38.08 -68.25 6.22
CA GLU F 566 38.30 -68.42 4.78
C GLU F 566 38.38 -67.08 4.07
N TYR F 567 37.61 -66.10 4.53
CA TYR F 567 37.63 -64.79 3.88
C TYR F 567 38.90 -64.01 4.21
N MET F 568 39.49 -64.25 5.38
CA MET F 568 40.71 -63.54 5.76
C MET F 568 41.93 -64.07 5.04
N LYS F 569 41.89 -65.30 4.53
CA LYS F 569 43.02 -65.89 3.83
C LYS F 569 43.03 -65.58 2.34
N GLN F 570 41.95 -65.00 1.81
CA GLN F 570 41.88 -64.66 0.39
C GLN F 570 42.58 -63.35 0.06
N HIS F 571 42.99 -62.58 1.05
CA HIS F 571 43.67 -61.31 0.81
C HIS F 571 44.91 -61.14 1.67
N VAL F 572 44.87 -61.53 2.93
CA VAL F 572 46.01 -61.41 3.84
C VAL F 572 46.63 -62.80 3.99
N VAL F 573 47.83 -62.96 3.45
CA VAL F 573 48.57 -64.23 3.51
C VAL F 573 49.88 -63.99 4.24
N GLY F 574 50.11 -64.74 5.30
CA GLY F 574 51.34 -64.60 6.07
C GLY F 574 51.09 -64.32 7.54
N GLN F 575 50.05 -63.52 7.83
CA GLN F 575 49.70 -63.19 9.21
C GLN F 575 48.63 -64.15 9.71
N ASP F 576 49.04 -65.42 9.81
CA ASP F 576 48.14 -66.47 10.29
C ASP F 576 47.91 -66.42 11.78
N GLU F 577 48.77 -65.73 12.53
CA GLU F 577 48.61 -65.64 13.99
C GLU F 577 47.52 -64.64 14.39
N ALA F 578 47.07 -63.79 13.47
CA ALA F 578 46.04 -62.81 13.76
C ALA F 578 44.68 -63.16 13.18
N ILE F 579 44.61 -64.18 12.32
CA ILE F 579 43.33 -64.56 11.74
C ILE F 579 42.47 -65.28 12.77
N LYS F 580 43.06 -66.24 13.49
CA LYS F 580 42.31 -66.98 14.51
C LYS F 580 42.10 -66.15 15.77
N ALA F 581 42.92 -65.12 15.97
CA ALA F 581 42.78 -64.31 17.17
C ALA F 581 41.56 -63.40 17.12
N ILE F 582 41.12 -63.03 15.91
CA ILE F 582 39.96 -62.17 15.78
C ILE F 582 38.67 -62.97 15.97
N CYS F 583 38.61 -64.18 15.41
CA CYS F 583 37.41 -64.99 15.53
C CYS F 583 37.20 -65.49 16.95
N ASP F 584 38.28 -65.70 17.70
CA ASP F 584 38.15 -66.17 19.07
C ASP F 584 37.66 -65.09 20.02
N ALA F 585 37.78 -63.81 19.64
CA ALA F 585 37.32 -62.71 20.47
C ALA F 585 35.88 -62.30 20.19
N ILE F 586 35.38 -62.57 18.99
CA ILE F 586 34.01 -62.21 18.64
C ILE F 586 33.03 -63.32 19.03
N ARG F 587 33.40 -64.57 18.81
CA ARG F 587 32.52 -65.68 19.16
C ARG F 587 32.37 -65.86 20.66
N LEU F 588 33.29 -65.31 21.45
CA LEU F 588 33.19 -65.44 22.90
C LEU F 588 32.07 -64.57 23.47
N SER F 589 31.80 -63.43 22.84
CA SER F 589 30.75 -62.54 23.31
C SER F 589 29.37 -62.92 22.78
N ARG F 590 29.31 -63.69 21.69
CA ARG F 590 28.02 -64.08 21.13
C ARG F 590 27.36 -65.20 21.93
N THR F 591 28.16 -66.00 22.66
CA THR F 591 27.59 -67.09 23.43
C THR F 591 26.96 -66.59 24.72
N GLY F 592 27.71 -65.83 25.51
CA GLY F 592 27.21 -65.30 26.76
C GLY F 592 28.23 -65.34 27.88
N LEU F 593 29.48 -65.63 27.54
CA LEU F 593 30.54 -65.69 28.55
C LEU F 593 30.98 -64.30 29.00
N GLN F 594 30.83 -63.29 28.14
CA GLN F 594 31.21 -61.92 28.46
C GLN F 594 30.00 -61.15 28.96
N ASN F 595 30.22 -60.30 29.95
CA ASN F 595 29.13 -59.50 30.51
C ASN F 595 28.63 -58.49 29.49
N ARG F 596 27.31 -58.28 29.47
CA ARG F 596 26.71 -57.35 28.53
C ARG F 596 27.07 -55.90 28.83
N ASN F 597 27.55 -55.62 30.05
CA ASN F 597 27.95 -54.27 30.43
C ASN F 597 29.34 -53.89 29.96
N ARG F 598 29.93 -54.68 29.06
CA ARG F 598 31.26 -54.43 28.53
C ARG F 598 31.23 -54.51 27.01
N PRO F 599 32.13 -53.79 26.34
CA PRO F 599 32.18 -53.85 24.87
C PRO F 599 32.55 -55.22 24.34
N LEU F 600 32.58 -55.36 23.02
CA LEU F 600 32.87 -56.66 22.39
C LEU F 600 34.31 -57.08 22.64
N ALA F 601 35.23 -56.63 21.78
CA ALA F 601 36.62 -57.00 21.88
C ALA F 601 37.50 -55.76 21.93
N SER F 602 38.72 -55.93 22.43
CA SER F 602 39.70 -54.86 22.54
C SER F 602 41.05 -55.39 22.06
N PHE F 603 41.47 -54.95 20.88
CA PHE F 603 42.72 -55.40 20.27
C PHE F 603 43.81 -54.36 20.48
N LEU F 604 45.06 -54.84 20.46
CA LEU F 604 46.24 -53.99 20.62
C LEU F 604 47.27 -54.45 19.59
N PHE F 605 47.29 -53.78 18.44
CA PHE F 605 48.19 -54.16 17.36
C PHE F 605 49.59 -53.62 17.64
N LEU F 606 50.60 -54.48 17.50
CA LEU F 606 51.99 -54.12 17.71
C LEU F 606 52.84 -54.67 16.58
N GLY F 607 54.09 -54.23 16.53
CA GLY F 607 55.01 -54.67 15.51
C GLY F 607 55.62 -53.52 14.74
N PRO F 608 56.51 -53.85 13.79
CA PRO F 608 57.15 -52.79 12.99
C PRO F 608 56.18 -52.09 12.07
N THR F 609 56.66 -51.06 11.35
CA THR F 609 55.81 -50.32 10.45
C THR F 609 55.50 -51.13 9.20
N GLY F 610 54.24 -51.11 8.79
CA GLY F 610 53.81 -51.84 7.60
C GLY F 610 53.75 -53.33 7.81
N CYS F 611 52.75 -53.80 8.57
CA CYS F 611 52.60 -55.21 8.84
C CYS F 611 51.15 -55.71 8.78
N GLY F 612 50.15 -54.84 8.83
CA GLY F 612 48.77 -55.27 8.79
C GLY F 612 47.88 -54.51 9.76
N LYS F 613 48.23 -53.27 10.05
CA LYS F 613 47.48 -52.44 10.99
C LYS F 613 46.54 -51.47 10.28
N THR F 614 46.23 -51.71 9.01
CA THR F 614 45.33 -50.84 8.27
C THR F 614 44.43 -51.66 7.34
N LEU F 615 45.02 -52.66 6.68
CA LEU F 615 44.23 -53.51 5.78
C LEU F 615 43.24 -54.38 6.54
N CYS F 616 43.62 -54.85 7.73
CA CYS F 616 42.72 -55.67 8.53
C CYS F 616 41.59 -54.86 9.15
N VAL F 617 41.73 -53.54 9.22
CA VAL F 617 40.68 -52.71 9.79
C VAL F 617 39.51 -52.59 8.82
N LYS F 618 39.81 -52.38 7.54
CA LYS F 618 38.74 -52.26 6.55
C LYS F 618 38.04 -53.60 6.31
N GLU F 619 38.78 -54.71 6.36
CA GLU F 619 38.17 -56.02 6.14
C GLU F 619 37.27 -56.44 7.29
N LEU F 620 37.44 -55.86 8.47
CA LEU F 620 36.59 -56.22 9.61
C LEU F 620 35.20 -55.62 9.48
N ALA F 621 35.10 -54.37 9.05
CA ALA F 621 33.81 -53.72 8.90
C ALA F 621 33.11 -54.08 7.60
N ALA F 622 33.85 -54.54 6.59
CA ALA F 622 33.26 -54.92 5.32
C ALA F 622 32.68 -56.32 5.31
N PHE F 623 32.90 -57.10 6.36
CA PHE F 623 32.39 -58.46 6.45
C PHE F 623 31.48 -58.67 7.65
N LEU F 624 31.91 -58.26 8.84
CA LEU F 624 31.08 -58.44 10.03
C LEU F 624 29.98 -57.40 10.09
N PHE F 625 30.28 -56.16 9.72
CA PHE F 625 29.30 -55.07 9.74
C PHE F 625 28.71 -54.78 8.36
N ASN F 626 29.34 -55.26 7.29
CA ASN F 626 28.87 -55.05 5.92
C ASN F 626 28.76 -53.56 5.58
N ASP F 627 29.62 -52.74 6.18
CA ASP F 627 29.63 -51.30 5.94
C ASP F 627 31.07 -50.86 5.69
N PRO F 628 31.41 -50.49 4.45
CA PRO F 628 32.79 -50.05 4.18
C PRO F 628 33.12 -48.68 4.77
N GLY F 629 32.12 -47.86 5.06
CA GLY F 629 32.37 -46.53 5.61
C GLY F 629 32.04 -46.43 7.08
N ALA F 630 32.29 -47.51 7.84
CA ALA F 630 32.02 -47.52 9.26
C ALA F 630 33.30 -47.59 10.06
N ILE F 631 34.26 -46.72 9.74
CA ILE F 631 35.56 -46.69 10.42
C ILE F 631 35.79 -45.27 10.93
N VAL F 632 35.85 -45.10 12.24
CA VAL F 632 36.11 -43.81 12.87
C VAL F 632 37.63 -43.67 12.99
N ARG F 633 38.21 -42.86 12.11
CA ARG F 633 39.66 -42.65 12.06
C ARG F 633 39.98 -41.35 12.80
N ILE F 634 40.53 -41.47 14.00
CA ILE F 634 40.91 -40.34 14.83
C ILE F 634 42.39 -40.47 15.15
N ASP F 635 43.19 -39.52 14.67
CA ASP F 635 44.63 -39.55 14.91
C ASP F 635 44.93 -39.12 16.35
N MET F 636 45.63 -39.97 17.09
CA MET F 636 45.99 -39.67 18.47
C MET F 636 47.26 -38.87 18.59
N SER F 637 47.90 -38.51 17.47
CA SER F 637 49.13 -37.72 17.51
C SER F 637 48.88 -36.24 17.75
N GLU F 638 47.63 -35.79 17.68
CA GLU F 638 47.29 -34.39 17.89
C GLU F 638 46.54 -34.15 19.19
N TYR F 639 46.31 -35.18 19.99
CA TYR F 639 45.60 -35.05 21.26
C TYR F 639 46.54 -35.30 22.45
N MET F 640 47.76 -34.79 22.36
CA MET F 640 48.73 -34.96 23.44
C MET F 640 48.49 -34.00 24.59
N GLU F 641 47.63 -33.01 24.42
CA GLU F 641 47.34 -32.06 25.48
C GLU F 641 46.41 -32.69 26.51
N LYS F 642 46.67 -32.41 27.79
CA LYS F 642 45.85 -32.94 28.87
C LYS F 642 44.45 -32.35 28.91
N HIS F 643 44.21 -31.24 28.22
CA HIS F 643 42.90 -30.59 28.18
C HIS F 643 42.03 -31.09 27.03
N ALA F 644 42.22 -32.33 26.60
CA ALA F 644 41.45 -32.92 25.52
C ALA F 644 40.29 -33.78 26.02
N VAL F 645 39.70 -33.41 27.16
CA VAL F 645 38.59 -34.18 27.70
C VAL F 645 37.31 -33.90 26.93
N SER F 646 36.98 -32.62 26.72
CA SER F 646 35.78 -32.26 25.99
C SER F 646 35.94 -32.43 24.49
N ARG F 647 37.17 -32.57 23.99
CA ARG F 647 37.38 -32.75 22.55
C ARG F 647 37.02 -34.16 22.10
N LEU F 648 37.12 -35.13 22.99
CA LEU F 648 36.80 -36.52 22.64
C LEU F 648 35.33 -36.82 22.96
N GLY F 662 32.72 -34.80 22.16
CA GLY F 662 33.09 -33.77 21.21
C GLY F 662 33.20 -34.28 19.79
N GLN F 663 34.07 -35.26 19.58
CA GLN F 663 34.30 -35.86 18.27
C GLN F 663 34.10 -37.36 18.26
N LEU F 664 34.64 -38.08 19.24
CA LEU F 664 34.48 -39.52 19.27
C LEU F 664 33.07 -39.93 19.70
N THR F 665 32.47 -39.19 20.63
CA THR F 665 31.12 -39.51 21.07
C THR F 665 30.07 -39.10 20.07
N GLU F 666 30.33 -38.05 19.27
CA GLU F 666 29.36 -37.60 18.28
C GLU F 666 29.37 -38.48 17.03
N ALA F 667 30.52 -39.08 16.70
CA ALA F 667 30.60 -39.94 15.53
C ALA F 667 29.96 -41.30 15.75
N VAL F 668 29.72 -41.69 17.00
CA VAL F 668 29.10 -42.98 17.30
C VAL F 668 27.65 -42.84 17.74
N ARG F 669 27.13 -41.62 17.86
CA ARG F 669 25.74 -41.45 18.28
C ARG F 669 24.77 -41.81 17.17
N ARG F 670 25.12 -41.46 15.92
CA ARG F 670 24.25 -41.80 14.80
C ARG F 670 24.26 -43.29 14.49
N ARG F 671 25.40 -43.95 14.70
CA ARG F 671 25.52 -45.38 14.45
C ARG F 671 26.60 -45.97 15.35
N PRO F 672 26.22 -46.75 16.37
CA PRO F 672 27.23 -47.32 17.27
C PRO F 672 28.06 -48.42 16.61
N TYR F 673 27.51 -49.13 15.63
CA TYR F 673 28.22 -50.19 14.94
C TYR F 673 29.24 -49.57 14.00
N THR F 674 30.43 -49.28 14.54
CA THR F 674 31.50 -48.69 13.76
C THR F 674 32.83 -49.21 14.29
N VAL F 675 33.92 -48.79 13.65
CA VAL F 675 35.27 -49.20 14.03
C VAL F 675 36.02 -47.94 14.47
N VAL F 676 36.24 -47.83 15.78
CA VAL F 676 36.95 -46.69 16.34
C VAL F 676 38.44 -47.02 16.30
N LEU F 677 39.14 -46.47 15.31
CA LEU F 677 40.57 -46.73 15.12
C LEU F 677 41.39 -45.62 15.75
N PHE F 678 42.42 -46.00 16.49
CA PHE F 678 43.32 -45.06 17.16
C PHE F 678 44.68 -45.15 16.47
N ASP F 679 44.97 -44.20 15.60
CA ASP F 679 46.23 -44.18 14.87
C ASP F 679 47.34 -43.60 15.76
N GLU F 680 48.47 -44.32 15.81
CA GLU F 680 49.64 -43.91 16.60
C GLU F 680 49.26 -43.74 18.08
N MET F 681 48.93 -44.87 18.70
CA MET F 681 48.55 -44.87 20.11
C MET F 681 49.75 -44.66 21.03
N GLU F 682 50.97 -45.01 20.56
CA GLU F 682 52.15 -44.84 21.39
C GLU F 682 52.49 -43.37 21.62
N LYS F 683 52.01 -42.47 20.78
CA LYS F 683 52.26 -41.05 20.93
C LYS F 683 51.25 -40.35 21.84
N ALA F 684 50.34 -41.09 22.46
CA ALA F 684 49.35 -40.50 23.33
C ALA F 684 49.92 -40.29 24.73
N HIS F 685 49.18 -39.49 25.52
CA HIS F 685 49.58 -39.18 26.88
C HIS F 685 48.82 -40.07 27.86
N LYS F 686 49.30 -40.09 29.11
CA LYS F 686 48.66 -40.89 30.15
C LYS F 686 47.33 -40.31 30.59
N ASP F 687 47.05 -39.05 30.27
CA ASP F 687 45.77 -38.45 30.65
C ASP F 687 44.64 -38.97 29.79
N VAL F 688 44.84 -39.02 28.47
CA VAL F 688 43.80 -39.51 27.58
C VAL F 688 43.67 -41.02 27.61
N SER F 689 44.66 -41.74 28.18
CA SER F 689 44.59 -43.19 28.25
C SER F 689 43.65 -43.65 29.36
N ASN F 690 43.49 -42.84 30.41
CA ASN F 690 42.60 -43.21 31.52
C ASN F 690 41.14 -42.96 31.19
N LEU F 691 40.83 -42.17 30.16
CA LEU F 691 39.45 -41.92 29.79
C LEU F 691 38.82 -43.16 29.16
N LEU F 692 39.60 -43.91 28.38
CA LEU F 692 39.08 -45.12 27.76
C LEU F 692 38.93 -46.27 28.75
N LEU F 693 39.56 -46.17 29.92
CA LEU F 693 39.43 -47.23 30.92
C LEU F 693 38.04 -47.22 31.55
N GLN F 694 37.47 -46.04 31.78
CA GLN F 694 36.13 -45.98 32.37
C GLN F 694 35.06 -46.41 31.38
N ILE F 695 35.29 -46.19 30.08
CA ILE F 695 34.31 -46.61 29.08
C ILE F 695 34.35 -48.11 28.90
N LEU F 696 35.55 -48.70 28.93
CA LEU F 696 35.68 -50.15 28.75
C LEU F 696 35.14 -50.91 29.95
N ASP F 697 35.24 -50.33 31.15
CA ASP F 697 34.79 -51.02 32.35
C ASP F 697 33.29 -50.84 32.58
N ASP F 698 32.82 -49.59 32.55
CA ASP F 698 31.41 -49.34 32.81
C ASP F 698 30.55 -49.77 31.62
N GLY F 699 31.00 -49.49 30.40
CA GLY F 699 30.28 -49.84 29.20
C GLY F 699 29.58 -48.68 28.52
N HIS F 700 29.59 -47.49 29.11
CA HIS F 700 28.95 -46.33 28.52
C HIS F 700 29.56 -45.07 29.14
N CYS F 701 29.66 -44.02 28.33
CA CYS F 701 30.24 -42.76 28.76
C CYS F 701 29.13 -41.74 29.01
N THR F 702 29.51 -40.49 29.19
CA THR F 702 28.57 -39.39 29.45
C THR F 702 28.85 -38.26 28.46
N ASP F 703 27.83 -37.89 27.70
CA ASP F 703 27.96 -36.81 26.72
C ASP F 703 27.81 -35.46 27.40
N SER F 704 28.42 -34.44 26.78
CA SER F 704 28.37 -33.09 27.35
C SER F 704 26.99 -32.46 27.22
N LYS F 705 26.15 -32.95 26.32
CA LYS F 705 24.81 -32.42 26.13
C LYS F 705 23.76 -33.09 27.01
N GLY F 706 24.18 -33.68 28.13
CA GLY F 706 23.27 -34.35 29.03
C GLY F 706 22.88 -35.75 28.65
N ARG F 707 23.34 -36.24 27.50
CA ARG F 707 23.02 -37.59 27.05
C ARG F 707 24.06 -38.59 27.55
N ARG F 708 23.75 -39.87 27.38
CA ARG F 708 24.62 -40.97 27.79
C ARG F 708 24.84 -41.88 26.60
N VAL F 709 25.97 -41.72 25.92
CA VAL F 709 26.28 -42.53 24.75
C VAL F 709 26.66 -43.93 25.19
N ASP F 710 26.02 -44.93 24.60
CA ASP F 710 26.27 -46.32 24.94
C ASP F 710 27.45 -46.88 24.16
N PHE F 711 28.19 -47.78 24.80
CA PHE F 711 29.34 -48.43 24.16
C PHE F 711 29.39 -49.93 24.44
N LYS F 712 28.25 -50.55 24.74
CA LYS F 712 28.24 -51.97 25.07
C LYS F 712 28.37 -52.85 23.84
N ASN F 713 28.05 -52.35 22.66
CA ASN F 713 28.12 -53.10 21.42
C ASN F 713 29.10 -52.45 20.44
N THR F 714 30.21 -51.96 20.96
CA THR F 714 31.25 -51.33 20.15
C THR F 714 32.57 -52.06 20.32
N ILE F 715 33.50 -51.78 19.42
CA ILE F 715 34.83 -52.37 19.44
C ILE F 715 35.86 -51.25 19.61
N ILE F 716 37.01 -51.61 20.18
CA ILE F 716 38.10 -50.67 20.41
C ILE F 716 39.37 -51.30 19.87
N VAL F 717 39.92 -50.71 18.81
CA VAL F 717 41.17 -51.18 18.21
C VAL F 717 42.19 -50.05 18.27
N MET F 718 43.46 -50.43 18.37
CA MET F 718 44.56 -49.49 18.48
C MET F 718 45.60 -49.79 17.42
N THR F 719 46.55 -48.87 17.27
CA THR F 719 47.63 -49.00 16.29
C THR F 719 48.89 -48.38 16.89
N SER F 720 49.86 -49.22 17.22
CA SER F 720 51.12 -48.79 17.80
C SER F 720 52.29 -49.42 17.06
N ASN F 721 53.44 -48.76 17.13
CA ASN F 721 54.65 -49.23 16.47
C ASN F 721 55.62 -49.91 17.43
N LEU F 722 55.18 -50.21 18.65
CA LEU F 722 56.04 -50.86 19.63
C LEU F 722 56.20 -52.34 19.33
N THR F 739 61.47 -63.39 19.59
CA THR F 739 61.06 -62.37 18.64
C THR F 739 59.79 -61.66 19.11
N LYS F 740 58.72 -62.42 19.32
CA LYS F 740 57.46 -61.86 19.77
C LYS F 740 57.40 -61.66 21.27
N ASN F 741 58.36 -62.19 22.03
CA ASN F 741 58.36 -62.03 23.47
C ASN F 741 58.79 -60.62 23.89
N ALA F 742 59.73 -60.04 23.16
CA ALA F 742 60.22 -58.70 23.48
C ALA F 742 59.30 -57.60 22.97
N VAL F 743 58.33 -57.93 22.11
CA VAL F 743 57.43 -56.91 21.60
C VAL F 743 56.32 -56.62 22.59
N LEU F 744 55.74 -57.66 23.20
CA LEU F 744 54.67 -57.46 24.16
C LEU F 744 55.19 -56.85 25.46
N ALA F 745 56.46 -57.06 25.78
CA ALA F 745 57.03 -56.50 27.00
C ALA F 745 57.33 -55.03 26.87
N THR F 746 57.38 -54.49 25.65
CA THR F 746 57.66 -53.07 25.46
C THR F 746 56.43 -52.21 25.74
N ALA F 747 55.25 -52.64 25.26
CA ALA F 747 54.03 -51.88 25.48
C ALA F 747 53.59 -51.91 26.94
N ARG F 748 54.00 -52.92 27.70
CA ARG F 748 53.61 -52.99 29.11
C ARG F 748 54.37 -51.98 29.96
N ARG F 749 55.52 -51.51 29.48
CA ARG F 749 56.30 -50.53 30.23
C ARG F 749 55.90 -49.11 29.89
N HIS F 750 55.37 -48.88 28.68
CA HIS F 750 54.96 -47.54 28.30
C HIS F 750 53.63 -47.16 28.92
N PHE F 751 52.61 -47.99 28.74
CA PHE F 751 51.29 -47.73 29.28
C PHE F 751 51.22 -48.16 30.75
N ALA F 752 50.09 -47.85 31.39
CA ALA F 752 49.90 -48.22 32.77
C ALA F 752 49.59 -49.71 32.90
N ASN F 753 49.95 -50.28 34.05
CA ASN F 753 49.71 -51.70 34.30
C ASN F 753 48.24 -52.01 34.51
N GLU F 754 47.44 -51.04 34.94
CA GLU F 754 46.02 -51.27 35.17
C GLU F 754 45.19 -51.15 33.90
N PHE F 755 45.79 -50.78 32.77
CA PHE F 755 45.07 -50.65 31.51
C PHE F 755 45.38 -51.77 30.53
N ILE F 756 46.59 -52.31 30.55
CA ILE F 756 46.95 -53.39 29.63
C ILE F 756 46.35 -54.72 30.05
N ASN F 757 45.92 -54.86 31.30
CA ASN F 757 45.33 -56.11 31.78
C ASN F 757 43.92 -56.35 31.25
N ARG F 758 43.26 -55.31 30.74
CA ARG F 758 41.90 -55.43 30.23
C ARG F 758 41.86 -55.85 28.76
N ILE F 759 43.02 -56.09 28.15
CA ILE F 759 43.07 -56.51 26.75
C ILE F 759 42.64 -57.96 26.65
N ASP F 760 41.73 -58.25 25.72
CA ASP F 760 41.24 -59.62 25.56
C ASP F 760 42.30 -60.53 24.97
N GLU F 761 43.06 -60.04 23.99
CA GLU F 761 44.11 -60.85 23.36
C GLU F 761 45.16 -59.91 22.78
N LEU F 762 46.43 -60.23 23.03
CA LEU F 762 47.55 -59.46 22.53
C LEU F 762 47.99 -60.05 21.19
N ILE F 763 47.99 -59.23 20.15
CA ILE F 763 48.37 -59.64 18.80
C ILE F 763 49.67 -58.97 18.44
N VAL F 764 50.66 -59.75 18.02
CA VAL F 764 51.98 -59.26 17.65
C VAL F 764 52.21 -59.59 16.18
N PHE F 765 52.52 -58.56 15.39
CA PHE F 765 52.79 -58.73 13.98
C PHE F 765 54.29 -58.94 13.73
N ASN F 766 54.62 -59.28 12.49
CA ASN F 766 55.99 -59.51 12.09
C ASN F 766 56.11 -59.28 10.59
N ARG F 767 57.32 -59.44 10.06
CA ARG F 767 57.56 -59.27 8.65
C ARG F 767 57.16 -60.53 7.87
N LEU F 768 57.00 -60.36 6.56
CA LEU F 768 56.60 -61.46 5.69
C LEU F 768 57.78 -62.39 5.43
N THR F 769 57.51 -63.69 5.46
CA THR F 769 58.54 -64.68 5.21
C THR F 769 58.92 -64.69 3.73
N PRO F 770 60.17 -65.03 3.41
CA PRO F 770 60.56 -65.09 1.98
C PRO F 770 59.79 -66.12 1.19
N SER F 771 59.29 -67.17 1.83
CA SER F 771 58.49 -68.18 1.15
C SER F 771 57.08 -67.73 0.83
N ASN F 772 56.62 -66.61 1.41
CA ASN F 772 55.28 -66.10 1.16
C ASN F 772 55.28 -64.81 0.35
N ILE F 773 56.44 -64.40 -0.18
CA ILE F 773 56.49 -63.17 -0.98
C ILE F 773 55.86 -63.42 -2.35
N ARG F 774 56.09 -64.59 -2.94
CA ARG F 774 55.54 -64.91 -4.24
C ARG F 774 54.03 -65.11 -4.20
N LYS F 775 53.44 -65.24 -3.02
CA LYS F 775 51.99 -65.38 -2.89
C LYS F 775 51.27 -64.05 -2.80
N ILE F 776 51.94 -63.02 -2.26
CA ILE F 776 51.31 -61.71 -2.14
C ILE F 776 51.12 -61.08 -3.51
N VAL F 777 52.10 -61.24 -4.41
CA VAL F 777 51.99 -60.66 -5.74
C VAL F 777 50.91 -61.34 -6.57
N ASP F 778 50.50 -62.55 -6.20
CA ASP F 778 49.43 -63.22 -6.93
C ASP F 778 48.06 -62.61 -6.61
N VAL F 779 47.91 -62.02 -5.42
CA VAL F 779 46.65 -61.40 -5.05
C VAL F 779 46.49 -60.04 -5.75
N ARG F 780 47.59 -59.30 -5.90
CA ARG F 780 47.51 -58.00 -6.55
C ARG F 780 47.18 -58.14 -8.04
N LEU F 781 47.58 -59.27 -8.66
CA LEU F 781 47.26 -59.49 -10.06
C LEU F 781 45.80 -59.83 -10.27
N LYS F 782 45.08 -60.24 -9.23
CA LYS F 782 43.66 -60.54 -9.37
C LYS F 782 42.84 -59.27 -9.58
N GLU F 783 43.23 -58.19 -8.93
CA GLU F 783 42.53 -56.92 -9.10
C GLU F 783 42.78 -56.30 -10.47
N VAL F 784 43.84 -56.71 -11.16
CA VAL F 784 44.13 -56.19 -12.49
C VAL F 784 43.40 -56.99 -13.56
N GLN F 785 43.29 -58.31 -13.39
CA GLN F 785 42.61 -59.13 -14.38
C GLN F 785 41.11 -58.84 -14.42
N GLU F 786 40.50 -58.51 -13.28
CA GLU F 786 39.07 -58.23 -13.25
C GLU F 786 38.73 -56.90 -13.88
N ARG F 787 39.72 -56.03 -14.12
CA ARG F 787 39.46 -54.76 -14.77
C ARG F 787 39.48 -54.86 -16.29
N LEU F 788 40.00 -55.97 -16.84
CA LEU F 788 40.07 -56.18 -18.27
C LEU F 788 39.06 -57.20 -18.76
N ASP F 789 38.14 -57.65 -17.91
CA ASP F 789 37.15 -58.63 -18.32
C ASP F 789 36.08 -58.03 -19.22
N GLU F 790 35.91 -56.70 -19.21
CA GLU F 790 34.92 -56.07 -20.06
C GLU F 790 35.34 -56.03 -21.52
N LYS F 791 36.64 -56.13 -21.80
CA LYS F 791 37.16 -56.11 -23.16
C LYS F 791 37.66 -57.48 -23.61
N GLN F 792 37.47 -58.52 -22.79
CA GLN F 792 37.91 -59.88 -23.10
C GLN F 792 39.41 -59.92 -23.38
N ILE F 793 40.18 -59.35 -22.45
CA ILE F 793 41.63 -59.30 -22.56
C ILE F 793 42.21 -60.10 -21.40
N THR F 794 42.98 -61.14 -21.72
CA THR F 794 43.60 -62.00 -20.72
C THR F 794 45.02 -61.52 -20.49
N LEU F 795 45.30 -61.05 -19.27
CA LEU F 795 46.63 -60.56 -18.90
C LEU F 795 47.43 -61.72 -18.34
N ASP F 796 48.35 -62.24 -19.15
CA ASP F 796 49.18 -63.38 -18.75
C ASP F 796 50.48 -62.89 -18.13
N VAL F 797 50.90 -63.54 -17.05
CA VAL F 797 52.12 -63.22 -16.33
C VAL F 797 53.02 -64.45 -16.34
N ASP F 798 54.25 -64.28 -16.83
CA ASP F 798 55.20 -65.38 -16.88
C ASP F 798 55.85 -65.59 -15.51
N ASP F 799 56.77 -66.55 -15.44
CA ASP F 799 57.45 -66.83 -14.18
C ASP F 799 58.54 -65.82 -13.87
N LYS F 800 59.15 -65.22 -14.90
CA LYS F 800 60.19 -64.23 -14.68
C LYS F 800 59.64 -62.87 -14.28
N ALA F 801 58.36 -62.61 -14.57
CA ALA F 801 57.76 -61.32 -14.22
C ALA F 801 57.39 -61.25 -12.75
N LYS F 802 57.18 -62.40 -12.10
CA LYS F 802 56.83 -62.41 -10.69
C LYS F 802 58.04 -62.27 -9.78
N ASP F 803 59.25 -62.48 -10.30
CA ASP F 803 60.44 -62.36 -9.48
C ASP F 803 60.93 -60.92 -9.37
N LEU F 804 60.81 -60.14 -10.45
CA LEU F 804 61.25 -58.75 -10.41
C LEU F 804 60.29 -57.89 -9.61
N LEU F 805 58.99 -58.17 -9.66
CA LEU F 805 57.98 -57.41 -8.94
C LEU F 805 57.75 -57.93 -7.53
N ALA F 806 58.76 -58.56 -6.92
CA ALA F 806 58.61 -59.10 -5.57
C ALA F 806 59.80 -58.70 -4.70
N GLN F 807 61.01 -58.94 -5.19
CA GLN F 807 62.22 -58.61 -4.43
C GLN F 807 62.54 -57.13 -4.44
N GLN F 808 61.88 -56.34 -5.29
CA GLN F 808 62.12 -54.91 -5.38
C GLN F 808 60.99 -54.07 -4.79
N GLY F 809 59.74 -54.46 -5.02
CA GLY F 809 58.63 -53.69 -4.50
C GLY F 809 58.42 -53.85 -3.00
N PHE F 810 58.81 -54.99 -2.45
CA PHE F 810 58.65 -55.25 -1.04
C PHE F 810 59.79 -54.62 -0.24
N ASP F 811 59.43 -53.95 0.86
CA ASP F 811 60.40 -53.30 1.72
C ASP F 811 60.30 -53.88 3.13
N PRO F 812 61.44 -54.16 3.77
CA PRO F 812 61.40 -54.77 5.10
C PRO F 812 60.80 -53.85 6.17
N VAL F 813 61.24 -52.60 6.21
CA VAL F 813 60.82 -51.67 7.26
C VAL F 813 59.63 -50.85 6.79
N TYR F 814 58.95 -51.31 5.74
CA TYR F 814 57.77 -50.63 5.25
C TYR F 814 56.71 -51.57 4.68
N GLY F 815 56.92 -52.88 4.73
CA GLY F 815 55.91 -53.81 4.23
C GLY F 815 55.84 -53.81 2.71
N ALA F 816 54.63 -54.05 2.20
CA ALA F 816 54.37 -54.11 0.76
C ALA F 816 53.81 -52.80 0.23
N ARG F 817 54.14 -51.67 0.86
CA ARG F 817 53.65 -50.38 0.36
C ARG F 817 54.32 -49.98 -0.95
N PRO F 818 55.66 -50.05 -1.11
CA PRO F 818 56.26 -49.72 -2.41
C PRO F 818 55.93 -50.73 -3.49
N LEU F 819 55.35 -51.88 -3.15
CA LEU F 819 55.03 -52.88 -4.17
C LEU F 819 53.89 -52.40 -5.07
N ASN F 820 52.93 -51.66 -4.51
CA ASN F 820 51.83 -51.14 -5.31
C ASN F 820 52.26 -49.98 -6.20
N ARG F 821 53.41 -49.36 -5.92
CA ARG F 821 53.90 -48.24 -6.72
C ARG F 821 54.71 -48.70 -7.92
N LEU F 822 55.44 -49.81 -7.80
CA LEU F 822 56.24 -50.29 -8.92
C LEU F 822 55.36 -50.89 -10.01
N ILE F 823 54.20 -51.42 -9.65
CA ILE F 823 53.30 -51.99 -10.66
C ILE F 823 52.72 -50.90 -11.54
N GLN F 824 52.26 -49.80 -10.93
CA GLN F 824 51.69 -48.69 -11.68
C GLN F 824 52.74 -47.84 -12.37
N HIS F 825 54.04 -48.07 -12.11
CA HIS F 825 55.11 -47.31 -12.73
C HIS F 825 55.99 -48.14 -13.64
N ALA F 826 55.57 -49.36 -13.99
CA ALA F 826 56.37 -50.22 -14.87
C ALA F 826 55.49 -51.24 -15.58
N LEU F 827 54.64 -51.93 -14.82
CA LEU F 827 53.76 -52.95 -15.38
C LEU F 827 52.52 -52.34 -16.00
N LEU F 828 51.87 -51.41 -15.29
CA LEU F 828 50.67 -50.75 -15.78
C LEU F 828 50.96 -49.49 -16.59
N THR F 829 52.24 -49.24 -16.92
CA THR F 829 52.62 -48.07 -17.69
C THR F 829 52.73 -48.38 -19.19
N GLN F 830 53.52 -49.41 -19.54
CA GLN F 830 53.68 -49.76 -20.94
C GLN F 830 52.45 -50.46 -21.49
N LEU F 831 51.76 -51.25 -20.66
CA LEU F 831 50.57 -51.96 -21.13
C LEU F 831 49.42 -51.00 -21.39
N SER F 832 49.32 -49.92 -20.61
CA SER F 832 48.26 -48.95 -20.83
C SER F 832 48.50 -48.08 -22.05
N ARG F 833 49.77 -47.98 -22.50
CA ARG F 833 50.06 -47.17 -23.68
C ARG F 833 49.67 -47.89 -24.97
N LEU F 834 49.80 -49.23 -24.99
CA LEU F 834 49.46 -49.99 -26.18
C LEU F 834 47.96 -50.10 -26.38
N LEU F 835 47.15 -49.80 -25.36
CA LEU F 835 45.70 -49.88 -25.46
C LEU F 835 45.08 -48.60 -26.03
N LEU F 836 45.89 -47.71 -26.57
CA LEU F 836 45.40 -46.45 -27.13
C LEU F 836 45.75 -46.27 -28.60
N ASP F 837 46.92 -46.73 -29.02
CA ASP F 837 47.35 -46.59 -30.41
C ASP F 837 47.00 -47.81 -31.26
N GLY F 838 46.91 -48.99 -30.65
CA GLY F 838 46.59 -50.20 -31.41
C GLY F 838 47.58 -51.32 -31.18
N GLY F 839 48.30 -51.27 -30.06
CA GLY F 839 49.27 -52.32 -29.76
C GLY F 839 48.61 -53.61 -29.33
N VAL F 840 47.68 -53.53 -28.38
CA VAL F 840 46.97 -54.69 -27.86
C VAL F 840 45.50 -54.51 -28.20
N ARG F 841 45.00 -55.33 -29.12
CA ARG F 841 43.60 -55.24 -29.53
C ARG F 841 42.70 -55.88 -28.47
N PRO F 842 41.50 -55.33 -28.27
CA PRO F 842 40.57 -55.90 -27.29
C PRO F 842 40.14 -57.31 -27.65
N GLY F 843 40.94 -58.29 -27.25
CA GLY F 843 40.63 -59.69 -27.54
C GLY F 843 41.86 -60.52 -27.83
N GLU F 844 43.03 -60.01 -27.45
CA GLU F 844 44.29 -60.70 -27.66
C GLU F 844 45.01 -60.87 -26.33
N ILE F 845 45.53 -62.07 -26.10
CA ILE F 845 46.24 -62.37 -24.86
C ILE F 845 47.61 -61.70 -24.90
N ALA F 846 47.88 -60.84 -23.93
CA ALA F 846 49.15 -60.13 -23.84
C ALA F 846 50.17 -60.96 -23.06
N LYS F 847 51.44 -60.79 -23.42
CA LYS F 847 52.53 -61.50 -22.78
C LYS F 847 53.39 -60.51 -21.99
N VAL F 848 53.72 -60.87 -20.75
CA VAL F 848 54.53 -60.05 -19.88
C VAL F 848 55.77 -60.85 -19.48
N THR F 849 56.94 -60.34 -19.82
CA THR F 849 58.20 -61.00 -19.50
C THR F 849 59.28 -59.94 -19.36
N VAL F 850 60.51 -60.40 -19.12
CA VAL F 850 61.65 -59.52 -18.96
C VAL F 850 62.40 -59.42 -20.28
N ASP F 851 63.28 -58.43 -20.38
CA ASP F 851 64.08 -58.18 -21.57
C ASP F 851 65.55 -58.48 -21.25
N GLN F 852 66.46 -57.74 -21.88
CA GLN F 852 67.89 -57.93 -21.69
C GLN F 852 68.51 -56.83 -20.84
N GLU F 853 67.69 -55.96 -20.23
CA GLU F 853 68.18 -54.87 -19.40
C GLU F 853 67.64 -54.94 -17.98
N GLY F 854 66.87 -55.98 -17.64
CA GLY F 854 66.33 -56.10 -16.30
C GLY F 854 65.16 -55.18 -16.05
N GLU F 855 64.19 -55.18 -16.96
CA GLU F 855 63.01 -54.33 -16.84
C GLU F 855 61.80 -55.07 -17.39
N ILE F 856 60.65 -54.87 -16.75
CA ILE F 856 59.41 -55.51 -17.16
C ILE F 856 58.97 -54.96 -18.51
N ILE F 857 59.22 -55.72 -19.57
CA ILE F 857 58.87 -55.29 -20.92
C ILE F 857 57.52 -55.92 -21.30
N VAL F 858 56.81 -55.24 -22.19
CA VAL F 858 55.50 -55.69 -22.67
C VAL F 858 55.63 -55.94 -24.16
N ILE F 859 55.61 -57.21 -24.56
CA ILE F 859 55.71 -57.59 -25.96
C ILE F 859 54.37 -57.33 -26.63
N ARG F 860 54.36 -56.41 -27.59
CA ARG F 860 53.13 -56.08 -28.30
C ARG F 860 52.86 -57.11 -29.39
N ASN F 861 51.58 -57.22 -29.76
CA ASN F 861 51.13 -58.18 -30.77
C ASN F 861 50.96 -57.53 -32.14
N HIS F 862 50.04 -56.58 -32.25
CA HIS F 862 49.78 -55.89 -33.51
C HIS F 862 50.47 -54.54 -33.54
N GLY F 863 50.60 -53.99 -34.74
CA GLY F 863 51.24 -52.71 -34.95
C GLY F 863 50.27 -51.55 -34.84
N ILE F 864 50.79 -50.35 -35.12
CA ILE F 864 49.99 -49.13 -35.06
C ILE F 864 49.08 -49.06 -36.28
PB ADP G . -37.19 13.93 24.05
O1B ADP G . -36.71 13.43 25.39
O2B ADP G . -37.86 15.29 24.11
O3B ADP G . -36.19 13.78 22.94
PA ADP G . -39.83 12.94 24.35
O1A ADP G . -40.51 14.26 24.03
O2A ADP G . -40.53 11.66 24.00
O3A ADP G . -38.38 12.92 23.65
O5' ADP G . -39.52 12.91 25.93
C5' ADP G . -39.53 14.11 26.71
C4' ADP G . -39.08 13.80 28.13
O4' ADP G . -39.10 14.98 28.92
C3' ADP G . -39.99 12.79 28.81
O3' ADP G . -39.34 11.53 28.92
C2' ADP G . -40.27 13.36 30.19
O2' ADP G . -39.78 12.46 31.20
C1' ADP G . -39.52 14.68 30.26
N9 ADP G . -40.41 15.74 30.78
C8 ADP G . -41.37 16.39 30.09
N7 ADP G . -42.00 17.30 30.85
C5 ADP G . -41.46 17.25 32.09
C6 ADP G . -41.66 17.95 33.37
N6 ADP G . -42.60 18.91 33.52
N1 ADP G . -40.86 17.59 34.42
C2 ADP G . -39.92 16.64 34.29
N3 ADP G . -39.69 15.96 33.15
C4 ADP G . -40.40 16.21 32.03
PB ADP H . -11.83 -16.25 37.98
O1B ADP H . -10.38 -16.61 37.84
O2B ADP H . -12.62 -16.32 36.69
O3B ADP H . -12.10 -15.01 38.80
PA ADP H . -11.84 -17.80 40.32
O1A ADP H . -10.47 -18.40 40.13
O2A ADP H . -12.01 -16.58 41.21
O3A ADP H . -12.45 -17.45 38.87
O5' ADP H . -12.83 -18.94 40.85
C5' ADP H . -12.69 -19.46 42.17
C4' ADP H . -13.77 -20.51 42.42
O4' ADP H . -13.61 -21.09 43.72
C3' ADP H . -15.17 -19.91 42.37
O3' ADP H . -15.85 -20.34 41.19
C2' ADP H . -15.89 -20.43 43.61
O2' ADP H . -17.04 -21.18 43.23
C1' ADP H . -14.88 -21.31 44.33
N9 ADP H . -14.83 -20.95 45.77
C8 ADP H . -14.06 -19.99 46.31
N7 ADP H . -14.25 -19.92 47.66
C5 ADP H . -15.15 -20.85 47.99
C6 ADP H . -15.81 -21.31 49.24
N6 ADP H . -15.52 -20.74 50.44
N1 ADP H . -16.71 -22.31 49.15
C2 ADP H . -17.01 -22.89 47.97
N3 ADP H . -16.46 -22.53 46.80
C4 ADP H . -15.54 -21.54 46.74
PB ADP I . -12.70 32.15 10.90
O1B ADP I . -11.51 32.96 10.46
O2B ADP I . -13.34 32.63 12.18
O3B ADP I . -12.51 30.66 10.83
PA ADP I . -14.13 33.92 9.20
O1A ADP I . -12.89 34.45 8.52
O2A ADP I . -15.42 33.83 8.41
O3A ADP I . -13.82 32.45 9.78
O5' ADP I . -14.43 34.82 10.49
C5' ADP I . -13.39 35.62 11.09
C4' ADP I . -14.00 36.50 12.17
O4' ADP I . -12.99 37.32 12.77
C3' ADP I . -15.06 37.43 11.61
O3' ADP I . -16.36 37.03 12.07
C2' ADP I . -14.73 38.81 12.13
O2' ADP I . -15.81 39.32 12.91
C1' ADP I . -13.49 38.63 13.01
N9 ADP I . -12.47 39.65 12.64
C8 ADP I . -11.34 39.40 11.96
N7 ADP I . -10.61 40.54 11.79
C5 ADP I . -11.29 41.53 12.38
C6 ADP I . -11.09 43.00 12.56
N6 ADP I . -9.99 43.62 12.08
N1 ADP I . -12.05 43.68 13.24
C2 ADP I . -13.14 43.07 13.72
N3 ADP I . -13.39 41.75 13.58
C4 ADP I . -12.51 40.95 12.94
PB ADP J . 8.48 10.08 43.94
O1B ADP J . 9.39 8.96 44.39
O2B ADP J . 9.14 11.43 43.84
O3B ADP J . 7.62 9.72 42.75
PA ADP J . 6.17 11.24 45.01
O1A ADP J . 6.69 12.64 44.80
O2A ADP J . 5.20 10.64 44.01
O3A ADP J . 7.43 10.25 45.15
O5' ADP J . 5.49 11.17 46.47
C5' ADP J . 4.26 11.84 46.72
C4' ADP J . 3.95 11.81 48.21
O4' ADP J . 5.09 12.24 48.95
C3' ADP J . 2.80 12.74 48.55
O3' ADP J . 1.65 11.98 48.96
C2' ADP J . 3.29 13.59 49.71
O2' ADP J . 2.45 13.40 50.85
C1' ADP J . 4.70 13.11 50.02
N9 ADP J . 5.62 14.27 50.09
C8 ADP J . 6.37 14.74 49.07
N7 ADP J . 7.11 15.80 49.47
C5 ADP J . 6.84 16.03 50.77
C6 ADP J . 7.29 16.99 51.80
N6 ADP J . 8.20 17.96 51.51
N1 ADP J . 6.78 16.88 53.04
C2 ADP J . 5.89 15.91 53.35
N3 ADP J . 5.44 15.00 52.46
C4 ADP J . 5.87 15.00 51.18
PB ADP K . 7.66 28.07 -13.86
O1B ADP K . 9.03 27.64 -14.35
O2B ADP K . 7.48 29.55 -13.71
O3B ADP K . 7.15 27.27 -12.68
PA ADP K . 6.98 27.99 -16.61
O1A ADP K . 8.22 27.23 -17.03
O2A ADP K . 5.70 27.81 -17.38
O3A ADP K . 6.66 27.67 -15.06
O5' ADP K . 7.33 29.56 -16.64
C5' ADP K . 8.68 30.03 -16.65
C4' ADP K . 8.71 31.54 -16.85
O4' ADP K . 10.04 31.98 -17.05
C3' ADP K . 7.91 31.95 -18.07
O3' ADP K . 6.72 32.63 -17.67
C2' ADP K . 8.79 32.88 -18.85
O2' ADP K . 8.18 34.17 -18.98
C1' ADP K . 10.09 32.99 -18.06
N9 ADP K . 11.25 32.76 -18.96
C8 ADP K . 11.94 31.61 -19.07
N7 ADP K . 12.95 31.73 -19.98
C5 ADP K . 12.90 32.99 -20.47
C6 ADP K . 13.68 33.77 -21.45
N6 ADP K . 14.73 33.23 -22.12
N1 ADP K . 13.31 35.05 -21.67
C2 ADP K . 12.27 35.60 -21.02
N3 ADP K . 11.52 34.95 -20.11
C4 ADP K . 11.79 33.66 -19.79
PB ADP L . 32.26 21.93 24.18
O1B ADP L . 33.68 22.15 23.73
O2B ADP L . 32.13 21.19 25.49
O3B ADP L . 31.32 21.44 23.09
PA ADP L . 31.64 24.54 23.38
O1A ADP L . 33.03 24.88 22.93
O2A ADP L . 30.61 24.10 22.36
O3A ADP L . 31.72 23.42 24.52
O5' ADP L . 31.03 25.80 24.18
C5' ADP L . 30.52 26.93 23.46
C4' ADP L . 30.10 28.02 24.43
O4' ADP L . 31.25 28.54 25.12
C3' ADP L . 29.43 29.18 23.72
O3' ADP L . 28.03 29.19 24.02
C2' ADP L . 30.09 30.43 24.25
O2' ADP L . 29.13 31.27 24.90
C1' ADP L . 31.13 29.97 25.26
N9 ADP L . 32.44 30.61 24.98
C8 ADP L . 33.45 30.06 24.29
N7 ADP L . 34.51 30.91 24.22
C5 ADP L . 34.17 32.04 24.87
C6 ADP L . 34.81 33.34 25.17
N6 ADP L . 36.06 33.61 24.74
N1 ADP L . 34.10 34.24 25.88
C2 ADP L . 32.85 33.98 26.31
N3 ADP L . 32.21 32.83 26.07
C4 ADP L . 32.80 31.83 25.37
PB ADP M . 15.15 -0.57 -26.99
O1B ADP M . 16.41 0.19 -27.30
O2B ADP M . 15.34 -1.70 -26.00
O3B ADP M . 13.96 0.30 -26.69
PA ADP M . 15.78 -2.30 -29.11
O1A ADP M . 17.01 -2.46 -28.25
O2A ADP M . 15.01 -3.53 -29.54
O3A ADP M . 14.75 -1.31 -28.36
O5' ADP M . 16.17 -1.49 -30.46
C5' ADP M . 16.57 -0.12 -30.41
C4' ADP M . 16.99 0.32 -31.81
O4' ADP M . 18.17 -0.37 -32.22
C3' ADP M . 15.91 0.03 -32.84
O3' ADP M . 15.31 1.24 -33.29
C2' ADP M . 16.63 -0.65 -34.01
O2' ADP M . 16.48 0.12 -35.20
C1' ADP M . 18.09 -0.70 -33.60
N9 ADP M . 18.64 -2.07 -33.83
C8 ADP M . 18.62 -3.08 -32.93
N7 ADP M . 19.19 -4.20 -33.44
C5 ADP M . 19.58 -3.91 -34.69
C6 ADP M . 20.25 -4.65 -35.80
N6 ADP M . 20.61 -5.94 -35.65
N1 ADP M . 20.47 -3.99 -36.95
C2 ADP M . 20.11 -2.69 -37.11
N3 ADP M . 19.51 -1.97 -36.15
C4 ADP M . 19.21 -2.51 -34.94
PB ADP N . 51.31 10.69 -1.11
O1B ADP N . 51.72 10.83 0.33
O2B ADP N . 52.37 10.06 -1.99
O3B ADP N . 49.91 10.14 -1.31
PA ADP N . 50.24 13.28 -0.95
O1A ADP N . 50.71 13.50 0.46
O2A ADP N . 48.81 12.85 -1.22
O3A ADP N . 51.22 12.21 -1.65
O5' ADP N . 50.52 14.62 -1.80
C5' ADP N . 50.01 15.87 -1.36
C4' ADP N . 50.39 16.95 -2.37
O4' ADP N . 51.80 16.99 -2.55
C3' ADP N . 49.76 16.68 -3.73
O3' ADP N . 48.73 17.62 -4.00
C2' ADP N . 50.89 16.87 -4.74
O2' ADP N . 50.57 17.92 -5.64
C1' ADP N . 52.13 17.23 -3.92
N9 ADP N . 53.27 16.38 -4.34
C8 ADP N . 53.59 15.18 -3.83
N7 ADP N . 54.69 14.67 -4.42
C5 ADP N . 55.11 15.56 -5.34
C6 ADP N . 56.22 15.65 -6.32
N6 ADP N . 57.13 14.66 -6.44
N1 ADP N . 56.29 16.77 -7.09
C2 ADP N . 55.39 17.77 -6.97
N3 ADP N . 54.36 17.75 -6.11
C4 ADP N . 54.17 16.70 -5.28
PB ADP O . 10.23 -29.90 -14.42
O1B ADP O . 11.16 -29.78 -13.23
O2B ADP O . 10.89 -29.65 -15.75
O3B ADP O . 8.92 -29.17 -14.24
PA ADP O . 10.88 -32.62 -14.71
O1A ADP O . 12.26 -32.00 -14.76
O2A ADP O . 10.62 -33.72 -13.71
O3A ADP O . 9.81 -31.45 -14.44
O5' ADP O . 10.50 -33.19 -16.16
C5' ADP O . 10.46 -32.34 -17.31
C4' ADP O . 10.07 -33.16 -18.53
O4' ADP O . 11.08 -34.13 -18.83
C3' ADP O . 8.77 -33.93 -18.30
O3' ADP O . 7.72 -33.35 -19.08
C2' ADP O . 9.04 -35.35 -18.77
O2' ADP O . 8.14 -35.69 -19.82
C1' ADP O . 10.47 -35.35 -19.26
N9 ADP O . 11.20 -36.52 -18.68
C8 ADP O . 11.89 -36.52 -17.52
N7 ADP O . 12.44 -37.73 -17.28
C5 ADP O . 12.11 -38.54 -18.31
C6 ADP O . 12.36 -39.95 -18.68
N6 ADP O . 13.10 -40.77 -17.89
N1 ADP O . 11.83 -40.39 -19.85
C2 ADP O . 11.09 -39.60 -20.64
N3 ADP O . 10.83 -38.31 -20.36
C4 ADP O . 11.29 -37.73 -19.23
PB ADP P . 57.21 -20.95 -8.37
O1B ADP P . 58.63 -20.81 -7.85
O2B ADP P . 56.80 -22.38 -8.66
O3B ADP P . 56.18 -20.16 -7.59
PA ADP P . 55.93 -20.22 -10.75
O1A ADP P . 55.66 -21.63 -11.22
O2A ADP P . 54.85 -19.45 -10.04
O3A ADP P . 57.25 -20.25 -9.81
O5' ADP P . 56.43 -19.35 -12.02
C5' ADP P . 55.52 -19.02 -13.06
C4' ADP P . 56.25 -18.24 -14.14
O4' ADP P . 57.42 -18.95 -14.56
C3' ADP P . 55.38 -18.02 -15.37
O3' ADP P . 55.00 -16.64 -15.47
C2' ADP P . 56.24 -18.41 -16.56
O2' ADP P . 56.41 -17.29 -17.43
C1' ADP P . 57.58 -18.83 -15.98
N9 ADP P . 58.00 -20.12 -16.56
C8 ADP P . 57.71 -21.34 -16.06
N7 ADP P . 58.24 -22.34 -16.82
C5 ADP P . 58.89 -21.74 -17.84
C6 ADP P . 59.67 -22.21 -19.01
N6 ADP P . 59.87 -23.53 -19.25
N1 ADP P . 60.18 -21.26 -19.84
C2 ADP P . 60.00 -19.95 -19.62
N3 ADP P . 59.30 -19.46 -18.58
C4 ADP P . 58.73 -20.29 -17.66
PB ADP Q . 7.62 -39.83 16.52
O1B ADP Q . 8.11 -40.20 17.90
O2B ADP Q . 7.05 -40.98 15.74
O3B ADP Q . 8.58 -38.97 15.74
PA ADP Q . 5.24 -39.15 17.90
O1A ADP Q . 5.88 -39.20 19.27
O2A ADP Q . 4.10 -38.19 17.66
O3A ADP Q . 6.36 -38.86 16.80
O5' ADP Q . 4.68 -40.63 17.57
C5' ADP Q . 5.22 -41.79 18.21
C4' ADP Q . 4.40 -43.01 17.83
O4' ADP Q . 4.96 -44.20 18.39
C3' ADP Q . 2.96 -42.91 18.32
O3' ADP Q . 2.08 -42.71 17.23
C2' ADP Q . 2.67 -44.23 19.00
O2' ADP Q . 1.57 -44.88 18.36
C1' ADP Q . 3.94 -45.07 18.85
N9 ADP Q . 4.30 -45.66 20.17
C8 ADP Q . 5.29 -45.22 20.97
N7 ADP Q . 5.38 -45.97 22.09
C5 ADP Q . 4.43 -46.93 22.00
C6 ADP Q . 3.98 -48.06 22.86
N6 ADP Q . 4.57 -48.33 24.05
N1 ADP Q . 2.96 -48.81 22.41
C2 ADP Q . 2.36 -48.56 21.23
N3 ADP Q . 2.72 -47.55 20.41
C4 ADP Q . 3.74 -46.72 20.74
PB ADP R . 52.16 -48.27 9.40
O1B ADP R . 53.54 -47.74 9.13
O2B ADP R . 52.09 -49.27 10.53
O3B ADP R . 51.08 -47.22 9.43
PA ADP R . 50.41 -49.92 7.96
O1A ADP R . 50.42 -51.09 8.92
O2A ADP R . 49.29 -48.91 8.02
O3A ADP R . 51.81 -49.14 8.09
O5' ADP R . 50.47 -50.50 6.46
C5' ADP R . 49.30 -50.99 5.82
C4' ADP R . 49.65 -51.53 4.43
O4' ADP R . 50.51 -52.67 4.56
C3' ADP R . 48.42 -51.98 3.67
O3' ADP R . 48.15 -51.07 2.59
C2' ADP R . 48.75 -53.35 3.13
O2' ADP R . 48.70 -53.34 1.69
C1' ADP R . 50.14 -53.67 3.60
N9 ADP R . 50.17 -55.01 4.23
C8 ADP R . 49.90 -55.28 5.52
N7 ADP R . 50.01 -56.60 5.79
C5 ADP R . 50.36 -57.21 4.64
C6 ADP R . 50.63 -58.61 4.22
N6 ADP R . 50.56 -59.64 5.10
N1 ADP R . 50.97 -58.81 2.92
C2 ADP R . 51.05 -57.80 2.04
N3 ADP R . 50.81 -56.52 2.35
C4 ADP R . 50.47 -56.17 3.62
#